data_9JXS
#
_entry.id   9JXS
#
_cell.length_a   1.00
_cell.length_b   1.00
_cell.length_c   1.00
_cell.angle_alpha   90.00
_cell.angle_beta   90.00
_cell.angle_gamma   90.00
#
_symmetry.space_group_name_H-M   'P 1'
#
loop_
_entity.id
_entity.type
_entity.pdbx_description
1 polymer 'CRISPR-associated protein Cse1 (CRISPR_cse1)'
2 polymer 'CRISPR-associated protein Cse2 (CRISPR_cse2)'
3 polymer 'CRISPR system Cascade subunit CasC'
4 polymer 'CRISPR system Cascade subunit CasD'
5 polymer 'DNA (54-MER)'
6 polymer 'CRISPR-associated endoribonuclease Cse3'
7 polymer 'RNA (61-MER)'
8 polymer 'non-target DNA'
9 non-polymer 'MAGNESIUM ION'
#
loop_
_entity_poly.entity_id
_entity_poly.type
_entity_poly.pdbx_seq_one_letter_code
_entity_poly.pdbx_strand_id
1 'polypeptide(L)'
;MYCAAVCFPQTKYQQRGTALKKPLVGLRKMGVEAAAWNTLKVTRDRPKLTFPDLITPQSKFLDNDLWLKYKVPIEQKEHV
MYNLLCDNWVNVVYLSGKPDRISLVQTLKDAHCLQLAYSNPMDRFTVFRFLLALGYWCFANTNVEPEPDKPLPVSWIPWL
EENKEYFELFGDGKRFFQADPSSRIRAITDLIHEIPTAHNLCHFKHVTDYIDGLCEACCIKGLLRLPVFTTVGGRGIGAG
INNTPPFYLLWHANDLAGMLAQNWQPWDNMGIPAWLGSFQKESREVGLLAGMTWLPRKVYLHDPVPGQAACCSCGLPSEA
LVYSCSIEVEPVPKGLEWKDPHGVYTDQGKSLQSKIKLMSNDRYTFADRDWYSPLFSYLHAEGNSRQGKLWLVGFASDKA
KSIDIWDKIIELEGTDTNDELLAQLANRATALNAMRKKPLRGDFKKSVGTPQIADIIPHAENRIAINAGKMTENRGYSWQ
DADTEYGELLTKVAYSLEPAQTVDARLKRGNFISRKPWPIIPESKTKPAEGDQNE
;
C
2 'polypeptide(L)'
;MNRGTVDFIASLENLKEGDLGILRKLRGARLDEKLPGFDLFSALWWPLRQKNQRAPKREVAWLIAKLFAEFRFEQREGAT
LPILMGGICRKLEPKKELPRVLARFDQLASLDIMQMEEPLSVIMGILRKHQQVCLDWVGLTDVLSFWEQEPVKREWSDSF
IKAYKINKEDSDVD
;
E
3 'polypeptide(L)'
;MLIEIHMIQNHSPANLNRDDLGAPKTCYFGGVLRSRISSQCIKRSIRTSNDFKALLGGVRTRRLADLIQQEAGETECWKK
AQEILNKCGFKNKDDNTKMLVFMSKDKIKDLARIVLDNSLGLTEAAQQVANVIAQATLAPDIALCGRMLEPNDKDKDKKV
KWSNTTVEAALQVAHAISTHIARPEIDYFVAADDVPGEDAGAGHIGESMFASACFYKYFSIDWEQLVKNLKGDTNLAAHT
VGAFLLAAAKTNPSGKQNSFAAHNYPDGILVEFKNSPISYANAFVRPVSVVKESDLVEQSIGQLSNYVNDIRLGYYDEQS
PVIGFWFSPNNRYPLGYKHSKLASRNIGNLNELVGAVLDYIGGFKWEEVQKSKAYIGG
;
F,H,I,J,K,G
4 'polypeptide(L)'
;MSAPPNTLFLRLEGALQSWGSNEAKFALRRTADAPTKSGVLGLLCAAMGIGRAEAADSWLPKLANLRMGVRIDRPGIRWW
DFHTVGAGQRMRMAELKAPKKPSMVGAALAETLTPSKVKTRAETLLSRREYLADASFLVALQGEPELVAKLSAALAKPVW
AIYLGRKSCPPSRPVCEHPPGFYNTLEEALSAVPLQKRWHNEPLPQILPCVMDWIPGYDGEHAPDDAEIHYDLPVSFQPP
RHLPRFVIRRELVVGEDVQVSRETGTSVWRPKGTRADYNNSEYKKVRAERLVMDHAACMVCKAPATTVQHVNYRRAGGKE
IPEDLRALCRLCADACTMLEYGSGMTTNRIDPCDPIWRERILAKRKEIVEFRSRGQRFRKMKPEEENG
;
B
5 'polydeoxyribonucleotide'
;(DG)(DC)(DT)(DT)(DG)(DA)(DC)(DA)(DT)(DG)(DT)(DG)(DT)(DG)(DC)(DT)(DA)(DA)(DG)(DC)
(DG)(DC)(DA)(DC)(DC)(DT)(DA)(DA)(DT)(DT)(DT)(DC)(DC)(DT)(DG)(DA)(DC)(DG)(DG)(DC)
(DA)(DA)(DT)(DC)(DC)(DT)(DT)(DA)(DC)(DC)(DA)(DG)(DC)(DT)
;
M
6 'polypeptide(L)'
;MIYLSRLLIDTGGNPDRPRPGRKWLDNIYNVHRRLSMAFPSGLRREQDPHFLKPFSPNDFQKTPFLFRVDNNIDGNDKRA
IIIVQSVLEPDWDYCFQNALDFLAAPPETKEYNPEFKAGQLLRFRLRVNASVRRHIPEMVQQDGQTIETGKILHKRVSLT
WDASSTPDQALADWLAAKSPKLGFTLQRCELLQLGWVYGSKPEPKNVKVKEQGQGYWREHKYNPLRFRAALLEGVLEVDD
PKLFLKTLSSGIGKAKSFGFGLLSVLPIRNDG
;
D
7 'polyribonucleotide' GUGAACCGGAUUGCCGUCAGGAAAUUAGGUGCGCUUAGCAGUAUUCCCCACGCAUGUGGGG A
8 'polydeoxyribonucleotide'
;(DA)(DG)(DC)(DT)(DG)(DG)(DT)(DA)(DA)(DG)(DG)(DA)(DT)(DT)(DG)(DC)(DC)(DG)(DT)(DC)
(DA)(DG)(DG)(DA)(DA)(DA)(DT)(DT)(DA)(DG)(DG)(DT)(DG)(DC)(DG)(DC)(DT)(DT)(DA)(DG)
(DC)(DA)(DC)(DA)(DC)(DA)(DT)(DG)(DT)(DC)(DA)(DA)(DG)(DC)
;
N
#
loop_
_chem_comp.id
_chem_comp.type
_chem_comp.name
_chem_comp.formula
A RNA linking ADENOSINE-5'-MONOPHOSPHATE 'C10 H14 N5 O7 P'
C RNA linking CYTIDINE-5'-MONOPHOSPHATE 'C9 H14 N3 O8 P'
DA DNA linking 2'-DEOXYADENOSINE-5'-MONOPHOSPHATE 'C10 H14 N5 O6 P'
DC DNA linking 2'-DEOXYCYTIDINE-5'-MONOPHOSPHATE 'C9 H14 N3 O7 P'
DG DNA linking 2'-DEOXYGUANOSINE-5'-MONOPHOSPHATE 'C10 H14 N5 O7 P'
DT DNA linking THYMIDINE-5'-MONOPHOSPHATE 'C10 H15 N2 O8 P'
G RNA linking GUANOSINE-5'-MONOPHOSPHATE 'C10 H14 N5 O8 P'
MG non-polymer 'MAGNESIUM ION' 'Mg 2'
U RNA linking URIDINE-5'-MONOPHOSPHATE 'C9 H13 N2 O9 P'
#
# COMPACT_ATOMS: atom_id res chain seq x y z
N VAL A 80 -67.64 4.08 62.49
CA VAL A 80 -67.47 5.52 62.60
C VAL A 80 -68.41 6.23 61.64
N MET A 81 -68.64 7.52 61.88
CA MET A 81 -69.53 8.33 61.05
C MET A 81 -68.69 9.04 59.99
N TYR A 82 -69.17 9.00 58.76
CA TYR A 82 -68.52 9.69 57.65
C TYR A 82 -69.57 10.33 56.76
N ASN A 83 -69.22 11.47 56.19
CA ASN A 83 -70.10 12.14 55.24
C ASN A 83 -69.27 12.88 54.20
N LEU A 84 -69.80 12.92 52.97
CA LEU A 84 -69.11 13.60 51.88
C LEU A 84 -69.27 15.11 51.99
N LEU A 85 -70.45 15.58 52.42
CA LEU A 85 -70.70 17.02 52.45
C LEU A 85 -69.96 17.70 53.60
N CYS A 86 -69.57 16.94 54.62
CA CYS A 86 -68.97 17.52 55.82
C CYS A 86 -67.45 17.33 55.90
N ASP A 87 -66.94 16.16 55.57
CA ASP A 87 -65.53 15.85 55.77
C ASP A 87 -64.72 16.10 54.50
N ASN A 88 -63.47 16.50 54.70
CA ASN A 88 -62.60 16.86 53.59
C ASN A 88 -62.15 15.61 52.84
N TRP A 89 -62.31 15.65 51.52
CA TRP A 89 -61.99 14.53 50.64
C TRP A 89 -61.21 14.84 49.37
N VAL A 90 -61.25 16.04 48.81
CA VAL A 90 -60.65 16.28 47.50
C VAL A 90 -59.43 17.17 47.69
N ASN A 91 -58.30 16.75 47.13
CA ASN A 91 -57.07 17.51 47.18
C ASN A 91 -57.05 18.46 45.98
N VAL A 92 -57.00 19.76 46.26
CA VAL A 92 -57.08 20.78 45.22
C VAL A 92 -56.14 21.93 45.58
N VAL A 93 -55.50 22.49 44.56
CA VAL A 93 -54.73 23.71 44.74
C VAL A 93 -55.67 24.91 44.71
N TYR A 94 -55.20 26.02 45.27
CA TYR A 94 -55.93 27.28 45.22
C TYR A 94 -55.33 28.17 44.15
N LEU A 95 -56.18 29.03 43.57
CA LEU A 95 -55.67 30.06 42.68
C LEU A 95 -54.89 31.12 43.44
N SER A 96 -55.11 31.25 44.75
CA SER A 96 -54.28 32.09 45.60
C SER A 96 -52.97 31.41 46.00
N GLY A 97 -52.84 30.10 45.78
CA GLY A 97 -51.58 29.42 45.96
C GLY A 97 -51.41 28.67 47.27
N LYS A 98 -52.39 27.87 47.65
CA LYS A 98 -52.25 27.02 48.82
C LYS A 98 -53.13 25.79 48.61
N PRO A 99 -52.56 24.59 48.51
CA PRO A 99 -53.38 23.38 48.37
C PRO A 99 -53.81 22.83 49.71
N ASP A 100 -55.12 22.69 49.91
CA ASP A 100 -55.66 22.10 51.13
C ASP A 100 -56.47 20.85 50.78
N ARG A 101 -57.03 20.23 51.83
CA ARG A 101 -58.08 19.23 51.69
C ARG A 101 -59.36 19.84 52.24
N ILE A 102 -60.37 19.96 51.38
CA ILE A 102 -61.62 20.60 51.76
C ILE A 102 -62.79 19.67 51.44
N SER A 103 -63.91 19.94 52.07
CA SER A 103 -65.12 19.16 51.88
C SER A 103 -65.92 19.73 50.71
N LEU A 104 -67.15 19.23 50.52
CA LEU A 104 -67.93 19.64 49.36
C LEU A 104 -68.44 21.08 49.49
N VAL A 105 -68.92 21.46 50.67
CA VAL A 105 -69.62 22.74 50.82
C VAL A 105 -68.70 23.91 50.53
N GLN A 106 -67.44 23.83 50.99
CA GLN A 106 -66.49 24.88 50.68
C GLN A 106 -66.10 24.89 49.21
N THR A 107 -66.06 23.72 48.56
CA THR A 107 -65.60 23.72 47.18
C THR A 107 -66.71 24.04 46.18
N LEU A 108 -67.99 24.03 46.57
CA LEU A 108 -68.93 24.67 45.65
C LEU A 108 -69.33 26.06 46.12
N LYS A 109 -69.09 26.41 47.38
CA LYS A 109 -69.44 27.76 47.79
C LYS A 109 -68.36 28.76 47.40
N ASP A 110 -67.09 28.33 47.36
CA ASP A 110 -66.07 29.16 46.74
C ASP A 110 -66.06 28.96 45.23
N ALA A 111 -65.68 27.76 44.79
CA ALA A 111 -65.85 27.26 43.43
C ALA A 111 -65.20 28.09 42.33
N HIS A 112 -64.48 29.16 42.69
CA HIS A 112 -63.92 30.05 41.69
C HIS A 112 -62.49 30.49 42.01
N CYS A 113 -61.82 29.83 42.95
CA CYS A 113 -60.44 30.16 43.29
C CYS A 113 -59.61 28.89 43.45
N LEU A 114 -59.93 27.84 42.71
CA LEU A 114 -59.32 26.54 42.94
C LEU A 114 -59.28 25.75 41.64
N GLN A 115 -58.41 24.73 41.63
CA GLN A 115 -58.25 23.84 40.50
C GLN A 115 -58.06 22.41 41.00
N LEU A 116 -58.51 21.45 40.21
CA LEU A 116 -58.37 20.04 40.58
C LEU A 116 -56.90 19.64 40.51
N ALA A 117 -56.37 19.17 41.65
CA ALA A 117 -54.94 18.86 41.78
C ALA A 117 -54.79 17.44 42.30
N TYR A 118 -54.80 16.47 41.38
CA TYR A 118 -54.57 15.07 41.70
C TYR A 118 -53.34 14.56 40.96
N SER A 119 -52.58 13.69 41.62
CA SER A 119 -51.45 13.05 40.96
C SER A 119 -51.90 12.19 39.78
N ASN A 120 -52.96 11.41 39.97
CA ASN A 120 -53.51 10.61 38.88
C ASN A 120 -54.43 11.47 38.03
N PRO A 121 -54.24 11.49 36.71
CA PRO A 121 -55.07 12.39 35.88
C PRO A 121 -56.50 11.91 35.71
N MET A 122 -56.72 10.61 35.46
CA MET A 122 -58.08 10.13 35.32
C MET A 122 -58.83 10.21 36.64
N ASP A 123 -58.12 10.29 37.75
CA ASP A 123 -58.72 10.57 39.05
C ASP A 123 -59.31 11.98 39.11
N ARG A 124 -58.59 12.96 38.58
CA ARG A 124 -59.14 14.29 38.38
C ARG A 124 -60.39 14.23 37.50
N PHE A 125 -60.33 13.43 36.44
CA PHE A 125 -61.48 13.28 35.54
C PHE A 125 -62.68 12.68 36.27
N THR A 126 -62.45 11.68 37.13
CA THR A 126 -63.53 11.07 37.90
C THR A 126 -64.17 12.06 38.86
N VAL A 127 -63.33 12.84 39.56
CA VAL A 127 -63.88 13.80 40.52
C VAL A 127 -64.68 14.88 39.80
N PHE A 128 -64.20 15.34 38.64
CA PHE A 128 -64.97 16.35 37.91
C PHE A 128 -66.25 15.73 37.36
N ARG A 129 -66.21 14.44 36.99
CA ARG A 129 -67.43 13.76 36.56
C ARG A 129 -68.45 13.70 37.67
N PHE A 130 -68.00 13.43 38.90
CA PHE A 130 -68.90 13.44 40.04
C PHE A 130 -69.50 14.82 40.25
N LEU A 131 -68.67 15.87 40.14
CA LEU A 131 -69.17 17.23 40.29
C LEU A 131 -70.15 17.59 39.17
N LEU A 132 -69.90 17.12 37.94
CA LEU A 132 -70.78 17.42 36.82
C LEU A 132 -72.12 16.71 36.97
N ALA A 133 -72.11 15.46 37.44
CA ALA A 133 -73.36 14.76 37.70
C ALA A 133 -74.13 15.42 38.84
N LEU A 134 -73.40 15.91 39.86
CA LEU A 134 -74.03 16.67 40.93
C LEU A 134 -74.66 17.95 40.41
N GLY A 135 -73.97 18.63 39.49
CA GLY A 135 -74.53 19.84 38.89
C GLY A 135 -75.75 19.55 38.05
N TYR A 136 -75.74 18.45 37.29
CA TYR A 136 -76.91 18.06 36.52
C TYR A 136 -78.09 17.72 37.43
N TRP A 137 -77.82 17.07 38.56
CA TRP A 137 -78.86 16.82 39.56
C TRP A 137 -79.43 18.12 40.11
N CYS A 138 -78.56 19.08 40.43
CA CYS A 138 -79.02 20.37 40.94
C CYS A 138 -79.78 21.15 39.88
N PHE A 139 -79.43 20.98 38.60
CA PHE A 139 -80.16 21.62 37.53
C PHE A 139 -81.52 20.97 37.34
N ALA A 140 -81.61 19.66 37.53
CA ALA A 140 -82.90 18.99 37.46
C ALA A 140 -83.80 19.37 38.61
N ASN A 141 -83.21 19.74 39.76
CA ASN A 141 -84.04 20.13 40.89
C ASN A 141 -84.40 21.61 40.90
N THR A 142 -83.41 22.50 40.90
CA THR A 142 -83.64 23.93 41.10
C THR A 142 -83.66 24.75 39.80
N ASN A 143 -83.17 24.19 38.70
CA ASN A 143 -83.26 24.77 37.35
C ASN A 143 -82.57 26.14 37.28
N VAL A 144 -81.26 26.12 37.46
CA VAL A 144 -80.44 27.30 37.21
C VAL A 144 -79.14 26.85 36.55
N GLU A 145 -78.87 27.37 35.34
CA GLU A 145 -77.68 27.12 34.56
C GLU A 145 -76.49 27.92 35.10
N PRO A 146 -75.24 27.44 34.92
CA PRO A 146 -74.10 28.21 35.39
C PRO A 146 -73.56 29.27 34.43
N GLU A 147 -73.81 30.53 34.76
CA GLU A 147 -73.40 31.64 33.93
C GLU A 147 -71.89 31.83 33.99
N PRO A 148 -71.27 32.25 32.88
CA PRO A 148 -69.81 32.40 32.86
C PRO A 148 -69.33 33.60 33.67
N ASP A 149 -68.06 33.53 34.07
CA ASP A 149 -67.36 34.58 34.81
C ASP A 149 -68.06 34.96 36.11
N LYS A 150 -68.61 33.95 36.78
CA LYS A 150 -69.40 34.16 38.00
C LYS A 150 -69.46 32.80 38.68
N PRO A 151 -69.11 32.70 39.97
CA PRO A 151 -69.12 31.39 40.66
C PRO A 151 -70.49 30.70 40.67
N LEU A 152 -70.54 29.48 41.20
CA LEU A 152 -71.74 28.67 41.13
C LEU A 152 -72.89 29.33 41.87
N PRO A 153 -74.12 29.19 41.36
CA PRO A 153 -75.27 29.86 41.97
C PRO A 153 -75.56 29.34 43.37
N VAL A 154 -76.08 30.25 44.21
CA VAL A 154 -76.36 29.93 45.61
C VAL A 154 -77.59 29.05 45.79
N SER A 155 -78.32 28.74 44.72
CA SER A 155 -79.53 27.94 44.80
C SER A 155 -79.26 26.45 44.81
N TRP A 156 -78.01 26.03 45.04
CA TRP A 156 -77.68 24.61 45.10
C TRP A 156 -77.38 24.13 46.51
N ILE A 157 -76.92 25.00 47.40
CA ILE A 157 -76.78 24.66 48.81
C ILE A 157 -78.13 24.47 49.55
N PRO A 158 -79.26 25.12 49.21
CA PRO A 158 -80.50 24.71 49.89
C PRO A 158 -81.15 23.50 49.24
N TRP A 159 -80.54 22.90 48.23
CA TRP A 159 -80.93 21.60 47.73
C TRP A 159 -79.98 20.50 48.19
N LEU A 160 -78.72 20.83 48.46
CA LEU A 160 -77.73 19.88 48.93
C LEU A 160 -77.52 19.90 50.44
N GLU A 161 -78.21 20.80 51.16
CA GLU A 161 -77.96 20.92 52.60
C GLU A 161 -78.93 20.11 53.44
N GLU A 162 -80.08 19.73 52.90
CA GLU A 162 -81.12 19.07 53.69
C GLU A 162 -80.98 17.55 53.73
N ASN A 163 -80.05 16.98 52.96
CA ASN A 163 -79.90 15.53 52.85
C ASN A 163 -78.56 15.14 53.46
N LYS A 164 -78.57 14.83 54.76
CA LYS A 164 -77.37 14.37 55.45
C LYS A 164 -77.33 12.86 55.62
N GLU A 165 -78.44 12.18 55.40
CA GLU A 165 -78.45 10.72 55.33
C GLU A 165 -78.03 10.21 53.96
N TYR A 166 -77.81 11.11 53.00
CA TYR A 166 -77.60 10.74 51.61
C TYR A 166 -76.20 10.22 51.36
N PHE A 167 -75.19 11.07 51.57
CA PHE A 167 -73.80 10.72 51.29
C PHE A 167 -73.14 10.26 52.59
N GLU A 168 -73.45 9.03 52.97
CA GLU A 168 -72.83 8.40 54.14
C GLU A 168 -72.26 7.05 53.72
N LEU A 169 -71.23 6.62 54.43
CA LEU A 169 -70.49 5.42 54.06
C LEU A 169 -70.65 4.27 55.04
N PHE A 170 -70.55 4.55 56.34
CA PHE A 170 -70.56 3.51 57.35
C PHE A 170 -71.79 3.68 58.23
N GLY A 171 -72.47 2.57 58.49
CA GLY A 171 -73.68 2.56 59.30
C GLY A 171 -74.84 1.95 58.55
N ASP A 172 -76.02 2.06 59.18
CA ASP A 172 -77.26 1.54 58.61
C ASP A 172 -77.86 2.59 57.69
N GLY A 173 -77.87 2.32 56.40
CA GLY A 173 -78.44 3.23 55.44
C GLY A 173 -77.82 3.03 54.07
N LYS A 174 -78.37 3.77 53.10
CA LYS A 174 -77.88 3.71 51.74
C LYS A 174 -76.47 4.28 51.65
N ARG A 175 -75.61 3.60 50.92
CA ARG A 175 -74.20 3.96 50.83
C ARG A 175 -73.92 4.66 49.50
N PHE A 176 -72.85 5.47 49.50
CA PHE A 176 -72.38 6.09 48.28
C PHE A 176 -71.86 5.03 47.32
N PHE A 177 -72.51 4.91 46.16
CA PHE A 177 -72.19 3.94 45.11
C PHE A 177 -72.16 2.51 45.65
N SER A 183 -70.36 -12.04 49.86
CA SER A 183 -69.67 -13.32 50.02
C SER A 183 -68.26 -13.26 49.42
N ARG A 184 -68.16 -12.80 48.19
CA ARG A 184 -66.86 -12.66 47.55
C ARG A 184 -66.10 -11.50 48.15
N ILE A 185 -64.87 -11.76 48.62
CA ILE A 185 -64.03 -10.74 49.24
C ILE A 185 -62.71 -10.70 48.48
N ARG A 186 -62.37 -9.54 47.94
CA ARG A 186 -61.10 -9.29 47.30
C ARG A 186 -60.33 -8.25 48.12
N ALA A 187 -59.06 -8.08 47.78
CA ALA A 187 -58.26 -7.06 48.45
C ALA A 187 -58.76 -5.67 48.13
N ILE A 188 -58.59 -4.75 49.09
CA ILE A 188 -58.93 -3.35 48.84
C ILE A 188 -57.94 -2.69 47.90
N THR A 189 -56.80 -3.31 47.66
CA THR A 189 -55.79 -2.75 46.78
C THR A 189 -56.17 -2.82 45.31
N ASP A 190 -57.10 -3.71 44.94
CA ASP A 190 -57.52 -3.75 43.54
C ASP A 190 -58.51 -2.66 43.20
N LEU A 191 -59.12 -2.02 44.21
CA LEU A 191 -60.01 -0.90 43.95
C LEU A 191 -59.23 0.28 43.38
N ILE A 192 -58.10 0.61 44.00
CA ILE A 192 -57.19 1.61 43.43
C ILE A 192 -56.23 0.87 42.51
N HIS A 193 -56.46 1.00 41.20
CA HIS A 193 -55.81 0.23 40.15
C HIS A 193 -54.32 0.47 40.07
N GLU A 194 -53.82 1.59 40.59
CA GLU A 194 -52.38 1.85 40.55
C GLU A 194 -51.63 0.96 41.53
N ILE A 195 -52.27 0.52 42.60
CA ILE A 195 -51.64 -0.29 43.63
C ILE A 195 -51.79 -1.75 43.23
N PRO A 196 -50.71 -2.52 43.16
CA PRO A 196 -50.82 -3.92 42.74
C PRO A 196 -51.62 -4.76 43.72
N THR A 197 -52.27 -5.77 43.18
CA THR A 197 -53.22 -6.61 43.90
C THR A 197 -52.70 -8.04 43.95
N ALA A 198 -53.56 -8.96 44.40
CA ALA A 198 -53.20 -10.37 44.53
C ALA A 198 -53.11 -10.97 43.13
N HIS A 199 -51.96 -10.75 42.50
CA HIS A 199 -51.66 -11.25 41.16
C HIS A 199 -51.33 -12.73 41.24
N ASN A 200 -50.91 -13.31 40.12
CA ASN A 200 -50.37 -14.67 40.14
C ASN A 200 -48.86 -14.66 40.37
N LEU A 201 -48.44 -13.93 41.41
CA LEU A 201 -47.04 -13.82 41.80
C LEU A 201 -46.96 -13.98 43.31
N CYS A 202 -45.82 -14.49 43.79
CA CYS A 202 -45.60 -14.57 45.22
C CYS A 202 -45.28 -13.19 45.81
N HIS A 203 -44.80 -12.27 44.99
CA HIS A 203 -44.43 -10.94 45.42
C HIS A 203 -45.03 -9.91 44.46
N PHE A 204 -45.18 -8.70 44.95
CA PHE A 204 -45.69 -7.60 44.12
C PHE A 204 -44.69 -6.46 44.18
N LYS A 205 -45.06 -5.27 43.67
CA LYS A 205 -44.16 -4.12 43.71
C LYS A 205 -44.13 -3.54 45.14
N HIS A 206 -43.54 -4.32 46.05
CA HIS A 206 -43.32 -3.95 47.45
C HIS A 206 -44.62 -3.61 48.17
N VAL A 207 -45.71 -4.23 47.75
CA VAL A 207 -46.99 -4.13 48.44
C VAL A 207 -47.44 -5.54 48.78
N THR A 208 -48.40 -5.62 49.70
CA THR A 208 -48.95 -6.91 50.10
C THR A 208 -50.40 -6.69 50.54
N ASP A 209 -51.29 -7.51 50.00
CA ASP A 209 -52.72 -7.33 50.24
C ASP A 209 -53.07 -7.60 51.70
N TYR A 210 -54.14 -6.94 52.17
CA TYR A 210 -54.66 -7.01 53.53
C TYR A 210 -53.65 -6.55 54.58
N ILE A 211 -52.60 -5.83 54.17
CA ILE A 211 -51.55 -5.41 55.09
C ILE A 211 -51.40 -3.90 55.04
N ASP A 212 -51.19 -3.36 53.84
CA ASP A 212 -50.97 -1.93 53.69
C ASP A 212 -52.27 -1.16 53.85
N GLY A 213 -52.23 -0.09 54.66
CA GLY A 213 -53.40 0.72 54.88
C GLY A 213 -53.68 1.67 53.74
N LEU A 214 -54.86 2.28 53.82
CA LEU A 214 -55.32 3.21 52.78
C LEU A 214 -56.37 4.10 53.44
N CYS A 215 -56.33 5.40 53.14
CA CYS A 215 -57.16 6.32 53.89
C CYS A 215 -58.54 6.45 53.25
N GLU A 216 -59.44 7.16 53.95
CA GLU A 216 -60.82 7.29 53.48
C GLU A 216 -60.90 8.09 52.18
N ALA A 217 -60.07 9.12 52.04
CA ALA A 217 -60.15 9.99 50.88
C ALA A 217 -59.83 9.25 49.59
N CYS A 218 -58.76 8.45 49.60
CA CYS A 218 -58.37 7.72 48.40
C CYS A 218 -59.30 6.56 48.10
N CYS A 219 -59.86 5.91 49.13
CA CYS A 219 -60.90 4.93 48.88
C CYS A 219 -62.09 5.57 48.21
N ILE A 220 -62.48 6.76 48.65
CA ILE A 220 -63.71 7.34 48.17
C ILE A 220 -63.53 7.83 46.74
N LYS A 221 -62.36 8.45 46.46
CA LYS A 221 -62.10 8.86 45.08
C LYS A 221 -61.63 7.72 44.19
N GLY A 222 -61.41 6.53 44.77
CA GLY A 222 -61.24 5.35 43.93
C GLY A 222 -62.56 4.68 43.59
N LEU A 223 -63.58 4.91 44.42
CA LEU A 223 -64.92 4.45 44.05
C LEU A 223 -65.51 5.23 42.88
N LEU A 224 -65.04 6.46 42.64
CA LEU A 224 -65.52 7.24 41.51
C LEU A 224 -64.97 6.74 40.18
N ARG A 225 -63.95 5.89 40.22
CA ARG A 225 -63.36 5.28 39.04
C ARG A 225 -64.01 3.95 38.69
N LEU A 226 -64.91 3.45 39.53
CA LEU A 226 -65.75 2.32 39.17
C LEU A 226 -66.69 2.58 37.99
N PRO A 227 -67.51 3.64 37.96
CA PRO A 227 -68.48 3.78 36.86
C PRO A 227 -67.85 4.11 35.52
N VAL A 228 -66.57 4.50 35.51
CA VAL A 228 -66.00 5.14 34.33
C VAL A 228 -64.68 4.52 33.89
N PHE A 229 -63.99 3.76 34.74
CA PHE A 229 -62.69 3.19 34.41
C PHE A 229 -62.56 1.76 34.93
N THR A 230 -63.58 0.95 34.69
CA THR A 230 -63.60 -0.43 35.13
C THR A 230 -63.27 -1.35 33.94
N THR A 231 -62.29 -2.23 34.14
CA THR A 231 -61.77 -3.08 33.07
C THR A 231 -62.34 -4.49 33.16
N VAL A 232 -61.98 -5.31 32.17
CA VAL A 232 -62.40 -6.70 32.10
C VAL A 232 -61.64 -7.49 33.15
N GLY A 233 -62.34 -8.38 33.85
CA GLY A 233 -61.71 -9.20 34.86
C GLY A 233 -61.55 -10.65 34.47
N GLY A 234 -61.16 -10.90 33.23
CA GLY A 234 -60.97 -12.25 32.74
C GLY A 234 -62.11 -12.84 31.94
N ARG A 235 -62.93 -12.00 31.32
CA ARG A 235 -64.06 -12.33 30.43
C ARG A 235 -65.23 -12.98 31.16
N GLY A 236 -65.09 -13.30 32.45
CA GLY A 236 -66.21 -13.79 33.22
C GLY A 236 -66.69 -12.75 34.22
N ILE A 237 -65.81 -11.83 34.57
CA ILE A 237 -66.17 -10.68 35.38
C ILE A 237 -66.53 -9.54 34.45
N GLY A 238 -67.69 -8.93 34.66
CA GLY A 238 -68.18 -7.91 33.76
C GLY A 238 -67.44 -6.60 33.90
N ALA A 239 -67.63 -5.74 32.90
CA ALA A 239 -67.09 -4.40 32.88
C ALA A 239 -68.17 -3.41 33.31
N GLY A 240 -67.90 -2.12 33.12
CA GLY A 240 -68.86 -1.08 33.43
C GLY A 240 -69.97 -0.94 32.40
N ILE A 241 -70.44 0.29 32.17
CA ILE A 241 -71.45 0.54 31.16
C ILE A 241 -70.89 0.39 29.74
N ASN A 242 -69.57 0.38 29.61
CA ASN A 242 -68.90 0.09 28.34
C ASN A 242 -68.09 -1.19 28.49
N ASN A 243 -67.93 -1.91 27.38
CA ASN A 243 -67.22 -3.19 27.41
C ASN A 243 -65.76 -3.01 27.82
N THR A 244 -65.12 -1.94 27.34
CA THR A 244 -63.81 -1.53 27.78
C THR A 244 -63.87 -0.05 28.17
N PRO A 245 -63.01 0.39 29.08
CA PRO A 245 -62.97 1.83 29.41
C PRO A 245 -62.60 2.66 28.21
N PRO A 246 -63.51 3.48 27.71
CA PRO A 246 -63.26 4.20 26.47
C PRO A 246 -62.33 5.39 26.69
N PHE A 247 -61.83 5.90 25.58
CA PHE A 247 -61.17 7.20 25.56
C PHE A 247 -62.16 8.28 25.99
N TYR A 248 -61.70 9.19 26.85
CA TYR A 248 -62.55 10.25 27.36
C TYR A 248 -62.01 11.60 26.91
N LEU A 249 -62.81 12.31 26.12
CA LEU A 249 -62.50 13.66 25.65
C LEU A 249 -63.35 14.66 26.42
N LEU A 250 -62.74 15.74 26.86
CA LEU A 250 -63.36 16.54 27.89
C LEU A 250 -62.72 17.93 27.90
N TRP A 251 -63.51 18.93 28.31
CA TRP A 251 -63.10 20.32 28.23
C TRP A 251 -62.49 20.76 29.55
N HIS A 252 -61.29 21.34 29.48
CA HIS A 252 -60.56 21.80 30.66
C HIS A 252 -60.63 23.32 30.74
N ALA A 253 -60.58 23.83 31.97
CA ALA A 253 -60.61 25.27 32.18
C ALA A 253 -59.78 25.62 33.41
N ASN A 254 -59.44 26.90 33.52
CA ASN A 254 -58.63 27.36 34.64
C ASN A 254 -59.41 27.30 35.96
N ASP A 255 -60.73 27.33 35.90
CA ASP A 255 -61.58 27.46 37.06
C ASP A 255 -62.47 26.25 37.23
N LEU A 256 -62.76 25.90 38.48
CA LEU A 256 -63.75 24.86 38.75
C LEU A 256 -65.13 25.29 38.28
N ALA A 257 -65.49 26.56 38.50
CA ALA A 257 -66.68 27.10 37.89
C ALA A 257 -66.58 27.09 36.37
N GLY A 258 -65.40 27.41 35.84
CA GLY A 258 -65.18 27.30 34.41
C GLY A 258 -65.22 25.87 33.91
N MET A 259 -64.72 24.93 34.72
CA MET A 259 -64.78 23.52 34.35
C MET A 259 -66.22 23.03 34.28
N LEU A 260 -67.03 23.39 35.28
CA LEU A 260 -68.42 22.95 35.30
C LEU A 260 -69.25 23.64 34.23
N ALA A 261 -68.97 24.92 33.97
CA ALA A 261 -69.79 25.67 33.02
C ALA A 261 -69.48 25.27 31.57
N GLN A 262 -68.23 24.96 31.27
CA GLN A 262 -67.84 24.64 29.90
C GLN A 262 -68.28 23.25 29.46
N ASN A 263 -68.78 22.43 30.37
CA ASN A 263 -69.20 21.05 30.09
C ASN A 263 -70.64 20.82 30.53
N TRP A 264 -71.51 21.77 30.18
CA TRP A 264 -72.87 21.79 30.72
C TRP A 264 -73.91 21.21 29.78
N GLN A 265 -73.52 20.71 28.60
CA GLN A 265 -74.42 20.28 27.53
C GLN A 265 -75.32 19.15 28.05
N PRO A 266 -76.62 19.43 28.24
CA PRO A 266 -77.50 18.41 28.81
C PRO A 266 -78.28 17.64 27.75
N TRP A 267 -79.02 16.62 28.17
CA TRP A 267 -79.94 15.92 27.31
C TRP A 267 -81.28 15.77 28.03
N ASP A 268 -82.34 15.58 27.23
CA ASP A 268 -83.70 15.65 27.76
C ASP A 268 -84.00 14.52 28.75
N ASN A 269 -83.35 13.38 28.60
CA ASN A 269 -83.55 12.28 29.53
C ASN A 269 -82.98 12.62 30.91
N MET A 270 -83.59 12.04 31.93
CA MET A 270 -83.21 12.34 33.31
C MET A 270 -82.31 11.22 33.84
N GLY A 271 -82.83 10.00 33.87
CA GLY A 271 -82.10 8.88 34.41
C GLY A 271 -82.41 8.64 35.87
N ILE A 272 -81.65 7.74 36.47
CA ILE A 272 -81.76 7.47 37.91
C ILE A 272 -80.35 7.29 38.46
N PRO A 273 -79.79 8.31 39.10
CA PRO A 273 -78.41 8.19 39.62
C PRO A 273 -78.35 7.31 40.85
N ALA A 274 -77.17 6.73 41.07
CA ALA A 274 -76.98 5.70 42.09
C ALA A 274 -77.06 6.22 43.51
N TRP A 275 -77.02 7.53 43.73
CA TRP A 275 -77.12 8.00 45.10
C TRP A 275 -78.55 7.93 45.63
N LEU A 276 -79.53 7.68 44.77
CA LEU A 276 -80.84 7.20 45.19
C LEU A 276 -80.74 5.74 45.63
N GLY A 277 -81.89 5.12 45.89
CA GLY A 277 -81.92 3.72 46.25
C GLY A 277 -81.73 2.80 45.07
N SER A 278 -82.45 1.67 45.07
CA SER A 278 -82.37 0.72 43.97
C SER A 278 -82.96 1.32 42.71
N PHE A 279 -82.15 1.40 41.66
CA PHE A 279 -82.60 2.02 40.41
C PHE A 279 -83.63 1.13 39.71
N GLN A 280 -84.59 1.77 39.06
CA GLN A 280 -85.62 1.07 38.29
C GLN A 280 -85.11 0.79 36.88
N LYS A 281 -85.22 -0.46 36.46
CA LYS A 281 -84.70 -0.86 35.16
C LYS A 281 -85.54 -0.28 34.04
N GLU A 282 -86.86 -0.43 34.13
CA GLU A 282 -87.88 0.22 33.27
C GLU A 282 -87.60 -0.16 31.81
N SER A 283 -87.50 0.80 30.90
CA SER A 283 -87.18 0.51 29.51
C SER A 283 -85.71 0.82 29.26
N ARG A 284 -85.24 0.47 28.06
CA ARG A 284 -83.88 0.79 27.66
C ARG A 284 -83.72 2.29 27.41
N GLU A 285 -82.47 2.65 27.10
CA GLU A 285 -82.00 4.04 27.06
C GLU A 285 -82.32 4.75 28.39
N VAL A 286 -81.64 4.24 29.43
CA VAL A 286 -81.98 4.56 30.81
C VAL A 286 -81.77 6.05 31.11
N GLY A 287 -80.86 6.70 30.40
CA GLY A 287 -80.68 8.13 30.58
C GLY A 287 -79.23 8.57 30.67
N LEU A 288 -78.98 9.64 31.42
CA LEU A 288 -77.65 10.21 31.54
C LEU A 288 -77.11 10.13 32.96
N LEU A 289 -77.89 10.58 33.95
CA LEU A 289 -77.46 10.47 35.34
C LEU A 289 -77.42 9.03 35.82
N ALA A 290 -78.15 8.13 35.17
CA ALA A 290 -78.02 6.71 35.49
C ALA A 290 -76.69 6.16 34.99
N GLY A 291 -76.31 6.50 33.75
CA GLY A 291 -75.04 6.04 33.21
C GLY A 291 -73.83 6.77 33.76
N MET A 292 -74.03 7.99 34.26
CA MET A 292 -72.92 8.69 34.92
C MET A 292 -72.55 8.01 36.23
N THR A 293 -73.53 7.45 36.91
CA THR A 293 -73.35 6.77 38.19
C THR A 293 -73.71 5.30 38.10
N TRP A 294 -73.29 4.65 37.01
CA TRP A 294 -73.56 3.23 36.87
C TRP A 294 -72.69 2.43 37.84
N LEU A 295 -73.23 1.31 38.31
CA LEU A 295 -72.52 0.45 39.26
C LEU A 295 -72.25 -0.90 38.63
N PRO A 296 -71.06 -1.13 38.07
CA PRO A 296 -70.73 -2.48 37.60
C PRO A 296 -70.46 -3.44 38.74
N ARG A 297 -69.96 -2.95 39.87
CA ARG A 297 -69.57 -3.78 41.00
C ARG A 297 -70.19 -3.24 42.27
N LYS A 298 -70.79 -4.13 43.07
CA LYS A 298 -71.18 -3.76 44.41
C LYS A 298 -69.93 -3.58 45.27
N VAL A 299 -69.95 -2.58 46.14
CA VAL A 299 -68.92 -2.39 47.15
C VAL A 299 -69.62 -2.26 48.50
N TYR A 300 -69.16 -3.03 49.48
CA TYR A 300 -69.71 -2.98 50.82
C TYR A 300 -68.70 -2.53 51.86
N LEU A 301 -67.45 -3.01 51.76
CA LEU A 301 -66.34 -2.77 52.69
C LEU A 301 -66.61 -3.33 54.08
N HIS A 302 -65.54 -3.52 54.86
CA HIS A 302 -65.68 -4.05 56.21
C HIS A 302 -64.60 -3.45 57.10
N ASP A 303 -64.94 -3.20 58.35
CA ASP A 303 -64.03 -2.56 59.30
C ASP A 303 -63.82 -3.47 60.50
N PRO A 304 -62.59 -3.85 60.81
CA PRO A 304 -62.34 -4.71 61.98
C PRO A 304 -62.31 -3.93 63.28
N VAL A 305 -61.93 -4.60 64.36
CA VAL A 305 -61.74 -4.01 65.68
C VAL A 305 -60.70 -2.89 65.57
N PRO A 306 -61.10 -1.60 65.75
CA PRO A 306 -60.40 -0.45 65.17
C PRO A 306 -59.50 -0.72 63.96
N GLY A 307 -58.25 -0.27 64.01
CA GLY A 307 -57.36 -0.45 62.89
C GLY A 307 -55.92 -0.07 63.14
N GLN A 308 -55.32 0.61 62.18
CA GLN A 308 -53.89 0.90 62.18
C GLN A 308 -53.60 2.12 63.06
N ALA A 309 -52.38 2.65 62.96
CA ALA A 309 -51.99 3.87 63.64
C ALA A 309 -51.30 4.88 62.74
N ALA A 310 -50.78 4.47 61.59
CA ALA A 310 -50.12 5.37 60.66
C ALA A 310 -50.23 4.80 59.25
N CYS A 311 -49.97 5.65 58.27
CA CYS A 311 -50.06 5.22 56.89
C CYS A 311 -48.91 4.29 56.53
N CYS A 312 -49.18 3.39 55.57
CA CYS A 312 -48.15 2.49 55.05
C CYS A 312 -48.11 2.44 53.53
N SER A 313 -49.17 2.86 52.82
CA SER A 313 -49.19 2.79 51.37
C SER A 313 -49.56 4.12 50.74
N CYS A 314 -50.38 4.92 51.44
CA CYS A 314 -50.86 6.18 50.87
C CYS A 314 -49.75 7.21 50.83
N GLY A 315 -49.21 7.58 51.98
CA GLY A 315 -48.21 8.63 52.07
C GLY A 315 -48.61 9.71 53.05
N LEU A 316 -49.90 10.05 53.06
CA LEU A 316 -50.42 10.97 54.06
C LEU A 316 -50.65 10.22 55.36
N PRO A 317 -49.98 10.59 56.46
CA PRO A 317 -50.16 9.86 57.71
C PRO A 317 -51.52 10.09 58.34
N SER A 318 -52.37 9.07 58.33
CA SER A 318 -53.74 9.17 58.80
C SER A 318 -53.94 8.29 60.02
N GLU A 319 -55.18 8.22 60.48
CA GLU A 319 -55.58 7.44 61.66
C GLU A 319 -55.72 5.96 61.30
N ALA A 320 -56.43 5.21 62.15
CA ALA A 320 -56.71 3.81 61.88
C ALA A 320 -57.42 3.65 60.53
N LEU A 321 -56.78 2.93 59.62
CA LEU A 321 -57.24 2.81 58.25
C LEU A 321 -57.99 1.50 58.04
N VAL A 322 -58.59 1.38 56.85
CA VAL A 322 -59.39 0.22 56.48
C VAL A 322 -58.49 -0.98 56.20
N TYR A 323 -59.10 -2.16 56.09
CA TYR A 323 -58.37 -3.41 55.89
C TYR A 323 -58.59 -3.99 54.50
N SER A 324 -59.84 -4.24 54.13
CA SER A 324 -60.14 -4.87 52.84
C SER A 324 -61.52 -4.40 52.37
N CYS A 325 -61.82 -4.70 51.10
CA CYS A 325 -63.08 -4.34 50.48
C CYS A 325 -63.85 -5.60 50.09
N SER A 326 -65.12 -5.41 49.77
CA SER A 326 -65.98 -6.46 49.28
C SER A 326 -66.49 -6.09 47.90
N ILE A 327 -66.49 -7.05 46.98
CA ILE A 327 -66.84 -6.78 45.59
C ILE A 327 -67.64 -7.94 45.03
N GLU A 328 -68.62 -7.61 44.19
CA GLU A 328 -69.40 -8.59 43.44
C GLU A 328 -69.62 -8.02 42.05
N VAL A 329 -70.21 -8.82 41.18
CA VAL A 329 -70.36 -8.46 39.77
C VAL A 329 -71.85 -8.42 39.42
N GLU A 330 -72.29 -7.29 38.87
CA GLU A 330 -73.59 -7.20 38.21
C GLU A 330 -73.40 -7.43 36.73
N PRO A 331 -73.94 -8.51 36.16
CA PRO A 331 -73.88 -8.69 34.70
C PRO A 331 -74.77 -7.65 34.03
N VAL A 332 -74.14 -6.74 33.28
CA VAL A 332 -74.87 -5.70 32.57
C VAL A 332 -75.74 -6.35 31.51
N PRO A 333 -77.05 -6.12 31.52
CA PRO A 333 -77.92 -6.77 30.54
C PRO A 333 -77.66 -6.28 29.13
N LYS A 334 -78.03 -7.14 28.17
CA LYS A 334 -77.79 -6.85 26.77
C LYS A 334 -78.67 -5.69 26.29
N GLY A 335 -78.30 -5.12 25.16
CA GLY A 335 -79.00 -3.95 24.65
C GLY A 335 -78.44 -2.71 25.29
N LEU A 336 -79.32 -1.92 25.92
CA LEU A 336 -78.97 -0.71 26.67
C LEU A 336 -78.22 0.29 25.79
N GLU A 337 -78.96 0.79 24.80
CA GLU A 337 -78.43 1.80 23.88
C GLU A 337 -78.06 3.06 24.65
N TRP A 338 -76.76 3.34 24.72
CA TRP A 338 -76.25 4.41 25.56
C TRP A 338 -74.98 4.98 24.95
N LYS A 339 -74.96 6.29 24.75
CA LYS A 339 -73.80 7.00 24.22
C LYS A 339 -73.26 7.93 25.29
N ASP A 340 -71.95 7.94 25.45
CA ASP A 340 -71.31 8.71 26.52
C ASP A 340 -71.08 10.15 26.06
N PRO A 341 -71.38 11.15 26.90
CA PRO A 341 -71.07 12.54 26.52
C PRO A 341 -69.57 12.79 26.33
N HIS A 342 -68.72 12.15 27.12
CA HIS A 342 -67.28 12.33 27.02
C HIS A 342 -66.58 11.17 26.32
N GLY A 343 -67.28 10.07 26.09
CA GLY A 343 -66.64 8.90 25.51
C GLY A 343 -66.36 9.06 24.03
N VAL A 344 -65.44 8.23 23.55
CA VAL A 344 -65.07 8.17 22.14
C VAL A 344 -65.41 6.77 21.64
N TYR A 345 -66.30 6.70 20.65
CA TYR A 345 -66.90 5.44 20.23
C TYR A 345 -66.49 5.09 18.81
N THR A 346 -66.19 3.82 18.59
CA THR A 346 -65.92 3.34 17.24
C THR A 346 -67.20 3.37 16.42
N ASP A 347 -67.02 3.37 15.09
CA ASP A 347 -68.17 3.37 14.19
C ASP A 347 -68.99 2.10 14.28
N GLN A 348 -68.40 1.01 14.80
CA GLN A 348 -69.11 -0.24 14.99
C GLN A 348 -69.73 -0.37 16.37
N GLY A 349 -69.55 0.61 17.24
CA GLY A 349 -70.22 0.64 18.53
C GLY A 349 -69.38 0.23 19.72
N LYS A 350 -68.24 -0.42 19.51
CA LYS A 350 -67.38 -0.80 20.61
C LYS A 350 -66.61 0.41 21.13
N SER A 351 -66.22 0.36 22.39
CA SER A 351 -65.49 1.46 23.00
C SER A 351 -64.08 1.52 22.47
N LEU A 352 -63.53 2.73 22.36
CA LEU A 352 -62.19 2.94 21.84
C LEU A 352 -61.20 3.03 23.00
N GLN A 353 -60.25 2.11 23.03
CA GLN A 353 -59.25 2.03 24.09
C GLN A 353 -57.96 2.70 23.64
N SER A 354 -57.14 3.07 24.62
CA SER A 354 -55.81 3.58 24.32
C SER A 354 -54.92 2.46 23.79
N LYS A 355 -54.02 2.81 22.87
CA LYS A 355 -53.29 1.84 22.06
C LYS A 355 -51.81 1.78 22.44
N ILE A 356 -51.48 1.79 23.73
CA ILE A 356 -50.09 1.80 24.16
C ILE A 356 -49.74 0.43 24.72
N LYS A 357 -48.71 -0.18 24.13
CA LYS A 357 -48.13 -1.43 24.62
C LYS A 357 -46.63 -1.25 24.78
N LEU A 358 -46.05 -1.85 25.82
CA LEU A 358 -44.61 -1.79 26.00
C LEU A 358 -43.86 -2.74 25.06
N MET A 359 -44.56 -3.68 24.44
CA MET A 359 -43.96 -4.58 23.47
C MET A 359 -44.11 -4.01 22.06
N SER A 360 -42.99 -3.99 21.32
CA SER A 360 -43.02 -3.67 19.90
C SER A 360 -43.17 -4.98 19.16
N ASN A 361 -44.42 -5.39 18.96
CA ASN A 361 -44.73 -6.63 18.27
C ASN A 361 -44.63 -6.43 16.75
N ASP A 362 -45.12 -7.41 16.00
CA ASP A 362 -45.11 -7.32 14.54
C ASP A 362 -46.02 -6.23 14.01
N ARG A 363 -47.01 -5.80 14.79
CA ARG A 363 -48.00 -4.84 14.33
C ARG A 363 -48.04 -3.57 15.16
N TYR A 364 -47.18 -3.41 16.16
CA TYR A 364 -47.17 -2.22 16.99
C TYR A 364 -45.75 -1.76 17.24
N THR A 365 -45.59 -0.44 17.33
CA THR A 365 -44.33 0.19 17.70
C THR A 365 -44.60 1.20 18.80
N PHE A 366 -43.90 1.07 19.92
CA PHE A 366 -44.12 1.93 21.07
C PHE A 366 -43.68 3.36 20.76
N ALA A 367 -44.60 4.31 20.81
CA ALA A 367 -44.26 5.69 20.49
C ALA A 367 -44.40 6.62 21.69
N ASP A 368 -45.59 6.81 22.22
CA ASP A 368 -45.85 7.87 23.21
C ASP A 368 -47.29 7.71 23.70
N ARG A 369 -47.72 8.70 24.49
CA ARG A 369 -49.13 8.86 24.79
C ARG A 369 -49.93 9.05 23.50
N ASP A 370 -51.03 8.33 23.37
CA ASP A 370 -51.81 8.38 22.13
C ASP A 370 -52.98 9.36 22.27
N TRP A 371 -52.62 10.64 22.23
CA TRP A 371 -53.62 11.70 22.08
C TRP A 371 -54.21 11.72 20.68
N TYR A 372 -53.47 11.20 19.69
CA TYR A 372 -53.91 11.25 18.30
C TYR A 372 -55.11 10.35 18.03
N SER A 373 -55.21 9.22 18.73
CA SER A 373 -56.24 8.24 18.41
C SER A 373 -57.68 8.73 18.59
N PRO A 374 -58.10 9.32 19.74
CA PRO A 374 -59.53 9.62 19.90
C PRO A 374 -59.94 11.00 19.38
N LEU A 375 -59.74 11.22 18.07
CA LEU A 375 -60.13 12.48 17.47
C LEU A 375 -61.27 12.35 16.48
N PHE A 376 -61.51 11.14 15.95
CA PHE A 376 -62.56 11.00 14.95
C PHE A 376 -63.95 11.04 15.58
N SER A 377 -64.13 10.39 16.73
CA SER A 377 -65.46 10.28 17.32
C SER A 377 -65.83 11.47 18.20
N TYR A 378 -64.90 12.37 18.50
CA TYR A 378 -65.25 13.54 19.28
C TYR A 378 -65.22 14.84 18.49
N LEU A 379 -64.54 14.89 17.36
CA LEU A 379 -64.59 16.06 16.49
C LEU A 379 -65.52 15.84 15.30
N HIS A 380 -66.32 14.77 15.33
CA HIS A 380 -67.35 14.54 14.32
C HIS A 380 -68.70 14.16 14.87
N ALA A 381 -68.79 13.63 16.09
CA ALA A 381 -70.05 13.10 16.61
C ALA A 381 -70.60 13.89 17.78
N GLU A 382 -69.83 14.04 18.86
CA GLU A 382 -70.31 14.67 20.09
C GLU A 382 -69.45 15.88 20.42
N GLY A 383 -70.09 17.03 20.60
CA GLY A 383 -69.36 18.25 20.90
C GLY A 383 -68.77 18.94 19.68
N ASN A 384 -67.99 18.21 18.90
CA ASN A 384 -67.38 18.65 17.62
C ASN A 384 -66.46 19.84 17.90
N SER A 385 -66.26 20.68 16.89
CA SER A 385 -65.38 21.83 17.05
C SER A 385 -66.02 22.87 17.96
N ARG A 386 -65.26 23.34 18.94
CA ARG A 386 -65.80 24.23 19.96
C ARG A 386 -64.63 24.99 20.60
N GLN A 387 -64.96 26.11 21.23
CA GLN A 387 -63.99 26.89 21.98
C GLN A 387 -63.87 26.37 23.41
N GLY A 388 -62.65 26.45 23.95
CA GLY A 388 -62.37 25.96 25.29
C GLY A 388 -61.19 25.01 25.24
N LYS A 389 -60.50 24.89 26.37
CA LYS A 389 -59.30 24.06 26.40
C LYS A 389 -59.74 22.60 26.49
N LEU A 390 -59.15 21.75 25.68
CA LEU A 390 -59.57 20.35 25.57
C LEU A 390 -58.57 19.45 26.30
N TRP A 391 -59.12 18.47 27.03
CA TRP A 391 -58.33 17.57 27.86
C TRP A 391 -58.58 16.13 27.42
N LEU A 392 -57.52 15.32 27.41
CA LEU A 392 -57.58 13.97 26.88
C LEU A 392 -56.98 13.01 27.91
N VAL A 393 -57.66 11.90 28.17
CA VAL A 393 -57.22 10.90 29.13
C VAL A 393 -57.16 9.54 28.44
N GLY A 394 -56.02 8.87 28.55
CA GLY A 394 -55.86 7.55 27.97
C GLY A 394 -55.37 6.50 28.95
N PHE A 395 -56.21 5.52 29.25
CA PHE A 395 -55.89 4.44 30.19
C PHE A 395 -55.95 3.13 29.42
N ALA A 396 -54.84 2.75 28.81
CA ALA A 396 -54.78 1.51 28.04
C ALA A 396 -54.85 0.31 28.97
N SER A 397 -55.52 -0.74 28.50
CA SER A 397 -55.66 -1.97 29.28
C SER A 397 -55.95 -3.12 28.32
N ASP A 398 -55.17 -4.19 28.45
CA ASP A 398 -55.38 -5.41 27.69
C ASP A 398 -55.92 -6.47 28.64
N LYS A 399 -57.15 -6.92 28.38
CA LYS A 399 -57.88 -7.86 29.23
C LYS A 399 -57.98 -7.35 30.66
N ALA A 400 -57.07 -7.78 31.53
CA ALA A 400 -57.12 -7.41 32.94
C ALA A 400 -55.81 -6.81 33.45
N LYS A 401 -54.99 -6.27 32.56
CA LYS A 401 -53.71 -5.68 32.93
C LYS A 401 -53.76 -4.18 32.68
N SER A 402 -53.51 -3.40 33.73
CA SER A 402 -53.39 -1.95 33.61
C SER A 402 -51.94 -1.62 33.28
N ILE A 403 -51.72 -0.92 32.17
CA ILE A 403 -50.38 -0.77 31.63
C ILE A 403 -49.84 0.66 31.75
N ASP A 404 -50.70 1.69 31.75
CA ASP A 404 -50.26 3.07 31.88
C ASP A 404 -51.44 3.97 32.22
N ILE A 405 -51.12 5.25 32.43
CA ILE A 405 -52.10 6.34 32.47
C ILE A 405 -51.33 7.63 32.25
N TRP A 406 -51.97 8.59 31.58
CA TRP A 406 -51.36 9.87 31.26
C TRP A 406 -52.46 10.91 31.05
N ASP A 407 -52.08 12.09 30.60
CA ASP A 407 -53.03 13.14 30.29
C ASP A 407 -52.50 13.99 29.16
N LYS A 408 -53.36 14.86 28.64
CA LYS A 408 -52.96 15.79 27.58
C LYS A 408 -53.97 16.93 27.55
N ILE A 409 -53.51 18.14 27.86
CA ILE A 409 -54.29 19.35 27.65
C ILE A 409 -53.94 19.86 26.26
N ILE A 410 -54.89 19.76 25.33
CA ILE A 410 -54.66 20.07 23.93
C ILE A 410 -55.40 21.36 23.62
N GLU A 411 -54.95 22.07 22.60
CA GLU A 411 -55.55 23.37 22.29
C GLU A 411 -56.63 23.21 21.21
N LEU A 412 -57.73 23.94 21.38
CA LEU A 412 -58.87 23.84 20.49
C LEU A 412 -59.68 25.12 20.58
N GLU A 413 -59.95 25.73 19.42
CA GLU A 413 -60.83 26.88 19.32
C GLU A 413 -62.10 26.60 18.53
N GLY A 414 -62.05 25.71 17.55
CA GLY A 414 -63.25 25.33 16.83
C GLY A 414 -63.30 25.82 15.40
N THR A 415 -62.15 25.92 14.75
CA THR A 415 -62.08 26.42 13.38
C THR A 415 -62.32 25.28 12.39
N ASP A 416 -63.55 24.77 12.42
CA ASP A 416 -64.04 23.70 11.56
C ASP A 416 -63.16 22.44 11.66
N THR A 417 -63.25 21.56 10.66
CA THR A 417 -62.45 20.36 10.64
C THR A 417 -62.32 19.85 9.22
N ASN A 418 -61.22 19.15 8.95
CA ASN A 418 -61.06 18.40 7.70
C ASN A 418 -61.28 16.94 8.05
N ASP A 419 -62.18 16.27 7.32
CA ASP A 419 -62.51 14.89 7.64
C ASP A 419 -61.33 13.96 7.37
N GLU A 420 -60.70 14.09 6.20
CA GLU A 420 -59.70 13.11 5.79
C GLU A 420 -58.40 13.26 6.58
N LEU A 421 -57.94 14.51 6.78
CA LEU A 421 -56.69 14.73 7.51
C LEU A 421 -56.83 14.28 8.96
N LEU A 422 -57.96 14.58 9.59
CA LEU A 422 -58.21 14.11 10.94
C LEU A 422 -58.42 12.60 10.97
N ALA A 423 -58.86 12.01 9.87
CA ALA A 423 -58.93 10.55 9.79
C ALA A 423 -57.54 9.93 9.78
N GLN A 424 -56.60 10.53 9.06
CA GLN A 424 -55.21 10.06 9.13
C GLN A 424 -54.64 10.27 10.53
N LEU A 425 -54.98 11.40 11.16
CA LEU A 425 -54.48 11.68 12.50
C LEU A 425 -55.10 10.74 13.53
N ALA A 426 -56.27 10.18 13.24
CA ALA A 426 -56.97 9.29 14.16
C ALA A 426 -56.23 7.97 14.40
N ASN A 427 -55.26 7.62 13.56
CA ASN A 427 -54.37 6.48 13.88
C ASN A 427 -53.03 6.73 13.20
N ARG A 428 -52.08 7.28 13.96
CA ARG A 428 -50.69 7.37 13.55
C ARG A 428 -49.89 6.15 13.98
N ALA A 429 -50.46 5.27 14.80
CA ALA A 429 -49.75 4.10 15.27
C ALA A 429 -49.45 3.14 14.11
N THR A 430 -50.41 2.98 13.20
CA THR A 430 -50.18 2.14 12.02
C THR A 430 -49.06 2.69 11.15
N ALA A 431 -49.05 4.01 10.94
CA ALA A 431 -47.99 4.63 10.14
C ALA A 431 -46.64 4.50 10.81
N LEU A 432 -46.59 4.69 12.14
CA LEU A 432 -45.32 4.58 12.86
C LEU A 432 -44.80 3.14 12.86
N ASN A 433 -45.68 2.16 13.03
CA ASN A 433 -45.25 0.77 12.98
C ASN A 433 -44.81 0.38 11.58
N ALA A 434 -45.48 0.89 10.55
CA ALA A 434 -45.07 0.60 9.17
C ALA A 434 -43.71 1.24 8.86
N MET A 435 -43.44 2.42 9.44
CA MET A 435 -42.12 3.02 9.26
C MET A 435 -41.05 2.24 10.02
N ARG A 436 -41.37 1.75 11.21
CA ARG A 436 -40.41 0.98 11.98
C ARG A 436 -40.08 -0.35 11.32
N LYS A 437 -41.09 -1.02 10.74
CA LYS A 437 -40.92 -2.37 10.23
C LYS A 437 -40.12 -2.43 8.94
N LYS A 438 -39.81 -1.29 8.33
CA LYS A 438 -38.99 -1.30 7.12
C LYS A 438 -37.56 -1.70 7.45
N PRO A 439 -37.04 -2.76 6.87
CA PRO A 439 -35.66 -3.18 7.15
C PRO A 439 -34.67 -2.32 6.37
N LEU A 440 -33.39 -2.56 6.63
CA LEU A 440 -32.34 -1.84 5.90
C LEU A 440 -32.34 -2.20 4.43
N ARG A 441 -32.53 -3.49 4.12
CA ARG A 441 -32.60 -3.95 2.74
C ARG A 441 -33.33 -5.29 2.73
N GLY A 442 -34.22 -5.48 1.76
CA GLY A 442 -34.93 -6.72 1.62
C GLY A 442 -36.42 -6.50 1.53
N ASP A 443 -37.17 -7.60 1.56
CA ASP A 443 -38.61 -7.54 1.41
C ASP A 443 -39.36 -8.49 2.33
N PHE A 444 -38.70 -9.07 3.34
CA PHE A 444 -39.40 -9.96 4.26
C PHE A 444 -40.40 -9.19 5.11
N LYS A 445 -41.53 -9.83 5.40
CA LYS A 445 -42.68 -9.14 5.94
C LYS A 445 -42.69 -9.01 7.45
N LYS A 446 -42.10 -9.95 8.20
CA LYS A 446 -42.09 -9.83 9.66
C LYS A 446 -40.67 -9.78 10.24
N SER A 447 -39.69 -9.37 9.43
CA SER A 447 -38.41 -8.96 9.98
C SER A 447 -38.60 -7.74 10.88
N VAL A 448 -37.76 -7.64 11.91
CA VAL A 448 -37.95 -6.59 12.92
C VAL A 448 -37.63 -5.21 12.37
N GLY A 449 -36.96 -5.12 11.23
CA GLY A 449 -36.65 -3.83 10.64
C GLY A 449 -35.46 -3.15 11.28
N THR A 450 -35.55 -1.85 11.48
CA THR A 450 -34.48 -1.10 12.14
C THR A 450 -34.89 -0.86 13.58
N PRO A 451 -34.28 -1.54 14.56
CA PRO A 451 -34.72 -1.38 15.95
C PRO A 451 -34.27 -0.10 16.62
N GLN A 452 -33.31 0.63 16.04
CA GLN A 452 -32.94 1.93 16.58
C GLN A 452 -33.81 3.07 16.05
N ILE A 453 -34.61 2.81 15.03
CA ILE A 453 -35.67 3.75 14.66
C ILE A 453 -36.69 3.83 15.78
N ALA A 454 -37.02 2.68 16.39
CA ALA A 454 -37.98 2.63 17.49
C ALA A 454 -37.47 3.33 18.74
N ASP A 455 -36.16 3.55 18.86
CA ASP A 455 -35.62 4.21 20.04
C ASP A 455 -35.61 5.73 19.92
N ILE A 456 -35.79 6.28 18.72
CA ILE A 456 -35.89 7.72 18.53
C ILE A 456 -37.31 8.18 18.26
N ILE A 457 -38.24 7.25 18.06
CA ILE A 457 -39.64 7.64 17.89
C ILE A 457 -40.22 8.37 19.09
N PRO A 458 -40.02 7.93 20.36
CA PRO A 458 -40.64 8.68 21.48
C PRO A 458 -40.20 10.13 21.64
N HIS A 459 -38.91 10.43 21.45
CA HIS A 459 -38.49 11.82 21.56
C HIS A 459 -39.07 12.67 20.44
N ALA A 460 -39.12 12.12 19.23
CA ALA A 460 -39.73 12.82 18.11
C ALA A 460 -41.21 13.07 18.35
N GLU A 461 -41.89 12.09 18.96
CA GLU A 461 -43.29 12.25 19.30
C GLU A 461 -43.48 13.34 20.36
N ASN A 462 -42.59 13.38 21.37
CA ASN A 462 -42.67 14.42 22.38
C ASN A 462 -42.38 15.81 21.81
N ARG A 463 -41.50 15.88 20.81
CA ARG A 463 -41.21 17.17 20.18
C ARG A 463 -42.37 17.61 19.29
N ILE A 464 -43.02 16.67 18.61
CA ILE A 464 -44.16 17.02 17.77
C ILE A 464 -45.36 17.44 18.62
N ALA A 465 -45.57 16.75 19.75
CA ALA A 465 -46.86 16.77 20.42
C ALA A 465 -47.03 17.91 21.42
N ILE A 466 -46.08 18.82 21.57
CA ILE A 466 -46.27 19.89 22.53
C ILE A 466 -47.31 20.90 22.02
N ASN A 467 -47.31 21.19 20.72
CA ASN A 467 -48.40 21.91 20.07
C ASN A 467 -49.30 20.95 19.29
N ALA A 468 -49.83 19.97 20.03
CA ALA A 468 -50.64 18.92 19.40
C ALA A 468 -51.94 19.47 18.86
N GLY A 469 -52.56 20.43 19.55
CA GLY A 469 -53.78 21.03 19.04
C GLY A 469 -53.53 21.98 17.89
N LYS A 470 -52.37 22.63 17.87
CA LYS A 470 -51.97 23.41 16.70
C LYS A 470 -51.82 22.50 15.49
N MET A 471 -51.26 21.31 15.69
CA MET A 471 -51.26 20.31 14.62
C MET A 471 -52.67 19.85 14.28
N THR A 472 -53.55 19.77 15.29
CA THR A 472 -54.92 19.30 15.09
C THR A 472 -55.71 20.24 14.19
N GLU A 473 -55.67 21.54 14.48
CA GLU A 473 -56.54 22.48 13.77
C GLU A 473 -56.07 22.76 12.34
N ASN A 474 -54.85 22.35 11.99
CA ASN A 474 -54.30 22.48 10.63
C ASN A 474 -54.27 23.94 10.18
N ARG A 475 -53.53 24.76 10.94
CA ARG A 475 -53.31 26.14 10.56
C ARG A 475 -52.00 26.30 9.77
N GLY A 476 -50.89 25.94 10.39
CA GLY A 476 -49.60 25.94 9.74
C GLY A 476 -48.82 24.68 10.04
N TYR A 477 -49.37 23.87 10.93
CA TYR A 477 -48.79 22.58 11.30
C TYR A 477 -49.54 21.48 10.57
N SER A 478 -48.81 20.67 9.81
CA SER A 478 -49.39 19.59 9.03
C SER A 478 -48.53 18.34 9.20
N TRP A 479 -48.99 17.25 8.59
CA TRP A 479 -48.21 16.02 8.55
C TRP A 479 -46.90 16.22 7.79
N GLN A 480 -46.95 16.96 6.68
CA GLN A 480 -45.80 17.08 5.80
C GLN A 480 -44.68 17.92 6.39
N ASP A 481 -44.95 18.72 7.42
CA ASP A 481 -43.91 19.49 8.07
C ASP A 481 -43.69 19.07 9.52
N ALA A 482 -44.48 18.12 10.03
CA ALA A 482 -44.23 17.56 11.35
C ALA A 482 -43.03 16.63 11.34
N ASP A 483 -42.78 15.94 10.23
CA ASP A 483 -41.67 15.00 10.15
C ASP A 483 -40.33 15.68 9.88
N THR A 484 -40.33 17.01 9.74
CA THR A 484 -39.07 17.72 9.54
C THR A 484 -38.20 17.67 10.79
N GLU A 485 -38.81 17.53 11.96
CA GLU A 485 -38.05 17.39 13.20
C GLU A 485 -37.40 16.02 13.30
N TYR A 486 -37.92 15.02 12.60
CA TYR A 486 -37.35 13.67 12.63
C TYR A 486 -35.95 13.62 12.03
N GLY A 487 -35.55 14.64 11.26
CA GLY A 487 -34.34 14.54 10.46
C GLY A 487 -33.05 14.47 11.26
N GLU A 488 -32.98 15.19 12.38
CA GLU A 488 -31.71 15.28 13.12
C GLU A 488 -31.36 13.96 13.80
N LEU A 489 -32.32 13.41 14.56
CA LEU A 489 -32.11 12.12 15.21
C LEU A 489 -31.85 11.04 14.17
N LEU A 490 -32.47 11.16 13.01
CA LEU A 490 -32.29 10.19 11.94
C LEU A 490 -30.91 10.32 11.30
N THR A 491 -30.37 11.54 11.21
CA THR A 491 -29.00 11.72 10.73
C THR A 491 -28.01 11.05 11.66
N LYS A 492 -28.21 11.22 12.97
CA LYS A 492 -27.23 10.64 13.89
C LYS A 492 -27.40 9.13 14.04
N VAL A 493 -28.64 8.63 13.90
CA VAL A 493 -28.86 7.19 13.84
C VAL A 493 -28.23 6.60 12.58
N ALA A 494 -28.29 7.32 11.45
CA ALA A 494 -27.65 6.87 10.23
C ALA A 494 -26.12 6.94 10.34
N TYR A 495 -25.61 7.89 11.11
CA TYR A 495 -24.18 7.91 11.41
C TYR A 495 -23.76 6.67 12.18
N SER A 496 -24.61 6.23 13.12
CA SER A 496 -24.33 4.97 13.81
C SER A 496 -24.46 3.77 12.88
N LEU A 497 -25.47 3.79 11.99
CA LEU A 497 -25.83 2.60 11.22
C LEU A 497 -24.86 2.31 10.09
N GLU A 498 -24.32 3.34 9.42
CA GLU A 498 -23.41 3.17 8.30
C GLU A 498 -22.11 3.89 8.64
N PRO A 499 -21.22 3.24 9.41
CA PRO A 499 -20.00 3.89 9.89
C PRO A 499 -18.85 3.81 8.89
N ALA A 500 -19.14 4.12 7.63
CA ALA A 500 -18.14 4.13 6.57
C ALA A 500 -18.14 5.49 5.90
N GLN A 501 -16.95 5.98 5.56
CA GLN A 501 -16.78 7.27 4.91
C GLN A 501 -16.85 7.17 3.39
N THR A 502 -17.53 6.15 2.88
CA THR A 502 -17.58 5.88 1.45
C THR A 502 -18.73 6.64 0.80
N VAL A 503 -18.70 6.66 -0.53
CA VAL A 503 -19.79 7.22 -1.31
C VAL A 503 -21.07 6.45 -1.08
N ASP A 504 -20.96 5.11 -1.09
CA ASP A 504 -22.12 4.25 -0.92
C ASP A 504 -22.78 4.44 0.44
N ALA A 505 -21.98 4.50 1.50
CA ALA A 505 -22.53 4.65 2.85
C ALA A 505 -23.21 5.99 3.03
N ARG A 506 -22.66 7.05 2.44
CA ARG A 506 -23.32 8.35 2.45
C ARG A 506 -24.65 8.29 1.69
N LEU A 507 -24.68 7.55 0.58
CA LEU A 507 -25.93 7.40 -0.17
C LEU A 507 -27.00 6.66 0.64
N LYS A 508 -26.61 5.57 1.33
CA LYS A 508 -27.59 4.87 2.17
C LYS A 508 -28.01 5.72 3.36
N ARG A 509 -27.10 6.55 3.89
CA ARG A 509 -27.49 7.48 4.95
C ARG A 509 -28.52 8.47 4.46
N GLY A 510 -28.32 9.03 3.25
CA GLY A 510 -29.29 9.96 2.70
C GLY A 510 -30.63 9.31 2.41
N ASN A 511 -30.61 8.09 1.88
CA ASN A 511 -31.86 7.36 1.65
C ASN A 511 -32.55 6.99 2.96
N PHE A 512 -31.76 6.75 4.01
CA PHE A 512 -32.30 6.56 5.35
C PHE A 512 -32.96 7.84 5.85
N ILE A 513 -32.43 9.00 5.46
CA ILE A 513 -32.96 10.28 5.93
C ILE A 513 -34.36 10.53 5.38
N SER A 514 -34.61 10.12 4.13
CA SER A 514 -35.89 10.38 3.50
C SER A 514 -37.05 9.62 4.13
N ARG A 515 -36.78 8.72 5.08
CA ARG A 515 -37.83 7.97 5.75
C ARG A 515 -38.71 8.89 6.59
N LYS A 516 -40.03 8.73 6.44
CA LYS A 516 -41.02 9.49 7.20
C LYS A 516 -42.30 8.69 7.23
N PRO A 517 -43.15 8.86 8.26
CA PRO A 517 -44.39 8.08 8.33
C PRO A 517 -45.42 8.50 7.28
N TRP A 518 -45.80 7.57 6.40
CA TRP A 518 -46.80 7.86 5.38
C TRP A 518 -48.20 7.67 5.95
N PRO A 519 -49.12 8.58 5.65
CA PRO A 519 -50.48 8.47 6.20
C PRO A 519 -51.27 7.32 5.58
N ILE A 520 -52.20 6.79 6.38
CA ILE A 520 -53.07 5.70 5.97
C ILE A 520 -54.53 6.13 6.07
N ILE A 521 -55.34 5.73 5.08
CA ILE A 521 -56.69 6.25 4.99
C ILE A 521 -57.66 5.54 5.94
N PRO A 522 -57.42 4.27 6.38
CA PRO A 522 -58.25 3.85 7.52
C PRO A 522 -58.16 4.77 8.74
N ASN B 2 -1.75 25.71 1.94
CA ASN B 2 -0.43 25.66 2.56
C ASN B 2 0.63 26.20 1.60
N ARG B 3 1.68 26.80 2.17
CA ARG B 3 2.78 27.35 1.39
C ARG B 3 4.02 26.46 1.40
N GLY B 4 3.88 25.20 1.81
CA GLY B 4 5.01 24.29 1.79
C GLY B 4 4.86 23.17 0.77
N THR B 5 3.63 22.67 0.60
CA THR B 5 3.39 21.58 -0.34
C THR B 5 3.45 22.05 -1.78
N VAL B 6 3.15 23.33 -2.01
CA VAL B 6 3.18 23.89 -3.37
C VAL B 6 4.60 23.86 -3.92
N ASP B 7 5.60 24.17 -3.09
CA ASP B 7 6.99 24.07 -3.52
C ASP B 7 7.38 22.63 -3.82
N PHE B 8 6.86 21.67 -3.03
CA PHE B 8 7.15 20.26 -3.28
C PHE B 8 6.59 19.81 -4.62
N ILE B 9 5.35 20.20 -4.93
CA ILE B 9 4.75 19.83 -6.21
C ILE B 9 5.46 20.52 -7.37
N ALA B 10 5.84 21.79 -7.18
CA ALA B 10 6.54 22.53 -8.23
C ALA B 10 7.93 21.96 -8.48
N SER B 11 8.61 21.50 -7.42
CA SER B 11 9.89 20.83 -7.59
C SER B 11 9.73 19.48 -8.26
N LEU B 12 8.63 18.78 -7.97
CA LEU B 12 8.35 17.52 -8.66
C LEU B 12 8.12 17.74 -10.15
N GLU B 13 7.44 18.83 -10.51
CA GLU B 13 7.22 19.13 -11.92
C GLU B 13 8.52 19.49 -12.64
N ASN B 14 9.56 19.89 -11.89
CA ASN B 14 10.87 20.19 -12.47
C ASN B 14 11.66 18.94 -12.82
N LEU B 15 11.27 17.77 -12.32
CA LEU B 15 12.08 16.57 -12.48
C LEU B 15 12.12 16.11 -13.93
N LYS B 16 13.31 15.71 -14.37
CA LYS B 16 13.52 15.33 -15.76
C LYS B 16 13.24 13.84 -15.94
N GLU B 17 13.47 13.35 -17.18
CA GLU B 17 12.93 12.06 -17.59
C GLU B 17 13.59 10.89 -16.86
N GLY B 18 14.90 10.94 -16.67
CA GLY B 18 15.58 9.84 -16.02
C GLY B 18 15.20 9.67 -14.56
N ASP B 19 15.04 10.79 -13.85
CA ASP B 19 14.68 10.74 -12.44
C ASP B 19 13.31 10.11 -12.23
N LEU B 20 12.31 10.56 -13.00
CA LEU B 20 11.02 9.92 -12.86
C LEU B 20 10.96 8.55 -13.52
N GLY B 21 11.92 8.21 -14.37
CA GLY B 21 12.03 6.83 -14.82
C GLY B 21 12.46 5.89 -13.70
N ILE B 22 13.48 6.28 -12.95
CA ILE B 22 13.86 5.48 -11.78
C ILE B 22 12.81 5.54 -10.68
N LEU B 23 11.99 6.59 -10.66
CA LEU B 23 10.84 6.58 -9.76
C LEU B 23 9.74 5.64 -10.24
N ARG B 24 9.56 5.54 -11.56
CA ARG B 24 8.61 4.61 -12.15
C ARG B 24 9.00 3.17 -11.86
N LYS B 25 10.30 2.86 -11.92
CA LYS B 25 10.75 1.50 -11.67
C LYS B 25 10.60 1.08 -10.22
N LEU B 26 10.32 2.01 -9.30
CA LEU B 26 10.22 1.71 -7.87
C LEU B 26 8.78 1.61 -7.39
N ARG B 27 7.85 1.22 -8.26
CA ARG B 27 6.47 1.06 -7.85
C ARG B 27 6.32 -0.14 -6.91
N GLY B 28 5.65 0.08 -5.78
CA GLY B 28 5.45 -0.96 -4.81
C GLY B 28 6.66 -1.32 -4.01
N ALA B 29 7.74 -0.55 -4.13
CA ALA B 29 9.00 -0.82 -3.46
C ALA B 29 9.36 0.35 -2.55
N ARG B 30 9.79 0.03 -1.35
CA ARG B 30 10.16 1.05 -0.37
C ARG B 30 11.43 1.77 -0.82
N LEU B 31 11.67 2.95 -0.23
CA LEU B 31 12.80 3.77 -0.64
C LEU B 31 14.10 3.33 0.04
N ASP B 32 14.37 2.05 0.04
CA ASP B 32 15.63 1.59 0.62
C ASP B 32 16.40 0.65 -0.29
N GLU B 33 15.71 -0.23 -1.03
CA GLU B 33 16.42 -1.28 -1.77
C GLU B 33 17.18 -0.75 -2.98
N LYS B 34 16.95 0.50 -3.39
CA LYS B 34 17.74 1.13 -4.44
C LYS B 34 18.30 2.45 -3.92
N LEU B 35 19.62 2.59 -4.00
CA LEU B 35 20.28 3.84 -3.62
C LEU B 35 19.85 5.06 -4.43
N PRO B 36 19.78 5.04 -5.77
CA PRO B 36 19.41 6.27 -6.50
C PRO B 36 18.03 6.79 -6.17
N GLY B 37 17.07 5.89 -5.87
CA GLY B 37 15.75 6.34 -5.48
C GLY B 37 15.76 7.11 -4.17
N PHE B 38 16.51 6.63 -3.19
CA PHE B 38 16.62 7.36 -1.93
C PHE B 38 17.33 8.69 -2.14
N ASP B 39 18.36 8.69 -2.98
CA ASP B 39 19.09 9.94 -3.24
C ASP B 39 18.18 10.99 -3.86
N LEU B 40 17.37 10.57 -4.84
CA LEU B 40 16.40 11.47 -5.45
C LEU B 40 15.38 11.97 -4.44
N PHE B 41 14.87 11.07 -3.59
CA PHE B 41 13.89 11.48 -2.59
C PHE B 41 14.48 12.44 -1.58
N SER B 42 15.73 12.22 -1.17
CA SER B 42 16.39 13.12 -0.24
C SER B 42 16.58 14.50 -0.87
N ALA B 43 17.00 14.53 -2.14
CA ALA B 43 17.17 15.82 -2.83
C ALA B 43 15.84 16.54 -2.97
N LEU B 44 14.74 15.81 -3.17
CA LEU B 44 13.44 16.45 -3.30
C LEU B 44 12.85 16.86 -1.95
N TRP B 45 13.18 16.16 -0.88
CA TRP B 45 12.44 16.23 0.38
C TRP B 45 13.17 17.00 1.48
N TRP B 46 14.50 16.98 1.51
CA TRP B 46 15.24 17.74 2.52
C TRP B 46 15.10 19.26 2.42
N PRO B 47 15.30 19.92 1.27
CA PRO B 47 15.45 21.39 1.31
C PRO B 47 14.16 22.17 1.49
N LEU B 48 13.00 21.51 1.56
CA LEU B 48 11.75 22.22 1.76
C LEU B 48 11.33 22.29 3.22
N ARG B 49 12.09 21.70 4.13
CA ARG B 49 11.81 21.82 5.56
C ARG B 49 12.52 23.00 6.21
N GLN B 50 13.60 23.50 5.61
CA GLN B 50 14.35 24.61 6.17
C GLN B 50 13.91 25.97 5.62
N LYS B 51 12.97 26.00 4.68
CA LYS B 51 12.48 27.25 4.12
C LYS B 51 11.04 27.58 4.52
N ASN B 52 10.21 26.57 4.72
CA ASN B 52 8.84 26.76 5.18
C ASN B 52 8.55 25.80 6.31
N GLN B 53 7.78 26.27 7.29
CA GLN B 53 7.60 25.52 8.52
C GLN B 53 6.69 24.31 8.37
N ARG B 54 5.86 24.26 7.32
CA ARG B 54 4.93 23.17 7.12
C ARG B 54 5.32 22.35 5.90
N ALA B 55 5.41 21.04 6.09
CA ALA B 55 5.78 20.08 5.06
C ALA B 55 4.82 18.90 5.14
N PRO B 56 4.60 18.18 4.04
CA PRO B 56 3.76 16.98 4.12
C PRO B 56 4.43 15.84 4.87
N LYS B 57 3.72 14.74 5.08
CA LYS B 57 4.34 13.57 5.67
C LYS B 57 5.28 12.90 4.66
N ARG B 58 6.28 12.19 5.18
CA ARG B 58 7.30 11.60 4.32
C ARG B 58 6.74 10.50 3.43
N GLU B 59 5.91 9.62 4.01
CA GLU B 59 5.32 8.52 3.23
C GLU B 59 4.38 9.05 2.16
N VAL B 60 3.61 10.10 2.49
CA VAL B 60 2.74 10.73 1.52
C VAL B 60 3.55 11.32 0.37
N ALA B 61 4.68 11.96 0.69
CA ALA B 61 5.53 12.53 -0.34
C ALA B 61 6.12 11.45 -1.25
N TRP B 62 6.58 10.35 -0.66
CA TRP B 62 7.16 9.27 -1.45
C TRP B 62 6.11 8.60 -2.35
N LEU B 63 4.93 8.32 -1.79
CA LEU B 63 3.85 7.71 -2.58
C LEU B 63 3.38 8.63 -3.69
N ILE B 64 3.24 9.93 -3.40
CA ILE B 64 2.78 10.89 -4.40
C ILE B 64 3.83 11.07 -5.49
N ALA B 65 5.11 11.05 -5.12
CA ALA B 65 6.18 11.14 -6.12
C ALA B 65 6.15 9.92 -7.05
N LYS B 66 5.97 8.72 -6.48
CA LYS B 66 5.90 7.52 -7.30
C LYS B 66 4.71 7.56 -8.25
N LEU B 67 3.54 7.95 -7.74
CA LEU B 67 2.35 8.01 -8.58
C LEU B 67 2.46 9.11 -9.64
N PHE B 68 3.05 10.25 -9.27
CA PHE B 68 3.26 11.34 -10.22
C PHE B 68 4.19 10.91 -11.34
N ALA B 69 5.25 10.18 -11.01
CA ALA B 69 6.13 9.66 -12.05
C ALA B 69 5.40 8.66 -12.94
N GLU B 70 4.54 7.83 -12.35
CA GLU B 70 3.85 6.82 -13.15
C GLU B 70 2.81 7.44 -14.08
N PHE B 71 2.12 8.50 -13.66
CA PHE B 71 1.00 9.01 -14.43
C PHE B 71 1.26 10.34 -15.11
N ARG B 72 2.03 11.25 -14.49
CA ARG B 72 2.47 12.52 -15.08
C ARG B 72 1.29 13.41 -15.51
N PHE B 73 0.54 13.87 -14.52
CA PHE B 73 -0.50 14.84 -14.76
C PHE B 73 0.08 16.25 -14.67
N GLU B 74 -0.78 17.26 -14.64
CA GLU B 74 -0.37 18.63 -14.45
C GLU B 74 -1.21 19.25 -13.35
N GLN B 75 -0.62 20.21 -12.63
CA GLN B 75 -1.23 20.74 -11.41
C GLN B 75 -2.20 21.87 -11.76
N ARG B 76 -3.46 21.70 -11.33
CA ARG B 76 -4.50 22.69 -11.60
C ARG B 76 -5.48 22.71 -10.43
N GLU B 77 -5.78 23.90 -9.94
CA GLU B 77 -6.65 24.07 -8.77
C GLU B 77 -8.08 23.72 -9.16
N GLY B 78 -8.78 23.00 -8.29
CA GLY B 78 -10.17 22.66 -8.55
C GLY B 78 -10.40 21.35 -9.26
N ALA B 79 -9.40 20.47 -9.32
CA ALA B 79 -9.49 19.20 -10.02
C ALA B 79 -9.12 18.05 -9.10
N THR B 80 -9.72 18.05 -7.91
CA THR B 80 -9.45 16.97 -6.96
C THR B 80 -10.10 15.67 -7.43
N LEU B 81 -9.75 14.59 -6.74
CA LEU B 81 -10.20 13.25 -7.14
C LEU B 81 -11.72 13.06 -7.13
N PRO B 82 -12.47 13.43 -6.09
CA PRO B 82 -13.92 13.17 -6.12
C PRO B 82 -14.74 14.14 -6.95
N ILE B 83 -14.14 14.96 -7.81
CA ILE B 83 -14.94 15.77 -8.72
C ILE B 83 -14.85 15.13 -10.10
N LEU B 84 -13.62 14.93 -10.59
CA LEU B 84 -13.40 14.20 -11.82
C LEU B 84 -13.95 12.78 -11.71
N MET B 85 -13.66 12.13 -10.60
CA MET B 85 -14.44 10.98 -10.18
C MET B 85 -15.85 11.44 -9.83
N GLY B 86 -16.86 10.72 -10.31
CA GLY B 86 -18.20 11.24 -10.20
C GLY B 86 -18.64 11.94 -11.46
N GLY B 87 -17.82 12.88 -11.95
CA GLY B 87 -18.03 13.37 -13.31
C GLY B 87 -17.93 12.26 -14.33
N ILE B 88 -16.97 11.35 -14.14
CA ILE B 88 -16.92 10.19 -15.03
C ILE B 88 -17.97 9.15 -14.66
N CYS B 89 -18.48 9.17 -13.43
CA CYS B 89 -19.51 8.22 -13.04
C CYS B 89 -20.86 8.58 -13.65
N ARG B 90 -21.09 9.86 -13.96
CA ARG B 90 -22.31 10.21 -14.69
C ARG B 90 -22.29 9.71 -16.12
N LYS B 91 -21.10 9.55 -16.71
CA LYS B 91 -20.96 8.94 -18.04
C LYS B 91 -20.94 7.42 -17.93
N LEU B 92 -21.99 6.84 -17.36
CA LEU B 92 -22.00 5.40 -17.17
C LEU B 92 -23.44 4.87 -17.21
N GLU B 93 -23.55 3.58 -17.47
CA GLU B 93 -24.83 2.89 -17.34
C GLU B 93 -25.06 2.54 -15.87
N PRO B 94 -26.14 3.01 -15.25
CA PRO B 94 -26.34 2.75 -13.81
C PRO B 94 -26.58 1.29 -13.47
N LYS B 95 -26.84 0.43 -14.45
CA LYS B 95 -27.23 -0.94 -14.16
C LYS B 95 -26.05 -1.76 -13.65
N LYS B 96 -24.99 -1.87 -14.46
CA LYS B 96 -23.89 -2.79 -14.16
C LYS B 96 -22.57 -2.10 -13.91
N GLU B 97 -22.12 -1.23 -14.83
CA GLU B 97 -20.76 -0.69 -14.75
C GLU B 97 -20.61 0.34 -13.64
N LEU B 98 -21.68 1.10 -13.36
CA LEU B 98 -21.61 2.12 -12.31
C LEU B 98 -21.32 1.54 -10.94
N PRO B 99 -21.96 0.45 -10.47
CA PRO B 99 -21.49 -0.17 -9.21
C PRO B 99 -20.06 -0.67 -9.25
N ARG B 100 -19.58 -1.15 -10.40
CA ARG B 100 -18.20 -1.61 -10.52
C ARG B 100 -17.21 -0.47 -10.25
N VAL B 101 -17.32 0.61 -11.03
CA VAL B 101 -16.43 1.75 -10.88
C VAL B 101 -16.65 2.43 -9.52
N LEU B 102 -17.88 2.42 -9.02
CA LEU B 102 -18.18 3.04 -7.75
C LEU B 102 -17.51 2.31 -6.60
N ALA B 103 -17.55 0.97 -6.62
CA ALA B 103 -16.85 0.18 -5.61
C ALA B 103 -15.34 0.35 -5.72
N ARG B 104 -14.83 0.46 -6.95
CA ARG B 104 -13.41 0.79 -7.14
C ARG B 104 -13.06 2.12 -6.47
N PHE B 105 -13.97 3.08 -6.50
CA PHE B 105 -13.69 4.35 -5.82
C PHE B 105 -13.83 4.22 -4.30
N ASP B 106 -14.84 3.48 -3.80
CA ASP B 106 -15.01 3.41 -2.36
C ASP B 106 -13.94 2.58 -1.68
N GLN B 107 -13.19 1.76 -2.43
CA GLN B 107 -12.09 1.01 -1.83
C GLN B 107 -11.05 1.93 -1.19
N LEU B 108 -10.92 3.16 -1.70
CA LEU B 108 -9.92 4.08 -1.17
C LEU B 108 -10.25 4.57 0.24
N ALA B 109 -11.55 4.64 0.59
CA ALA B 109 -11.96 5.28 1.82
C ALA B 109 -11.67 4.46 3.07
N SER B 110 -11.27 3.20 2.93
CA SER B 110 -10.98 2.33 4.07
C SER B 110 -9.61 1.71 3.94
N LEU B 111 -8.61 2.52 3.63
CA LEU B 111 -7.24 2.04 3.47
C LEU B 111 -6.26 3.02 4.07
N ASP B 112 -5.14 2.48 4.57
CA ASP B 112 -4.06 3.29 5.09
C ASP B 112 -3.18 3.80 3.94
N ILE B 113 -2.28 4.73 4.26
CA ILE B 113 -1.56 5.49 3.24
C ILE B 113 -0.69 4.59 2.37
N MET B 114 -0.01 3.61 2.98
CA MET B 114 0.96 2.81 2.25
C MET B 114 0.29 1.87 1.25
N GLN B 115 -0.85 1.29 1.61
CA GLN B 115 -1.49 0.29 0.76
C GLN B 115 -2.32 0.90 -0.36
N MET B 116 -2.49 2.23 -0.40
CA MET B 116 -3.31 2.85 -1.42
C MET B 116 -2.61 3.00 -2.76
N GLU B 117 -1.39 2.49 -2.93
CA GLU B 117 -0.67 2.68 -4.19
C GLU B 117 -1.39 1.99 -5.34
N GLU B 118 -1.85 0.76 -5.14
CA GLU B 118 -2.54 0.02 -6.19
C GLU B 118 -3.99 0.47 -6.41
N PRO B 119 -4.80 0.73 -5.37
CA PRO B 119 -6.13 1.31 -5.65
C PRO B 119 -6.07 2.69 -6.27
N LEU B 120 -5.14 3.56 -5.83
CA LEU B 120 -4.97 4.84 -6.50
C LEU B 120 -4.46 4.63 -7.92
N SER B 121 -3.67 3.59 -8.14
CA SER B 121 -3.21 3.26 -9.50
C SER B 121 -4.37 2.90 -10.41
N VAL B 122 -5.32 2.09 -9.92
CA VAL B 122 -6.43 1.72 -10.80
C VAL B 122 -7.40 2.90 -10.99
N ILE B 123 -7.57 3.74 -9.96
CA ILE B 123 -8.42 4.93 -10.09
C ILE B 123 -7.82 5.89 -11.11
N MET B 124 -6.52 6.15 -11.01
CA MET B 124 -5.87 7.01 -11.99
C MET B 124 -5.72 6.33 -13.35
N GLY B 125 -5.78 5.00 -13.40
CA GLY B 125 -5.79 4.33 -14.68
C GLY B 125 -7.09 4.55 -15.43
N ILE B 126 -8.23 4.50 -14.73
CA ILE B 126 -9.48 4.81 -15.42
C ILE B 126 -9.60 6.31 -15.68
N LEU B 127 -8.96 7.15 -14.85
CA LEU B 127 -8.85 8.57 -15.16
C LEU B 127 -8.05 8.79 -16.44
N ARG B 128 -6.96 8.05 -16.61
CA ARG B 128 -6.15 8.16 -17.82
C ARG B 128 -6.90 7.61 -19.03
N LYS B 129 -7.71 6.56 -18.83
CA LYS B 129 -8.55 6.05 -19.90
C LYS B 129 -9.58 7.07 -20.35
N HIS B 130 -10.10 7.87 -19.42
CA HIS B 130 -11.02 8.95 -19.79
C HIS B 130 -10.31 10.24 -20.18
N GLN B 131 -8.98 10.18 -20.39
CA GLN B 131 -8.18 11.31 -20.86
C GLN B 131 -8.29 12.53 -19.94
N GLN B 132 -7.84 12.34 -18.71
CA GLN B 132 -7.80 13.42 -17.74
C GLN B 132 -6.35 13.92 -17.60
N VAL B 133 -6.15 15.20 -17.84
CA VAL B 133 -4.83 15.80 -17.82
C VAL B 133 -4.54 16.48 -16.50
N CYS B 134 -5.52 17.19 -15.94
CA CYS B 134 -5.32 17.97 -14.73
C CYS B 134 -5.67 17.17 -13.49
N LEU B 135 -4.85 17.32 -12.45
CA LEU B 135 -5.13 16.79 -11.14
C LEU B 135 -4.49 17.71 -10.12
N ASP B 136 -5.26 18.14 -9.13
CA ASP B 136 -4.75 19.03 -8.09
C ASP B 136 -3.85 18.25 -7.15
N TRP B 137 -2.55 18.22 -7.45
CA TRP B 137 -1.60 17.44 -6.66
C TRP B 137 -1.45 18.04 -5.26
N VAL B 138 -1.50 19.37 -5.14
CA VAL B 138 -1.44 19.99 -3.82
C VAL B 138 -2.69 19.67 -3.01
N GLY B 139 -3.86 19.75 -3.63
CA GLY B 139 -5.10 19.41 -2.94
C GLY B 139 -5.15 17.94 -2.55
N LEU B 140 -4.76 17.05 -3.45
CA LEU B 140 -4.69 15.64 -3.12
C LEU B 140 -3.69 15.38 -2.01
N THR B 141 -2.56 16.09 -2.02
CA THR B 141 -1.53 15.85 -1.02
C THR B 141 -1.98 16.32 0.36
N ASP B 142 -2.65 17.48 0.46
CA ASP B 142 -3.01 17.90 1.82
C ASP B 142 -4.34 17.31 2.29
N VAL B 143 -5.11 16.66 1.40
CA VAL B 143 -6.17 15.81 1.93
C VAL B 143 -5.67 14.40 2.23
N LEU B 144 -4.52 14.00 1.68
CA LEU B 144 -3.95 12.70 1.98
C LEU B 144 -3.04 12.69 3.20
N SER B 145 -2.36 13.80 3.48
CA SER B 145 -1.52 13.86 4.68
C SER B 145 -2.35 13.90 5.94
N PHE B 146 -3.63 14.28 5.85
CA PHE B 146 -4.56 14.22 6.95
C PHE B 146 -5.67 13.20 6.68
N TRP B 147 -5.35 12.12 5.96
CA TRP B 147 -6.36 11.14 5.58
C TRP B 147 -6.89 10.34 6.76
N GLU B 148 -6.22 10.39 7.90
CA GLU B 148 -6.65 9.57 9.03
C GLU B 148 -7.76 10.19 9.87
N GLN B 149 -8.12 11.45 9.64
CA GLN B 149 -9.26 12.04 10.32
C GLN B 149 -10.48 11.96 9.40
N GLU B 150 -11.56 11.41 9.93
CA GLU B 150 -12.81 11.15 9.22
C GLU B 150 -13.56 12.36 8.67
N PRO B 151 -13.46 13.58 9.27
CA PRO B 151 -14.06 14.74 8.60
C PRO B 151 -13.60 14.99 7.17
N VAL B 152 -12.30 14.85 6.88
CA VAL B 152 -11.86 15.13 5.51
C VAL B 152 -12.27 13.99 4.58
N LYS B 153 -12.36 12.75 5.10
CA LYS B 153 -12.86 11.63 4.29
C LYS B 153 -14.33 11.83 3.95
N ARG B 154 -15.13 12.25 4.92
CA ARG B 154 -16.54 12.51 4.66
C ARG B 154 -16.73 13.72 3.75
N GLU B 155 -15.86 14.73 3.88
CA GLU B 155 -15.93 15.87 2.97
C GLU B 155 -15.58 15.47 1.54
N TRP B 156 -14.58 14.60 1.38
CA TRP B 156 -14.22 14.08 0.06
C TRP B 156 -15.36 13.25 -0.53
N SER B 157 -15.99 12.41 0.30
CA SER B 157 -17.13 11.62 -0.17
C SER B 157 -18.31 12.52 -0.53
N ASP B 158 -18.59 13.53 0.29
CA ASP B 158 -19.68 14.44 -0.02
C ASP B 158 -19.39 15.29 -1.25
N SER B 159 -18.10 15.55 -1.53
CA SER B 159 -17.74 16.17 -2.79
C SER B 159 -18.05 15.25 -3.96
N PHE B 160 -17.80 13.95 -3.81
CA PHE B 160 -18.21 12.98 -4.83
C PHE B 160 -19.73 12.99 -5.02
N ILE B 161 -20.48 13.00 -3.92
CA ILE B 161 -21.95 13.09 -4.00
C ILE B 161 -22.38 14.37 -4.71
N LYS B 162 -21.77 15.50 -4.36
CA LYS B 162 -22.16 16.77 -4.95
C LYS B 162 -21.85 16.81 -6.43
N ALA B 163 -20.71 16.25 -6.84
CA ALA B 163 -20.38 16.20 -8.26
C ALA B 163 -21.24 15.18 -9.01
N TYR B 164 -21.72 14.14 -8.31
CA TYR B 164 -22.57 13.16 -8.96
C TYR B 164 -23.99 13.68 -9.19
N LYS B 165 -24.57 14.38 -8.21
CA LYS B 165 -25.92 14.89 -8.39
C LYS B 165 -26.00 16.05 -9.36
N ILE B 166 -24.88 16.68 -9.70
CA ILE B 166 -24.89 17.74 -10.70
C ILE B 166 -24.46 17.19 -12.05
N MET C 1 -14.86 -28.03 34.61
CA MET C 1 -13.57 -27.75 34.00
C MET C 1 -13.78 -27.57 32.50
N LEU C 2 -13.17 -26.54 31.91
CA LEU C 2 -13.45 -26.19 30.53
C LEU C 2 -12.15 -25.99 29.76
N ILE C 3 -12.19 -26.32 28.47
CA ILE C 3 -11.00 -26.38 27.62
C ILE C 3 -11.09 -25.32 26.54
N GLU C 4 -10.00 -24.59 26.33
CA GLU C 4 -9.88 -23.58 25.28
C GLU C 4 -9.04 -24.13 24.14
N ILE C 5 -9.48 -23.91 22.91
CA ILE C 5 -8.75 -24.32 21.72
C ILE C 5 -8.70 -23.13 20.77
N HIS C 6 -7.50 -22.60 20.53
CA HIS C 6 -7.30 -21.40 19.73
C HIS C 6 -6.55 -21.77 18.46
N MET C 7 -6.99 -21.23 17.32
CA MET C 7 -6.20 -21.34 16.09
C MET C 7 -5.99 -20.01 15.38
N ILE C 8 -4.90 -19.98 14.62
CA ILE C 8 -4.51 -18.87 13.77
C ILE C 8 -4.31 -19.49 12.39
N GLN C 9 -5.29 -19.33 11.51
CA GLN C 9 -5.27 -19.97 10.21
C GLN C 9 -5.16 -18.92 9.12
N ASN C 10 -4.16 -19.07 8.25
CA ASN C 10 -4.06 -18.27 7.05
C ASN C 10 -4.70 -19.08 5.94
N HIS C 11 -5.48 -18.42 5.09
CA HIS C 11 -6.23 -19.11 4.06
C HIS C 11 -5.92 -18.54 2.68
N SER C 12 -5.99 -19.41 1.68
CA SER C 12 -5.91 -19.01 0.29
C SER C 12 -7.13 -18.16 -0.06
N PRO C 13 -7.06 -17.37 -1.16
CA PRO C 13 -8.24 -16.61 -1.62
C PRO C 13 -9.49 -17.47 -1.75
N ALA C 14 -10.46 -17.22 -0.87
CA ALA C 14 -11.59 -18.11 -0.73
C ALA C 14 -12.81 -17.34 -0.23
N ASN C 15 -13.97 -17.96 -0.40
CA ASN C 15 -15.25 -17.44 0.10
C ASN C 15 -15.90 -18.57 0.88
N LEU C 16 -15.53 -18.70 2.15
CA LEU C 16 -16.06 -19.77 2.98
C LEU C 16 -17.43 -19.44 3.56
N ASN C 17 -17.83 -18.17 3.55
CA ASN C 17 -19.13 -17.77 4.09
C ASN C 17 -19.59 -16.50 3.41
N ARG C 18 -20.88 -16.42 3.14
CA ARG C 18 -21.47 -15.26 2.51
C ARG C 18 -22.78 -14.91 3.18
N ASP C 19 -23.17 -13.65 3.05
CA ASP C 19 -24.46 -13.16 3.53
C ASP C 19 -25.48 -13.33 2.39
N ASP C 20 -26.64 -12.66 2.51
CA ASP C 20 -27.68 -12.80 1.50
C ASP C 20 -27.22 -12.24 0.15
N LEU C 21 -26.41 -11.18 0.16
CA LEU C 21 -25.92 -10.58 -1.07
C LEU C 21 -24.68 -11.26 -1.63
N GLY C 22 -24.05 -12.15 -0.87
CA GLY C 22 -22.89 -12.88 -1.34
C GLY C 22 -21.55 -12.34 -0.90
N ALA C 23 -21.52 -11.34 -0.03
CA ALA C 23 -20.25 -10.79 0.42
C ALA C 23 -19.71 -11.63 1.59
N PRO C 24 -18.39 -11.75 1.71
CA PRO C 24 -17.82 -12.38 2.91
C PRO C 24 -18.15 -11.56 4.14
N LYS C 25 -18.35 -12.26 5.26
CA LYS C 25 -18.84 -11.62 6.47
C LYS C 25 -17.78 -10.72 7.07
N THR C 26 -18.21 -9.55 7.53
CA THR C 26 -17.31 -8.54 8.09
C THR C 26 -17.83 -8.05 9.42
N CYS C 27 -16.90 -7.73 10.31
CA CYS C 27 -17.22 -7.18 11.62
C CYS C 27 -16.29 -6.01 11.92
N TYR C 28 -16.82 -5.04 12.67
CA TYR C 28 -16.07 -3.82 12.98
C TYR C 28 -15.43 -3.99 14.35
N PHE C 29 -14.34 -4.73 14.38
CA PHE C 29 -13.60 -4.99 15.62
C PHE C 29 -12.44 -4.03 15.73
N GLY C 30 -12.40 -3.28 16.83
CA GLY C 30 -11.32 -2.34 17.06
C GLY C 30 -11.34 -1.13 16.15
N GLY C 31 -12.50 -0.76 15.62
CA GLY C 31 -12.62 0.41 14.79
C GLY C 31 -12.26 0.20 13.33
N VAL C 32 -11.89 -1.02 12.93
CA VAL C 32 -11.52 -1.32 11.56
C VAL C 32 -12.26 -2.56 11.09
N LEU C 33 -12.31 -2.73 9.78
CA LEU C 33 -13.02 -3.85 9.17
C LEU C 33 -12.20 -5.13 9.30
N ARG C 34 -12.79 -6.17 9.87
CA ARG C 34 -12.17 -7.47 10.01
C ARG C 34 -13.01 -8.52 9.31
N SER C 35 -12.36 -9.37 8.53
CA SER C 35 -13.07 -10.46 7.87
C SER C 35 -13.55 -11.48 8.90
N ARG C 36 -14.75 -12.00 8.68
CA ARG C 36 -15.42 -12.85 9.65
C ARG C 36 -15.88 -14.14 8.99
N ILE C 37 -15.73 -15.24 9.72
CA ILE C 37 -16.35 -16.51 9.37
C ILE C 37 -17.34 -16.85 10.47
N SER C 38 -18.58 -17.15 10.08
CA SER C 38 -19.63 -17.40 11.06
C SER C 38 -19.34 -18.64 11.89
N SER C 39 -19.71 -18.58 13.17
CA SER C 39 -19.47 -19.70 14.08
C SER C 39 -20.29 -20.92 13.68
N GLN C 40 -21.52 -20.70 13.22
CA GLN C 40 -22.40 -21.80 12.85
C GLN C 40 -21.87 -22.57 11.65
N CYS C 41 -21.18 -21.90 10.73
CA CYS C 41 -20.58 -22.60 9.59
C CYS C 41 -19.46 -23.53 10.05
N ILE C 42 -18.62 -23.05 10.97
CA ILE C 42 -17.56 -23.88 11.52
C ILE C 42 -18.15 -25.07 12.27
N LYS C 43 -19.18 -24.82 13.08
CA LYS C 43 -19.83 -25.89 13.83
C LYS C 43 -20.44 -26.93 12.88
N ARG C 44 -21.03 -26.47 11.78
CA ARG C 44 -21.63 -27.41 10.83
C ARG C 44 -20.55 -28.20 10.09
N SER C 45 -19.46 -27.55 9.68
CA SER C 45 -18.42 -28.27 8.95
C SER C 45 -17.71 -29.28 9.84
N ILE C 46 -17.57 -28.96 11.13
CA ILE C 46 -16.99 -29.92 12.06
C ILE C 46 -17.98 -31.03 12.39
N ARG C 47 -19.28 -30.71 12.36
CA ARG C 47 -20.31 -31.73 12.49
C ARG C 47 -20.26 -32.73 11.34
N THR C 48 -20.13 -32.22 10.11
CA THR C 48 -20.15 -33.07 8.92
C THR C 48 -18.76 -33.57 8.54
N SER C 49 -17.77 -33.39 9.41
CA SER C 49 -16.40 -33.78 9.11
C SER C 49 -16.28 -35.30 9.01
N ASN C 50 -15.24 -35.73 8.28
CA ASN C 50 -15.08 -37.13 7.92
C ASN C 50 -14.60 -38.00 9.08
N ASP C 51 -14.29 -37.42 10.23
CA ASP C 51 -13.91 -38.19 11.42
C ASP C 51 -14.99 -38.24 12.47
N PHE C 52 -16.04 -37.42 12.36
CA PHE C 52 -17.16 -37.43 13.27
C PHE C 52 -18.19 -38.50 12.92
N LYS C 53 -17.96 -39.28 11.85
CA LYS C 53 -18.97 -40.21 11.35
C LYS C 53 -19.28 -41.33 12.34
N ALA C 54 -18.33 -41.67 13.22
CA ALA C 54 -18.63 -42.59 14.31
C ALA C 54 -19.46 -41.93 15.41
N LEU C 55 -19.47 -40.60 15.47
CA LEU C 55 -20.19 -39.86 16.49
C LEU C 55 -21.32 -38.99 15.96
N LEU C 56 -21.46 -38.88 14.64
CA LEU C 56 -22.53 -38.06 14.06
C LEU C 56 -23.86 -38.76 14.28
N GLY C 57 -24.59 -38.33 15.30
CA GLY C 57 -25.82 -38.99 15.67
C GLY C 57 -26.96 -38.04 15.98
N GLY C 58 -26.99 -36.90 15.30
CA GLY C 58 -28.07 -35.95 15.47
C GLY C 58 -28.65 -35.55 14.13
N VAL C 59 -29.97 -35.39 14.10
CA VAL C 59 -30.70 -35.03 12.88
C VAL C 59 -31.58 -33.82 13.16
N ARG C 60 -31.55 -32.86 12.24
CA ARG C 60 -32.31 -31.61 12.33
C ARG C 60 -33.26 -31.56 11.14
N THR C 61 -34.43 -32.18 11.29
CA THR C 61 -35.32 -32.36 10.15
C THR C 61 -36.72 -31.87 10.48
N ARG C 62 -37.40 -31.41 9.43
CA ARG C 62 -38.85 -31.21 9.46
C ARG C 62 -39.60 -32.34 8.79
N ARG C 63 -38.91 -33.19 8.04
CA ARG C 63 -39.51 -34.34 7.35
C ARG C 63 -39.37 -35.60 8.19
N LEU C 64 -39.92 -35.55 9.40
CA LEU C 64 -39.89 -36.71 10.29
C LEU C 64 -40.76 -37.84 9.74
N ALA C 65 -41.91 -37.51 9.16
CA ALA C 65 -42.79 -38.52 8.59
C ALA C 65 -42.13 -39.21 7.40
N ASP C 66 -41.31 -38.48 6.64
CA ASP C 66 -40.53 -39.11 5.57
C ASP C 66 -39.54 -40.11 6.14
N LEU C 67 -38.91 -39.77 7.27
CA LEU C 67 -37.99 -40.69 7.92
C LEU C 67 -38.71 -41.94 8.41
N ILE C 68 -39.94 -41.79 8.89
CA ILE C 68 -40.73 -42.95 9.28
C ILE C 68 -41.09 -43.79 8.05
N GLN C 69 -41.49 -43.13 6.95
CA GLN C 69 -41.96 -43.85 5.78
C GLN C 69 -40.83 -44.56 5.03
N GLN C 70 -39.60 -44.07 5.18
CA GLN C 70 -38.48 -44.72 4.49
C GLN C 70 -38.24 -46.13 5.01
N GLU C 71 -38.34 -46.34 6.32
CA GLU C 71 -38.09 -47.63 6.95
C GLU C 71 -39.38 -48.39 7.17
N ALA C 72 -40.11 -48.61 6.08
CA ALA C 72 -41.34 -49.40 6.09
C ALA C 72 -41.53 -49.94 4.69
N GLY C 73 -41.33 -51.24 4.51
CA GLY C 73 -41.34 -51.81 3.17
C GLY C 73 -42.70 -51.76 2.50
N GLU C 74 -43.75 -52.12 3.24
CA GLU C 74 -45.09 -52.19 2.66
C GLU C 74 -46.15 -51.55 3.53
N THR C 75 -45.83 -51.14 4.75
CA THR C 75 -46.82 -50.56 5.67
C THR C 75 -46.75 -49.04 5.50
N GLU C 76 -47.60 -48.51 4.63
CA GLU C 76 -47.63 -47.07 4.36
C GLU C 76 -48.27 -46.35 5.53
N CYS C 77 -47.45 -45.65 6.32
CA CYS C 77 -47.92 -44.82 7.43
C CYS C 77 -47.28 -43.44 7.24
N TRP C 78 -47.93 -42.60 6.43
CA TRP C 78 -47.43 -41.26 6.17
C TRP C 78 -48.49 -40.17 6.30
N LYS C 79 -49.78 -40.49 6.14
CA LYS C 79 -50.84 -39.58 6.58
C LYS C 79 -51.15 -39.72 8.07
N LYS C 80 -51.18 -40.96 8.58
CA LYS C 80 -51.36 -41.16 10.02
C LYS C 80 -50.19 -40.56 10.79
N ALA C 81 -48.97 -40.76 10.29
CA ALA C 81 -47.79 -40.14 10.88
C ALA C 81 -47.89 -38.63 10.81
N GLN C 82 -48.38 -38.09 9.69
CA GLN C 82 -48.48 -36.64 9.54
C GLN C 82 -49.48 -36.04 10.52
N GLU C 83 -50.62 -36.70 10.73
CA GLU C 83 -51.58 -36.15 11.67
C GLU C 83 -51.14 -36.33 13.11
N ILE C 84 -50.42 -37.42 13.42
CA ILE C 84 -49.82 -37.60 14.74
C ILE C 84 -48.84 -36.47 15.02
N LEU C 85 -47.99 -36.15 14.04
CA LEU C 85 -47.06 -35.04 14.17
C LEU C 85 -47.77 -33.70 14.25
N ASN C 86 -48.86 -33.53 13.49
CA ASN C 86 -49.56 -32.26 13.45
C ASN C 86 -50.28 -31.95 14.75
N LYS C 87 -50.72 -32.97 15.47
CA LYS C 87 -51.23 -32.72 16.81
C LYS C 87 -50.18 -32.93 17.90
N CYS C 88 -48.95 -33.30 17.53
CA CYS C 88 -47.85 -33.28 18.50
C CYS C 88 -47.56 -31.86 18.98
N GLY C 89 -47.80 -30.87 18.14
CA GLY C 89 -47.51 -29.48 18.46
C GLY C 89 -46.96 -28.74 17.27
N PHE C 90 -46.26 -29.44 16.40
CA PHE C 90 -45.82 -28.86 15.14
C PHE C 90 -47.02 -28.68 14.22
N LYS C 91 -47.05 -27.55 13.51
CA LYS C 91 -48.27 -27.11 12.81
C LYS C 91 -47.99 -26.86 11.34
N ASN C 92 -48.29 -27.84 10.51
CA ASN C 92 -48.39 -27.66 9.05
C ASN C 92 -49.15 -28.81 8.43
N THR C 97 -42.98 -29.10 6.07
CA THR C 97 -44.10 -29.90 6.53
C THR C 97 -44.27 -29.77 8.04
N LYS C 98 -43.29 -29.12 8.66
CA LYS C 98 -43.28 -28.79 10.09
C LYS C 98 -42.16 -27.77 10.29
N MET C 99 -41.82 -27.49 11.53
CA MET C 99 -40.63 -26.72 11.83
C MET C 99 -39.45 -27.68 12.04
N LEU C 100 -38.29 -27.11 12.39
CA LEU C 100 -37.07 -27.89 12.49
C LEU C 100 -37.00 -28.57 13.85
N VAL C 101 -36.73 -29.88 13.85
CA VAL C 101 -36.74 -30.68 15.07
C VAL C 101 -35.40 -31.40 15.19
N PHE C 102 -34.77 -31.27 16.36
CA PHE C 102 -33.47 -31.90 16.65
C PHE C 102 -33.65 -33.14 17.51
N MET C 103 -32.95 -34.21 17.16
CA MET C 103 -33.05 -35.51 17.83
C MET C 103 -31.90 -36.40 17.39
N SER C 104 -31.81 -37.56 18.06
CA SER C 104 -30.91 -38.63 17.61
C SER C 104 -31.53 -39.37 16.43
N LYS C 105 -30.66 -39.88 15.55
CA LYS C 105 -31.13 -40.43 14.27
C LYS C 105 -31.67 -41.84 14.42
N ASP C 106 -30.81 -42.78 14.85
CA ASP C 106 -31.20 -44.19 14.88
C ASP C 106 -32.29 -44.44 15.91
N LYS C 107 -32.21 -43.74 17.05
CA LYS C 107 -33.21 -43.90 18.11
C LYS C 107 -34.60 -43.54 17.60
N ILE C 108 -34.73 -42.35 16.99
CA ILE C 108 -36.03 -41.96 16.46
C ILE C 108 -36.46 -42.91 15.34
N LYS C 109 -35.51 -43.36 14.53
CA LYS C 109 -35.82 -44.24 13.40
C LYS C 109 -36.51 -45.51 13.88
N ASP C 110 -35.79 -46.33 14.64
CA ASP C 110 -36.34 -47.62 15.03
C ASP C 110 -37.51 -47.46 15.99
N LEU C 111 -37.36 -46.64 17.04
CA LEU C 111 -38.39 -46.76 18.06
C LEU C 111 -39.59 -45.87 17.76
N ALA C 112 -39.43 -44.79 16.99
CA ALA C 112 -40.61 -44.12 16.46
C ALA C 112 -41.32 -44.98 15.43
N ARG C 113 -40.58 -45.81 14.67
CA ARG C 113 -41.25 -46.76 13.80
C ARG C 113 -42.10 -47.75 14.58
N ILE C 114 -41.56 -48.29 15.67
CA ILE C 114 -42.34 -49.26 16.43
C ILE C 114 -43.49 -48.60 17.21
N VAL C 115 -43.33 -47.34 17.63
CA VAL C 115 -44.36 -46.68 18.39
C VAL C 115 -45.41 -46.00 17.51
N LEU C 116 -45.17 -45.91 16.20
CA LEU C 116 -46.12 -45.25 15.32
C LEU C 116 -47.04 -46.23 14.59
N ASP C 117 -46.54 -47.41 14.23
CA ASP C 117 -47.28 -48.30 13.34
C ASP C 117 -48.46 -48.97 14.03
N ASN C 118 -48.37 -49.18 15.34
CA ASN C 118 -49.40 -49.93 16.05
C ASN C 118 -50.71 -49.15 16.09
N SER C 119 -51.81 -49.86 15.81
CA SER C 119 -53.14 -49.24 15.80
C SER C 119 -53.76 -49.35 17.19
N LEU C 120 -53.22 -48.56 18.12
CA LEU C 120 -53.68 -48.54 19.49
C LEU C 120 -54.23 -47.20 19.94
N GLY C 121 -54.01 -46.13 19.19
CA GLY C 121 -54.51 -44.82 19.54
C GLY C 121 -54.03 -43.78 18.58
N LEU C 122 -54.51 -42.55 18.81
CA LEU C 122 -54.15 -41.44 17.93
C LEU C 122 -53.71 -40.25 18.78
N THR C 123 -54.30 -40.09 19.97
CA THR C 123 -53.92 -39.00 20.85
C THR C 123 -52.71 -39.36 21.68
N GLU C 124 -52.78 -40.48 22.42
CA GLU C 124 -51.64 -40.95 23.18
C GLU C 124 -50.49 -41.37 22.28
N ALA C 125 -50.77 -41.72 21.02
CA ALA C 125 -49.69 -41.95 20.07
C ALA C 125 -48.88 -40.69 19.83
N ALA C 126 -49.55 -39.55 19.65
CA ALA C 126 -48.85 -38.28 19.50
C ALA C 126 -48.14 -37.91 20.79
N GLN C 127 -48.76 -38.17 21.94
CA GLN C 127 -48.11 -37.86 23.22
C GLN C 127 -46.83 -38.66 23.40
N GLN C 128 -46.85 -39.95 23.10
CA GLN C 128 -45.65 -40.75 23.28
C GLN C 128 -44.62 -40.47 22.20
N VAL C 129 -45.06 -40.09 20.99
CA VAL C 129 -44.11 -39.63 19.99
C VAL C 129 -43.38 -38.38 20.48
N ALA C 130 -44.13 -37.44 21.05
CA ALA C 130 -43.52 -36.23 21.60
C ALA C 130 -42.57 -36.54 22.75
N ASN C 131 -42.94 -37.50 23.61
CA ASN C 131 -42.03 -37.90 24.69
C ASN C 131 -40.76 -38.55 24.17
N VAL C 132 -40.88 -39.35 23.10
CA VAL C 132 -39.71 -39.95 22.48
C VAL C 132 -38.80 -38.87 21.87
N ILE C 133 -39.40 -37.86 21.26
CA ILE C 133 -38.65 -36.72 20.74
C ILE C 133 -37.94 -35.99 21.88
N ALA C 134 -38.64 -35.76 22.99
CA ALA C 134 -38.07 -34.97 24.08
C ALA C 134 -36.99 -35.71 24.84
N GLN C 135 -37.08 -37.04 24.91
CA GLN C 135 -36.08 -37.82 25.62
C GLN C 135 -34.86 -38.12 24.77
N ALA C 136 -34.86 -37.72 23.50
CA ALA C 136 -33.76 -38.02 22.59
C ALA C 136 -32.58 -37.11 22.90
N THR C 137 -31.84 -37.48 23.95
CA THR C 137 -30.64 -36.77 24.35
C THR C 137 -29.39 -37.64 24.20
N LEU C 138 -29.55 -38.92 23.84
CA LEU C 138 -28.41 -39.82 23.67
C LEU C 138 -27.79 -39.54 22.30
N ALA C 139 -27.10 -38.41 22.24
CA ALA C 139 -26.30 -37.97 21.09
C ALA C 139 -25.43 -36.82 21.56
N PRO C 140 -24.12 -36.88 21.29
CA PRO C 140 -23.22 -35.83 21.80
C PRO C 140 -23.15 -34.61 20.92
N ASP C 141 -23.61 -34.69 19.68
CA ASP C 141 -23.69 -33.48 18.84
C ASP C 141 -24.79 -32.56 19.33
N ILE C 142 -25.91 -33.13 19.80
CA ILE C 142 -26.92 -32.34 20.50
C ILE C 142 -26.34 -31.78 21.79
N ALA C 143 -25.51 -32.56 22.47
CA ALA C 143 -24.90 -32.14 23.72
C ALA C 143 -23.92 -30.99 23.50
N LEU C 144 -23.29 -30.93 22.33
CA LEU C 144 -22.34 -29.87 22.04
C LEU C 144 -23.03 -28.62 21.50
N CYS C 145 -23.83 -28.76 20.44
CA CYS C 145 -24.44 -27.61 19.80
C CYS C 145 -25.63 -27.05 20.59
N GLY C 146 -26.39 -27.92 21.26
CA GLY C 146 -27.53 -27.47 22.05
C GLY C 146 -28.83 -27.51 21.27
N ARG C 147 -29.93 -27.70 22.01
CA ARG C 147 -31.24 -27.82 21.39
C ARG C 147 -32.34 -27.51 22.38
N MET C 148 -33.25 -26.62 21.99
CA MET C 148 -34.56 -26.46 22.59
C MET C 148 -35.62 -26.86 21.57
N LEU C 149 -36.85 -27.03 22.05
CA LEU C 149 -37.96 -27.34 21.17
C LEU C 149 -39.22 -26.65 21.67
N GLU C 150 -39.81 -25.79 20.84
CA GLU C 150 -41.04 -25.09 21.19
C GLU C 150 -42.16 -25.40 20.20
N PRO C 151 -43.09 -26.27 20.57
CA PRO C 151 -44.27 -26.52 19.73
C PRO C 151 -45.30 -25.40 19.89
N ASN C 152 -46.24 -25.38 18.95
CA ASN C 152 -47.32 -24.40 19.00
C ASN C 152 -48.29 -24.73 20.13
N ASP C 153 -49.01 -23.71 20.58
CA ASP C 153 -50.10 -23.89 21.54
C ASP C 153 -51.48 -23.81 20.91
N LYS C 154 -51.56 -23.53 19.60
CA LYS C 154 -52.84 -23.43 18.91
C LYS C 154 -53.22 -24.75 18.24
N ASP C 155 -52.37 -25.24 17.34
CA ASP C 155 -52.62 -26.50 16.63
C ASP C 155 -52.05 -27.65 17.46
N LYS C 156 -52.78 -28.01 18.50
CA LYS C 156 -52.38 -29.07 19.42
C LYS C 156 -53.64 -29.59 20.10
N ASP C 157 -53.46 -30.44 21.11
CA ASP C 157 -54.55 -30.89 21.96
C ASP C 157 -54.28 -30.47 23.39
N LYS C 158 -55.36 -30.27 24.15
CA LYS C 158 -55.22 -29.90 25.55
C LYS C 158 -54.72 -31.06 26.40
N LYS C 159 -54.78 -32.29 25.89
CA LYS C 159 -54.31 -33.47 26.60
C LYS C 159 -52.88 -33.85 26.27
N VAL C 160 -52.20 -33.07 25.44
CA VAL C 160 -50.83 -33.35 25.02
C VAL C 160 -49.92 -32.36 25.73
N LYS C 161 -48.93 -32.88 26.46
CA LYS C 161 -47.98 -32.08 27.20
C LYS C 161 -46.58 -32.26 26.62
N TRP C 162 -45.67 -31.41 27.06
CA TRP C 162 -44.27 -31.47 26.65
C TRP C 162 -43.38 -31.38 27.89
N SER C 163 -42.41 -32.27 27.98
CA SER C 163 -41.47 -32.22 29.09
C SER C 163 -40.45 -31.12 28.86
N ASN C 164 -39.62 -30.88 29.88
CA ASN C 164 -38.61 -29.84 29.82
C ASN C 164 -37.55 -30.22 28.80
N THR C 165 -37.42 -29.43 27.74
CA THR C 165 -36.50 -29.70 26.63
C THR C 165 -35.20 -28.94 26.78
N THR C 166 -34.73 -28.81 28.02
CA THR C 166 -33.54 -28.01 28.33
C THR C 166 -32.28 -28.80 27.98
N VAL C 167 -31.57 -28.35 26.95
CA VAL C 167 -30.26 -28.89 26.62
C VAL C 167 -29.33 -27.71 26.40
N GLU C 168 -28.26 -27.64 27.19
CA GLU C 168 -27.30 -26.56 27.11
C GLU C 168 -26.18 -26.91 26.13
N ALA C 169 -25.71 -25.90 25.41
CA ALA C 169 -24.61 -26.09 24.48
C ALA C 169 -23.31 -26.21 25.25
N ALA C 170 -22.54 -27.26 24.96
CA ALA C 170 -21.23 -27.47 25.57
C ALA C 170 -20.09 -26.98 24.69
N LEU C 171 -20.35 -25.98 23.85
CA LEU C 171 -19.34 -25.47 22.93
C LEU C 171 -19.69 -24.04 22.57
N GLN C 172 -18.69 -23.15 22.65
CA GLN C 172 -18.84 -21.74 22.29
C GLN C 172 -17.83 -21.43 21.21
N VAL C 173 -18.19 -21.68 19.95
CA VAL C 173 -17.34 -21.34 18.83
C VAL C 173 -17.43 -19.84 18.59
N ALA C 174 -16.29 -19.18 18.55
CA ALA C 174 -16.26 -17.77 18.20
C ALA C 174 -16.18 -17.60 16.69
N HIS C 175 -16.56 -16.42 16.23
CA HIS C 175 -16.43 -16.09 14.82
C HIS C 175 -14.98 -15.78 14.51
N ALA C 176 -14.49 -16.31 13.39
CA ALA C 176 -13.09 -16.19 13.01
C ALA C 176 -12.80 -14.75 12.60
N ILE C 177 -12.11 -14.01 13.46
CA ILE C 177 -11.80 -12.60 13.22
C ILE C 177 -10.47 -12.52 12.50
N SER C 178 -10.44 -11.76 11.40
CA SER C 178 -9.19 -11.54 10.68
C SER C 178 -8.21 -10.75 11.54
N THR C 179 -6.93 -11.03 11.36
CA THR C 179 -5.87 -10.42 12.16
C THR C 179 -5.36 -9.11 11.57
N HIS C 180 -6.11 -8.51 10.66
CA HIS C 180 -5.68 -7.29 9.97
C HIS C 180 -6.90 -6.60 9.41
N ILE C 181 -6.66 -5.50 8.67
CA ILE C 181 -7.73 -4.85 7.92
C ILE C 181 -8.22 -5.83 6.86
N ALA C 182 -9.54 -6.00 6.81
CA ALA C 182 -10.12 -6.83 5.76
C ALA C 182 -9.97 -6.13 4.42
N ARG C 183 -9.45 -6.84 3.44
CA ARG C 183 -9.40 -6.38 2.06
C ARG C 183 -10.37 -7.24 1.25
N PRO C 184 -11.65 -6.88 1.20
CA PRO C 184 -12.58 -7.68 0.40
C PRO C 184 -12.31 -7.49 -1.09
N GLU C 185 -12.12 -8.60 -1.79
CA GLU C 185 -11.77 -8.58 -3.19
C GLU C 185 -12.97 -9.00 -4.03
N ILE C 186 -13.09 -8.38 -5.20
CA ILE C 186 -14.20 -8.61 -6.10
C ILE C 186 -13.72 -9.53 -7.21
N ASP C 187 -14.41 -10.66 -7.39
CA ASP C 187 -14.11 -11.59 -8.45
C ASP C 187 -15.12 -11.43 -9.57
N TYR C 188 -14.64 -11.31 -10.80
CA TYR C 188 -15.48 -11.16 -11.97
C TYR C 188 -15.41 -12.45 -12.77
N PHE C 189 -16.53 -13.16 -12.88
CA PHE C 189 -16.57 -14.39 -13.64
C PHE C 189 -17.64 -14.31 -14.72
N VAL C 190 -17.43 -15.08 -15.79
CA VAL C 190 -18.39 -15.26 -16.85
C VAL C 190 -18.74 -16.73 -16.94
N ALA C 191 -19.82 -17.04 -17.63
CA ALA C 191 -20.25 -18.41 -17.85
C ALA C 191 -20.25 -18.67 -19.35
N ALA C 192 -19.40 -19.61 -19.77
CA ALA C 192 -19.26 -19.89 -21.19
C ALA C 192 -20.45 -20.68 -21.70
N ASP C 193 -21.03 -20.22 -22.80
CA ASP C 193 -22.02 -21.01 -23.53
C ASP C 193 -21.28 -22.01 -24.41
N ASP C 194 -21.49 -23.30 -24.13
CA ASP C 194 -20.71 -24.35 -24.78
C ASP C 194 -20.96 -24.38 -26.29
N VAL C 195 -22.21 -24.26 -26.71
CA VAL C 195 -22.50 -24.17 -28.14
C VAL C 195 -22.16 -22.75 -28.59
N PRO C 196 -21.76 -22.54 -29.83
CA PRO C 196 -21.42 -21.19 -30.29
C PRO C 196 -22.68 -20.43 -30.71
N GLY C 197 -22.46 -19.19 -31.11
CA GLY C 197 -23.55 -18.35 -31.57
C GLY C 197 -23.01 -17.11 -32.26
N GLU C 198 -23.94 -16.25 -32.67
CA GLU C 198 -23.55 -15.00 -33.31
C GLU C 198 -22.87 -14.05 -32.33
N ASP C 199 -23.32 -14.03 -31.08
CA ASP C 199 -22.90 -12.96 -30.19
C ASP C 199 -21.48 -13.12 -29.67
N ALA C 200 -21.01 -14.36 -29.53
CA ALA C 200 -19.73 -14.69 -28.91
C ALA C 200 -19.63 -14.08 -27.51
N GLY C 201 -20.62 -14.36 -26.68
CA GLY C 201 -20.73 -13.82 -25.35
C GLY C 201 -20.91 -14.90 -24.30
N ALA C 202 -21.10 -14.43 -23.07
CA ALA C 202 -21.19 -15.31 -21.91
C ALA C 202 -22.64 -15.69 -21.62
N GLY C 203 -22.81 -16.91 -21.12
CA GLY C 203 -24.14 -17.34 -20.70
C GLY C 203 -24.65 -16.59 -19.49
N HIS C 204 -23.76 -16.31 -18.54
CA HIS C 204 -24.14 -15.59 -17.33
C HIS C 204 -22.93 -14.84 -16.79
N ILE C 205 -22.98 -13.52 -16.84
CA ILE C 205 -21.98 -12.67 -16.20
C ILE C 205 -22.42 -12.46 -14.77
N GLY C 206 -21.59 -12.87 -13.81
CA GLY C 206 -21.99 -12.95 -12.43
C GLY C 206 -21.03 -12.27 -11.48
N GLU C 207 -21.43 -12.23 -10.21
CA GLU C 207 -20.71 -11.56 -9.15
C GLU C 207 -20.32 -12.56 -8.07
N SER C 208 -19.04 -12.56 -7.71
CA SER C 208 -18.54 -13.34 -6.58
C SER C 208 -17.51 -12.49 -5.85
N MET C 209 -17.53 -12.57 -4.53
CA MET C 209 -16.59 -11.84 -3.70
C MET C 209 -15.81 -12.80 -2.83
N PHE C 210 -14.50 -12.65 -2.82
CA PHE C 210 -13.60 -13.53 -2.08
C PHE C 210 -12.67 -12.70 -1.21
N ALA C 211 -12.19 -13.31 -0.13
CA ALA C 211 -11.33 -12.62 0.82
C ALA C 211 -10.23 -13.57 1.28
N SER C 212 -8.99 -13.14 1.13
CA SER C 212 -7.83 -13.87 1.65
C SER C 212 -7.40 -13.21 2.95
N ALA C 213 -7.43 -13.96 4.04
CA ALA C 213 -7.17 -13.39 5.35
C ALA C 213 -6.57 -14.45 6.26
N CYS C 214 -5.87 -13.98 7.29
CA CYS C 214 -5.37 -14.83 8.36
C CYS C 214 -6.37 -14.75 9.50
N PHE C 215 -7.15 -15.81 9.66
CA PHE C 215 -8.28 -15.81 10.59
C PHE C 215 -7.82 -16.28 11.97
N TYR C 216 -8.17 -15.52 12.99
CA TYR C 216 -8.05 -16.00 14.37
C TYR C 216 -9.29 -16.82 14.70
N LYS C 217 -9.15 -18.13 14.68
CA LYS C 217 -10.24 -19.02 15.01
C LYS C 217 -10.19 -19.42 16.47
N TYR C 218 -11.35 -19.48 17.11
CA TYR C 218 -11.44 -19.66 18.55
C TYR C 218 -12.63 -20.55 18.89
N PHE C 219 -12.35 -21.66 19.57
CA PHE C 219 -13.38 -22.53 20.14
C PHE C 219 -13.15 -22.69 21.63
N SER C 220 -14.13 -23.31 22.29
CA SER C 220 -14.06 -23.53 23.74
C SER C 220 -14.97 -24.69 24.10
N ILE C 221 -14.46 -25.64 24.87
CA ILE C 221 -15.23 -26.80 25.33
C ILE C 221 -15.60 -26.56 26.79
N ASP C 222 -16.87 -26.77 27.12
CA ASP C 222 -17.28 -26.90 28.51
C ASP C 222 -17.39 -28.39 28.79
N TRP C 223 -16.27 -28.99 29.23
CA TRP C 223 -16.23 -30.43 29.46
C TRP C 223 -17.18 -30.83 30.58
N GLU C 224 -17.27 -30.01 31.63
CA GLU C 224 -18.23 -30.26 32.69
C GLU C 224 -19.65 -30.23 32.17
N GLN C 225 -19.97 -29.23 31.32
CA GLN C 225 -21.28 -29.25 30.66
C GLN C 225 -21.40 -30.43 29.71
N LEU C 226 -20.28 -30.78 29.04
CA LEU C 226 -20.29 -31.88 28.08
C LEU C 226 -20.61 -33.22 28.74
N VAL C 227 -20.36 -33.35 30.05
CA VAL C 227 -20.73 -34.59 30.72
C VAL C 227 -22.00 -34.42 31.56
N LYS C 228 -22.34 -33.20 31.97
CA LYS C 228 -23.66 -33.00 32.56
C LYS C 228 -24.80 -33.08 31.56
N ASN C 229 -24.55 -33.01 30.25
CA ASN C 229 -25.62 -33.31 29.30
C ASN C 229 -25.47 -34.66 28.61
N LEU C 230 -24.30 -35.30 28.71
CA LEU C 230 -24.08 -36.64 28.17
C LEU C 230 -24.11 -37.71 29.25
N LYS C 231 -24.92 -37.51 30.29
CA LYS C 231 -25.07 -38.41 31.43
C LYS C 231 -23.75 -38.77 32.10
N GLY C 232 -23.77 -39.78 32.98
CA GLY C 232 -22.65 -40.06 33.85
C GLY C 232 -21.38 -40.54 33.18
N ASP C 233 -21.45 -40.94 31.91
CA ASP C 233 -20.28 -41.49 31.25
C ASP C 233 -19.27 -40.40 30.89
N THR C 234 -18.00 -40.81 30.81
CA THR C 234 -16.92 -39.95 30.35
C THR C 234 -16.20 -40.48 29.11
N ASN C 235 -16.42 -41.75 28.75
CA ASN C 235 -15.78 -42.34 27.57
C ASN C 235 -16.22 -41.63 26.30
N LEU C 236 -17.55 -41.45 26.14
CA LEU C 236 -18.07 -40.73 24.98
C LEU C 236 -17.62 -39.27 24.98
N ALA C 237 -17.48 -38.67 26.17
CA ALA C 237 -17.02 -37.29 26.26
C ALA C 237 -15.59 -37.14 25.77
N ALA C 238 -14.70 -38.05 26.20
CA ALA C 238 -13.32 -38.00 25.75
C ALA C 238 -13.22 -38.30 24.27
N HIS C 239 -14.05 -39.23 23.77
CA HIS C 239 -14.05 -39.52 22.33
C HIS C 239 -14.51 -38.31 21.53
N THR C 240 -15.51 -37.58 22.03
CA THR C 240 -15.97 -36.40 21.32
C THR C 240 -14.95 -35.28 21.34
N VAL C 241 -14.25 -35.12 22.47
CA VAL C 241 -13.21 -34.08 22.54
C VAL C 241 -12.09 -34.39 21.56
N GLY C 242 -11.65 -35.65 21.51
CA GLY C 242 -10.64 -36.04 20.54
C GLY C 242 -11.13 -35.91 19.10
N ALA C 243 -12.39 -36.26 18.86
CA ALA C 243 -12.96 -36.15 17.52
C ALA C 243 -13.04 -34.70 17.07
N PHE C 244 -13.39 -33.78 17.98
CA PHE C 244 -13.45 -32.38 17.62
C PHE C 244 -12.04 -31.87 17.35
N LEU C 245 -11.07 -32.26 18.18
CA LEU C 245 -9.70 -31.79 17.96
C LEU C 245 -9.18 -32.22 16.60
N LEU C 246 -9.41 -33.49 16.24
CA LEU C 246 -9.03 -33.98 14.92
C LEU C 246 -9.79 -33.26 13.81
N ALA C 247 -11.11 -33.10 13.97
CA ALA C 247 -11.94 -32.49 12.92
C ALA C 247 -11.57 -31.04 12.69
N ALA C 248 -11.43 -30.26 13.76
CA ALA C 248 -11.09 -28.85 13.65
C ALA C 248 -9.71 -28.66 13.06
N ALA C 249 -8.74 -29.49 13.47
CA ALA C 249 -7.43 -29.40 12.85
C ALA C 249 -7.42 -29.94 11.42
N LYS C 250 -8.44 -30.70 11.01
CA LYS C 250 -8.40 -31.42 9.74
C LYS C 250 -9.41 -30.96 8.70
N THR C 251 -10.56 -30.42 9.11
CA THR C 251 -11.59 -30.05 8.14
C THR C 251 -11.71 -28.54 8.01
N ASN C 252 -12.32 -28.11 6.92
CA ASN C 252 -12.54 -26.71 6.60
C ASN C 252 -14.01 -26.49 6.27
N PRO C 253 -14.49 -25.25 6.42
CA PRO C 253 -15.88 -24.96 6.02
C PRO C 253 -16.13 -25.26 4.55
N SER C 254 -17.28 -25.88 4.28
CA SER C 254 -17.62 -26.32 2.93
C SER C 254 -18.37 -25.21 2.18
N GLY C 255 -17.69 -24.07 2.04
CA GLY C 255 -18.23 -22.98 1.26
C GLY C 255 -17.97 -23.18 -0.21
N LYS C 256 -17.47 -22.16 -0.89
CA LYS C 256 -17.12 -22.31 -2.29
C LYS C 256 -15.77 -22.98 -2.47
N GLN C 257 -15.61 -24.17 -1.87
CA GLN C 257 -14.36 -24.91 -1.98
C GLN C 257 -14.19 -25.55 -3.35
N ASN C 258 -15.28 -25.80 -4.06
CA ASN C 258 -15.16 -26.30 -5.43
C ASN C 258 -14.58 -25.25 -6.35
N SER C 259 -14.78 -23.97 -6.04
CA SER C 259 -14.21 -22.87 -6.80
C SER C 259 -12.98 -22.27 -6.17
N PHE C 260 -12.84 -22.36 -4.84
CA PHE C 260 -11.64 -21.92 -4.13
C PHE C 260 -11.23 -23.06 -3.20
N ALA C 261 -10.40 -23.98 -3.70
CA ALA C 261 -9.99 -25.14 -2.90
C ALA C 261 -8.92 -24.71 -1.89
N ALA C 262 -9.38 -23.95 -0.91
CA ALA C 262 -8.52 -23.47 0.17
C ALA C 262 -8.66 -24.44 1.33
N HIS C 263 -7.86 -25.49 1.31
CA HIS C 263 -7.86 -26.51 2.37
C HIS C 263 -6.62 -26.38 3.23
N ASN C 264 -6.18 -25.15 3.46
CA ASN C 264 -4.99 -24.91 4.26
C ASN C 264 -5.26 -25.22 5.72
N TYR C 265 -4.19 -25.49 6.46
CA TYR C 265 -4.32 -26.07 7.78
C TYR C 265 -3.94 -25.07 8.86
N PRO C 266 -4.46 -25.22 10.08
CA PRO C 266 -4.18 -24.24 11.13
C PRO C 266 -2.70 -24.19 11.51
N ASP C 267 -2.08 -23.04 11.30
CA ASP C 267 -0.70 -22.80 11.66
C ASP C 267 -0.52 -22.40 13.11
N GLY C 268 -1.41 -22.81 14.00
CA GLY C 268 -1.27 -22.51 15.41
C GLY C 268 -2.34 -23.12 16.27
N ILE C 269 -1.95 -23.74 17.38
CA ILE C 269 -2.90 -24.29 18.35
C ILE C 269 -2.47 -23.82 19.74
N LEU C 270 -3.41 -23.27 20.51
CA LEU C 270 -3.13 -22.83 21.88
C LEU C 270 -4.22 -23.41 22.79
N VAL C 271 -3.87 -24.45 23.53
CA VAL C 271 -4.78 -25.10 24.47
C VAL C 271 -4.33 -24.74 25.88
N GLU C 272 -5.19 -24.08 26.63
CA GLU C 272 -4.87 -23.63 27.98
C GLU C 272 -6.00 -24.00 28.92
N PHE C 273 -5.67 -24.69 30.01
CA PHE C 273 -6.63 -25.21 30.96
C PHE C 273 -6.78 -24.24 32.12
N LYS C 274 -7.99 -23.71 32.30
CA LYS C 274 -8.31 -22.78 33.38
C LYS C 274 -9.83 -22.71 33.53
N ASN C 275 -10.28 -22.00 34.55
CA ASN C 275 -11.71 -21.78 34.80
C ASN C 275 -12.17 -20.36 34.43
N SER C 276 -11.46 -19.70 33.53
CA SER C 276 -11.82 -18.35 33.08
C SER C 276 -11.26 -18.15 31.69
N PRO C 277 -12.07 -18.42 30.66
CA PRO C 277 -11.54 -18.45 29.29
C PRO C 277 -11.16 -17.06 28.77
N ILE C 278 -10.35 -17.06 27.71
CA ILE C 278 -9.89 -15.83 27.05
C ILE C 278 -9.72 -16.04 25.55
N SER C 279 -10.25 -15.10 24.77
CA SER C 279 -9.94 -14.95 23.35
C SER C 279 -8.79 -13.97 23.19
N TYR C 280 -7.85 -14.29 22.30
CA TYR C 280 -6.81 -13.32 21.96
C TYR C 280 -7.24 -12.42 20.80
N ALA C 281 -8.41 -11.81 20.95
CA ALA C 281 -8.81 -10.77 20.01
C ALA C 281 -8.08 -9.47 20.29
N ASN C 282 -7.83 -9.17 21.57
CA ASN C 282 -7.09 -7.98 21.96
C ASN C 282 -5.61 -8.09 21.63
N ALA C 283 -5.12 -9.28 21.29
CA ALA C 283 -3.78 -9.40 20.73
C ALA C 283 -3.68 -8.73 19.38
N PHE C 284 -4.80 -8.51 18.69
CA PHE C 284 -4.79 -7.92 17.36
C PHE C 284 -5.77 -6.75 17.27
N VAL C 285 -6.00 -6.05 18.37
CA VAL C 285 -6.69 -4.76 18.30
C VAL C 285 -5.88 -3.80 17.44
N ARG C 286 -4.58 -3.76 17.67
CA ARG C 286 -3.67 -3.19 16.69
C ARG C 286 -3.67 -4.08 15.45
N PRO C 287 -4.01 -3.55 14.28
CA PRO C 287 -3.96 -4.36 13.07
C PRO C 287 -2.53 -4.80 12.76
N VAL C 288 -2.39 -6.02 12.28
CA VAL C 288 -1.07 -6.57 11.96
C VAL C 288 -0.71 -6.09 10.55
N SER C 289 0.27 -5.18 10.48
CA SER C 289 0.83 -4.76 9.20
C SER C 289 2.19 -5.44 9.06
N VAL C 290 2.37 -6.16 7.96
CA VAL C 290 3.58 -6.96 7.79
C VAL C 290 4.78 -6.05 7.52
N VAL C 291 5.96 -6.57 7.80
CA VAL C 291 7.21 -5.89 7.49
C VAL C 291 7.91 -6.67 6.39
N LYS C 292 9.06 -6.15 5.93
CA LYS C 292 9.79 -6.83 4.85
C LYS C 292 10.30 -8.19 5.31
N GLU C 293 10.83 -8.27 6.52
CA GLU C 293 11.17 -9.55 7.11
C GLU C 293 9.91 -10.25 7.60
N SER C 294 10.05 -11.56 7.82
CA SER C 294 8.97 -12.43 8.31
C SER C 294 7.73 -12.41 7.43
N ASP C 295 6.64 -12.97 7.94
CA ASP C 295 5.40 -13.07 7.18
C ASP C 295 4.22 -12.76 8.10
N LEU C 296 3.02 -12.78 7.51
CA LEU C 296 1.81 -12.42 8.26
C LEU C 296 1.56 -13.41 9.40
N VAL C 297 1.83 -14.70 9.16
CA VAL C 297 1.66 -15.70 10.22
C VAL C 297 2.61 -15.41 11.38
N GLU C 298 3.86 -15.07 11.08
CA GLU C 298 4.82 -14.85 12.16
C GLU C 298 4.52 -13.56 12.92
N GLN C 299 4.16 -12.48 12.22
CA GLN C 299 3.80 -11.25 12.91
C GLN C 299 2.56 -11.43 13.76
N SER C 300 1.57 -12.17 13.27
CA SER C 300 0.39 -12.45 14.07
C SER C 300 0.72 -13.28 15.29
N ILE C 301 1.58 -14.29 15.14
CA ILE C 301 2.02 -15.10 16.27
C ILE C 301 2.84 -14.25 17.25
N GLY C 302 3.62 -13.30 16.73
CA GLY C 302 4.38 -12.42 17.59
C GLY C 302 3.50 -11.53 18.45
N GLN C 303 2.47 -10.93 17.84
CA GLN C 303 1.54 -10.12 18.61
C GLN C 303 0.75 -10.97 19.61
N LEU C 304 0.38 -12.19 19.19
CA LEU C 304 -0.31 -13.11 20.09
C LEU C 304 0.58 -13.48 21.27
N SER C 305 1.88 -13.69 21.04
CA SER C 305 2.77 -14.07 22.13
C SER C 305 3.07 -12.89 23.03
N ASN C 306 3.11 -11.67 22.48
CA ASN C 306 3.18 -10.48 23.33
C ASN C 306 1.98 -10.40 24.26
N TYR C 307 0.78 -10.63 23.72
CA TYR C 307 -0.42 -10.62 24.55
C TYR C 307 -0.43 -11.74 25.57
N VAL C 308 0.04 -12.92 25.18
CA VAL C 308 0.15 -14.05 26.11
C VAL C 308 1.13 -13.69 27.22
N ASN C 309 2.17 -12.92 26.90
CA ASN C 309 3.12 -12.47 27.93
C ASN C 309 2.45 -11.56 28.95
N ASP C 310 1.74 -10.52 28.49
CA ASP C 310 1.24 -9.61 29.54
C ASP C 310 -0.10 -10.05 30.10
N ILE C 311 -0.67 -11.17 29.63
CA ILE C 311 -1.77 -11.81 30.36
C ILE C 311 -1.31 -13.06 31.10
N ARG C 312 -0.03 -13.43 30.98
CA ARG C 312 0.56 -14.44 31.83
C ARG C 312 1.46 -13.84 32.92
N LEU C 313 1.73 -12.54 32.85
CA LEU C 313 2.35 -11.82 33.96
C LEU C 313 1.48 -10.70 34.50
N GLY C 314 0.99 -9.82 33.63
CA GLY C 314 0.08 -8.77 34.08
C GLY C 314 -1.27 -9.31 34.54
N TYR C 315 -1.81 -10.27 33.81
CA TYR C 315 -3.03 -10.97 34.18
C TYR C 315 -2.74 -12.41 34.59
N TYR C 316 -1.65 -12.61 35.35
CA TYR C 316 -1.20 -13.94 35.70
C TYR C 316 -2.22 -14.66 36.59
N ASP C 317 -2.39 -15.95 36.34
CA ASP C 317 -3.31 -16.82 37.08
C ASP C 317 -2.55 -17.99 37.68
N GLU C 318 -1.45 -17.74 38.39
CA GLU C 318 -0.56 -18.81 38.83
C GLU C 318 -1.21 -19.76 39.85
N GLN C 319 -2.44 -19.47 40.28
CA GLN C 319 -3.21 -20.49 41.00
C GLN C 319 -3.59 -21.64 40.06
N SER C 320 -3.94 -21.33 38.82
CA SER C 320 -4.11 -22.34 37.78
C SER C 320 -3.29 -21.94 36.55
N PRO C 321 -2.02 -22.35 36.48
CA PRO C 321 -1.14 -21.92 35.38
C PRO C 321 -1.65 -22.34 34.00
N VAL C 322 -0.97 -21.81 32.98
CA VAL C 322 -1.27 -22.22 31.61
C VAL C 322 -0.57 -23.54 31.29
N ILE C 323 -1.27 -24.38 30.53
CA ILE C 323 -0.72 -25.64 30.04
C ILE C 323 -0.66 -25.39 28.54
N GLY C 324 -0.31 -24.15 28.18
CA GLY C 324 -0.26 -23.68 26.80
C GLY C 324 0.51 -24.57 25.86
N PHE C 325 -0.10 -24.91 24.73
CA PHE C 325 0.38 -25.96 23.85
C PHE C 325 0.83 -25.32 22.53
N TRP C 326 1.26 -26.12 21.57
CA TRP C 326 1.48 -25.53 20.26
C TRP C 326 1.19 -26.70 19.31
N PHE C 327 1.28 -26.47 18.02
CA PHE C 327 1.40 -27.50 17.00
C PHE C 327 2.57 -27.05 16.15
N SER C 328 3.70 -26.76 16.76
CA SER C 328 4.79 -26.25 15.94
C SER C 328 5.52 -27.42 15.30
N PRO C 329 5.28 -27.70 14.02
CA PRO C 329 5.78 -28.95 13.44
C PRO C 329 7.29 -28.83 13.29
N ASN C 330 7.99 -29.73 13.98
CA ASN C 330 9.45 -29.73 14.22
C ASN C 330 10.00 -28.33 14.50
N ASN C 331 9.25 -27.54 15.27
CA ASN C 331 9.58 -26.15 15.62
C ASN C 331 9.82 -25.29 14.38
N ARG C 332 8.87 -25.33 13.43
CA ARG C 332 8.95 -24.41 12.30
C ARG C 332 8.60 -22.98 12.71
N TYR C 333 7.54 -22.83 13.51
CA TYR C 333 7.05 -21.52 13.96
C TYR C 333 7.13 -21.52 15.48
N PRO C 334 8.23 -21.06 16.05
CA PRO C 334 8.30 -20.91 17.51
C PRO C 334 7.49 -19.72 17.97
N LEU C 335 7.03 -19.79 19.23
CA LEU C 335 6.29 -18.67 19.79
C LEU C 335 7.23 -17.63 20.40
N GLY C 336 8.05 -18.04 21.36
CA GLY C 336 8.90 -17.11 22.07
C GLY C 336 10.16 -16.70 21.35
N TYR C 337 10.02 -15.89 20.29
CA TYR C 337 11.19 -15.47 19.54
C TYR C 337 12.02 -14.42 20.28
N LYS C 338 11.44 -13.70 21.23
CA LYS C 338 12.21 -12.72 22.00
C LYS C 338 12.19 -12.98 23.50
N HIS C 339 11.03 -13.20 24.12
CA HIS C 339 10.97 -13.39 25.56
C HIS C 339 10.03 -14.49 26.04
N SER C 340 8.99 -14.85 25.29
CA SER C 340 7.89 -15.64 25.85
C SER C 340 8.25 -17.12 25.83
N LYS C 341 9.09 -17.51 26.78
CA LYS C 341 9.42 -18.92 26.94
C LYS C 341 8.53 -19.57 28.00
N LEU C 342 7.22 -19.43 27.83
CA LEU C 342 6.24 -20.00 28.74
C LEU C 342 5.44 -21.13 28.10
N ALA C 343 5.75 -21.50 26.85
CA ALA C 343 5.12 -22.67 26.23
C ALA C 343 5.68 -23.91 26.89
N SER C 344 4.91 -24.48 27.82
CA SER C 344 5.42 -25.55 28.66
C SER C 344 5.62 -26.85 27.89
N ARG C 345 4.73 -27.14 26.93
CA ARG C 345 4.73 -28.43 26.23
C ARG C 345 4.60 -28.24 24.74
N ASN C 346 5.47 -27.40 24.16
CA ASN C 346 5.50 -27.20 22.71
C ASN C 346 5.83 -28.51 21.99
N ILE C 347 4.89 -28.99 21.18
CA ILE C 347 5.08 -30.24 20.43
C ILE C 347 4.93 -29.96 18.94
N GLY C 348 5.04 -31.01 18.13
CA GLY C 348 4.90 -30.87 16.69
C GLY C 348 4.00 -31.90 16.05
N ASN C 349 2.96 -32.32 16.77
CA ASN C 349 2.03 -33.31 16.26
C ASN C 349 0.60 -32.86 16.62
N LEU C 350 -0.37 -33.72 16.35
CA LEU C 350 -1.77 -33.48 16.67
C LEU C 350 -2.36 -34.54 17.58
N ASN C 351 -2.07 -35.81 17.30
CA ASN C 351 -2.53 -36.88 18.19
C ASN C 351 -1.86 -36.79 19.55
N GLU C 352 -0.64 -36.25 19.61
CA GLU C 352 0.02 -36.07 20.90
C GLU C 352 -0.72 -35.04 21.74
N LEU C 353 -1.14 -33.92 21.14
CA LEU C 353 -1.86 -32.93 21.93
C LEU C 353 -3.27 -33.43 22.28
N VAL C 354 -3.89 -34.22 21.40
CA VAL C 354 -5.16 -34.86 21.73
C VAL C 354 -5.00 -35.74 22.97
N GLY C 355 -3.98 -36.61 22.95
CA GLY C 355 -3.75 -37.50 24.08
C GLY C 355 -3.38 -36.75 25.35
N ALA C 356 -2.61 -35.66 25.21
CA ALA C 356 -2.23 -34.87 26.36
C ALA C 356 -3.45 -34.21 27.01
N VAL C 357 -4.33 -33.60 26.20
CA VAL C 357 -5.47 -32.92 26.80
C VAL C 357 -6.47 -33.91 27.40
N LEU C 358 -6.62 -35.10 26.80
CA LEU C 358 -7.45 -36.09 27.48
C LEU C 358 -6.73 -36.71 28.67
N ASP C 359 -5.40 -36.57 28.75
CA ASP C 359 -4.68 -37.01 29.94
C ASP C 359 -4.89 -36.06 31.11
N TYR C 360 -4.85 -34.74 30.85
CA TYR C 360 -5.19 -33.84 31.95
C TYR C 360 -6.69 -33.83 32.22
N ILE C 361 -7.50 -34.29 31.26
CA ILE C 361 -8.91 -34.57 31.56
C ILE C 361 -9.03 -35.69 32.58
N GLY C 362 -8.26 -36.76 32.40
CA GLY C 362 -8.32 -37.88 33.31
C GLY C 362 -7.47 -39.03 32.78
N GLY C 363 -7.68 -40.20 33.36
CA GLY C 363 -6.91 -41.37 32.99
C GLY C 363 -7.41 -42.03 31.71
N PHE C 364 -7.13 -41.42 30.57
CA PHE C 364 -7.57 -41.93 29.29
C PHE C 364 -6.40 -42.00 28.31
N LYS C 365 -6.59 -42.78 27.26
CA LYS C 365 -5.63 -42.89 26.17
C LYS C 365 -6.36 -42.67 24.85
N TRP C 366 -5.59 -42.33 23.81
CA TRP C 366 -6.20 -41.97 22.53
C TRP C 366 -6.84 -43.19 21.85
N GLU C 367 -6.16 -44.33 21.84
CA GLU C 367 -6.65 -45.47 21.08
C GLU C 367 -7.76 -46.23 21.79
N GLU C 368 -7.73 -46.29 23.12
CA GLU C 368 -8.74 -47.06 23.84
C GLU C 368 -10.09 -46.38 23.83
N VAL C 369 -10.10 -45.05 23.95
CA VAL C 369 -11.35 -44.29 23.95
C VAL C 369 -12.01 -44.28 22.57
N GLN C 370 -11.23 -44.45 21.50
CA GLN C 370 -11.77 -44.37 20.14
C GLN C 370 -12.54 -45.63 19.76
N LYS C 371 -13.52 -46.02 20.57
CA LYS C 371 -14.38 -47.15 20.26
C LYS C 371 -15.83 -46.93 20.67
N SER C 372 -16.19 -45.76 21.16
CA SER C 372 -17.55 -45.50 21.61
C SER C 372 -18.31 -44.68 20.57
N MET D 1 -10.10 -42.71 -0.96
CA MET D 1 -9.06 -42.45 -1.95
C MET D 1 -9.27 -41.10 -2.62
N LEU D 2 -8.53 -40.10 -2.17
CA LEU D 2 -8.61 -38.74 -2.70
C LEU D 2 -7.26 -38.39 -3.32
N ILE D 3 -7.24 -38.25 -4.64
CA ILE D 3 -6.02 -37.97 -5.39
C ILE D 3 -5.85 -36.46 -5.48
N GLU D 4 -4.71 -35.95 -5.02
CA GLU D 4 -4.41 -34.54 -5.08
C GLU D 4 -3.15 -34.32 -5.90
N ILE D 5 -3.12 -33.19 -6.61
CA ILE D 5 -2.01 -32.84 -7.48
C ILE D 5 -1.60 -31.42 -7.15
N HIS D 6 -0.37 -31.25 -6.68
CA HIS D 6 0.19 -29.94 -6.36
C HIS D 6 1.25 -29.62 -7.39
N MET D 7 1.09 -28.48 -8.06
CA MET D 7 1.87 -28.12 -9.24
C MET D 7 2.58 -26.81 -9.00
N ILE D 8 3.89 -26.80 -9.19
CA ILE D 8 4.68 -25.58 -9.16
C ILE D 8 5.06 -25.27 -10.60
N GLN D 9 4.55 -24.16 -11.12
CA GLN D 9 4.73 -23.78 -12.51
C GLN D 9 5.28 -22.37 -12.57
N ASN D 10 6.39 -22.20 -13.28
CA ASN D 10 6.94 -20.88 -13.56
C ASN D 10 6.46 -20.44 -14.92
N HIS D 11 5.85 -19.25 -14.99
CA HIS D 11 5.29 -18.75 -16.23
C HIS D 11 6.03 -17.50 -16.67
N SER D 12 6.14 -17.34 -17.99
CA SER D 12 6.73 -16.17 -18.61
C SER D 12 5.84 -14.96 -18.38
N PRO D 13 6.31 -13.74 -18.75
CA PRO D 13 5.40 -12.58 -18.78
C PRO D 13 4.11 -12.84 -19.53
N ALA D 14 2.99 -12.79 -18.83
CA ALA D 14 1.72 -13.20 -19.41
C ALA D 14 0.57 -12.51 -18.71
N ASN D 15 -0.60 -12.54 -19.36
CA ASN D 15 -1.87 -12.11 -18.77
C ASN D 15 -2.88 -13.23 -19.03
N LEU D 16 -2.87 -14.25 -18.17
CA LEU D 16 -3.67 -15.45 -18.39
C LEU D 16 -5.07 -15.34 -17.82
N ASN D 17 -5.37 -14.30 -17.06
CA ASN D 17 -6.71 -14.05 -16.56
C ASN D 17 -6.80 -12.58 -16.15
N ARG D 18 -7.92 -11.95 -16.47
CA ARG D 18 -8.07 -10.52 -16.20
C ARG D 18 -9.50 -10.20 -15.82
N ASP D 19 -9.68 -9.04 -15.19
CA ASP D 19 -10.98 -8.57 -14.75
C ASP D 19 -11.60 -7.70 -15.86
N ASP D 20 -12.64 -6.94 -15.52
CA ASP D 20 -13.37 -6.16 -16.52
C ASP D 20 -12.50 -5.08 -17.16
N LEU D 21 -11.66 -4.43 -16.37
CA LEU D 21 -10.85 -3.32 -16.87
C LEU D 21 -9.52 -3.75 -17.45
N GLY D 22 -9.21 -5.05 -17.46
CA GLY D 22 -8.03 -5.56 -18.13
C GLY D 22 -6.85 -5.84 -17.23
N ALA D 23 -6.92 -5.50 -15.95
CA ALA D 23 -5.83 -5.81 -15.04
C ALA D 23 -5.80 -7.30 -14.75
N PRO D 24 -4.62 -7.91 -14.63
CA PRO D 24 -4.55 -9.33 -14.25
C PRO D 24 -5.11 -9.53 -12.85
N LYS D 25 -5.69 -10.70 -12.62
CA LYS D 25 -6.38 -10.98 -11.37
C LYS D 25 -5.38 -11.04 -10.23
N THR D 26 -5.60 -10.20 -9.23
CA THR D 26 -4.69 -10.07 -8.10
C THR D 26 -5.39 -10.48 -6.81
N CYS D 27 -4.59 -10.98 -5.88
CA CYS D 27 -5.09 -11.36 -4.56
C CYS D 27 -4.11 -10.89 -3.50
N TYR D 28 -4.62 -10.66 -2.30
CA TYR D 28 -3.80 -10.23 -1.17
C TYR D 28 -3.59 -11.45 -0.26
N PHE D 29 -2.58 -12.23 -0.57
CA PHE D 29 -2.25 -13.42 0.20
C PHE D 29 -1.08 -13.10 1.13
N GLY D 30 -1.28 -13.31 2.43
CA GLY D 30 -0.25 -13.02 3.40
C GLY D 30 -0.03 -11.55 3.66
N GLY D 31 -0.99 -10.71 3.30
CA GLY D 31 -0.85 -9.27 3.46
C GLY D 31 -0.17 -8.56 2.32
N VAL D 32 0.33 -9.30 1.32
CA VAL D 32 1.03 -8.72 0.18
C VAL D 32 0.31 -9.12 -1.09
N LEU D 33 0.58 -8.38 -2.17
CA LEU D 33 -0.14 -8.55 -3.43
C LEU D 33 0.48 -9.68 -4.24
N ARG D 34 -0.35 -10.66 -4.61
CA ARG D 34 0.08 -11.78 -5.45
C ARG D 34 -0.84 -11.88 -6.66
N SER D 35 -0.26 -12.20 -7.81
CA SER D 35 -1.05 -12.42 -9.02
C SER D 35 -1.76 -13.76 -8.95
N ARG D 36 -2.90 -13.84 -9.64
CA ARG D 36 -3.83 -14.96 -9.43
C ARG D 36 -4.46 -15.38 -10.76
N ILE D 37 -4.62 -16.69 -10.93
CA ILE D 37 -5.39 -17.27 -12.02
C ILE D 37 -6.56 -18.02 -11.40
N SER D 38 -7.76 -17.78 -11.91
CA SER D 38 -8.95 -18.35 -11.31
C SER D 38 -9.04 -19.86 -11.56
N SER D 39 -9.73 -20.54 -10.64
CA SER D 39 -9.88 -21.98 -10.74
C SER D 39 -10.79 -22.38 -11.90
N GLN D 40 -11.73 -21.51 -12.27
CA GLN D 40 -12.57 -21.80 -13.44
C GLN D 40 -11.75 -21.81 -14.72
N CYS D 41 -10.69 -21.01 -14.79
CA CYS D 41 -9.83 -21.00 -15.97
C CYS D 41 -9.11 -22.33 -16.14
N ILE D 42 -8.46 -22.82 -15.08
CA ILE D 42 -7.78 -24.10 -15.16
C ILE D 42 -8.78 -25.24 -15.32
N LYS D 43 -9.96 -25.12 -14.71
CA LYS D 43 -11.00 -26.15 -14.84
C LYS D 43 -11.44 -26.28 -16.29
N ARG D 44 -11.74 -25.16 -16.94
CA ARG D 44 -12.18 -25.23 -18.34
C ARG D 44 -11.03 -25.54 -19.28
N SER D 45 -9.79 -25.19 -18.92
CA SER D 45 -8.66 -25.58 -19.74
C SER D 45 -8.42 -27.08 -19.66
N ILE D 46 -8.67 -27.68 -18.50
CA ILE D 46 -8.70 -29.13 -18.39
C ILE D 46 -9.81 -29.71 -19.24
N ARG D 47 -11.00 -29.11 -19.17
CA ARG D 47 -12.14 -29.62 -19.92
C ARG D 47 -11.93 -29.49 -21.42
N THR D 48 -11.49 -28.32 -21.87
CA THR D 48 -11.23 -28.10 -23.30
C THR D 48 -9.74 -28.27 -23.60
N SER D 49 -9.25 -29.47 -23.38
CA SER D 49 -7.84 -29.80 -23.56
C SER D 49 -7.66 -30.76 -24.73
N ASN D 50 -6.39 -31.02 -25.05
CA ASN D 50 -6.03 -31.85 -26.19
C ASN D 50 -5.89 -33.33 -25.84
N ASP D 51 -6.38 -33.75 -24.68
CA ASP D 51 -6.46 -35.16 -24.36
C ASP D 51 -7.82 -35.57 -23.79
N PHE D 52 -8.73 -34.63 -23.61
CA PHE D 52 -10.03 -34.89 -23.01
C PHE D 52 -11.14 -35.00 -24.05
N LYS D 53 -10.81 -35.12 -25.34
CA LYS D 53 -11.86 -35.29 -26.35
C LYS D 53 -12.63 -36.59 -26.15
N ALA D 54 -11.92 -37.66 -25.80
CA ALA D 54 -12.55 -38.95 -25.54
C ALA D 54 -13.35 -38.95 -24.26
N LEU D 55 -13.27 -37.88 -23.47
CA LEU D 55 -13.91 -37.78 -22.18
C LEU D 55 -14.91 -36.64 -22.10
N LEU D 56 -15.22 -36.02 -23.24
CA LEU D 56 -16.18 -34.93 -23.31
C LEU D 56 -17.59 -35.48 -23.17
N GLY D 57 -18.59 -34.64 -23.39
CA GLY D 57 -19.96 -35.13 -23.27
C GLY D 57 -20.90 -34.21 -22.54
N GLY D 58 -20.46 -32.99 -22.22
CA GLY D 58 -21.30 -32.03 -21.53
C GLY D 58 -21.49 -30.76 -22.32
N VAL D 59 -22.64 -30.11 -22.13
CA VAL D 59 -22.92 -28.79 -22.67
C VAL D 59 -23.67 -28.01 -21.60
N ARG D 60 -23.02 -27.00 -21.02
CA ARG D 60 -23.67 -26.09 -20.08
C ARG D 60 -24.16 -24.87 -20.85
N THR D 61 -25.18 -25.11 -21.68
CA THR D 61 -25.57 -24.18 -22.72
C THR D 61 -26.89 -23.48 -22.37
N ARG D 62 -27.27 -22.56 -23.25
CA ARG D 62 -28.56 -21.88 -23.19
C ARG D 62 -29.31 -21.99 -24.51
N ARG D 63 -28.80 -22.78 -25.44
CA ARG D 63 -29.34 -22.91 -26.80
C ARG D 63 -29.62 -24.37 -27.11
N LEU D 64 -30.36 -25.03 -26.20
CA LEU D 64 -30.77 -26.41 -26.42
C LEU D 64 -31.55 -26.57 -27.72
N ALA D 65 -32.46 -25.62 -28.00
CA ALA D 65 -33.36 -25.72 -29.13
C ALA D 65 -32.61 -25.80 -30.46
N ASP D 66 -31.45 -25.14 -30.55
CA ASP D 66 -30.64 -25.23 -31.76
C ASP D 66 -30.12 -26.66 -31.95
N LEU D 67 -29.70 -27.31 -30.88
CA LEU D 67 -29.20 -28.68 -31.00
C LEU D 67 -30.33 -29.66 -31.32
N ILE D 68 -31.50 -29.47 -30.71
CA ILE D 68 -32.65 -30.32 -31.05
C ILE D 68 -33.08 -30.10 -32.50
N GLN D 69 -33.01 -28.86 -32.97
CA GLN D 69 -33.32 -28.57 -34.37
C GLN D 69 -32.29 -29.20 -35.31
N GLN D 70 -31.02 -29.19 -34.92
CA GLN D 70 -29.98 -29.81 -35.73
C GLN D 70 -30.15 -31.32 -35.79
N GLU D 71 -30.58 -31.92 -34.68
CA GLU D 71 -30.94 -33.34 -34.73
C GLU D 71 -32.15 -33.58 -35.61
N ALA D 72 -33.11 -32.66 -35.59
CA ALA D 72 -34.32 -32.81 -36.40
C ALA D 72 -34.06 -32.71 -37.89
N GLY D 73 -32.95 -32.12 -38.30
CA GLY D 73 -32.67 -31.95 -39.71
C GLY D 73 -33.50 -30.85 -40.34
N GLU D 74 -33.92 -31.04 -41.58
CA GLU D 74 -34.73 -30.05 -42.30
C GLU D 74 -36.22 -30.28 -42.09
N THR D 75 -36.64 -30.35 -40.83
CA THR D 75 -38.03 -30.57 -40.45
C THR D 75 -38.55 -29.42 -39.58
N GLU D 76 -38.14 -28.19 -39.92
CA GLU D 76 -38.48 -26.96 -39.20
C GLU D 76 -38.08 -27.08 -37.73
N CYS D 77 -39.04 -27.47 -36.88
CA CYS D 77 -38.85 -27.96 -35.52
C CYS D 77 -38.35 -26.93 -34.52
N TRP D 78 -38.09 -25.68 -34.94
CA TRP D 78 -37.60 -24.71 -33.98
C TRP D 78 -38.72 -24.24 -33.07
N LYS D 79 -39.90 -23.95 -33.64
CA LYS D 79 -40.98 -23.35 -32.87
C LYS D 79 -41.58 -24.34 -31.87
N LYS D 80 -41.81 -25.59 -32.27
CA LYS D 80 -42.44 -26.52 -31.34
C LYS D 80 -41.47 -26.99 -30.26
N ALA D 81 -40.19 -27.12 -30.58
CA ALA D 81 -39.20 -27.37 -29.53
C ALA D 81 -39.12 -26.19 -28.57
N GLN D 82 -39.21 -24.97 -29.09
CA GLN D 82 -39.21 -23.78 -28.25
C GLN D 82 -40.40 -23.78 -27.30
N GLU D 83 -41.59 -24.05 -27.82
CA GLU D 83 -42.78 -24.01 -26.96
C GLU D 83 -42.80 -25.17 -25.97
N ILE D 84 -42.27 -26.33 -26.35
CA ILE D 84 -42.19 -27.45 -25.39
C ILE D 84 -41.22 -27.12 -24.27
N LEU D 85 -40.02 -26.65 -24.62
CA LEU D 85 -39.02 -26.34 -23.60
C LEU D 85 -39.44 -25.16 -22.73
N ASN D 86 -40.19 -24.21 -23.30
CA ASN D 86 -40.78 -23.15 -22.49
C ASN D 86 -41.89 -23.70 -21.57
N LYS D 87 -42.58 -24.76 -22.02
CA LYS D 87 -43.62 -25.35 -21.21
C LYS D 87 -43.06 -26.16 -20.05
N CYS D 88 -41.84 -26.69 -20.19
CA CYS D 88 -41.21 -27.36 -19.04
C CYS D 88 -40.97 -26.38 -17.90
N GLY D 89 -40.51 -25.17 -18.21
CA GLY D 89 -40.24 -24.20 -17.17
C GLY D 89 -38.97 -23.40 -17.38
N PHE D 90 -38.31 -23.60 -18.51
CA PHE D 90 -37.16 -22.80 -18.91
C PHE D 90 -37.68 -21.69 -19.81
N LYS D 91 -37.94 -20.52 -19.24
CA LYS D 91 -38.53 -19.45 -20.02
C LYS D 91 -37.53 -18.85 -20.98
N ASN D 92 -38.04 -18.35 -22.10
CA ASN D 92 -37.24 -17.67 -23.12
C ASN D 92 -37.72 -16.23 -23.14
N LYS D 93 -36.78 -15.30 -23.31
CA LYS D 93 -37.15 -13.90 -23.44
C LYS D 93 -36.82 -13.35 -24.83
N ASP D 94 -35.57 -13.44 -25.27
CA ASP D 94 -35.21 -12.92 -26.60
C ASP D 94 -35.23 -14.05 -27.63
N ASP D 95 -34.30 -15.01 -27.52
CA ASP D 95 -34.33 -16.20 -28.35
C ASP D 95 -33.93 -17.47 -27.61
N ASN D 96 -33.50 -17.37 -26.35
CA ASN D 96 -32.85 -18.48 -25.68
C ASN D 96 -33.43 -18.67 -24.29
N THR D 97 -33.27 -19.88 -23.78
CA THR D 97 -33.69 -20.19 -22.42
C THR D 97 -32.87 -19.38 -21.42
N LYS D 98 -33.54 -18.80 -20.44
CA LYS D 98 -32.94 -17.81 -19.56
C LYS D 98 -32.07 -18.40 -18.45
N MET D 99 -31.67 -19.67 -18.57
CA MET D 99 -30.73 -20.24 -17.62
C MET D 99 -29.85 -21.27 -18.31
N LEU D 100 -28.67 -21.48 -17.74
CA LEU D 100 -27.77 -22.53 -18.21
C LEU D 100 -28.38 -23.91 -17.90
N VAL D 101 -28.27 -24.81 -18.87
CA VAL D 101 -28.73 -26.19 -18.69
C VAL D 101 -27.58 -27.12 -19.05
N PHE D 102 -27.33 -28.12 -18.20
CA PHE D 102 -26.19 -29.02 -18.33
C PHE D 102 -26.73 -30.43 -18.46
N MET D 103 -26.24 -31.18 -19.46
CA MET D 103 -26.86 -32.43 -19.87
C MET D 103 -25.93 -33.15 -20.85
N SER D 104 -25.93 -34.48 -20.79
CA SER D 104 -25.09 -35.29 -21.66
C SER D 104 -25.50 -35.16 -23.13
N LYS D 105 -24.51 -35.30 -24.02
CA LYS D 105 -24.75 -35.13 -25.46
C LYS D 105 -25.57 -36.27 -26.06
N ASP D 106 -25.41 -37.49 -25.55
CA ASP D 106 -26.10 -38.63 -26.17
C ASP D 106 -27.61 -38.59 -25.96
N LYS D 107 -28.09 -37.77 -25.02
CA LYS D 107 -29.51 -37.62 -24.80
C LYS D 107 -30.18 -36.67 -25.78
N ILE D 108 -29.39 -35.97 -26.61
CA ILE D 108 -29.94 -35.10 -27.67
C ILE D 108 -30.79 -35.92 -28.64
N LYS D 109 -30.33 -37.14 -28.97
CA LYS D 109 -31.03 -37.96 -29.96
C LYS D 109 -32.43 -38.34 -29.48
N ASP D 110 -32.55 -38.89 -28.27
CA ASP D 110 -33.87 -39.27 -27.79
C ASP D 110 -34.69 -38.06 -27.33
N LEU D 111 -34.06 -36.95 -26.94
CA LEU D 111 -34.80 -35.72 -26.71
C LEU D 111 -35.49 -35.24 -27.98
N ALA D 112 -34.75 -35.26 -29.10
CA ALA D 112 -35.35 -34.91 -30.37
C ALA D 112 -36.35 -35.95 -30.82
N ARG D 113 -36.18 -37.21 -30.41
CA ARG D 113 -37.19 -38.22 -30.72
C ARG D 113 -38.49 -37.95 -29.98
N ILE D 114 -38.40 -37.45 -28.75
CA ILE D 114 -39.60 -36.99 -28.04
C ILE D 114 -40.22 -35.79 -28.76
N VAL D 115 -39.37 -34.83 -29.16
CA VAL D 115 -39.86 -33.58 -29.75
C VAL D 115 -40.57 -33.84 -31.07
N LEU D 116 -39.98 -34.70 -31.93
CA LEU D 116 -40.58 -35.01 -33.22
C LEU D 116 -41.81 -35.90 -33.11
N ASP D 117 -42.07 -36.49 -31.95
CA ASP D 117 -43.24 -37.35 -31.79
C ASP D 117 -44.47 -36.45 -31.71
N ASN D 118 -45.33 -36.53 -32.73
CA ASN D 118 -46.56 -35.74 -32.75
C ASN D 118 -47.74 -36.45 -32.08
N SER D 119 -47.59 -37.72 -31.72
CA SER D 119 -48.70 -38.43 -31.08
C SER D 119 -48.92 -37.96 -29.65
N LEU D 120 -47.85 -37.57 -28.95
CA LEU D 120 -48.00 -37.07 -27.60
C LEU D 120 -48.62 -35.67 -27.61
N GLY D 121 -49.22 -35.31 -26.48
CA GLY D 121 -49.84 -34.02 -26.34
C GLY D 121 -48.84 -32.93 -26.00
N LEU D 122 -49.13 -32.15 -24.96
CA LEU D 122 -48.25 -31.06 -24.55
C LEU D 122 -47.57 -31.35 -23.22
N THR D 123 -48.36 -31.65 -22.17
CA THR D 123 -47.76 -31.92 -20.87
C THR D 123 -47.02 -33.26 -20.87
N GLU D 124 -47.49 -34.23 -21.64
CA GLU D 124 -46.78 -35.51 -21.74
C GLU D 124 -45.42 -35.33 -22.41
N ALA D 125 -45.37 -34.58 -23.51
CA ALA D 125 -44.12 -34.34 -24.20
C ALA D 125 -43.14 -33.56 -23.33
N ALA D 126 -43.63 -32.52 -22.64
CA ALA D 126 -42.76 -31.74 -21.78
C ALA D 126 -42.27 -32.54 -20.59
N GLN D 127 -43.12 -33.41 -20.04
CA GLN D 127 -42.69 -34.27 -18.93
C GLN D 127 -41.66 -35.29 -19.39
N GLN D 128 -41.82 -35.84 -20.60
CA GLN D 128 -40.82 -36.74 -21.15
C GLN D 128 -39.50 -36.03 -21.41
N VAL D 129 -39.56 -34.78 -21.88
CA VAL D 129 -38.37 -33.97 -22.09
C VAL D 129 -37.65 -33.72 -20.76
N ALA D 130 -38.42 -33.36 -19.73
CA ALA D 130 -37.84 -33.12 -18.42
C ALA D 130 -37.24 -34.39 -17.83
N ASN D 131 -37.89 -35.54 -18.06
CA ASN D 131 -37.35 -36.80 -17.60
C ASN D 131 -36.04 -37.15 -18.29
N VAL D 132 -35.94 -36.90 -19.59
CA VAL D 132 -34.71 -37.18 -20.31
C VAL D 132 -33.59 -36.24 -19.86
N ILE D 133 -33.90 -34.95 -19.70
CA ILE D 133 -32.89 -33.98 -19.27
C ILE D 133 -32.41 -34.27 -17.85
N ALA D 134 -33.33 -34.59 -16.95
CA ALA D 134 -32.98 -34.80 -15.54
C ALA D 134 -32.23 -36.10 -15.31
N GLN D 135 -32.35 -37.07 -16.22
CA GLN D 135 -31.65 -38.35 -16.12
C GLN D 135 -30.53 -38.45 -17.14
N ALA D 136 -29.82 -37.35 -17.36
CA ALA D 136 -28.68 -37.30 -18.29
C ALA D 136 -27.42 -37.09 -17.46
N THR D 137 -26.85 -38.18 -16.97
CA THR D 137 -25.64 -38.17 -16.15
C THR D 137 -24.64 -39.19 -16.67
N LEU D 138 -24.39 -39.15 -17.98
CA LEU D 138 -23.55 -40.15 -18.64
C LEU D 138 -22.14 -39.66 -18.94
N ALA D 139 -21.87 -38.39 -18.73
CA ALA D 139 -20.59 -37.84 -19.17
C ALA D 139 -19.61 -37.75 -18.01
N PRO D 140 -18.31 -37.72 -18.30
CA PRO D 140 -17.33 -37.43 -17.23
C PRO D 140 -17.16 -35.96 -16.93
N ASP D 141 -17.57 -35.06 -17.83
CA ASP D 141 -17.44 -33.63 -17.56
C ASP D 141 -18.41 -33.20 -16.46
N ILE D 142 -19.66 -33.65 -16.55
CA ILE D 142 -20.62 -33.43 -15.46
C ILE D 142 -20.20 -34.19 -14.21
N ALA D 143 -19.44 -35.28 -14.38
CA ALA D 143 -18.90 -36.01 -13.23
C ALA D 143 -17.92 -35.14 -12.45
N LEU D 144 -17.01 -34.48 -13.16
CA LEU D 144 -16.00 -33.67 -12.47
C LEU D 144 -16.55 -32.33 -12.01
N CYS D 145 -17.42 -31.71 -12.81
CA CYS D 145 -17.73 -30.29 -12.64
C CYS D 145 -18.94 -30.04 -11.74
N GLY D 146 -20.04 -30.74 -11.95
CA GLY D 146 -21.26 -30.52 -11.19
C GLY D 146 -22.38 -30.01 -12.09
N ARG D 147 -23.54 -29.80 -11.46
CA ARG D 147 -24.74 -29.45 -12.20
C ARG D 147 -25.79 -28.88 -11.25
N MET D 148 -26.63 -28.00 -11.79
CA MET D 148 -27.87 -27.61 -11.12
C MET D 148 -28.89 -27.14 -12.15
N LEU D 149 -30.11 -27.67 -12.04
CA LEU D 149 -31.26 -27.21 -12.82
C LEU D 149 -32.39 -26.86 -11.85
N GLU D 150 -32.80 -25.60 -11.85
CA GLU D 150 -33.95 -25.15 -11.07
C GLU D 150 -34.93 -24.44 -11.98
N PRO D 151 -35.93 -25.15 -12.52
CA PRO D 151 -36.81 -24.54 -13.51
C PRO D 151 -37.70 -23.46 -12.92
N ASN D 152 -38.03 -22.47 -13.75
CA ASN D 152 -38.83 -21.33 -13.32
C ASN D 152 -40.28 -21.75 -13.08
N ASP D 153 -40.93 -21.04 -12.17
CA ASP D 153 -42.19 -21.47 -11.58
C ASP D 153 -43.41 -20.71 -12.07
N LYS D 154 -43.29 -19.40 -12.31
CA LYS D 154 -44.46 -18.60 -12.67
C LYS D 154 -44.99 -18.99 -14.05
N ASP D 155 -44.12 -19.03 -15.05
CA ASP D 155 -44.51 -19.38 -16.42
C ASP D 155 -44.22 -20.85 -16.71
N LYS D 156 -44.81 -21.71 -15.88
CA LYS D 156 -44.60 -23.14 -15.97
C LYS D 156 -45.95 -23.86 -16.00
N ASP D 157 -46.04 -24.88 -16.85
CA ASP D 157 -47.21 -25.75 -16.83
C ASP D 157 -47.27 -26.52 -15.53
N LYS D 158 -48.48 -26.62 -14.95
CA LYS D 158 -48.64 -27.22 -13.63
C LYS D 158 -48.39 -28.72 -13.65
N LYS D 159 -48.67 -29.38 -14.76
CA LYS D 159 -48.48 -30.83 -14.85
C LYS D 159 -47.09 -31.19 -15.37
N VAL D 160 -46.08 -30.60 -14.74
CA VAL D 160 -44.68 -30.88 -15.05
C VAL D 160 -43.97 -31.23 -13.74
N LYS D 161 -43.23 -32.34 -13.74
CA LYS D 161 -42.50 -32.76 -12.55
C LYS D 161 -41.07 -33.09 -12.93
N TRP D 162 -40.16 -32.79 -11.99
CA TRP D 162 -38.73 -32.98 -12.17
C TRP D 162 -38.19 -33.86 -11.06
N SER D 163 -37.28 -34.76 -11.41
CA SER D 163 -36.55 -35.53 -10.41
C SER D 163 -35.36 -34.70 -9.92
N ASN D 164 -34.45 -35.33 -9.19
CA ASN D 164 -33.26 -34.65 -8.72
C ASN D 164 -32.33 -34.41 -9.91
N THR D 165 -32.16 -33.15 -10.30
CA THR D 165 -31.35 -32.78 -11.44
C THR D 165 -29.93 -32.41 -11.06
N THR D 166 -29.60 -32.39 -9.77
CA THR D 166 -28.31 -31.90 -9.30
C THR D 166 -27.34 -33.07 -9.12
N VAL D 167 -26.13 -32.91 -9.66
CA VAL D 167 -25.05 -33.85 -9.39
C VAL D 167 -23.98 -33.12 -8.59
N GLU D 168 -23.20 -33.89 -7.84
CA GLU D 168 -22.15 -33.35 -6.99
C GLU D 168 -20.81 -33.43 -7.69
N ALA D 169 -20.00 -32.41 -7.49
CA ALA D 169 -18.72 -32.31 -8.19
C ALA D 169 -17.69 -33.25 -7.58
N ALA D 170 -16.85 -33.84 -8.44
CA ALA D 170 -15.74 -34.67 -8.02
C ALA D 170 -14.39 -34.03 -8.24
N LEU D 171 -14.35 -32.78 -8.69
CA LEU D 171 -13.11 -32.06 -8.93
C LEU D 171 -13.12 -30.75 -8.16
N GLN D 172 -12.08 -30.53 -7.36
CA GLN D 172 -11.91 -29.30 -6.60
C GLN D 172 -10.61 -28.63 -7.05
N VAL D 173 -10.71 -27.40 -7.52
CA VAL D 173 -9.57 -26.65 -8.03
C VAL D 173 -9.45 -25.35 -7.23
N ALA D 174 -8.23 -25.02 -6.83
CA ALA D 174 -7.94 -23.77 -6.16
C ALA D 174 -7.43 -22.74 -7.16
N HIS D 175 -7.44 -21.48 -6.73
CA HIS D 175 -6.89 -20.41 -7.56
C HIS D 175 -5.37 -20.41 -7.46
N ALA D 176 -4.72 -20.29 -8.61
CA ALA D 176 -3.26 -20.32 -8.64
C ALA D 176 -2.69 -19.02 -8.10
N ILE D 177 -1.93 -19.11 -7.02
CA ILE D 177 -1.35 -17.94 -6.37
C ILE D 177 0.13 -17.86 -6.68
N SER D 178 0.64 -16.65 -6.78
CA SER D 178 2.05 -16.44 -7.06
C SER D 178 2.89 -16.79 -5.83
N THR D 179 3.98 -17.53 -6.06
CA THR D 179 4.87 -17.90 -4.96
C THR D 179 5.61 -16.68 -4.43
N HIS D 180 6.04 -15.78 -5.30
CA HIS D 180 6.83 -14.62 -4.93
C HIS D 180 5.94 -13.40 -4.71
N ILE D 181 6.54 -12.33 -4.21
CA ILE D 181 5.89 -11.03 -4.20
C ILE D 181 5.69 -10.57 -5.64
N ALA D 182 4.45 -10.25 -5.98
CA ALA D 182 4.07 -9.98 -7.35
C ALA D 182 3.86 -8.49 -7.57
N ARG D 183 4.48 -7.96 -8.61
CA ARG D 183 4.21 -6.60 -9.01
C ARG D 183 3.69 -6.58 -10.45
N PRO D 184 2.70 -5.75 -10.74
CA PRO D 184 2.24 -5.61 -12.13
C PRO D 184 3.07 -4.57 -12.88
N GLU D 185 3.22 -4.81 -14.17
CA GLU D 185 3.92 -3.89 -15.05
C GLU D 185 2.94 -3.24 -16.02
N ILE D 186 3.44 -2.19 -16.68
CA ILE D 186 2.62 -1.33 -17.53
C ILE D 186 3.19 -1.37 -18.95
N ASP D 187 2.34 -1.72 -19.90
CA ASP D 187 2.70 -1.74 -21.32
C ASP D 187 1.70 -0.89 -22.08
N TYR D 188 2.19 0.01 -22.94
CA TYR D 188 1.28 0.61 -23.90
C TYR D 188 1.48 -0.04 -25.26
N PHE D 189 0.36 -0.33 -25.91
CA PHE D 189 0.32 -0.81 -27.28
C PHE D 189 0.13 0.37 -28.21
N VAL D 190 0.44 0.15 -29.49
CA VAL D 190 0.11 1.11 -30.54
C VAL D 190 -0.51 0.37 -31.70
N ALA D 191 -1.19 1.13 -32.56
CA ALA D 191 -1.74 0.62 -33.80
C ALA D 191 -0.77 0.89 -34.94
N ALA D 192 -1.07 0.31 -36.10
CA ALA D 192 -0.25 0.52 -37.28
C ALA D 192 -0.86 1.62 -38.14
N ASP D 193 -0.33 2.84 -38.02
CA ASP D 193 -0.64 3.91 -38.96
C ASP D 193 0.35 3.84 -40.13
N ASP D 194 0.30 2.70 -40.82
CA ASP D 194 1.33 2.36 -41.79
C ASP D 194 1.27 3.24 -43.03
N VAL D 195 0.09 3.46 -43.58
CA VAL D 195 -0.03 4.40 -44.69
C VAL D 195 0.11 5.82 -44.15
N PRO D 196 1.01 6.64 -44.72
CA PRO D 196 1.43 7.88 -44.04
C PRO D 196 0.34 8.92 -43.81
N GLY D 197 -0.34 9.33 -44.86
CA GLY D 197 -1.25 10.47 -44.72
C GLY D 197 -0.46 11.74 -44.50
N GLU D 198 -0.88 12.53 -43.51
CA GLU D 198 -0.22 13.80 -43.22
C GLU D 198 0.10 14.05 -41.76
N ASP D 199 -0.55 13.36 -40.82
CA ASP D 199 -0.27 13.61 -39.41
C ASP D 199 1.08 13.02 -39.00
N ALA D 200 1.36 11.78 -39.43
CA ALA D 200 2.56 11.03 -39.08
C ALA D 200 2.76 10.91 -37.57
N GLY D 201 1.66 10.97 -36.81
CA GLY D 201 1.74 10.89 -35.37
C GLY D 201 1.43 9.52 -34.84
N ALA D 202 0.29 9.36 -34.17
CA ALA D 202 -0.14 8.09 -33.61
C ALA D 202 -1.54 7.77 -34.10
N GLY D 203 -1.78 6.50 -34.41
CA GLY D 203 -3.11 6.06 -34.81
C GLY D 203 -3.94 5.67 -33.61
N HIS D 204 -3.39 4.82 -32.74
CA HIS D 204 -4.03 4.45 -31.49
C HIS D 204 -2.95 4.13 -30.48
N ILE D 205 -3.16 4.55 -29.23
CA ILE D 205 -2.32 4.14 -28.11
C ILE D 205 -3.23 3.75 -26.97
N GLY D 206 -2.69 3.00 -26.04
CA GLY D 206 -3.46 2.51 -24.92
C GLY D 206 -2.61 2.17 -23.72
N GLU D 207 -2.98 1.09 -23.04
CA GLU D 207 -2.36 0.69 -21.79
C GLU D 207 -2.77 -0.76 -21.53
N SER D 208 -1.79 -1.62 -21.30
CA SER D 208 -2.06 -3.00 -20.93
C SER D 208 -1.18 -3.38 -19.75
N MET D 209 -1.65 -4.33 -18.96
CA MET D 209 -0.93 -4.79 -17.78
C MET D 209 -0.62 -6.27 -17.91
N PHE D 210 0.48 -6.69 -17.29
CA PHE D 210 0.90 -8.08 -17.32
C PHE D 210 1.71 -8.37 -16.07
N ALA D 211 2.03 -9.65 -15.88
CA ALA D 211 2.81 -10.09 -14.73
C ALA D 211 3.41 -11.46 -15.02
N SER D 212 4.63 -11.67 -14.54
CA SER D 212 5.27 -12.97 -14.56
C SER D 212 5.28 -13.53 -13.15
N ALA D 213 5.07 -14.83 -13.03
CA ALA D 213 4.93 -15.43 -11.71
C ALA D 213 5.31 -16.90 -11.74
N CYS D 214 5.67 -17.41 -10.56
CA CYS D 214 5.76 -18.83 -10.30
C CYS D 214 4.50 -19.25 -9.55
N PHE D 215 3.70 -20.10 -10.16
CA PHE D 215 2.35 -20.39 -9.69
C PHE D 215 2.31 -21.71 -8.91
N TYR D 216 1.46 -21.75 -7.89
CA TYR D 216 1.15 -22.96 -7.15
C TYR D 216 -0.29 -23.35 -7.46
N LYS D 217 -0.47 -24.47 -8.14
CA LYS D 217 -1.79 -24.90 -8.60
C LYS D 217 -2.21 -26.17 -7.87
N TYR D 218 -3.51 -26.26 -7.58
CA TYR D 218 -4.08 -27.33 -6.78
C TYR D 218 -5.20 -28.00 -7.57
N PHE D 219 -5.18 -29.32 -7.59
CA PHE D 219 -6.29 -30.12 -8.08
C PHE D 219 -6.61 -31.20 -7.06
N SER D 220 -7.90 -31.49 -6.88
CA SER D 220 -8.36 -32.48 -5.91
C SER D 220 -9.43 -33.34 -6.55
N ILE D 221 -9.18 -34.64 -6.64
CA ILE D 221 -10.06 -35.57 -7.35
C ILE D 221 -10.47 -36.68 -6.38
N ASP D 222 -11.77 -36.89 -6.26
CA ASP D 222 -12.31 -38.01 -5.50
C ASP D 222 -12.44 -39.22 -6.42
N TRP D 223 -12.37 -40.40 -5.82
CA TRP D 223 -12.48 -41.66 -6.56
C TRP D 223 -13.86 -42.28 -6.45
N GLU D 224 -14.36 -42.43 -5.22
CA GLU D 224 -15.65 -43.09 -5.01
C GLU D 224 -16.80 -42.27 -5.59
N GLN D 225 -16.75 -40.94 -5.48
CA GLN D 225 -17.81 -40.11 -6.03
C GLN D 225 -17.75 -40.07 -7.55
N LEU D 226 -16.54 -39.98 -8.10
CA LEU D 226 -16.36 -39.96 -9.56
C LEU D 226 -16.81 -41.28 -10.18
N VAL D 227 -16.58 -42.40 -9.52
CA VAL D 227 -17.09 -43.68 -10.04
C VAL D 227 -18.55 -43.90 -9.68
N LYS D 228 -19.07 -43.24 -8.64
CA LYS D 228 -20.46 -43.39 -8.25
C LYS D 228 -21.39 -42.70 -9.23
N ASN D 229 -21.05 -41.47 -9.60
CA ASN D 229 -21.82 -40.76 -10.60
C ASN D 229 -21.45 -41.13 -12.04
N LEU D 230 -20.44 -41.98 -12.24
CA LEU D 230 -20.18 -42.63 -13.53
C LEU D 230 -20.67 -44.07 -13.53
N LYS D 231 -21.69 -44.35 -12.71
CA LYS D 231 -22.33 -45.67 -12.53
C LYS D 231 -21.35 -46.85 -12.54
N GLY D 232 -20.26 -46.68 -11.80
CA GLY D 232 -19.36 -47.79 -11.55
C GLY D 232 -18.52 -48.24 -12.72
N ASP D 233 -18.36 -47.39 -13.73
CA ASP D 233 -17.50 -47.72 -14.88
C ASP D 233 -16.06 -47.40 -14.48
N THR D 234 -15.37 -48.42 -13.95
CA THR D 234 -14.03 -48.19 -13.41
C THR D 234 -13.00 -47.91 -14.49
N ASN D 235 -13.17 -48.50 -15.67
CA ASN D 235 -12.30 -48.15 -16.79
C ASN D 235 -12.46 -46.68 -17.17
N LEU D 236 -13.70 -46.20 -17.21
CA LEU D 236 -13.94 -44.80 -17.49
C LEU D 236 -13.39 -43.90 -16.39
N ALA D 237 -13.53 -44.31 -15.13
CA ALA D 237 -13.02 -43.50 -14.02
C ALA D 237 -11.49 -43.41 -14.03
N ALA D 238 -10.82 -44.54 -14.29
CA ALA D 238 -9.37 -44.51 -14.39
C ALA D 238 -8.91 -43.70 -15.60
N HIS D 239 -9.65 -43.78 -16.70
CA HIS D 239 -9.35 -42.96 -17.87
C HIS D 239 -9.51 -41.48 -17.53
N THR D 240 -10.52 -41.13 -16.74
CA THR D 240 -10.69 -39.73 -16.34
C THR D 240 -9.53 -39.25 -15.49
N VAL D 241 -9.09 -40.08 -14.53
CA VAL D 241 -7.98 -39.68 -13.67
C VAL D 241 -6.70 -39.50 -14.48
N GLY D 242 -6.41 -40.44 -15.38
CA GLY D 242 -5.20 -40.36 -16.17
C GLY D 242 -5.19 -39.21 -17.16
N ALA D 243 -6.27 -39.06 -17.93
CA ALA D 243 -6.36 -37.97 -18.88
C ALA D 243 -6.42 -36.61 -18.19
N PHE D 244 -7.01 -36.56 -16.99
CA PHE D 244 -7.02 -35.34 -16.21
C PHE D 244 -5.61 -34.96 -15.76
N LEU D 245 -4.82 -35.94 -15.32
CA LEU D 245 -3.43 -35.68 -14.96
C LEU D 245 -2.64 -35.17 -16.15
N LEU D 246 -2.80 -35.81 -17.31
CA LEU D 246 -2.09 -35.38 -18.51
C LEU D 246 -2.53 -33.99 -18.96
N ALA D 247 -3.82 -33.69 -18.83
CA ALA D 247 -4.33 -32.37 -19.18
C ALA D 247 -3.81 -31.29 -18.24
N ALA D 248 -3.78 -31.58 -16.93
CA ALA D 248 -3.29 -30.60 -15.97
C ALA D 248 -1.80 -30.34 -16.16
N ALA D 249 -1.03 -31.37 -16.55
CA ALA D 249 0.38 -31.15 -16.79
C ALA D 249 0.63 -30.42 -18.10
N LYS D 250 -0.08 -30.78 -19.17
CA LYS D 250 0.33 -30.40 -20.51
C LYS D 250 -0.45 -29.24 -21.11
N THR D 251 -1.40 -28.65 -20.40
CA THR D 251 -2.20 -27.57 -20.96
C THR D 251 -2.16 -26.35 -20.05
N ASN D 252 -2.39 -25.19 -20.64
CA ASN D 252 -2.33 -23.91 -19.96
C ASN D 252 -3.57 -23.09 -20.26
N PRO D 253 -3.95 -22.16 -19.37
CA PRO D 253 -5.10 -21.29 -19.66
C PRO D 253 -4.89 -20.46 -20.92
N SER D 254 -5.95 -20.37 -21.72
CA SER D 254 -5.89 -19.69 -23.02
C SER D 254 -6.27 -18.22 -22.90
N GLY D 255 -5.61 -17.52 -21.99
CA GLY D 255 -5.86 -16.10 -21.82
C GLY D 255 -4.73 -15.27 -22.39
N LYS D 256 -5.01 -14.59 -23.51
CA LYS D 256 -4.06 -13.72 -24.21
C LYS D 256 -2.75 -14.43 -24.53
N GLN D 257 -2.86 -15.70 -24.92
CA GLN D 257 -1.68 -16.49 -25.24
C GLN D 257 -1.09 -16.15 -26.60
N ASN D 258 -1.88 -15.52 -27.48
CA ASN D 258 -1.35 -15.13 -28.78
C ASN D 258 -0.30 -14.04 -28.66
N SER D 259 -0.41 -13.18 -27.65
CA SER D 259 0.59 -12.14 -27.41
C SER D 259 1.56 -12.50 -26.29
N PHE D 260 1.19 -13.43 -25.41
CA PHE D 260 2.06 -13.92 -24.34
C PHE D 260 2.06 -15.44 -24.44
N ALA D 261 2.95 -16.02 -25.24
CA ALA D 261 2.97 -17.46 -25.44
C ALA D 261 3.68 -18.15 -24.27
N ALA D 262 3.02 -18.10 -23.11
CA ALA D 262 3.52 -18.74 -21.90
C ALA D 262 2.99 -20.17 -21.87
N HIS D 263 3.77 -21.09 -22.40
CA HIS D 263 3.39 -22.50 -22.43
C HIS D 263 4.40 -23.34 -21.67
N ASN D 264 4.78 -22.88 -20.48
CA ASN D 264 5.82 -23.56 -19.71
C ASN D 264 5.22 -24.70 -18.90
N TYR D 265 5.84 -25.86 -18.97
CA TYR D 265 5.39 -27.05 -18.27
C TYR D 265 5.75 -26.97 -16.79
N PRO D 266 5.06 -27.73 -15.93
CA PRO D 266 5.39 -27.70 -14.50
C PRO D 266 6.78 -28.25 -14.25
N ASP D 267 7.55 -27.50 -13.46
CA ASP D 267 8.90 -27.92 -13.11
C ASP D 267 8.92 -28.78 -11.85
N GLY D 268 7.76 -29.00 -11.23
CA GLY D 268 7.62 -29.93 -10.14
C GLY D 268 6.15 -30.25 -9.85
N ILE D 269 5.81 -31.53 -9.82
CA ILE D 269 4.44 -31.97 -9.55
C ILE D 269 4.47 -32.95 -8.39
N LEU D 270 3.59 -32.73 -7.41
CA LEU D 270 3.46 -33.61 -6.25
C LEU D 270 2.08 -34.28 -6.34
N VAL D 271 2.08 -35.57 -6.64
CA VAL D 271 0.86 -36.37 -6.74
C VAL D 271 0.83 -37.29 -5.53
N GLU D 272 -0.25 -37.20 -4.75
CA GLU D 272 -0.35 -37.90 -3.47
C GLU D 272 -1.73 -38.53 -3.33
N PHE D 273 -1.81 -39.53 -2.45
CA PHE D 273 -3.06 -40.24 -2.18
C PHE D 273 -3.25 -40.36 -0.67
N LYS D 274 -4.37 -39.82 -0.18
CA LYS D 274 -4.83 -40.08 1.19
C LYS D 274 -6.31 -39.72 1.25
N ASN D 275 -6.88 -39.85 2.45
CA ASN D 275 -8.31 -39.69 2.61
C ASN D 275 -8.74 -38.23 2.57
N SER D 276 -7.97 -37.32 3.18
CA SER D 276 -8.40 -35.93 3.29
C SER D 276 -7.46 -35.01 2.51
N PRO D 277 -7.96 -33.90 1.97
CA PRO D 277 -7.12 -33.01 1.15
C PRO D 277 -6.14 -32.19 1.98
N ILE D 278 -4.85 -32.34 1.67
CA ILE D 278 -3.77 -31.52 2.21
C ILE D 278 -3.75 -30.23 1.40
N SER D 279 -3.01 -29.21 1.85
CA SER D 279 -2.81 -28.01 1.05
C SER D 279 -1.46 -27.39 1.38
N TYR D 280 -0.82 -26.82 0.36
CA TYR D 280 0.51 -26.24 0.50
C TYR D 280 0.54 -24.77 0.10
N ALA D 281 -0.61 -24.09 0.16
CA ALA D 281 -0.61 -22.66 -0.12
C ALA D 281 0.06 -21.86 0.99
N ASN D 282 -0.01 -22.35 2.22
CA ASN D 282 0.66 -21.70 3.34
C ASN D 282 2.16 -21.92 3.35
N ALA D 283 2.70 -22.68 2.38
CA ALA D 283 4.15 -22.78 2.24
C ALA D 283 4.78 -21.45 1.86
N PHE D 284 4.04 -20.61 1.15
CA PHE D 284 4.56 -19.34 0.62
C PHE D 284 3.83 -18.16 1.22
N VAL D 285 3.58 -18.17 2.53
CA VAL D 285 3.07 -16.98 3.20
C VAL D 285 4.10 -15.87 3.14
N ARG D 286 5.35 -16.19 3.43
CA ARG D 286 6.44 -15.26 3.18
C ARG D 286 6.82 -15.33 1.70
N PRO D 287 6.82 -14.20 0.99
CA PRO D 287 7.19 -14.23 -0.43
C PRO D 287 8.65 -14.58 -0.62
N VAL D 288 8.93 -15.22 -1.76
CA VAL D 288 10.27 -15.69 -2.05
C VAL D 288 11.12 -14.52 -2.51
N SER D 289 12.19 -14.25 -1.77
CA SER D 289 13.16 -13.23 -2.16
C SER D 289 14.31 -13.93 -2.88
N VAL D 290 14.57 -13.50 -4.11
CA VAL D 290 15.56 -14.17 -4.94
C VAL D 290 16.94 -13.65 -4.58
N VAL D 291 17.81 -14.53 -4.10
CA VAL D 291 19.20 -14.22 -3.84
C VAL D 291 20.02 -14.82 -4.97
N LYS D 292 21.29 -14.40 -5.06
CA LYS D 292 22.06 -14.74 -6.25
C LYS D 292 22.54 -16.19 -6.22
N GLU D 293 22.71 -16.76 -5.02
CA GLU D 293 23.19 -18.14 -4.90
C GLU D 293 22.13 -19.17 -5.27
N SER D 294 20.89 -18.77 -5.50
CA SER D 294 19.80 -19.70 -5.76
C SER D 294 18.94 -19.18 -6.91
N ASP D 295 17.78 -19.80 -7.07
CA ASP D 295 16.80 -19.44 -8.10
C ASP D 295 15.40 -19.31 -7.53
N LEU D 296 14.52 -18.71 -8.33
CA LEU D 296 13.12 -18.55 -7.92
C LEU D 296 12.40 -19.89 -7.88
N VAL D 297 12.52 -20.69 -8.94
CA VAL D 297 11.87 -21.99 -8.97
C VAL D 297 12.54 -22.93 -7.98
N GLU D 298 13.87 -22.87 -7.86
CA GLU D 298 14.59 -23.70 -6.90
C GLU D 298 14.20 -23.37 -5.47
N GLN D 299 14.11 -22.07 -5.14
CA GLN D 299 13.68 -21.70 -3.79
C GLN D 299 12.22 -22.01 -3.55
N SER D 300 11.37 -21.90 -4.58
CA SER D 300 9.96 -22.26 -4.42
C SER D 300 9.81 -23.75 -4.13
N ILE D 301 10.56 -24.59 -4.86
CA ILE D 301 10.54 -26.02 -4.61
C ILE D 301 11.14 -26.34 -3.24
N GLY D 302 12.17 -25.59 -2.83
CA GLY D 302 12.74 -25.81 -1.51
C GLY D 302 11.80 -25.44 -0.37
N GLN D 303 11.09 -24.31 -0.50
CA GLN D 303 10.11 -23.93 0.50
C GLN D 303 8.94 -24.90 0.53
N LEU D 304 8.51 -25.36 -0.65
CA LEU D 304 7.49 -26.40 -0.72
C LEU D 304 7.96 -27.67 -0.05
N SER D 305 9.24 -28.04 -0.25
CA SER D 305 9.78 -29.23 0.41
C SER D 305 9.82 -29.05 1.92
N ASN D 306 10.19 -27.86 2.39
CA ASN D 306 10.20 -27.57 3.82
C ASN D 306 8.80 -27.75 4.41
N TYR D 307 7.78 -27.15 3.77
CA TYR D 307 6.44 -27.26 4.31
C TYR D 307 5.88 -28.67 4.19
N VAL D 308 6.16 -29.37 3.08
CA VAL D 308 5.61 -30.71 2.88
C VAL D 308 6.23 -31.70 3.85
N ASN D 309 7.55 -31.66 4.02
CA ASN D 309 8.18 -32.49 5.05
C ASN D 309 7.72 -32.09 6.44
N ASP D 310 7.44 -30.80 6.64
CA ASP D 310 7.01 -30.30 7.93
C ASP D 310 5.66 -30.90 8.33
N ILE D 311 4.67 -30.79 7.44
CA ILE D 311 3.35 -31.34 7.76
C ILE D 311 3.27 -32.84 7.51
N ARG D 312 4.26 -33.44 6.85
CA ARG D 312 4.33 -34.89 6.83
C ARG D 312 4.86 -35.43 8.15
N LEU D 313 5.76 -34.68 8.80
CA LEU D 313 6.16 -35.05 10.15
C LEU D 313 5.04 -34.81 11.15
N GLY D 314 4.34 -33.67 11.05
CA GLY D 314 3.28 -33.34 11.98
C GLY D 314 1.91 -33.89 11.68
N TYR D 315 1.74 -34.57 10.53
CA TYR D 315 0.45 -35.01 10.02
C TYR D 315 0.43 -36.48 9.62
N TYR D 316 1.56 -36.98 9.10
CA TYR D 316 1.57 -38.22 8.37
C TYR D 316 2.50 -39.25 9.01
N ASP D 317 2.41 -39.40 10.33
CA ASP D 317 2.94 -40.56 11.02
C ASP D 317 1.80 -41.15 11.83
N GLU D 318 0.96 -41.94 11.15
CA GLU D 318 -0.23 -42.54 11.72
C GLU D 318 -0.31 -43.98 11.29
N GLN D 319 -1.46 -44.61 11.54
CA GLN D 319 -1.73 -45.94 11.01
C GLN D 319 -2.22 -45.90 9.57
N SER D 320 -2.61 -44.72 9.08
CA SER D 320 -3.07 -44.57 7.71
C SER D 320 -1.93 -44.01 6.87
N PRO D 321 -1.40 -44.76 5.91
CA PRO D 321 -0.26 -44.28 5.14
C PRO D 321 -0.64 -43.16 4.18
N VAL D 322 0.35 -42.33 3.87
CA VAL D 322 0.24 -41.30 2.85
C VAL D 322 1.42 -41.48 1.90
N ILE D 323 1.14 -41.78 0.64
CA ILE D 323 2.16 -42.13 -0.33
C ILE D 323 2.10 -41.13 -1.48
N GLY D 324 3.24 -40.54 -1.81
CA GLY D 324 3.31 -39.50 -2.82
C GLY D 324 4.32 -39.83 -3.91
N PHE D 325 4.02 -39.39 -5.12
CA PHE D 325 4.86 -39.64 -6.29
C PHE D 325 5.35 -38.27 -6.77
N TRP D 326 6.52 -37.85 -6.27
CA TRP D 326 7.05 -36.55 -6.65
C TRP D 326 7.57 -36.60 -8.07
N PHE D 327 7.15 -35.64 -8.90
CA PHE D 327 7.59 -35.58 -10.28
C PHE D 327 8.33 -34.27 -10.54
N SER D 328 9.53 -34.41 -11.08
CA SER D 328 10.22 -33.36 -11.81
C SER D 328 10.63 -33.96 -13.15
N PRO D 329 10.76 -33.15 -14.19
CA PRO D 329 11.37 -33.67 -15.43
C PRO D 329 12.79 -34.11 -15.12
N ASN D 330 13.08 -35.37 -15.42
CA ASN D 330 14.42 -36.00 -15.36
C ASN D 330 15.21 -35.65 -14.11
N ASN D 331 14.52 -35.37 -13.01
CA ASN D 331 15.09 -34.83 -11.78
C ASN D 331 15.93 -33.57 -12.03
N ARG D 332 15.25 -32.52 -12.51
CA ARG D 332 15.84 -31.19 -12.51
C ARG D 332 16.13 -30.75 -11.08
N TYR D 333 15.04 -30.55 -10.33
CA TYR D 333 15.13 -30.07 -8.96
C TYR D 333 14.52 -31.12 -8.04
N PRO D 334 15.33 -31.90 -7.33
CA PRO D 334 14.78 -32.80 -6.32
C PRO D 334 14.33 -32.04 -5.08
N LEU D 335 13.96 -32.77 -4.04
CA LEU D 335 13.37 -32.17 -2.84
C LEU D 335 14.44 -31.46 -2.01
N GLY D 336 14.08 -31.08 -0.80
CA GLY D 336 15.01 -30.44 0.12
C GLY D 336 16.18 -31.33 0.46
N TYR D 337 17.40 -30.80 0.27
CA TYR D 337 18.60 -31.61 0.44
C TYR D 337 18.92 -31.88 1.91
N LYS D 338 18.27 -31.16 2.83
CA LYS D 338 18.44 -31.43 4.25
C LYS D 338 17.71 -32.70 4.70
N HIS D 339 16.79 -33.21 3.89
CA HIS D 339 16.03 -34.40 4.23
C HIS D 339 16.36 -35.58 3.33
N SER D 340 16.17 -35.41 2.01
CA SER D 340 16.50 -36.41 0.98
C SER D 340 15.76 -37.74 1.17
N LYS D 341 14.65 -37.74 1.92
CA LYS D 341 13.87 -38.96 2.10
C LYS D 341 12.38 -38.72 2.08
N LEU D 342 11.94 -37.50 1.77
CA LEU D 342 10.53 -37.14 1.86
C LEU D 342 9.70 -37.84 0.79
N ALA D 343 10.16 -37.81 -0.46
CA ALA D 343 9.42 -38.40 -1.55
C ALA D 343 9.49 -39.93 -1.50
N SER D 344 8.34 -40.56 -1.69
CA SER D 344 8.31 -42.03 -1.72
C SER D 344 8.93 -42.56 -3.00
N ARG D 345 8.61 -41.94 -4.14
CA ARG D 345 9.13 -42.39 -5.44
C ARG D 345 9.51 -41.15 -6.25
N ASN D 346 10.81 -40.93 -6.43
CA ASN D 346 11.29 -39.80 -7.22
C ASN D 346 11.05 -40.12 -8.69
N ILE D 347 10.01 -39.52 -9.26
CA ILE D 347 9.56 -39.81 -10.61
C ILE D 347 10.18 -38.79 -11.56
N GLY D 348 10.80 -39.29 -12.63
CA GLY D 348 11.40 -38.41 -13.62
C GLY D 348 10.68 -38.38 -14.95
N ASN D 349 9.69 -39.26 -15.13
CA ASN D 349 8.97 -39.36 -16.40
C ASN D 349 7.47 -39.26 -16.14
N LEU D 350 6.79 -38.41 -16.92
CA LEU D 350 5.36 -38.18 -16.70
C LEU D 350 4.55 -39.40 -17.11
N ASN D 351 4.97 -40.12 -18.16
CA ASN D 351 4.19 -41.28 -18.59
C ASN D 351 4.40 -42.47 -17.67
N GLU D 352 5.61 -42.64 -17.14
CA GLU D 352 5.79 -43.65 -16.11
C GLU D 352 5.06 -43.25 -14.84
N LEU D 353 4.88 -41.94 -14.62
CA LEU D 353 4.05 -41.45 -13.53
C LEU D 353 2.58 -41.81 -13.73
N VAL D 354 2.05 -41.63 -14.95
CA VAL D 354 0.64 -41.96 -15.15
C VAL D 354 0.43 -43.47 -15.09
N GLY D 355 1.41 -44.25 -15.57
CA GLY D 355 1.35 -45.69 -15.38
C GLY D 355 1.38 -46.08 -13.91
N ALA D 356 2.18 -45.37 -13.11
CA ALA D 356 2.30 -45.68 -11.69
C ALA D 356 1.04 -45.33 -10.93
N VAL D 357 0.43 -44.17 -11.22
CA VAL D 357 -0.80 -43.80 -10.52
C VAL D 357 -1.95 -44.72 -10.94
N LEU D 358 -2.01 -45.07 -12.23
CA LEU D 358 -3.03 -46.01 -12.70
C LEU D 358 -2.84 -47.39 -12.10
N ASP D 359 -1.60 -47.79 -11.85
CA ASP D 359 -1.36 -49.02 -11.11
C ASP D 359 -1.76 -48.90 -9.65
N TYR D 360 -1.59 -47.72 -9.06
CA TYR D 360 -1.88 -47.59 -7.63
C TYR D 360 -3.37 -47.53 -7.31
N ILE D 361 -4.19 -46.90 -8.17
CA ILE D 361 -5.58 -46.64 -7.79
C ILE D 361 -6.35 -47.96 -7.63
N GLY D 362 -6.32 -48.80 -8.65
CA GLY D 362 -6.81 -50.16 -8.51
C GLY D 362 -6.01 -51.14 -9.35
N GLY D 363 -5.02 -50.62 -10.07
CA GLY D 363 -4.28 -51.42 -11.03
C GLY D 363 -4.89 -51.26 -12.40
N PHE D 364 -4.26 -50.47 -13.26
CA PHE D 364 -4.83 -50.15 -14.56
C PHE D 364 -3.70 -49.90 -15.56
N LYS D 365 -4.04 -50.02 -16.84
CA LYS D 365 -3.12 -49.76 -17.93
C LYS D 365 -3.72 -48.67 -18.81
N TRP D 366 -2.86 -47.74 -19.24
CA TRP D 366 -3.31 -46.63 -20.08
C TRP D 366 -3.89 -47.14 -21.39
N GLU D 367 -3.24 -48.14 -22.00
CA GLU D 367 -3.75 -48.73 -23.22
C GLU D 367 -5.05 -49.51 -23.00
N GLU D 368 -5.35 -49.90 -21.77
CA GLU D 368 -6.59 -50.62 -21.48
C GLU D 368 -7.69 -49.72 -20.97
N VAL D 369 -7.36 -48.62 -20.29
CA VAL D 369 -8.39 -47.65 -19.91
C VAL D 369 -8.70 -46.68 -21.04
N GLN D 370 -7.84 -46.61 -22.06
CA GLN D 370 -8.18 -45.85 -23.25
C GLN D 370 -9.25 -46.51 -24.09
N LYS D 371 -9.42 -47.83 -23.95
CA LYS D 371 -10.37 -48.57 -24.77
C LYS D 371 -11.82 -48.26 -24.42
N SER D 372 -12.08 -47.65 -23.27
CA SER D 372 -13.41 -47.26 -22.86
C SER D 372 -13.51 -45.74 -22.92
N LYS D 373 -14.48 -45.24 -23.69
CA LYS D 373 -14.68 -43.80 -23.85
C LYS D 373 -16.18 -43.49 -23.80
N ALA D 374 -16.48 -42.26 -23.40
CA ALA D 374 -17.86 -41.77 -23.35
C ALA D 374 -17.94 -40.50 -24.19
N TYR D 375 -18.67 -40.55 -25.30
CA TYR D 375 -18.81 -39.40 -26.18
C TYR D 375 -20.12 -39.46 -26.97
N MET E 1 -0.48 -30.40 -34.88
CA MET E 1 0.90 -30.32 -35.32
C MET E 1 1.41 -28.90 -35.10
N LEU E 2 2.37 -28.76 -34.19
CA LEU E 2 2.88 -27.46 -33.77
C LEU E 2 4.34 -27.32 -34.17
N ILE E 3 4.68 -26.23 -34.84
CA ILE E 3 6.04 -25.92 -35.23
C ILE E 3 6.54 -24.80 -34.33
N GLU E 4 7.56 -25.09 -33.55
CA GLU E 4 8.04 -24.19 -32.50
C GLU E 4 9.43 -23.66 -32.85
N ILE E 5 9.68 -22.40 -32.52
CA ILE E 5 10.97 -21.76 -32.72
C ILE E 5 11.48 -21.28 -31.37
N HIS E 6 12.71 -21.64 -31.02
CA HIS E 6 13.40 -21.12 -29.85
C HIS E 6 14.72 -20.52 -30.31
N MET E 7 14.98 -19.26 -29.93
CA MET E 7 16.14 -18.54 -30.43
C MET E 7 16.92 -17.93 -29.27
N ILE E 8 18.21 -17.68 -29.55
CA ILE E 8 19.11 -16.96 -28.65
C ILE E 8 19.89 -15.95 -29.48
N GLN E 9 19.77 -14.67 -29.12
CA GLN E 9 20.52 -13.58 -29.76
C GLN E 9 21.37 -12.88 -28.72
N ASN E 10 22.14 -11.88 -29.16
CA ASN E 10 22.85 -10.98 -28.26
C ASN E 10 23.17 -9.70 -29.02
N HIS E 11 22.68 -8.57 -28.53
CA HIS E 11 22.80 -7.30 -29.21
C HIS E 11 23.79 -6.38 -28.51
N SER E 12 24.17 -5.32 -29.22
CA SER E 12 25.06 -4.28 -28.72
C SER E 12 24.27 -3.37 -27.77
N PRO E 13 24.93 -2.34 -27.17
CA PRO E 13 24.17 -1.28 -26.49
C PRO E 13 23.07 -0.69 -27.36
N ALA E 14 21.82 -0.83 -26.90
CA ALA E 14 20.67 -0.62 -27.76
C ALA E 14 19.51 0.01 -26.99
N ASN E 15 18.60 0.62 -27.76
CA ASN E 15 17.30 1.09 -27.28
C ASN E 15 16.28 0.61 -28.30
N LEU E 16 15.80 -0.61 -28.12
CA LEU E 16 14.91 -1.23 -29.09
C LEU E 16 13.44 -1.02 -28.78
N ASN E 17 13.06 -0.99 -27.52
CA ASN E 17 11.65 -0.93 -27.15
C ASN E 17 11.45 0.10 -26.05
N ARG E 18 11.96 1.31 -26.30
CA ARG E 18 12.06 2.36 -25.30
C ARG E 18 10.69 2.77 -24.73
N ASP E 19 10.73 3.56 -23.65
CA ASP E 19 9.54 4.13 -23.05
C ASP E 19 9.18 5.44 -23.74
N ASP E 20 7.99 5.96 -23.42
CA ASP E 20 7.67 7.32 -23.85
C ASP E 20 8.55 8.32 -23.14
N LEU E 21 9.02 7.98 -21.94
CA LEU E 21 10.13 8.68 -21.33
C LEU E 21 11.41 8.47 -22.15
N GLY E 22 11.64 7.25 -22.60
CA GLY E 22 12.84 6.90 -23.34
C GLY E 22 13.53 5.67 -22.80
N ALA E 23 13.08 5.18 -21.66
CA ALA E 23 13.72 4.05 -21.01
C ALA E 23 13.42 2.76 -21.77
N PRO E 24 14.42 1.94 -22.06
CA PRO E 24 14.13 0.63 -22.69
C PRO E 24 13.26 -0.23 -21.79
N LYS E 25 12.37 -0.99 -22.43
CA LYS E 25 11.34 -1.74 -21.70
C LYS E 25 11.96 -2.82 -20.83
N THR E 26 11.42 -2.95 -19.61
CA THR E 26 11.89 -3.92 -18.66
C THR E 26 10.72 -4.74 -18.15
N CYS E 27 11.01 -5.98 -17.76
CA CYS E 27 10.06 -6.84 -17.09
C CYS E 27 10.81 -7.65 -16.05
N TYR E 28 10.06 -8.17 -15.08
CA TYR E 28 10.65 -9.01 -14.04
C TYR E 28 10.40 -10.47 -14.40
N PHE E 29 11.46 -11.26 -14.44
CA PHE E 29 11.37 -12.68 -14.73
C PHE E 29 12.26 -13.41 -13.73
N GLY E 30 11.64 -14.15 -12.82
CA GLY E 30 12.40 -14.81 -11.77
C GLY E 30 12.86 -13.89 -10.66
N GLY E 31 12.20 -12.76 -10.47
CA GLY E 31 12.57 -11.82 -9.42
C GLY E 31 13.69 -10.88 -9.77
N VAL E 32 14.21 -10.92 -10.99
CA VAL E 32 15.29 -10.05 -11.42
C VAL E 32 14.86 -9.29 -12.66
N LEU E 33 15.35 -8.06 -12.78
CA LEU E 33 14.94 -7.18 -13.86
C LEU E 33 15.57 -7.63 -15.18
N ARG E 34 14.74 -7.88 -16.18
CA ARG E 34 15.20 -8.29 -17.50
C ARG E 34 14.68 -7.33 -18.55
N SER E 35 15.52 -7.05 -19.55
CA SER E 35 15.08 -6.27 -20.70
C SER E 35 14.08 -7.07 -21.52
N ARG E 36 13.02 -6.41 -21.95
CA ARG E 36 11.96 -7.06 -22.71
C ARG E 36 11.79 -6.37 -24.05
N ILE E 37 11.76 -7.17 -25.11
CA ILE E 37 11.34 -6.72 -26.44
C ILE E 37 9.88 -7.14 -26.60
N SER E 38 9.03 -6.17 -26.92
CA SER E 38 7.59 -6.40 -26.93
C SER E 38 7.19 -7.38 -28.03
N SER E 39 6.23 -8.25 -27.71
CA SER E 39 5.73 -9.22 -28.67
C SER E 39 5.13 -8.52 -29.89
N GLN E 40 4.43 -7.42 -29.66
CA GLN E 40 3.89 -6.62 -30.76
C GLN E 40 5.01 -6.08 -31.64
N CYS E 41 6.12 -5.65 -31.01
CA CYS E 41 7.26 -5.14 -31.78
C CYS E 41 7.92 -6.24 -32.59
N ILE E 42 8.08 -7.43 -31.99
CA ILE E 42 8.65 -8.56 -32.72
C ILE E 42 7.77 -8.94 -33.89
N LYS E 43 6.45 -9.01 -33.67
CA LYS E 43 5.53 -9.38 -34.74
C LYS E 43 5.50 -8.33 -35.85
N ARG E 44 5.56 -7.05 -35.49
CA ARG E 44 5.53 -6.01 -36.52
C ARG E 44 6.82 -5.96 -37.31
N SER E 45 7.97 -6.13 -36.63
CA SER E 45 9.24 -6.21 -37.35
C SER E 45 9.30 -7.45 -38.23
N ILE E 46 8.65 -8.53 -37.81
CA ILE E 46 8.50 -9.69 -38.70
C ILE E 46 7.65 -9.34 -39.90
N ARG E 47 6.54 -8.64 -39.69
CA ARG E 47 5.60 -8.35 -40.77
C ARG E 47 6.18 -7.37 -41.78
N THR E 48 6.92 -6.36 -41.31
CA THR E 48 7.44 -5.30 -42.15
C THR E 48 8.80 -5.68 -42.76
N SER E 49 9.30 -6.87 -42.45
CA SER E 49 10.63 -7.32 -42.84
C SER E 49 10.79 -7.38 -44.36
N ASN E 50 12.06 -7.40 -44.79
CA ASN E 50 12.37 -7.47 -46.21
C ASN E 50 11.94 -8.82 -46.79
N ASP E 51 12.16 -9.91 -46.06
CA ASP E 51 11.74 -11.21 -46.56
C ASP E 51 10.26 -11.49 -46.30
N PHE E 52 9.57 -10.61 -45.58
CA PHE E 52 8.12 -10.61 -45.55
C PHE E 52 7.52 -9.70 -46.61
N LYS E 53 8.35 -9.05 -47.43
CA LYS E 53 7.86 -8.33 -48.60
C LYS E 53 7.86 -9.22 -49.83
N ALA E 54 7.35 -10.44 -49.62
CA ALA E 54 6.97 -11.35 -50.69
C ALA E 54 5.74 -12.16 -50.31
N LEU E 55 5.18 -11.90 -49.13
CA LEU E 55 4.06 -12.64 -48.57
C LEU E 55 2.84 -11.76 -48.31
N LEU E 56 3.01 -10.44 -48.26
CA LEU E 56 1.99 -9.54 -47.75
C LEU E 56 0.73 -9.59 -48.59
N GLY E 57 -0.42 -9.70 -47.92
CA GLY E 57 -1.71 -9.73 -48.57
C GLY E 57 -2.73 -8.91 -47.81
N GLY E 58 -2.25 -8.17 -46.81
CA GLY E 58 -3.11 -7.32 -46.02
C GLY E 58 -2.38 -6.05 -45.61
N VAL E 59 -3.15 -5.03 -45.29
CA VAL E 59 -2.61 -3.74 -44.87
C VAL E 59 -3.00 -3.47 -43.42
N ARG E 60 -4.26 -3.77 -43.08
CA ARG E 60 -4.87 -3.44 -41.80
C ARG E 60 -4.79 -1.93 -41.56
N THR E 61 -5.46 -1.19 -42.43
CA THR E 61 -5.41 0.26 -42.42
C THR E 61 -6.44 0.85 -41.45
N ARG E 62 -6.40 2.17 -41.31
CA ARG E 62 -7.37 2.90 -40.49
C ARG E 62 -8.41 3.59 -41.36
N ARG E 63 -7.99 4.46 -42.27
CA ARG E 63 -8.90 5.24 -43.11
C ARG E 63 -8.80 4.72 -44.55
N LEU E 64 -9.70 3.81 -44.89
CA LEU E 64 -9.67 3.11 -46.17
C LEU E 64 -10.06 3.99 -47.35
N ALA E 65 -10.38 5.27 -47.13
CA ALA E 65 -10.82 6.15 -48.22
C ALA E 65 -9.70 6.43 -49.21
N ASP E 66 -8.51 6.78 -48.71
CA ASP E 66 -7.42 7.09 -49.62
C ASP E 66 -6.92 5.84 -50.33
N LEU E 67 -7.05 4.68 -49.68
CA LEU E 67 -6.66 3.43 -50.33
C LEU E 67 -7.70 2.98 -51.35
N ILE E 68 -8.97 3.34 -51.14
CA ILE E 68 -10.00 2.99 -52.11
C ILE E 68 -10.07 4.04 -53.21
N GLN E 69 -9.36 5.15 -53.06
CA GLN E 69 -9.24 6.15 -54.12
C GLN E 69 -8.32 5.66 -55.25
N GLN E 70 -7.04 5.43 -54.93
CA GLN E 70 -6.02 5.28 -55.96
C GLN E 70 -6.05 3.91 -56.66
N GLY E 73 -16.03 8.08 -59.90
CA GLY E 73 -15.15 8.13 -61.05
C GLY E 73 -13.92 8.98 -60.80
N GLU E 74 -12.84 8.32 -60.37
CA GLU E 74 -11.52 8.89 -60.11
C GLU E 74 -11.51 9.86 -58.92
N THR E 75 -12.66 10.11 -58.30
CA THR E 75 -12.74 10.93 -57.10
C THR E 75 -13.92 10.48 -56.25
N GLU E 76 -13.66 9.62 -55.26
CA GLU E 76 -14.70 9.04 -54.43
C GLU E 76 -14.38 9.38 -52.98
N CYS E 77 -14.88 10.51 -52.50
CA CYS E 77 -14.67 10.93 -51.12
C CYS E 77 -15.69 11.99 -50.72
N TRP E 78 -15.98 12.07 -49.42
CA TRP E 78 -16.79 13.15 -48.81
C TRP E 78 -18.17 13.33 -49.43
N LYS E 80 -18.52 10.35 -50.28
CA LYS E 80 -18.58 9.23 -51.21
C LYS E 80 -17.78 8.06 -50.66
N ALA E 81 -16.72 8.36 -49.92
CA ALA E 81 -16.04 7.31 -49.16
C ALA E 81 -16.17 7.58 -47.67
N GLN E 82 -15.67 8.73 -47.21
CA GLN E 82 -15.72 9.03 -45.78
C GLN E 82 -17.13 9.34 -45.31
N GLU E 83 -17.94 9.98 -46.15
CA GLU E 83 -19.30 10.36 -45.78
C GLU E 83 -20.22 9.16 -45.63
N ILE E 84 -20.21 8.21 -46.55
CA ILE E 84 -20.96 6.98 -46.40
C ILE E 84 -20.17 5.88 -45.70
N LEU E 85 -18.98 6.18 -45.21
CA LEU E 85 -18.29 5.28 -44.30
C LEU E 85 -18.87 5.36 -42.89
N ASN E 86 -19.49 6.47 -42.53
CA ASN E 86 -20.12 6.62 -41.22
C ASN E 86 -21.32 5.72 -41.01
N LYS E 87 -21.92 5.20 -42.08
CA LYS E 87 -23.10 4.34 -41.94
C LYS E 87 -22.77 2.97 -41.37
N CYS E 88 -21.51 2.55 -41.45
CA CYS E 88 -21.10 1.23 -40.98
C CYS E 88 -20.80 1.21 -39.49
N GLY E 89 -20.94 2.34 -38.80
CA GLY E 89 -20.55 2.43 -37.42
C GLY E 89 -19.16 2.97 -37.18
N PHE E 90 -18.52 3.54 -38.20
CA PHE E 90 -17.17 4.08 -38.08
C PHE E 90 -17.28 5.57 -38.37
N LYS E 91 -17.50 6.35 -37.31
CA LYS E 91 -17.73 7.78 -37.47
C LYS E 91 -16.42 8.49 -37.80
N ASN E 92 -16.54 9.77 -38.15
CA ASN E 92 -15.41 10.58 -38.59
C ASN E 92 -15.02 11.56 -37.50
N LYS E 93 -13.73 11.59 -37.16
CA LYS E 93 -13.17 12.54 -36.22
C LYS E 93 -11.86 13.02 -36.82
N ASP E 94 -11.89 14.20 -37.45
CA ASP E 94 -10.81 14.72 -38.29
C ASP E 94 -10.44 13.71 -39.38
N ASP E 95 -11.44 13.40 -40.20
CA ASP E 95 -11.42 12.43 -41.31
C ASP E 95 -10.66 11.15 -40.97
N ASN E 96 -11.15 10.46 -39.95
CA ASN E 96 -10.66 9.14 -39.59
C ASN E 96 -11.85 8.20 -39.48
N THR E 97 -11.57 6.93 -39.20
CA THR E 97 -12.63 5.95 -39.01
C THR E 97 -12.73 5.45 -37.57
N LYS E 98 -11.80 5.86 -36.69
CA LYS E 98 -11.81 5.60 -35.26
C LYS E 98 -11.75 4.11 -34.91
N MET E 99 -11.29 3.27 -35.84
CA MET E 99 -11.17 1.85 -35.55
C MET E 99 -10.24 1.26 -36.60
N LEU E 100 -9.10 0.71 -36.18
CA LEU E 100 -8.11 0.18 -37.13
C LEU E 100 -8.59 -1.18 -37.60
N VAL E 101 -9.28 -1.20 -38.74
CA VAL E 101 -9.97 -2.40 -39.20
C VAL E 101 -8.97 -3.48 -39.62
N PHE E 102 -9.20 -4.70 -39.13
CA PHE E 102 -8.39 -5.87 -39.48
C PHE E 102 -8.99 -6.53 -40.70
N MET E 103 -8.26 -6.50 -41.81
CA MET E 103 -8.90 -6.47 -43.11
C MET E 103 -7.81 -6.51 -44.19
N SER E 104 -8.10 -7.20 -45.30
CA SER E 104 -7.08 -7.55 -46.28
C SER E 104 -6.78 -6.36 -47.20
N LYS E 105 -6.00 -6.58 -48.26
CA LYS E 105 -5.56 -5.46 -49.11
C LYS E 105 -5.73 -5.65 -50.61
N ASP E 106 -5.76 -6.89 -51.14
CA ASP E 106 -5.72 -7.06 -52.59
C ASP E 106 -7.12 -7.15 -53.18
N LYS E 107 -7.85 -8.21 -52.83
CA LYS E 107 -9.23 -8.33 -53.29
C LYS E 107 -10.13 -7.29 -52.64
N ILE E 108 -9.76 -6.82 -51.46
CA ILE E 108 -10.55 -5.80 -50.78
C ILE E 108 -10.56 -4.52 -51.60
N LYS E 109 -9.36 -4.04 -51.96
CA LYS E 109 -9.26 -2.79 -52.71
C LYS E 109 -9.70 -2.97 -54.15
N ASP E 110 -9.53 -4.18 -54.71
CA ASP E 110 -9.88 -4.41 -56.10
C ASP E 110 -11.37 -4.66 -56.33
N LEU E 111 -12.13 -5.07 -55.30
CA LEU E 111 -13.58 -5.20 -55.45
C LEU E 111 -14.38 -4.34 -54.46
N ALA E 112 -13.75 -3.37 -53.80
CA ALA E 112 -14.51 -2.40 -53.02
C ALA E 112 -14.75 -1.09 -53.74
N ARG E 113 -14.15 -0.88 -54.91
CA ARG E 113 -14.42 0.33 -55.68
C ARG E 113 -15.77 0.23 -56.39
N ILE E 114 -16.14 -0.98 -56.81
CA ILE E 114 -17.29 -1.16 -57.69
C ILE E 114 -18.60 -0.82 -56.99
N VAL E 115 -18.66 -1.00 -55.68
CA VAL E 115 -19.89 -0.77 -54.92
C VAL E 115 -19.86 0.51 -54.10
N LEU E 116 -18.70 1.15 -53.97
CA LEU E 116 -18.56 2.36 -53.17
C LEU E 116 -18.21 3.59 -54.01
N ASP E 117 -18.21 3.46 -55.34
CA ASP E 117 -18.06 4.61 -56.23
C ASP E 117 -19.44 5.21 -56.49
N ASN E 118 -20.05 5.70 -55.41
CA ASN E 118 -21.40 6.23 -55.37
C ASN E 118 -22.42 5.23 -55.90
N SER E 119 -23.61 5.72 -56.29
CA SER E 119 -24.69 4.94 -56.86
C SER E 119 -25.18 3.83 -55.93
N LEU E 120 -26.13 3.03 -56.42
CA LEU E 120 -26.64 1.82 -55.78
C LEU E 120 -27.33 2.07 -54.44
N GLY E 121 -27.49 3.32 -54.04
CA GLY E 121 -28.23 3.66 -52.84
C GLY E 121 -27.47 3.50 -51.55
N LEU E 122 -27.60 4.47 -50.65
CA LEU E 122 -27.08 4.32 -49.30
C LEU E 122 -27.91 3.32 -48.52
N THR E 123 -27.22 2.58 -47.63
CA THR E 123 -27.72 1.47 -46.81
C THR E 123 -28.08 0.24 -47.62
N GLU E 124 -28.03 0.32 -48.95
CA GLU E 124 -28.06 -0.86 -49.82
C GLU E 124 -26.65 -1.27 -50.22
N ALA E 125 -25.72 -0.32 -50.26
CA ALA E 125 -24.31 -0.62 -50.36
C ALA E 125 -23.68 -0.94 -49.01
N ALA E 126 -24.47 -0.89 -47.93
CA ALA E 126 -23.98 -1.29 -46.62
C ALA E 126 -23.76 -2.80 -46.54
N GLN E 127 -24.66 -3.58 -47.13
CA GLN E 127 -24.43 -5.03 -47.20
C GLN E 127 -23.25 -5.34 -48.11
N GLN E 128 -23.06 -4.56 -49.17
CA GLN E 128 -21.87 -4.71 -49.99
C GLN E 128 -20.61 -4.34 -49.23
N VAL E 129 -20.69 -3.35 -48.34
CA VAL E 129 -19.57 -3.00 -47.47
C VAL E 129 -19.26 -4.17 -46.52
N ALA E 130 -20.30 -4.80 -45.98
CA ALA E 130 -20.09 -5.95 -45.10
C ALA E 130 -19.46 -7.12 -45.87
N ASN E 131 -19.92 -7.35 -47.10
CA ASN E 131 -19.36 -8.42 -47.92
C ASN E 131 -17.91 -8.13 -48.26
N VAL E 132 -17.59 -6.88 -48.62
CA VAL E 132 -16.24 -6.55 -49.09
C VAL E 132 -15.30 -6.11 -47.98
N ILE E 133 -15.75 -6.10 -46.72
CA ILE E 133 -14.89 -5.86 -45.57
C ILE E 133 -14.72 -7.12 -44.72
N ALA E 134 -15.83 -7.81 -44.41
CA ALA E 134 -15.84 -8.84 -43.39
C ALA E 134 -15.86 -10.26 -43.95
N GLN E 135 -15.18 -10.51 -45.05
CA GLN E 135 -15.27 -11.85 -45.64
C GLN E 135 -13.92 -12.50 -45.87
N ALA E 136 -12.91 -11.75 -46.31
CA ALA E 136 -11.80 -12.31 -47.08
C ALA E 136 -10.97 -13.35 -46.33
N THR E 137 -10.16 -12.90 -45.37
CA THR E 137 -9.37 -13.73 -44.44
C THR E 137 -8.26 -14.52 -45.18
N LEU E 138 -8.23 -14.52 -46.51
CA LEU E 138 -7.17 -15.22 -47.24
C LEU E 138 -5.91 -14.35 -47.35
N ALA E 139 -5.42 -13.94 -46.20
CA ALA E 139 -4.13 -13.28 -46.08
C ALA E 139 -3.26 -14.03 -45.07
N PRO E 140 -1.98 -14.24 -45.37
CA PRO E 140 -1.15 -15.04 -44.46
C PRO E 140 -0.90 -14.35 -43.14
N ASP E 141 -0.44 -13.09 -43.19
CA ASP E 141 -0.13 -12.37 -41.95
C ASP E 141 -1.37 -12.09 -41.12
N ILE E 142 -2.52 -11.87 -41.76
CA ILE E 142 -3.75 -11.67 -41.01
C ILE E 142 -4.19 -12.96 -40.32
N ALA E 143 -4.15 -14.08 -41.04
CA ALA E 143 -4.55 -15.34 -40.42
C ALA E 143 -3.57 -15.77 -39.33
N LEU E 144 -2.30 -15.37 -39.45
CA LEU E 144 -1.37 -15.61 -38.35
C LEU E 144 -1.66 -14.71 -37.17
N CYS E 145 -1.92 -13.43 -37.42
CA CYS E 145 -2.16 -12.45 -36.37
C CYS E 145 -3.63 -12.33 -35.95
N GLY E 146 -4.52 -13.11 -36.56
CA GLY E 146 -5.92 -13.05 -36.19
C GLY E 146 -6.64 -11.88 -36.84
N ARG E 147 -7.90 -11.72 -36.43
CA ARG E 147 -8.73 -10.66 -36.97
C ARG E 147 -9.69 -10.18 -35.89
N MET E 148 -9.77 -8.86 -35.71
CA MET E 148 -10.73 -8.25 -34.81
C MET E 148 -11.50 -7.16 -35.55
N LEU E 149 -12.83 -7.23 -35.45
CA LEU E 149 -13.69 -6.26 -36.10
C LEU E 149 -14.93 -6.05 -35.22
N GLU E 150 -15.48 -4.84 -35.30
CA GLU E 150 -16.68 -4.48 -34.54
C GLU E 150 -17.33 -3.24 -35.11
N PRO E 151 -18.63 -3.29 -35.43
CA PRO E 151 -19.35 -2.07 -35.79
C PRO E 151 -20.05 -1.45 -34.59
N ASN E 152 -20.02 -0.12 -34.53
CA ASN E 152 -20.70 0.59 -33.45
C ASN E 152 -22.20 0.46 -33.59
N ASP E 153 -22.90 0.51 -32.45
CA ASP E 153 -24.35 0.42 -32.43
C ASP E 153 -25.04 1.76 -32.33
N LYS E 154 -24.32 2.82 -31.95
CA LYS E 154 -24.97 4.12 -31.76
C LYS E 154 -25.30 4.79 -33.08
N ASP E 155 -24.38 4.74 -34.04
CA ASP E 155 -24.55 5.49 -35.29
C ASP E 155 -24.90 4.62 -36.49
N LYS E 156 -24.57 3.34 -36.47
CA LYS E 156 -24.82 2.48 -37.63
C LYS E 156 -26.30 2.17 -37.75
N ASP E 157 -26.78 2.11 -39.00
CA ASP E 157 -28.17 1.78 -39.27
C ASP E 157 -28.41 0.29 -39.04
N LYS E 158 -29.69 -0.08 -39.03
CA LYS E 158 -30.08 -1.46 -38.82
C LYS E 158 -30.04 -2.29 -40.10
N LYS E 159 -29.70 -1.69 -41.24
CA LYS E 159 -29.64 -2.42 -42.50
C LYS E 159 -28.32 -3.13 -42.72
N VAL E 160 -27.36 -2.98 -41.81
CA VAL E 160 -26.10 -3.70 -41.86
C VAL E 160 -26.32 -5.06 -41.21
N LYS E 161 -26.04 -6.13 -41.94
CA LYS E 161 -26.11 -7.49 -41.41
C LYS E 161 -24.68 -7.98 -41.25
N TRP E 162 -24.08 -7.68 -40.09
CA TRP E 162 -22.71 -8.06 -39.80
C TRP E 162 -22.69 -9.49 -39.27
N SER E 163 -21.97 -10.37 -39.95
CA SER E 163 -21.83 -11.75 -39.50
C SER E 163 -20.72 -11.82 -38.46
N ASN E 164 -20.39 -13.03 -38.02
CA ASN E 164 -19.31 -13.22 -37.06
C ASN E 164 -17.97 -13.03 -37.76
N THR E 165 -17.31 -11.91 -37.48
CA THR E 165 -16.03 -11.61 -38.10
C THR E 165 -14.84 -11.99 -37.20
N THR E 166 -15.10 -12.53 -36.02
CA THR E 166 -14.03 -12.99 -35.15
C THR E 166 -13.28 -14.16 -35.78
N VAL E 167 -11.99 -13.99 -35.98
CA VAL E 167 -11.13 -15.02 -36.55
C VAL E 167 -9.94 -15.24 -35.61
N GLU E 168 -9.74 -16.49 -35.21
CA GLU E 168 -8.67 -16.81 -34.27
C GLU E 168 -7.31 -16.68 -34.95
N ALA E 169 -6.29 -16.48 -34.12
CA ALA E 169 -4.92 -16.34 -34.61
C ALA E 169 -4.21 -17.68 -34.55
N ALA E 170 -3.47 -17.99 -35.60
CA ALA E 170 -2.71 -19.23 -35.69
C ALA E 170 -1.31 -19.10 -35.11
N LEU E 171 -0.96 -17.94 -34.56
CA LEU E 171 0.39 -17.68 -34.08
C LEU E 171 0.37 -17.37 -32.60
N GLN E 172 1.42 -17.81 -31.90
CA GLN E 172 1.60 -17.50 -30.48
C GLN E 172 3.06 -17.13 -30.28
N VAL E 173 3.32 -15.84 -30.13
CA VAL E 173 4.67 -15.36 -29.86
C VAL E 173 4.75 -14.95 -28.40
N ALA E 174 5.95 -15.01 -27.85
CA ALA E 174 6.21 -14.61 -26.48
C ALA E 174 7.17 -13.44 -26.47
N HIS E 175 7.03 -12.58 -25.45
CA HIS E 175 7.91 -11.44 -25.32
C HIS E 175 9.35 -11.90 -25.11
N ALA E 176 10.27 -11.25 -25.83
CA ALA E 176 11.68 -11.61 -25.71
C ALA E 176 12.21 -11.20 -24.35
N ILE E 177 12.88 -12.14 -23.67
CA ILE E 177 13.40 -11.93 -22.33
C ILE E 177 14.92 -12.07 -22.38
N SER E 178 15.62 -11.15 -21.74
CA SER E 178 17.06 -11.28 -21.60
C SER E 178 17.38 -12.47 -20.68
N THR E 179 18.53 -13.08 -20.93
CA THR E 179 18.95 -14.24 -20.17
C THR E 179 19.65 -13.89 -18.85
N HIS E 180 19.85 -12.60 -18.58
CA HIS E 180 20.64 -12.18 -17.43
C HIS E 180 19.93 -11.01 -16.76
N ILE E 181 20.59 -10.43 -15.75
CA ILE E 181 20.07 -9.25 -15.08
C ILE E 181 20.30 -8.04 -15.97
N ALA E 182 19.22 -7.37 -16.34
CA ALA E 182 19.35 -6.18 -17.18
C ALA E 182 19.90 -5.02 -16.36
N ARG E 183 20.77 -4.23 -16.99
CA ARG E 183 21.27 -3.02 -16.38
C ARG E 183 20.98 -1.83 -17.29
N PRO E 184 20.39 -0.77 -16.77
CA PRO E 184 20.16 0.44 -17.58
C PRO E 184 21.31 1.42 -17.46
N GLU E 185 21.73 1.95 -18.60
CA GLU E 185 22.82 2.91 -18.65
C GLU E 185 22.25 4.28 -19.00
N ILE E 186 22.60 5.28 -18.21
CA ILE E 186 22.14 6.66 -18.43
C ILE E 186 23.24 7.36 -19.22
N ASP E 187 23.04 7.48 -20.53
CA ASP E 187 23.96 8.22 -21.39
C ASP E 187 23.59 9.69 -21.30
N TYR E 188 24.41 10.46 -20.60
CA TYR E 188 24.21 11.90 -20.59
C TYR E 188 24.59 12.46 -21.95
N PHE E 189 23.81 13.42 -22.43
CA PHE E 189 24.10 14.05 -23.71
C PHE E 189 23.60 15.48 -23.69
N VAL E 190 24.22 16.32 -24.52
CA VAL E 190 23.81 17.70 -24.71
C VAL E 190 23.59 17.94 -26.20
N ALA E 191 23.06 19.12 -26.50
CA ALA E 191 23.02 19.64 -27.86
C ALA E 191 23.81 20.93 -27.88
N ALA E 192 24.89 20.95 -28.65
CA ALA E 192 25.85 22.04 -28.63
C ALA E 192 25.63 22.98 -29.82
N ASP E 193 25.72 24.28 -29.56
CA ASP E 193 25.60 25.28 -30.60
C ASP E 193 26.96 25.54 -31.24
N ASP E 194 26.95 25.88 -32.52
CA ASP E 194 28.17 26.20 -33.24
C ASP E 194 28.31 27.68 -33.58
N VAL E 195 27.21 28.39 -33.79
CA VAL E 195 27.31 29.83 -34.06
C VAL E 195 27.65 30.55 -32.75
N PRO E 196 28.63 31.45 -32.74
CA PRO E 196 28.99 32.17 -31.51
C PRO E 196 28.22 33.48 -31.35
N GLY E 197 26.88 33.36 -31.33
CA GLY E 197 26.04 34.53 -31.16
C GLY E 197 25.98 35.09 -29.77
N GLU E 198 26.51 34.36 -28.78
CA GLU E 198 26.49 34.79 -27.39
C GLU E 198 27.73 34.19 -26.72
N ASP E 199 27.72 34.11 -25.39
CA ASP E 199 28.81 33.48 -24.66
C ASP E 199 28.82 31.97 -24.94
N ALA E 200 29.84 31.30 -24.41
CA ALA E 200 30.09 29.90 -24.76
C ALA E 200 29.08 28.96 -24.13
N GLY E 201 27.82 29.05 -24.55
CA GLY E 201 26.81 28.11 -24.13
C GLY E 201 26.78 26.89 -25.03
N ALA E 202 25.85 25.99 -24.71
CA ALA E 202 25.69 24.76 -25.47
C ALA E 202 24.34 24.72 -26.21
N GLY E 203 23.24 24.84 -25.49
CA GLY E 203 21.95 24.61 -26.09
C GLY E 203 21.06 23.77 -25.20
N HIS E 204 20.68 22.58 -25.67
CA HIS E 204 19.80 21.70 -24.93
C HIS E 204 20.59 20.55 -24.32
N ILE E 205 20.42 20.35 -23.01
CA ILE E 205 21.03 19.23 -22.32
C ILE E 205 19.93 18.28 -21.86
N GLY E 206 20.26 16.99 -21.78
CA GLY E 206 19.29 15.99 -21.41
C GLY E 206 19.93 14.63 -21.17
N GLU E 207 19.16 13.56 -21.37
CA GLU E 207 19.69 12.23 -21.11
C GLU E 207 19.10 11.24 -22.11
N SER E 208 19.82 10.13 -22.28
CA SER E 208 19.33 8.97 -23.02
C SER E 208 19.60 7.73 -22.17
N MET E 209 18.70 6.75 -22.29
CA MET E 209 18.81 5.50 -21.55
C MET E 209 18.82 4.32 -22.52
N PHE E 210 19.71 3.37 -22.27
CA PHE E 210 19.89 2.23 -23.16
C PHE E 210 20.36 1.03 -22.35
N ALA E 211 20.51 -0.10 -23.04
CA ALA E 211 20.98 -1.34 -22.42
C ALA E 211 21.52 -2.25 -23.52
N SER E 212 22.09 -3.38 -23.10
CA SER E 212 22.57 -4.41 -23.99
C SER E 212 22.27 -5.77 -23.35
N ALA E 213 21.81 -6.73 -24.14
CA ALA E 213 21.33 -7.97 -23.57
C ALA E 213 21.43 -9.12 -24.56
N CYS E 214 21.32 -10.34 -24.02
CA CYS E 214 21.23 -11.57 -24.78
C CYS E 214 19.80 -12.10 -24.66
N PHE E 215 19.12 -12.21 -25.80
CA PHE E 215 17.67 -12.36 -25.79
C PHE E 215 17.23 -13.78 -26.12
N TYR E 216 16.08 -14.16 -25.57
CA TYR E 216 15.44 -15.45 -25.84
C TYR E 216 14.06 -15.18 -26.40
N LYS E 217 13.78 -15.75 -27.58
CA LYS E 217 12.52 -15.54 -28.27
C LYS E 217 11.87 -16.88 -28.60
N TYR E 218 10.56 -16.96 -28.40
CA TYR E 218 9.80 -18.19 -28.64
C TYR E 218 8.66 -17.92 -29.60
N PHE E 219 8.48 -18.82 -30.57
CA PHE E 219 7.39 -18.75 -31.52
C PHE E 219 6.78 -20.14 -31.66
N SER E 220 5.50 -20.17 -32.05
CA SER E 220 4.80 -21.43 -32.26
C SER E 220 3.78 -21.24 -33.38
N ILE E 221 3.98 -21.93 -34.50
CA ILE E 221 3.10 -21.82 -35.66
C ILE E 221 2.24 -23.07 -35.70
N ASP E 222 0.94 -22.91 -35.50
CA ASP E 222 0.00 -24.00 -35.65
C ASP E 222 -0.13 -24.36 -37.13
N TRP E 223 -0.31 -25.65 -37.42
CA TRP E 223 -0.31 -26.11 -38.81
C TRP E 223 -1.71 -26.31 -39.37
N GLU E 224 -2.51 -27.19 -38.74
CA GLU E 224 -3.84 -27.44 -39.29
C GLU E 224 -4.77 -26.26 -39.03
N GLN E 225 -4.53 -25.50 -37.97
CA GLN E 225 -5.28 -24.27 -37.74
C GLN E 225 -4.96 -23.24 -38.83
N LEU E 226 -3.69 -23.14 -39.21
CA LEU E 226 -3.31 -22.24 -40.31
C LEU E 226 -3.90 -22.71 -41.64
N VAL E 227 -3.89 -24.02 -41.90
CA VAL E 227 -4.41 -24.53 -43.17
C VAL E 227 -5.93 -24.48 -43.20
N LYS E 228 -6.59 -24.44 -42.04
CA LYS E 228 -8.01 -24.15 -41.98
C LYS E 228 -8.28 -22.67 -42.19
N ASN E 229 -7.39 -21.81 -41.69
CA ASN E 229 -7.55 -20.37 -41.83
C ASN E 229 -7.34 -19.94 -43.29
N LEU E 230 -6.42 -20.59 -43.99
CA LEU E 230 -6.21 -20.31 -45.41
C LEU E 230 -7.03 -21.21 -46.32
N LYS E 231 -7.74 -22.20 -45.76
CA LYS E 231 -8.67 -23.06 -46.48
C LYS E 231 -7.98 -23.83 -47.62
N GLY E 232 -7.02 -24.67 -47.24
CA GLY E 232 -6.48 -25.66 -48.16
C GLY E 232 -5.36 -25.19 -49.06
N ASP E 233 -4.72 -24.06 -48.77
CA ASP E 233 -3.57 -23.61 -49.56
C ASP E 233 -2.31 -24.11 -48.88
N THR E 234 -1.76 -25.22 -49.39
CA THR E 234 -0.60 -25.85 -48.77
C THR E 234 0.68 -25.06 -49.03
N ASN E 235 0.86 -24.60 -50.27
CA ASN E 235 2.12 -23.97 -50.65
C ASN E 235 2.25 -22.59 -50.01
N LEU E 236 1.15 -21.85 -49.89
CA LEU E 236 1.23 -20.58 -49.18
C LEU E 236 1.47 -20.79 -47.68
N ALA E 237 0.96 -21.89 -47.12
CA ALA E 237 1.26 -22.21 -45.72
C ALA E 237 2.74 -22.53 -45.54
N ALA E 238 3.32 -23.27 -46.48
CA ALA E 238 4.76 -23.55 -46.44
C ALA E 238 5.56 -22.26 -46.59
N HIS E 239 5.07 -21.35 -47.44
CA HIS E 239 5.69 -20.03 -47.59
C HIS E 239 5.65 -19.30 -46.26
N THR E 240 4.50 -19.38 -45.56
CA THR E 240 4.34 -18.72 -44.28
C THR E 240 5.33 -19.25 -43.25
N VAL E 241 5.43 -20.57 -43.12
CA VAL E 241 6.30 -21.15 -42.10
C VAL E 241 7.77 -20.88 -42.42
N GLY E 242 8.16 -21.06 -43.68
CA GLY E 242 9.55 -20.81 -44.05
C GLY E 242 9.95 -19.35 -43.92
N ALA E 243 9.09 -18.44 -44.39
CA ALA E 243 9.37 -17.02 -44.27
C ALA E 243 9.37 -16.56 -42.82
N PHE E 244 8.55 -17.19 -41.97
CA PHE E 244 8.60 -16.88 -40.55
C PHE E 244 9.89 -17.35 -39.92
N LEU E 245 10.35 -18.56 -40.28
CA LEU E 245 11.62 -19.07 -39.78
C LEU E 245 12.78 -18.19 -40.22
N LEU E 246 12.71 -17.65 -41.43
CA LEU E 246 13.77 -16.76 -41.90
C LEU E 246 13.68 -15.38 -41.24
N ALA E 247 12.46 -14.83 -41.10
CA ALA E 247 12.28 -13.46 -40.63
C ALA E 247 12.46 -13.33 -39.13
N ALA E 248 12.23 -14.40 -38.36
CA ALA E 248 12.55 -14.33 -36.94
C ALA E 248 14.04 -14.20 -36.71
N ALA E 249 14.84 -14.86 -37.56
CA ALA E 249 16.30 -14.84 -37.39
C ALA E 249 16.92 -13.59 -37.98
N LYS E 250 16.67 -13.33 -39.27
CA LYS E 250 17.44 -12.32 -40.00
C LYS E 250 17.01 -10.89 -39.68
N THR E 251 15.92 -10.67 -38.97
CA THR E 251 15.37 -9.33 -38.77
C THR E 251 15.33 -8.98 -37.29
N ASN E 252 15.51 -7.70 -37.02
CA ASN E 252 15.66 -7.15 -35.68
C ASN E 252 14.71 -5.98 -35.50
N PRO E 253 14.37 -5.64 -34.25
CA PRO E 253 13.50 -4.48 -34.01
C PRO E 253 14.11 -3.17 -34.49
N SER E 254 13.24 -2.18 -34.66
CA SER E 254 13.62 -0.91 -35.25
C SER E 254 13.38 0.25 -34.29
N GLY E 255 13.87 0.13 -33.06
CA GLY E 255 13.77 1.20 -32.09
C GLY E 255 14.79 2.28 -32.36
N LYS E 256 15.51 2.74 -31.33
CA LYS E 256 16.54 3.76 -31.54
C LYS E 256 17.79 3.13 -32.16
N GLN E 257 17.62 2.60 -33.37
CA GLN E 257 18.73 2.03 -34.11
C GLN E 257 19.57 3.08 -34.81
N ASN E 258 19.03 4.29 -34.98
CA ASN E 258 19.81 5.38 -35.57
C ASN E 258 21.01 5.74 -34.70
N SER E 259 20.82 5.74 -33.38
CA SER E 259 21.90 6.05 -32.45
C SER E 259 22.43 4.83 -31.72
N PHE E 260 21.80 3.67 -31.87
CA PHE E 260 22.28 2.42 -31.26
C PHE E 260 22.11 1.31 -32.29
N ALA E 261 23.14 1.10 -33.11
CA ALA E 261 23.09 0.11 -34.18
C ALA E 261 23.42 -1.26 -33.60
N ALA E 262 22.39 -2.01 -33.24
CA ALA E 262 22.60 -3.32 -32.61
C ALA E 262 22.01 -4.44 -33.46
N HIS E 263 22.25 -4.40 -34.76
CA HIS E 263 21.81 -5.46 -35.65
C HIS E 263 22.68 -6.69 -35.43
N ASN E 264 22.12 -7.73 -34.84
CA ASN E 264 22.86 -8.95 -34.55
C ASN E 264 22.01 -10.16 -34.93
N TYR E 265 22.68 -11.24 -35.22
CA TYR E 265 22.09 -12.49 -35.69
C TYR E 265 22.06 -13.54 -34.57
N PRO E 266 21.04 -14.38 -34.56
CA PRO E 266 20.93 -15.39 -33.51
C PRO E 266 21.95 -16.52 -33.71
N ASP E 267 22.66 -16.83 -32.64
CA ASP E 267 23.67 -17.89 -32.68
C ASP E 267 23.10 -19.25 -32.28
N GLY E 268 21.83 -19.32 -31.92
CA GLY E 268 21.19 -20.59 -31.64
C GLY E 268 19.72 -20.59 -31.99
N ILE E 269 19.29 -21.53 -32.84
CA ILE E 269 17.89 -21.69 -33.20
C ILE E 269 17.51 -23.15 -32.99
N LEU E 270 16.49 -23.40 -32.18
CA LEU E 270 16.01 -24.74 -31.89
C LEU E 270 14.57 -24.86 -32.36
N VAL E 271 14.30 -25.84 -33.22
CA VAL E 271 12.97 -26.09 -33.74
C VAL E 271 12.56 -27.49 -33.33
N GLU E 272 11.41 -27.60 -32.66
CA GLU E 272 10.86 -28.87 -32.23
C GLU E 272 9.52 -29.12 -32.92
N PHE E 273 9.12 -30.38 -33.00
CA PHE E 273 7.90 -30.79 -33.69
C PHE E 273 7.08 -31.66 -32.75
N LYS E 274 6.16 -31.04 -32.02
CA LYS E 274 5.27 -31.73 -31.11
C LYS E 274 3.83 -31.37 -31.46
N ASN E 275 2.89 -32.15 -30.93
CA ASN E 275 1.48 -31.83 -31.03
C ASN E 275 0.97 -31.00 -29.86
N SER E 276 1.85 -30.64 -28.94
CA SER E 276 1.55 -29.78 -27.81
C SER E 276 2.65 -28.71 -27.70
N PRO E 277 2.32 -27.53 -27.16
CA PRO E 277 3.35 -26.48 -27.08
C PRO E 277 4.11 -26.49 -25.77
N ILE E 278 5.40 -26.16 -25.88
CA ILE E 278 6.26 -25.91 -24.73
C ILE E 278 7.06 -24.64 -24.96
N SER E 279 7.54 -24.06 -23.85
CA SER E 279 8.40 -22.88 -23.90
C SER E 279 9.57 -23.12 -22.95
N TYR E 280 10.78 -23.08 -23.48
CA TYR E 280 11.98 -23.32 -22.69
C TYR E 280 12.51 -22.03 -22.08
N ALA E 281 11.63 -21.29 -21.42
CA ALA E 281 12.01 -20.05 -20.75
C ALA E 281 12.40 -20.27 -19.30
N ASN E 282 12.01 -21.40 -18.71
CA ASN E 282 12.38 -21.69 -17.33
C ASN E 282 13.85 -22.08 -17.19
N ALA E 283 14.56 -22.28 -18.29
CA ALA E 283 16.00 -22.48 -18.22
C ALA E 283 16.70 -21.24 -17.66
N PHE E 284 16.27 -20.06 -18.09
CA PHE E 284 16.90 -18.80 -17.72
C PHE E 284 16.18 -18.12 -16.56
N VAL E 285 15.58 -18.90 -15.66
CA VAL E 285 15.16 -18.34 -14.38
C VAL E 285 16.38 -17.87 -13.60
N ARG E 286 17.46 -18.63 -13.65
CA ARG E 286 18.71 -18.10 -13.14
C ARG E 286 19.41 -17.27 -14.22
N PRO E 287 19.71 -16.01 -13.92
CA PRO E 287 20.46 -15.20 -14.89
C PRO E 287 21.86 -15.74 -15.10
N VAL E 288 22.37 -15.55 -16.32
CA VAL E 288 23.67 -16.08 -16.70
C VAL E 288 24.75 -15.16 -16.12
N SER E 289 25.53 -15.69 -15.19
CA SER E 289 26.66 -14.96 -14.64
C SER E 289 27.90 -15.27 -15.48
N VAL E 290 28.45 -14.24 -16.11
CA VAL E 290 29.56 -14.42 -17.04
C VAL E 290 30.83 -14.71 -16.23
N VAL E 291 31.49 -15.82 -16.56
CA VAL E 291 32.71 -16.21 -15.90
C VAL E 291 33.88 -15.92 -16.82
N LYS E 292 35.09 -15.89 -16.25
CA LYS E 292 36.27 -15.54 -17.02
C LYS E 292 36.69 -16.63 -18.00
N GLU E 293 36.19 -17.86 -17.82
CA GLU E 293 36.61 -18.98 -18.65
C GLU E 293 35.70 -19.22 -19.84
N SER E 294 34.56 -18.52 -19.94
CA SER E 294 33.62 -18.74 -21.02
C SER E 294 32.95 -17.41 -21.35
N ASP E 295 31.98 -17.47 -22.27
CA ASP E 295 31.24 -16.28 -22.68
C ASP E 295 29.77 -16.43 -22.33
N LEU E 296 29.06 -15.31 -22.41
CA LEU E 296 27.65 -15.27 -22.03
C LEU E 296 26.78 -16.11 -22.96
N VAL E 297 27.03 -16.03 -24.27
CA VAL E 297 26.23 -16.75 -25.25
C VAL E 297 26.41 -18.25 -25.09
N GLU E 298 27.66 -18.70 -24.91
CA GLU E 298 27.93 -20.12 -24.75
C GLU E 298 27.32 -20.67 -23.47
N GLN E 299 27.39 -19.91 -22.37
CA GLN E 299 26.79 -20.34 -21.12
C GLN E 299 25.26 -20.41 -21.22
N SER E 300 24.64 -19.42 -21.88
CA SER E 300 23.19 -19.45 -22.05
C SER E 300 22.76 -20.63 -22.92
N ILE E 301 23.54 -20.92 -23.97
CA ILE E 301 23.22 -22.05 -24.84
C ILE E 301 23.41 -23.37 -24.08
N GLY E 302 24.41 -23.44 -23.19
CA GLY E 302 24.57 -24.63 -22.37
C GLY E 302 23.41 -24.85 -21.42
N GLN E 303 22.92 -23.78 -20.79
CA GLN E 303 21.74 -23.89 -19.93
C GLN E 303 20.50 -24.30 -20.73
N LEU E 304 20.36 -23.75 -21.95
CA LEU E 304 19.26 -24.13 -22.82
C LEU E 304 19.33 -25.61 -23.20
N SER E 305 20.52 -26.11 -23.52
CA SER E 305 20.68 -27.52 -23.86
C SER E 305 20.37 -28.41 -22.67
N ASN E 306 20.79 -27.99 -21.47
CA ASN E 306 20.44 -28.70 -20.25
C ASN E 306 18.92 -28.84 -20.11
N TYR E 307 18.21 -27.72 -20.23
CA TYR E 307 16.75 -27.75 -20.07
C TYR E 307 16.08 -28.55 -21.18
N VAL E 308 16.59 -28.45 -22.41
CA VAL E 308 15.95 -29.14 -23.54
C VAL E 308 16.10 -30.65 -23.38
N ASN E 309 17.32 -31.12 -23.06
CA ASN E 309 17.53 -32.54 -22.82
C ASN E 309 16.69 -33.03 -21.64
N ASP E 310 16.57 -32.20 -20.61
CA ASP E 310 15.82 -32.60 -19.43
C ASP E 310 14.32 -32.72 -19.71
N ILE E 311 13.74 -31.72 -20.39
CA ILE E 311 12.33 -31.79 -20.74
C ILE E 311 12.07 -32.92 -21.72
N ARG E 312 13.02 -33.16 -22.63
CA ARG E 312 12.89 -34.25 -23.59
C ARG E 312 12.87 -35.61 -22.89
N LEU E 313 13.69 -35.78 -21.86
CA LEU E 313 13.65 -37.06 -21.15
C LEU E 313 12.51 -37.16 -20.15
N GLY E 314 11.95 -36.03 -19.70
CA GLY E 314 10.89 -36.08 -18.71
C GLY E 314 9.47 -36.11 -19.24
N TYR E 315 9.21 -35.41 -20.35
CA TYR E 315 7.86 -35.24 -20.88
C TYR E 315 7.69 -35.92 -22.24
N TYR E 316 8.30 -37.09 -22.41
CA TYR E 316 8.34 -37.74 -23.71
C TYR E 316 8.57 -39.23 -23.48
N ASP E 317 9.09 -39.91 -24.50
CA ASP E 317 9.08 -41.37 -24.65
C ASP E 317 7.67 -41.91 -24.80
N GLU E 318 6.88 -41.23 -25.65
CA GLU E 318 5.59 -41.71 -26.11
C GLU E 318 5.77 -42.81 -27.15
N GLN E 319 4.65 -43.17 -27.80
CA GLN E 319 4.72 -43.82 -29.10
C GLN E 319 5.14 -42.83 -30.18
N SER E 320 4.98 -41.53 -29.92
CA SER E 320 5.40 -40.49 -30.85
C SER E 320 6.63 -39.79 -30.30
N PRO E 321 7.80 -39.95 -30.92
CA PRO E 321 8.99 -39.26 -30.41
C PRO E 321 9.01 -37.80 -30.83
N VAL E 322 9.87 -37.04 -30.16
CA VAL E 322 10.05 -35.62 -30.46
C VAL E 322 11.27 -35.48 -31.34
N ILE E 323 11.08 -34.92 -32.54
CA ILE E 323 12.13 -34.76 -33.53
C ILE E 323 12.41 -33.28 -33.69
N GLY E 324 13.69 -32.93 -33.81
CA GLY E 324 14.07 -31.53 -33.93
C GLY E 324 15.42 -31.38 -34.57
N PHE E 325 15.69 -30.15 -35.03
CA PHE E 325 16.96 -29.77 -35.63
C PHE E 325 17.53 -28.58 -34.89
N TRP E 326 18.82 -28.62 -34.59
CA TRP E 326 19.49 -27.59 -33.84
C TRP E 326 20.41 -26.79 -34.75
N PHE E 327 20.38 -25.47 -34.62
CA PHE E 327 21.11 -24.57 -35.50
C PHE E 327 22.08 -23.70 -34.71
N SER E 328 23.36 -23.80 -35.06
CA SER E 328 24.40 -22.86 -34.69
C SER E 328 25.17 -22.49 -35.94
N PRO E 329 25.62 -21.24 -36.07
CA PRO E 329 26.31 -20.82 -37.29
C PRO E 329 27.74 -21.34 -37.35
N ASN E 330 28.00 -22.26 -38.27
CA ASN E 330 29.32 -22.88 -38.49
C ASN E 330 29.83 -23.61 -37.25
N ASN E 331 28.91 -24.01 -36.36
CA ASN E 331 29.17 -24.94 -35.26
C ASN E 331 30.23 -24.44 -34.27
N ARG E 332 30.15 -23.16 -33.89
CA ARG E 332 30.94 -22.71 -32.75
C ARG E 332 30.27 -23.03 -31.42
N TYR E 333 28.95 -23.16 -31.42
CA TYR E 333 28.20 -23.46 -30.20
C TYR E 333 27.37 -24.71 -30.41
N PRO E 334 27.96 -25.91 -30.28
CA PRO E 334 27.15 -27.13 -30.22
C PRO E 334 26.39 -27.20 -28.90
N LEU E 335 25.54 -28.23 -28.75
CA LEU E 335 24.68 -28.31 -27.58
C LEU E 335 25.46 -28.65 -26.32
N GLY E 336 26.19 -27.68 -25.80
CA GLY E 336 26.93 -27.83 -24.56
C GLY E 336 28.02 -28.88 -24.63
N TYR E 337 28.44 -29.36 -23.46
CA TYR E 337 29.36 -30.49 -23.38
C TYR E 337 28.71 -31.68 -22.69
N LYS E 338 27.39 -31.65 -22.53
CA LYS E 338 26.61 -32.73 -21.91
C LYS E 338 26.29 -33.80 -22.94
N HIS E 339 25.30 -34.65 -22.62
CA HIS E 339 24.85 -35.75 -23.47
C HIS E 339 24.65 -35.31 -24.92
N SER E 340 25.41 -35.93 -25.82
CA SER E 340 25.36 -35.62 -27.23
C SER E 340 24.20 -36.37 -27.90
N LYS E 341 24.03 -36.13 -29.20
CA LYS E 341 23.00 -36.73 -30.04
C LYS E 341 21.59 -36.45 -29.53
N LEU E 342 21.41 -35.37 -28.75
CA LEU E 342 20.08 -35.01 -28.28
C LEU E 342 19.20 -34.55 -29.43
N ALA E 343 19.70 -33.61 -30.23
CA ALA E 343 19.01 -33.22 -31.44
C ALA E 343 19.21 -34.27 -32.52
N SER E 344 18.18 -34.46 -33.34
CA SER E 344 18.27 -35.44 -34.42
C SER E 344 19.30 -35.02 -35.46
N ARG E 345 19.38 -33.74 -35.77
CA ARG E 345 20.33 -33.23 -36.75
C ARG E 345 20.84 -31.87 -36.28
N ASN E 346 22.14 -31.78 -36.03
CA ASN E 346 22.80 -30.52 -35.73
C ASN E 346 23.18 -29.86 -37.05
N ILE E 347 22.49 -28.78 -37.40
CA ILE E 347 22.62 -28.14 -38.70
C ILE E 347 23.41 -26.86 -38.53
N GLY E 348 24.39 -26.65 -39.41
CA GLY E 348 25.23 -25.48 -39.36
C GLY E 348 24.77 -24.30 -40.20
N ASN E 349 23.72 -24.46 -41.00
CA ASN E 349 23.27 -23.39 -41.88
C ASN E 349 21.77 -23.19 -41.73
N LEU E 350 21.34 -21.94 -41.92
CA LEU E 350 19.95 -21.58 -41.64
C LEU E 350 19.00 -22.13 -42.69
N ASN E 351 19.37 -22.02 -43.98
CA ASN E 351 18.50 -22.50 -45.04
C ASN E 351 18.30 -24.00 -44.98
N GLU E 352 19.31 -24.75 -44.51
CA GLU E 352 19.15 -26.18 -44.37
C GLU E 352 18.24 -26.52 -43.18
N LEU E 353 18.25 -25.71 -42.13
CA LEU E 353 17.27 -25.89 -41.05
C LEU E 353 15.85 -25.63 -41.56
N VAL E 354 15.66 -24.58 -42.36
CA VAL E 354 14.36 -24.31 -42.95
C VAL E 354 13.92 -25.46 -43.86
N GLY E 355 14.86 -25.99 -44.65
CA GLY E 355 14.54 -27.11 -45.51
C GLY E 355 14.21 -28.37 -44.74
N ALA E 356 14.88 -28.59 -43.61
CA ALA E 356 14.56 -29.75 -42.77
C ALA E 356 13.16 -29.62 -42.16
N VAL E 357 12.81 -28.42 -41.70
CA VAL E 357 11.46 -28.19 -41.20
C VAL E 357 10.43 -28.42 -42.30
N LEU E 358 10.70 -27.90 -43.50
CA LEU E 358 9.80 -28.07 -44.62
C LEU E 358 9.67 -29.53 -45.07
N ASP E 359 10.75 -30.30 -44.97
CA ASP E 359 10.68 -31.72 -45.31
C ASP E 359 9.93 -32.51 -44.25
N TYR E 360 10.01 -32.11 -42.98
CA TYR E 360 9.15 -32.69 -41.96
C TYR E 360 7.68 -32.36 -42.25
N ILE E 361 7.41 -31.13 -42.70
CA ILE E 361 6.05 -30.63 -42.91
C ILE E 361 5.19 -31.54 -43.81
N GLY E 362 5.82 -32.33 -44.65
CA GLY E 362 5.08 -33.23 -45.54
C GLY E 362 5.81 -33.47 -46.84
N GLY E 363 6.90 -32.76 -47.06
CA GLY E 363 7.70 -32.98 -48.26
C GLY E 363 7.56 -31.88 -49.29
N PHE E 364 7.49 -30.63 -48.82
CA PHE E 364 7.47 -29.48 -49.71
C PHE E 364 8.84 -28.81 -49.66
N LYS E 365 9.38 -28.49 -50.83
CA LYS E 365 10.71 -27.90 -50.92
C LYS E 365 10.60 -26.40 -50.65
N TRP E 366 11.68 -25.67 -50.92
CA TRP E 366 11.77 -24.24 -50.65
C TRP E 366 11.63 -23.37 -51.88
N GLU E 367 11.94 -23.88 -53.07
CA GLU E 367 11.99 -23.06 -54.27
C GLU E 367 10.63 -22.92 -54.95
N GLU E 368 9.92 -24.02 -55.18
CA GLU E 368 8.64 -23.96 -55.86
C GLU E 368 7.51 -23.49 -54.96
N VAL E 369 7.73 -23.46 -53.65
CA VAL E 369 6.72 -22.95 -52.73
C VAL E 369 6.52 -21.44 -52.93
N GLN E 370 7.60 -20.72 -53.26
CA GLN E 370 7.49 -19.29 -53.52
C GLN E 370 6.65 -18.99 -54.76
N LYS E 371 6.44 -19.96 -55.64
CA LYS E 371 5.61 -19.75 -56.82
C LYS E 371 4.13 -19.62 -56.49
N SER E 372 3.73 -19.92 -55.25
CA SER E 372 2.35 -19.72 -54.83
C SER E 372 1.98 -18.24 -54.85
N LYS E 373 2.89 -17.37 -54.41
CA LYS E 373 2.65 -15.93 -54.43
C LYS E 373 3.95 -15.16 -54.64
N MET F 1 22.93 -3.14 -50.51
CA MET F 1 24.31 -2.69 -50.57
C MET F 1 24.64 -1.85 -49.34
N LEU F 2 24.48 -2.44 -48.17
CA LEU F 2 24.64 -1.69 -46.92
C LEU F 2 26.11 -1.40 -46.66
N ILE F 3 26.40 -0.14 -46.33
CA ILE F 3 27.75 0.28 -45.97
C ILE F 3 27.92 0.03 -44.47
N GLU F 4 28.65 -1.03 -44.12
CA GLU F 4 28.94 -1.37 -42.75
C GLU F 4 30.45 -1.28 -42.53
N ILE F 5 30.85 -0.53 -41.51
CA ILE F 5 32.26 -0.29 -41.21
C ILE F 5 32.56 -0.92 -39.86
N HIS F 6 33.47 -1.89 -39.86
CA HIS F 6 34.02 -2.48 -38.65
C HIS F 6 35.48 -2.10 -38.56
N MET F 7 35.87 -1.44 -37.47
CA MET F 7 37.21 -0.88 -37.32
C MET F 7 37.86 -1.42 -36.06
N ILE F 8 39.19 -1.48 -36.07
CA ILE F 8 39.99 -1.81 -34.90
C ILE F 8 40.99 -0.68 -34.70
N GLN F 9 40.98 -0.07 -33.52
CA GLN F 9 41.81 1.10 -33.26
C GLN F 9 42.19 1.13 -31.80
N ASN F 10 43.49 1.09 -31.52
CA ASN F 10 43.97 1.16 -30.15
C ASN F 10 44.27 2.60 -29.78
N HIS F 11 43.85 2.99 -28.58
CA HIS F 11 43.95 4.36 -28.12
C HIS F 11 44.94 4.48 -26.97
N SER F 12 45.74 5.55 -27.00
CA SER F 12 46.62 5.90 -25.90
C SER F 12 45.78 6.32 -24.70
N PRO F 13 46.36 6.24 -23.48
CA PRO F 13 45.65 6.75 -22.28
C PRO F 13 45.10 8.15 -22.42
N ALA F 14 43.76 8.27 -22.41
CA ALA F 14 43.08 9.52 -22.66
C ALA F 14 41.66 9.44 -22.13
N ASN F 15 40.94 10.55 -22.23
CA ASN F 15 39.55 10.68 -21.77
C ASN F 15 38.80 11.45 -22.85
N LEU F 16 38.24 10.72 -23.82
CA LEU F 16 37.67 11.38 -24.99
C LEU F 16 36.23 11.83 -24.74
N ASN F 17 35.38 10.94 -24.21
CA ASN F 17 34.00 11.26 -23.90
C ASN F 17 33.79 11.19 -22.40
N ARG F 18 33.23 12.26 -21.83
CA ARG F 18 32.97 12.31 -20.39
C ARG F 18 31.57 12.84 -20.15
N ASP F 19 31.01 12.44 -19.00
CA ASP F 19 29.70 12.91 -18.58
C ASP F 19 29.87 14.20 -17.77
N ASP F 20 28.82 14.61 -17.05
CA ASP F 20 28.91 15.79 -16.21
C ASP F 20 29.82 15.58 -15.00
N LEU F 21 30.11 14.34 -14.64
CA LEU F 21 30.96 14.04 -13.50
C LEU F 21 32.43 13.84 -13.88
N GLY F 22 32.76 13.93 -15.17
CA GLY F 22 34.13 13.82 -15.61
C GLY F 22 34.63 12.41 -15.87
N ALA F 23 33.85 11.40 -15.54
CA ALA F 23 34.27 10.03 -15.78
C ALA F 23 34.19 9.70 -17.27
N PRO F 24 35.14 8.92 -17.81
CA PRO F 24 35.00 8.46 -19.19
C PRO F 24 33.81 7.54 -19.34
N LYS F 25 33.15 7.64 -20.48
CA LYS F 25 31.88 6.94 -20.67
C LYS F 25 32.10 5.45 -20.80
N THR F 26 31.36 4.67 -20.02
CA THR F 26 31.49 3.22 -19.99
C THR F 26 30.13 2.57 -20.18
N CYS F 27 30.15 1.37 -20.75
CA CYS F 27 28.93 0.59 -20.94
C CYS F 27 29.22 -0.86 -20.61
N TYR F 28 28.15 -1.64 -20.48
CA TYR F 28 28.24 -3.05 -20.17
C TYR F 28 27.88 -3.86 -21.41
N PHE F 29 28.72 -4.84 -21.74
CA PHE F 29 28.46 -5.71 -22.88
C PHE F 29 29.02 -7.08 -22.58
N GLY F 30 28.16 -8.09 -22.61
CA GLY F 30 28.59 -9.43 -22.26
C GLY F 30 28.88 -9.62 -20.79
N GLY F 31 28.28 -8.79 -19.93
CA GLY F 31 28.49 -8.89 -18.50
C GLY F 31 29.73 -8.24 -17.98
N VAL F 32 30.55 -7.62 -18.85
CA VAL F 32 31.81 -7.03 -18.44
C VAL F 32 31.86 -5.59 -18.95
N LEU F 33 32.66 -4.78 -18.26
CA LEU F 33 32.69 -3.34 -18.50
C LEU F 33 33.54 -3.00 -19.72
N ARG F 34 33.02 -2.12 -20.56
CA ARG F 34 33.72 -1.67 -21.76
C ARG F 34 33.76 -0.15 -21.79
N SER F 35 34.77 0.39 -22.48
CA SER F 35 34.86 1.82 -22.69
C SER F 35 33.93 2.22 -23.83
N ARG F 36 33.19 3.31 -23.64
CA ARG F 36 32.21 3.77 -24.61
C ARG F 36 32.61 5.13 -25.15
N ILE F 37 32.72 5.22 -26.47
CA ILE F 37 32.79 6.49 -27.18
C ILE F 37 31.43 6.68 -27.84
N SER F 38 30.64 7.62 -27.31
CA SER F 38 29.23 7.71 -27.64
C SER F 38 29.02 8.07 -29.10
N SER F 39 27.86 7.65 -29.63
CA SER F 39 27.59 7.79 -31.06
C SER F 39 27.56 9.25 -31.48
N GLN F 40 26.91 10.11 -30.68
CA GLN F 40 26.83 11.53 -31.02
C GLN F 40 28.20 12.18 -31.03
N CYS F 41 29.10 11.74 -30.15
CA CYS F 41 30.46 12.27 -30.13
C CYS F 41 31.22 11.89 -31.38
N ILE F 42 31.05 10.66 -31.86
CA ILE F 42 31.68 10.25 -33.11
C ILE F 42 31.09 11.02 -34.28
N LYS F 43 29.76 11.23 -34.28
CA LYS F 43 29.12 11.98 -35.36
C LYS F 43 29.62 13.42 -35.41
N ARG F 44 29.79 14.05 -34.25
CA ARG F 44 30.29 15.42 -34.24
C ARG F 44 31.78 15.49 -34.55
N SER F 45 32.56 14.51 -34.08
CA SER F 45 33.98 14.49 -34.35
C SER F 45 34.27 14.29 -35.84
N ILE F 46 33.52 13.42 -36.49
CA ILE F 46 33.65 13.31 -37.94
C ILE F 46 33.05 14.54 -38.63
N ARG F 47 32.03 15.15 -38.02
CA ARG F 47 31.42 16.33 -38.62
C ARG F 47 32.33 17.55 -38.52
N THR F 48 32.92 17.78 -37.35
CA THR F 48 33.80 18.92 -37.14
C THR F 48 35.24 18.66 -37.58
N SER F 49 35.51 17.53 -38.22
CA SER F 49 36.85 17.20 -38.67
C SER F 49 37.28 18.09 -39.83
N ASN F 50 38.57 18.02 -40.16
CA ASN F 50 39.12 18.87 -41.21
C ASN F 50 38.60 18.46 -42.59
N ASP F 51 38.47 17.16 -42.84
CA ASP F 51 38.03 16.68 -44.15
C ASP F 51 36.55 16.91 -44.41
N PHE F 52 35.74 17.08 -43.36
CA PHE F 52 34.32 17.35 -43.51
C PHE F 52 34.10 18.86 -43.56
N LYS F 53 34.73 19.48 -44.56
CA LYS F 53 34.68 20.92 -44.78
C LYS F 53 33.95 21.28 -46.06
N ALA F 54 34.13 20.51 -47.13
CA ALA F 54 33.47 20.76 -48.40
C ALA F 54 32.01 20.35 -48.39
N LEU F 55 31.60 19.50 -47.46
CA LEU F 55 30.22 19.02 -47.40
C LEU F 55 29.49 19.39 -46.11
N LEU F 56 30.07 20.23 -45.27
CA LEU F 56 29.42 20.68 -44.04
C LEU F 56 28.30 21.67 -44.39
N GLY F 57 27.53 22.08 -43.38
CA GLY F 57 26.48 23.05 -43.59
C GLY F 57 25.15 22.67 -42.98
N GLY F 58 25.15 21.74 -42.04
CA GLY F 58 23.98 21.48 -41.22
C GLY F 58 24.04 22.26 -39.91
N VAL F 59 23.98 23.59 -39.98
CA VAL F 59 24.38 24.42 -38.86
C VAL F 59 23.34 24.34 -37.74
N ARG F 60 23.82 24.08 -36.53
CA ARG F 60 23.01 24.15 -35.33
C ARG F 60 22.60 25.59 -35.09
N THR F 61 21.35 25.80 -34.69
CA THR F 61 20.87 27.14 -34.37
C THR F 61 19.84 27.07 -33.26
N ARG F 62 20.15 27.70 -32.13
CA ARG F 62 19.16 28.02 -31.11
C ARG F 62 19.02 29.53 -30.91
N ARG F 63 20.12 30.26 -30.95
CA ARG F 63 20.09 31.72 -31.03
C ARG F 63 19.85 32.08 -32.49
N LEU F 64 18.63 32.46 -32.81
CA LEU F 64 18.26 32.80 -34.18
C LEU F 64 18.13 34.31 -34.32
N ALA F 65 17.94 34.75 -35.58
CA ALA F 65 17.73 36.13 -35.99
C ALA F 65 18.93 37.04 -35.72
N ASP F 66 20.04 36.50 -35.21
CA ASP F 66 21.28 37.26 -35.10
C ASP F 66 22.19 37.05 -36.30
N LEU F 67 22.12 35.88 -36.93
CA LEU F 67 22.84 35.64 -38.18
C LEU F 67 22.13 36.26 -39.38
N ILE F 68 20.84 36.58 -39.23
CA ILE F 68 20.10 37.22 -40.32
C ILE F 68 20.67 38.59 -40.62
N GLN F 69 20.96 39.37 -39.57
CA GLN F 69 21.68 40.63 -39.76
C GLN F 69 23.09 40.39 -40.26
N GLN F 70 23.72 39.29 -39.85
CA GLN F 70 25.06 38.96 -40.33
C GLN F 70 25.04 38.62 -41.82
N GLU F 71 23.90 38.17 -42.34
CA GLU F 71 23.76 37.91 -43.76
C GLU F 71 22.78 38.92 -44.38
N THR F 75 20.26 46.76 -40.39
CA THR F 75 18.86 46.44 -40.62
C THR F 75 18.14 46.20 -39.29
N GLU F 76 18.85 45.59 -38.35
CA GLU F 76 18.36 45.26 -37.01
C GLU F 76 17.11 44.39 -37.08
N CYS F 77 17.31 43.19 -37.61
CA CYS F 77 16.24 42.19 -37.70
C CYS F 77 16.04 41.41 -36.41
N TRP F 78 16.57 41.88 -35.28
CA TRP F 78 16.31 41.19 -34.02
C TRP F 78 14.85 41.37 -33.58
N LYS F 79 14.20 42.46 -33.99
CA LYS F 79 12.82 42.69 -33.55
C LYS F 79 11.84 41.92 -34.42
N LYS F 80 11.75 42.29 -35.71
CA LYS F 80 10.65 41.80 -36.53
C LYS F 80 10.87 40.37 -37.04
N ALA F 81 12.11 39.99 -37.34
CA ALA F 81 12.34 38.61 -37.79
C ALA F 81 12.14 37.62 -36.65
N GLN F 82 12.56 37.99 -35.43
CA GLN F 82 12.28 37.16 -34.27
C GLN F 82 10.79 37.15 -33.95
N GLU F 83 10.09 38.27 -34.18
CA GLU F 83 8.64 38.27 -34.03
C GLU F 83 7.98 37.33 -35.04
N ILE F 84 8.48 37.32 -36.28
CA ILE F 84 7.98 36.41 -37.30
C ILE F 84 8.24 34.95 -36.89
N LEU F 85 9.43 34.69 -36.36
CA LEU F 85 9.77 33.34 -35.90
C LEU F 85 8.88 32.90 -34.75
N ASN F 86 8.58 33.81 -33.82
CA ASN F 86 7.64 33.51 -32.75
C ASN F 86 6.25 33.23 -33.30
N LYS F 87 5.83 34.02 -34.29
CA LYS F 87 4.55 33.75 -34.96
C LYS F 87 4.58 32.46 -35.76
N CYS F 88 5.77 31.94 -36.06
CA CYS F 88 5.92 30.63 -36.69
C CYS F 88 5.97 29.49 -35.68
N GLY F 89 5.80 29.80 -34.39
CA GLY F 89 5.75 28.80 -33.33
C GLY F 89 6.96 28.77 -32.43
N PHE F 90 8.13 29.20 -32.92
CA PHE F 90 9.35 29.15 -32.13
C PHE F 90 9.34 30.30 -31.13
N LYS F 91 8.84 30.02 -29.93
CA LYS F 91 8.61 31.05 -28.93
C LYS F 91 9.92 31.61 -28.38
N ASN F 92 9.81 32.74 -27.70
CA ASN F 92 10.96 33.46 -27.15
C ASN F 92 10.89 33.45 -25.63
N LYS F 93 12.01 33.13 -25.00
CA LYS F 93 12.12 33.13 -23.54
C LYS F 93 13.23 34.02 -23.01
N ASP F 94 14.16 34.46 -23.86
CA ASP F 94 15.31 35.25 -23.45
C ASP F 94 15.80 35.97 -24.69
N ASP F 95 17.05 36.46 -24.67
CA ASP F 95 17.65 37.04 -25.87
C ASP F 95 18.13 35.96 -26.84
N ASN F 96 17.21 35.08 -27.22
CA ASN F 96 17.41 33.94 -28.11
C ASN F 96 16.04 33.32 -28.35
N THR F 97 16.02 32.27 -29.16
CA THR F 97 14.80 31.50 -29.39
C THR F 97 14.91 30.18 -28.62
N LYS F 98 13.92 29.90 -27.78
CA LYS F 98 13.94 28.69 -26.97
C LYS F 98 13.39 27.50 -27.73
N MET F 99 13.91 27.27 -28.94
CA MET F 99 13.52 26.12 -29.75
C MET F 99 14.65 25.83 -30.73
N LEU F 100 15.13 24.58 -30.74
CA LEU F 100 16.20 24.20 -31.63
C LEU F 100 15.71 24.18 -33.07
N VAL F 101 16.40 24.92 -33.94
CA VAL F 101 16.03 25.04 -35.35
C VAL F 101 17.17 24.47 -36.18
N PHE F 102 16.82 23.56 -37.10
CA PHE F 102 17.77 22.85 -37.94
C PHE F 102 17.77 23.44 -39.35
N MET F 103 17.72 24.77 -39.46
CA MET F 103 17.57 25.42 -40.76
C MET F 103 18.72 25.09 -41.71
N SER F 104 19.91 24.84 -41.15
CA SER F 104 20.98 24.09 -41.82
C SER F 104 21.46 24.71 -43.12
N LYS F 105 20.72 24.45 -44.21
CA LYS F 105 21.23 24.60 -45.57
C LYS F 105 21.66 26.04 -45.85
N ASP F 106 22.57 26.17 -46.82
CA ASP F 106 23.19 27.45 -47.15
C ASP F 106 22.26 28.39 -47.91
N LYS F 107 20.98 28.07 -48.00
CA LYS F 107 20.00 28.98 -48.59
C LYS F 107 19.46 29.96 -47.55
N ILE F 108 20.38 30.62 -46.85
CA ILE F 108 20.02 31.75 -45.99
C ILE F 108 19.81 33.03 -46.80
N LYS F 109 20.19 33.01 -48.08
CA LYS F 109 19.87 34.14 -48.96
C LYS F 109 18.37 34.30 -49.12
N ASP F 110 17.65 33.18 -49.21
CA ASP F 110 16.19 33.24 -49.33
C ASP F 110 15.55 33.82 -48.06
N LEU F 111 16.03 33.39 -46.89
CA LEU F 111 15.51 33.94 -45.65
C LEU F 111 15.85 35.42 -45.52
N ALA F 112 17.05 35.80 -45.94
CA ALA F 112 17.44 37.20 -45.90
C ALA F 112 16.56 38.05 -46.81
N ARG F 113 16.29 37.58 -48.02
CA ARG F 113 15.50 38.38 -48.95
C ARG F 113 14.02 38.42 -48.58
N ILE F 114 13.49 37.37 -47.95
CA ILE F 114 12.11 37.49 -47.49
C ILE F 114 12.02 38.37 -46.25
N VAL F 115 13.04 38.36 -45.38
CA VAL F 115 13.01 39.17 -44.17
C VAL F 115 13.16 40.65 -44.52
N LEU F 116 14.08 40.97 -45.44
CA LEU F 116 14.28 42.36 -45.83
C LEU F 116 13.17 42.88 -46.72
N ASP F 117 12.27 42.02 -47.20
CA ASP F 117 11.14 42.45 -48.01
C ASP F 117 10.12 43.18 -47.15
N ASN F 118 10.22 44.50 -47.10
CA ASN F 118 9.29 45.32 -46.31
C ASN F 118 8.06 45.71 -47.12
N SER F 119 7.43 44.71 -47.73
CA SER F 119 6.23 44.90 -48.52
C SER F 119 5.23 43.78 -48.29
N LEU F 120 5.28 43.15 -47.11
CA LEU F 120 4.48 41.98 -46.84
C LEU F 120 4.12 41.95 -45.35
N GLY F 121 3.12 41.13 -45.02
CA GLY F 121 2.66 40.97 -43.66
C GLY F 121 3.39 39.86 -42.94
N LEU F 122 2.69 39.24 -41.98
CA LEU F 122 3.27 38.20 -41.14
C LEU F 122 2.89 36.79 -41.56
N THR F 123 1.61 36.57 -41.88
CA THR F 123 1.10 35.21 -42.04
C THR F 123 1.68 34.52 -43.27
N GLU F 124 1.63 35.18 -44.42
CA GLU F 124 2.13 34.57 -45.65
C GLU F 124 3.65 34.44 -45.64
N ALA F 125 4.35 35.41 -45.04
CA ALA F 125 5.80 35.30 -44.92
C ALA F 125 6.20 34.15 -44.01
N ALA F 126 5.50 33.99 -42.88
CA ALA F 126 5.75 32.85 -42.00
C ALA F 126 5.40 31.54 -42.68
N GLN F 127 4.37 31.54 -43.53
CA GLN F 127 4.00 30.31 -44.24
C GLN F 127 5.08 29.91 -45.22
N GLN F 128 5.52 30.83 -46.08
CA GLN F 128 6.57 30.50 -47.04
C GLN F 128 7.88 30.16 -46.34
N VAL F 129 8.12 30.75 -45.15
CA VAL F 129 9.23 30.30 -44.32
C VAL F 129 9.04 28.86 -43.91
N ALA F 130 7.79 28.47 -43.58
CA ALA F 130 7.53 27.09 -43.17
C ALA F 130 7.77 26.10 -44.31
N ASN F 131 7.38 26.45 -45.54
CA ASN F 131 7.71 25.52 -46.64
C ASN F 131 9.19 25.55 -46.99
N VAL F 132 9.87 26.68 -46.81
CA VAL F 132 11.27 26.70 -47.24
C VAL F 132 12.20 26.06 -46.22
N ILE F 133 11.85 26.08 -44.93
CA ILE F 133 12.68 25.41 -43.93
C ILE F 133 12.34 23.93 -43.80
N ALA F 134 11.16 23.51 -44.25
CA ALA F 134 10.83 22.09 -44.31
C ALA F 134 11.26 21.44 -45.61
N GLN F 135 11.83 22.21 -46.54
CA GLN F 135 12.31 21.69 -47.81
C GLN F 135 13.72 22.19 -48.10
N ALA F 136 14.51 22.42 -47.06
CA ALA F 136 15.89 22.84 -47.24
C ALA F 136 16.72 21.74 -47.89
N THR F 137 16.66 20.53 -47.31
CA THR F 137 17.08 19.24 -47.87
C THR F 137 18.48 19.19 -48.48
N LEU F 138 19.31 20.17 -48.15
CA LEU F 138 20.75 20.11 -48.38
C LEU F 138 21.43 19.58 -47.12
N ALA F 139 22.75 19.79 -46.99
CA ALA F 139 23.53 19.50 -45.79
C ALA F 139 23.43 18.03 -45.36
N PRO F 140 24.21 17.12 -45.99
CA PRO F 140 24.04 15.67 -45.78
C PRO F 140 24.01 15.18 -44.33
N ASP F 141 24.47 16.00 -43.36
CA ASP F 141 24.24 15.66 -41.97
C ASP F 141 22.75 15.65 -41.62
N ILE F 142 21.92 16.37 -42.38
CA ILE F 142 20.48 16.20 -42.27
C ILE F 142 20.07 14.81 -42.74
N ALA F 143 20.63 14.35 -43.88
CA ALA F 143 20.35 13.02 -44.38
C ALA F 143 20.95 11.91 -43.52
N LEU F 144 21.86 12.26 -42.60
CA LEU F 144 22.42 11.30 -41.66
C LEU F 144 21.88 11.46 -40.25
N CYS F 145 21.31 12.61 -39.91
CA CYS F 145 20.57 12.81 -38.67
C CYS F 145 19.43 13.77 -38.94
N GLY F 146 18.20 13.34 -38.67
CA GLY F 146 17.02 14.08 -39.04
C GLY F 146 16.68 15.24 -38.11
N ARG F 147 15.43 15.68 -38.19
CA ARG F 147 14.94 16.81 -37.41
C ARG F 147 13.66 16.44 -36.66
N MET F 148 13.37 17.22 -35.62
CA MET F 148 12.06 17.34 -34.99
C MET F 148 11.66 18.80 -34.86
N LEU F 149 11.78 19.51 -35.97
CA LEU F 149 11.29 20.89 -36.08
C LEU F 149 9.82 20.83 -36.47
N GLU F 150 8.94 20.81 -35.48
CA GLU F 150 7.51 20.86 -35.73
C GLU F 150 6.89 22.02 -34.97
N PRO F 151 7.52 23.21 -35.02
CA PRO F 151 7.24 24.33 -34.09
C PRO F 151 6.61 24.05 -32.73
N ASN F 152 5.90 25.05 -32.22
CA ASN F 152 5.21 25.00 -30.93
C ASN F 152 3.89 25.73 -31.11
N ASP F 153 2.79 24.96 -31.12
CA ASP F 153 1.48 25.51 -31.47
C ASP F 153 0.84 26.15 -30.24
N LYS F 154 1.44 27.28 -29.83
CA LYS F 154 0.89 28.14 -28.79
C LYS F 154 1.07 29.59 -29.18
N ASP F 155 0.96 29.88 -30.48
CA ASP F 155 1.19 31.22 -31.00
C ASP F 155 0.34 31.41 -32.25
N LYS F 156 0.42 32.62 -32.83
CA LYS F 156 -0.22 33.00 -34.09
C LYS F 156 -1.75 32.86 -34.02
N ASP F 157 -2.42 32.97 -35.16
CA ASP F 157 -3.86 32.74 -35.27
C ASP F 157 -4.17 31.38 -35.86
N LYS F 158 -3.25 30.42 -35.70
CA LYS F 158 -3.40 29.03 -36.13
C LYS F 158 -3.62 28.94 -37.64
N LYS F 159 -2.65 29.44 -38.39
CA LYS F 159 -2.64 29.37 -39.85
C LYS F 159 -1.38 28.71 -40.37
N VAL F 160 -0.64 27.99 -39.51
CA VAL F 160 0.62 27.36 -39.90
C VAL F 160 0.28 25.96 -40.40
N LYS F 161 -0.07 25.86 -41.68
CA LYS F 161 -0.30 24.58 -42.33
C LYS F 161 1.01 24.15 -43.00
N TRP F 162 1.95 23.74 -42.17
CA TRP F 162 3.29 23.42 -42.65
C TRP F 162 3.31 22.03 -43.28
N SER F 163 4.49 21.64 -43.77
CA SER F 163 4.74 20.31 -44.28
C SER F 163 5.72 19.59 -43.35
N ASN F 164 5.56 18.28 -43.25
CA ASN F 164 6.39 17.49 -42.34
C ASN F 164 7.85 17.52 -42.77
N THR F 165 8.73 17.71 -41.80
CA THR F 165 10.15 17.96 -42.05
C THR F 165 11.01 16.72 -41.86
N THR F 166 10.44 15.63 -41.33
CA THR F 166 11.19 14.42 -41.06
C THR F 166 11.77 13.83 -42.34
N VAL F 167 13.01 13.35 -42.26
CA VAL F 167 13.82 13.05 -43.43
C VAL F 167 14.18 11.58 -43.55
N GLU F 168 13.83 10.74 -42.57
CA GLU F 168 14.20 9.33 -42.44
C GLU F 168 15.68 9.09 -42.75
N ALA F 169 16.54 9.62 -41.88
CA ALA F 169 17.98 9.59 -42.10
C ALA F 169 18.52 8.17 -42.20
N ALA F 170 19.52 7.99 -43.06
CA ALA F 170 20.00 6.67 -43.45
C ALA F 170 21.14 6.14 -42.59
N LEU F 171 21.54 6.86 -41.54
CA LEU F 171 22.68 6.47 -40.73
C LEU F 171 22.23 5.77 -39.45
N GLN F 172 22.98 4.73 -39.10
CA GLN F 172 22.85 4.03 -37.82
C GLN F 172 24.26 3.85 -37.27
N VAL F 173 24.56 4.45 -36.13
CA VAL F 173 25.88 4.34 -35.52
C VAL F 173 25.76 3.69 -34.16
N ALA F 174 26.45 2.57 -33.97
CA ALA F 174 26.54 1.92 -32.68
C ALA F 174 27.57 2.64 -31.80
N HIS F 175 27.38 2.53 -30.50
CA HIS F 175 28.34 3.10 -29.57
C HIS F 175 29.62 2.28 -29.58
N ALA F 176 30.76 2.96 -29.62
CA ALA F 176 32.04 2.30 -29.82
C ALA F 176 32.36 1.37 -28.65
N ILE F 177 32.83 0.17 -28.98
CA ILE F 177 32.95 -0.93 -28.03
C ILE F 177 34.41 -1.33 -27.92
N SER F 178 34.89 -1.40 -26.68
CA SER F 178 36.22 -1.93 -26.43
C SER F 178 36.19 -3.45 -26.48
N THR F 179 37.27 -4.05 -26.99
CA THR F 179 37.33 -5.48 -27.18
C THR F 179 37.72 -6.24 -25.90
N HIS F 180 37.98 -5.53 -24.81
CA HIS F 180 38.49 -6.16 -23.60
C HIS F 180 37.86 -5.48 -22.40
N ILE F 181 38.41 -5.77 -21.22
CA ILE F 181 37.97 -5.13 -19.98
C ILE F 181 38.49 -3.71 -19.94
N ALA F 182 37.60 -2.75 -19.74
CA ALA F 182 38.01 -1.36 -19.59
C ALA F 182 38.66 -1.14 -18.23
N ARG F 183 39.79 -0.44 -18.22
CA ARG F 183 40.53 -0.18 -16.99
C ARG F 183 40.58 1.32 -16.72
N PRO F 184 39.78 1.82 -15.77
CA PRO F 184 39.80 3.27 -15.49
C PRO F 184 40.99 3.64 -14.62
N GLU F 185 41.53 4.83 -14.88
CA GLU F 185 42.72 5.32 -14.18
C GLU F 185 42.45 6.72 -13.65
N ILE F 186 43.24 7.09 -12.64
CA ILE F 186 43.07 8.35 -11.92
C ILE F 186 44.32 9.20 -12.12
N ASP F 187 44.12 10.45 -12.56
CA ASP F 187 45.19 11.41 -12.73
C ASP F 187 45.09 12.48 -11.64
N TYR F 188 46.22 12.81 -11.04
CA TYR F 188 46.30 13.77 -9.93
C TYR F 188 47.09 14.99 -10.37
N PHE F 189 46.51 16.17 -10.23
CA PHE F 189 47.17 17.40 -10.65
C PHE F 189 47.06 18.47 -9.56
N VAL F 190 48.06 19.35 -9.53
CA VAL F 190 48.09 20.50 -8.64
C VAL F 190 48.29 21.75 -9.49
N ALA F 191 48.10 22.91 -8.87
CA ALA F 191 48.17 24.18 -9.59
C ALA F 191 49.48 24.93 -9.40
N ALA F 192 50.16 24.74 -8.26
CA ALA F 192 51.54 25.20 -8.03
C ALA F 192 51.66 26.72 -8.18
N ASP F 193 51.10 27.42 -7.19
CA ASP F 193 51.13 28.87 -7.04
C ASP F 193 52.47 29.48 -7.44
N ASP F 194 52.44 30.40 -8.40
CA ASP F 194 53.67 30.87 -9.03
C ASP F 194 54.47 31.78 -8.10
N VAL F 195 53.82 32.73 -7.45
CA VAL F 195 54.51 33.61 -6.52
C VAL F 195 54.72 32.85 -5.22
N PRO F 196 55.83 33.07 -4.51
CA PRO F 196 56.06 32.35 -3.25
C PRO F 196 55.08 32.77 -2.16
N GLY F 197 54.79 31.82 -1.28
CA GLY F 197 53.97 32.07 -0.11
C GLY F 197 54.54 31.35 1.10
N GLU F 198 53.85 31.51 2.23
CA GLU F 198 54.28 30.87 3.46
C GLU F 198 53.86 29.41 3.55
N ASP F 199 53.06 28.93 2.60
CA ASP F 199 52.60 27.55 2.55
C ASP F 199 53.48 26.75 1.61
N ALA F 200 53.17 25.45 1.48
CA ALA F 200 53.83 24.63 0.47
C ALA F 200 53.48 25.11 -0.93
N GLY F 201 52.21 25.46 -1.15
CA GLY F 201 51.80 26.08 -2.39
C GLY F 201 51.10 25.15 -3.37
N ALA F 202 49.77 25.22 -3.38
CA ALA F 202 48.98 24.49 -4.38
C ALA F 202 47.64 25.23 -4.51
N GLY F 203 47.50 26.01 -5.57
CA GLY F 203 46.32 26.83 -5.74
C GLY F 203 45.05 26.06 -6.01
N HIS F 204 45.18 24.82 -6.48
CA HIS F 204 44.02 23.98 -6.74
C HIS F 204 44.47 22.52 -6.75
N ILE F 205 43.59 21.65 -6.25
CA ILE F 205 43.82 20.21 -6.23
C ILE F 205 42.64 19.54 -6.89
N GLY F 206 42.90 18.64 -7.83
CA GLY F 206 41.82 17.94 -8.51
C GLY F 206 42.23 16.55 -8.93
N GLU F 207 41.22 15.77 -9.28
CA GLU F 207 41.41 14.39 -9.76
C GLU F 207 40.74 14.26 -11.12
N SER F 208 41.51 13.80 -12.10
CA SER F 208 41.01 13.57 -13.45
C SER F 208 41.14 12.10 -13.80
N MET F 209 40.36 11.67 -14.78
CA MET F 209 40.35 10.28 -15.22
C MET F 209 40.83 10.17 -16.66
N PHE F 210 41.21 8.94 -17.01
CA PHE F 210 41.58 8.57 -18.37
C PHE F 210 41.53 7.05 -18.48
N ALA F 211 41.62 6.57 -19.72
CA ALA F 211 41.61 5.14 -19.99
C ALA F 211 42.27 4.90 -21.34
N SER F 212 42.67 3.64 -21.56
CA SER F 212 43.22 3.21 -22.84
C SER F 212 42.54 1.91 -23.24
N ALA F 213 42.14 1.81 -24.50
CA ALA F 213 41.40 0.64 -24.95
C ALA F 213 41.60 0.43 -26.43
N CYS F 214 41.31 -0.80 -26.88
CA CYS F 214 41.26 -1.14 -28.28
C CYS F 214 39.80 -1.13 -28.71
N PHE F 215 39.46 -0.25 -29.65
CA PHE F 215 38.07 0.07 -29.95
C PHE F 215 37.59 -0.60 -31.21
N TYR F 216 36.42 -1.22 -31.13
CA TYR F 216 35.72 -1.77 -32.28
C TYR F 216 34.50 -0.90 -32.56
N LYS F 217 34.44 -0.33 -33.76
CA LYS F 217 33.41 0.64 -34.11
C LYS F 217 32.51 0.07 -35.20
N TYR F 218 31.26 0.56 -35.21
CA TYR F 218 30.24 0.04 -36.10
C TYR F 218 29.44 1.21 -36.67
N PHE F 219 29.61 1.48 -37.95
CA PHE F 219 28.84 2.48 -38.67
C PHE F 219 27.96 1.75 -39.68
N SER F 220 26.65 1.98 -39.59
CA SER F 220 25.67 1.25 -40.41
C SER F 220 24.89 2.25 -41.25
N ILE F 221 25.26 2.36 -42.52
CA ILE F 221 24.54 3.20 -43.48
C ILE F 221 24.10 2.31 -44.63
N ASP F 222 22.91 2.59 -45.16
CA ASP F 222 22.44 1.93 -46.37
C ASP F 222 22.44 2.92 -47.52
N TRP F 223 22.82 2.44 -48.71
CA TRP F 223 23.02 3.35 -49.83
C TRP F 223 21.71 3.90 -50.39
N GLU F 224 20.63 3.10 -50.35
CA GLU F 224 19.41 3.48 -51.05
C GLU F 224 18.69 4.63 -50.36
N GLN F 225 18.56 4.56 -49.03
CA GLN F 225 17.96 5.68 -48.31
C GLN F 225 18.87 6.91 -48.35
N LEU F 226 20.19 6.70 -48.42
CA LEU F 226 21.11 7.82 -48.52
C LEU F 226 20.95 8.56 -49.85
N VAL F 227 20.79 7.82 -50.96
CA VAL F 227 20.61 8.49 -52.24
C VAL F 227 19.18 8.98 -52.44
N LYS F 228 18.20 8.40 -51.73
CA LYS F 228 16.85 8.93 -51.79
C LYS F 228 16.73 10.23 -51.01
N ASN F 229 17.43 10.33 -49.87
CA ASN F 229 17.42 11.57 -49.09
C ASN F 229 18.20 12.68 -49.75
N LEU F 230 19.05 12.35 -50.74
CA LEU F 230 19.90 13.33 -51.40
C LEU F 230 19.46 13.61 -52.83
N LYS F 231 18.19 13.33 -53.15
CA LYS F 231 17.49 13.65 -54.42
C LYS F 231 18.33 13.32 -55.67
N GLY F 232 19.13 12.26 -55.60
CA GLY F 232 20.02 11.93 -56.70
C GLY F 232 21.45 12.31 -56.37
N ASP F 233 22.17 12.84 -57.37
CA ASP F 233 23.55 13.33 -57.22
C ASP F 233 24.46 12.22 -56.70
N THR F 234 24.67 11.23 -57.57
CA THR F 234 25.43 10.02 -57.21
C THR F 234 26.85 10.36 -56.78
N ASN F 235 27.49 11.32 -57.46
CA ASN F 235 28.84 11.72 -57.07
C ASN F 235 28.84 12.42 -55.72
N LEU F 236 27.76 13.11 -55.36
CA LEU F 236 27.67 13.69 -54.03
C LEU F 236 27.52 12.62 -52.96
N ALA F 237 26.78 11.54 -53.27
CA ALA F 237 26.70 10.40 -52.36
C ALA F 237 28.05 9.74 -52.19
N ALA F 238 28.81 9.62 -53.28
CA ALA F 238 30.16 9.09 -53.18
C ALA F 238 31.06 10.01 -52.37
N HIS F 239 30.86 11.34 -52.50
CA HIS F 239 31.63 12.30 -51.71
C HIS F 239 31.33 12.16 -50.22
N THR F 240 30.06 12.00 -49.83
CA THR F 240 29.78 11.92 -48.40
C THR F 240 30.20 10.57 -47.82
N VAL F 241 30.11 9.48 -48.60
CA VAL F 241 30.61 8.22 -48.06
C VAL F 241 32.14 8.22 -47.98
N GLY F 242 32.82 8.88 -48.94
CA GLY F 242 34.27 9.01 -48.84
C GLY F 242 34.71 9.90 -47.70
N ALA F 243 33.96 10.97 -47.45
CA ALA F 243 34.24 11.83 -46.29
C ALA F 243 34.02 11.08 -44.99
N PHE F 244 32.98 10.23 -44.93
CA PHE F 244 32.77 9.41 -43.74
C PHE F 244 33.90 8.42 -43.55
N LEU F 245 34.39 7.80 -44.62
CA LEU F 245 35.50 6.86 -44.50
C LEU F 245 36.77 7.56 -44.03
N LEU F 246 37.11 8.70 -44.66
CA LEU F 246 38.32 9.42 -44.28
C LEU F 246 38.23 9.95 -42.85
N ALA F 247 37.06 10.44 -42.44
CA ALA F 247 36.90 10.97 -41.09
C ALA F 247 36.90 9.86 -40.06
N ALA F 248 36.31 8.71 -40.39
CA ALA F 248 36.38 7.56 -39.49
C ALA F 248 37.81 7.06 -39.35
N ALA F 249 38.63 7.24 -40.38
CA ALA F 249 40.00 6.76 -40.34
C ALA F 249 40.99 7.76 -39.75
N LYS F 250 40.70 9.06 -39.80
CA LYS F 250 41.71 10.07 -39.47
C LYS F 250 41.43 10.88 -38.21
N THR F 251 40.19 10.94 -37.73
CA THR F 251 39.89 11.83 -36.61
C THR F 251 39.50 11.02 -35.37
N ASN F 252 39.63 11.68 -34.24
CA ASN F 252 39.26 11.18 -32.92
C ASN F 252 38.45 12.25 -32.22
N PRO F 253 37.63 11.89 -31.23
CA PRO F 253 36.96 12.91 -30.43
C PRO F 253 37.95 13.83 -29.73
N SER F 254 37.71 15.13 -29.83
CA SER F 254 38.63 16.13 -29.29
C SER F 254 38.19 16.55 -27.89
N GLY F 255 38.10 15.56 -27.01
CA GLY F 255 37.81 15.81 -25.62
C GLY F 255 39.04 15.55 -24.76
N LYS F 256 39.49 16.58 -24.05
CA LYS F 256 40.67 16.53 -23.17
C LYS F 256 41.93 16.09 -23.92
N GLN F 257 42.03 16.45 -25.20
CA GLN F 257 43.17 16.07 -26.02
C GLN F 257 44.33 17.05 -25.91
N ASN F 258 44.13 18.19 -25.27
CA ASN F 258 45.25 19.09 -24.98
C ASN F 258 46.18 18.51 -23.92
N SER F 259 45.69 17.59 -23.10
CA SER F 259 46.47 17.02 -22.00
C SER F 259 46.84 15.56 -22.20
N PHE F 260 46.31 14.88 -23.21
CA PHE F 260 46.58 13.47 -23.39
C PHE F 260 47.15 13.12 -24.76
N ALA F 261 46.76 13.78 -25.84
CA ALA F 261 47.22 13.56 -27.26
C ALA F 261 47.09 12.23 -27.92
N ALA F 262 45.95 11.61 -27.81
CA ALA F 262 45.80 10.28 -28.27
C ALA F 262 45.35 10.22 -29.66
N HIS F 263 46.26 10.44 -30.56
CA HIS F 263 45.94 10.45 -31.93
C HIS F 263 46.37 9.17 -32.54
N ASN F 264 45.75 8.09 -32.15
CA ASN F 264 46.16 6.78 -32.56
C ASN F 264 45.45 6.29 -33.75
N TYR F 265 46.12 6.17 -34.86
CA TYR F 265 45.48 5.78 -36.08
C TYR F 265 45.11 4.31 -36.20
N PRO F 266 44.52 3.87 -37.30
CA PRO F 266 43.98 2.51 -37.36
C PRO F 266 44.68 1.20 -37.56
N ASP F 267 44.16 0.16 -36.95
CA ASP F 267 44.77 -1.15 -37.01
C ASP F 267 44.17 -2.02 -38.06
N GLY F 268 42.88 -2.15 -38.10
CA GLY F 268 42.28 -2.87 -39.19
C GLY F 268 40.94 -2.31 -39.55
N ILE F 269 40.55 -2.45 -40.79
CA ILE F 269 39.28 -1.97 -41.24
C ILE F 269 38.38 -3.02 -41.88
N LEU F 270 37.11 -3.17 -41.48
CA LEU F 270 36.16 -4.08 -42.14
C LEU F 270 35.07 -3.34 -42.86
N VAL F 271 35.26 -3.09 -44.14
CA VAL F 271 34.18 -2.45 -44.88
C VAL F 271 33.53 -3.49 -45.76
N GLU F 272 32.22 -3.65 -45.63
CA GLU F 272 31.47 -4.65 -46.37
C GLU F 272 30.34 -3.99 -47.15
N PHE F 273 29.68 -4.81 -47.98
CA PHE F 273 28.48 -4.41 -48.72
C PHE F 273 27.57 -5.62 -48.79
N LYS F 274 26.42 -5.54 -48.13
CA LYS F 274 25.50 -6.67 -48.06
C LYS F 274 24.07 -6.15 -48.04
N ASN F 275 23.12 -7.09 -47.87
CA ASN F 275 21.70 -6.78 -47.94
C ASN F 275 21.00 -6.83 -46.59
N SER F 276 21.69 -7.22 -45.52
CA SER F 276 21.08 -7.28 -44.21
C SER F 276 22.13 -6.96 -43.16
N PRO F 277 21.81 -6.14 -42.17
CA PRO F 277 22.84 -5.64 -41.25
C PRO F 277 23.22 -6.63 -40.16
N ILE F 278 24.50 -6.63 -39.83
CA ILE F 278 25.07 -7.49 -38.79
C ILE F 278 26.14 -6.73 -38.01
N SER F 279 26.27 -7.05 -36.73
CA SER F 279 27.30 -6.46 -35.88
C SER F 279 28.14 -7.58 -35.28
N TYR F 280 29.46 -7.49 -35.44
CA TYR F 280 30.38 -8.45 -34.86
C TYR F 280 30.84 -8.04 -33.46
N ALA F 281 30.03 -7.25 -32.75
CA ALA F 281 30.31 -7.00 -31.34
C ALA F 281 30.26 -8.29 -30.54
N ASN F 282 29.42 -9.23 -30.96
CA ASN F 282 29.30 -10.53 -30.31
C ASN F 282 30.57 -11.37 -30.39
N ALA F 283 31.52 -10.99 -31.26
CA ALA F 283 32.84 -11.60 -31.21
C ALA F 283 33.53 -11.30 -29.90
N PHE F 284 33.38 -10.09 -29.38
CA PHE F 284 33.99 -9.67 -28.14
C PHE F 284 33.06 -9.83 -26.94
N VAL F 285 32.02 -10.66 -27.07
CA VAL F 285 31.32 -11.15 -25.88
C VAL F 285 32.30 -11.90 -24.99
N ARG F 286 33.18 -12.67 -25.59
CA ARG F 286 34.38 -13.13 -24.91
C ARG F 286 35.40 -12.00 -24.88
N PRO F 287 35.81 -11.51 -23.71
CA PRO F 287 36.82 -10.45 -23.66
C PRO F 287 38.17 -10.95 -24.12
N VAL F 288 38.95 -10.03 -24.70
CA VAL F 288 40.26 -10.37 -25.23
C VAL F 288 41.27 -10.33 -24.08
N SER F 289 41.88 -11.48 -23.80
CA SER F 289 42.89 -11.60 -22.75
C SER F 289 44.26 -11.68 -23.40
N VAL F 290 45.22 -10.93 -22.85
CA VAL F 290 46.54 -10.80 -23.46
C VAL F 290 47.35 -12.07 -23.22
N VAL F 291 47.86 -12.66 -24.29
CA VAL F 291 48.79 -13.78 -24.22
C VAL F 291 50.19 -13.19 -24.33
N LYS F 292 51.16 -13.83 -23.67
CA LYS F 292 52.51 -13.31 -23.59
C LYS F 292 53.23 -13.26 -24.94
N GLU F 293 52.70 -13.91 -25.98
CA GLU F 293 53.38 -13.97 -27.27
C GLU F 293 52.87 -12.94 -28.27
N SER F 294 51.63 -12.48 -28.16
CA SER F 294 51.06 -11.58 -29.15
C SER F 294 50.46 -10.36 -28.47
N ASP F 295 50.35 -9.28 -29.24
CA ASP F 295 49.72 -8.05 -28.78
C ASP F 295 48.20 -8.14 -28.92
N LEU F 296 47.50 -7.23 -28.26
CA LEU F 296 46.05 -7.33 -28.19
C LEU F 296 45.36 -6.93 -29.49
N VAL F 297 46.03 -6.16 -30.36
CA VAL F 297 45.44 -5.83 -31.65
C VAL F 297 45.39 -7.08 -32.54
N GLU F 298 46.49 -7.83 -32.59
CA GLU F 298 46.53 -9.08 -33.35
C GLU F 298 45.53 -10.09 -32.79
N GLN F 299 45.43 -10.16 -31.46
CA GLN F 299 44.49 -11.07 -30.81
C GLN F 299 43.05 -10.71 -31.13
N SER F 300 42.72 -9.41 -31.06
CA SER F 300 41.37 -8.95 -31.33
C SER F 300 41.01 -9.19 -32.78
N ILE F 301 41.97 -8.99 -33.68
CA ILE F 301 41.73 -9.25 -35.10
C ILE F 301 41.53 -10.75 -35.34
N GLY F 302 42.24 -11.59 -34.60
CA GLY F 302 42.00 -13.03 -34.70
C GLY F 302 40.62 -13.44 -34.23
N GLN F 303 40.17 -12.90 -33.10
CA GLN F 303 38.82 -13.19 -32.61
C GLN F 303 37.76 -12.69 -33.60
N LEU F 304 37.97 -11.50 -34.15
CA LEU F 304 37.06 -10.95 -35.15
C LEU F 304 37.01 -11.84 -36.39
N SER F 305 38.16 -12.34 -36.84
CA SER F 305 38.19 -13.21 -38.01
C SER F 305 37.47 -14.52 -37.75
N ASN F 306 37.62 -15.04 -36.53
CA ASN F 306 36.92 -16.27 -36.15
C ASN F 306 35.40 -16.06 -36.29
N TYR F 307 34.88 -14.98 -35.71
CA TYR F 307 33.43 -14.77 -35.76
C TYR F 307 32.96 -14.35 -37.17
N VAL F 308 33.79 -13.64 -37.93
CA VAL F 308 33.42 -13.30 -39.30
C VAL F 308 33.28 -14.57 -40.14
N ASN F 309 34.21 -15.52 -39.99
CA ASN F 309 34.10 -16.79 -40.70
C ASN F 309 32.86 -17.57 -40.26
N ASP F 310 32.56 -17.53 -38.96
CA ASP F 310 31.30 -18.12 -38.46
C ASP F 310 30.09 -17.59 -39.20
N ILE F 311 29.94 -16.27 -39.26
CA ILE F 311 28.72 -15.72 -39.83
C ILE F 311 28.69 -15.90 -41.34
N ARG F 312 29.86 -15.82 -41.99
CA ARG F 312 29.91 -15.99 -43.44
C ARG F 312 29.53 -17.41 -43.85
N LEU F 313 29.94 -18.41 -43.07
CA LEU F 313 29.64 -19.78 -43.47
C LEU F 313 28.28 -20.24 -42.94
N GLY F 314 27.96 -19.94 -41.69
CA GLY F 314 26.75 -20.44 -41.05
C GLY F 314 25.47 -19.72 -41.41
N TYR F 315 25.56 -18.63 -42.17
CA TYR F 315 24.38 -17.91 -42.67
C TYR F 315 24.55 -17.77 -44.18
N TYR F 316 24.02 -18.74 -44.92
CA TYR F 316 24.21 -18.80 -46.36
C TYR F 316 22.87 -18.76 -47.08
N ASP F 317 22.77 -17.87 -48.06
CA ASP F 317 21.71 -17.88 -49.04
C ASP F 317 22.36 -17.64 -50.40
N GLU F 318 22.10 -18.54 -51.35
CA GLU F 318 22.81 -18.53 -52.62
C GLU F 318 22.48 -17.29 -53.46
N GLN F 319 21.36 -16.63 -53.21
CA GLN F 319 20.96 -15.45 -53.96
C GLN F 319 21.54 -14.16 -53.38
N SER F 320 22.24 -14.22 -52.24
CA SER F 320 22.77 -13.04 -51.57
C SER F 320 24.25 -13.24 -51.26
N PRO F 321 25.12 -13.02 -52.24
CA PRO F 321 26.56 -13.10 -51.96
C PRO F 321 27.03 -11.87 -51.21
N VAL F 322 27.90 -12.09 -50.23
CA VAL F 322 28.41 -11.04 -49.36
C VAL F 322 29.94 -11.02 -49.45
N ILE F 323 30.49 -9.84 -49.70
CA ILE F 323 31.93 -9.65 -49.76
C ILE F 323 32.40 -8.89 -48.52
N GLY F 324 33.72 -8.84 -48.35
CA GLY F 324 34.31 -8.10 -47.24
C GLY F 324 35.69 -7.62 -47.61
N PHE F 325 36.05 -6.45 -47.08
CA PHE F 325 37.35 -5.84 -47.34
C PHE F 325 38.11 -5.73 -46.03
N TRP F 326 39.41 -6.04 -46.08
CA TRP F 326 40.27 -5.98 -44.90
C TRP F 326 41.43 -5.03 -45.17
N PHE F 327 41.73 -4.20 -44.17
CA PHE F 327 42.79 -3.21 -44.28
C PHE F 327 43.67 -3.26 -43.05
N SER F 328 44.99 -3.17 -43.27
CA SER F 328 45.97 -2.99 -42.21
C SER F 328 47.07 -2.10 -42.75
N PRO F 329 47.73 -1.31 -41.89
CA PRO F 329 48.83 -0.47 -42.37
C PRO F 329 50.04 -1.30 -42.78
N ASN F 330 50.28 -1.38 -44.09
CA ASN F 330 51.35 -2.22 -44.67
C ASN F 330 51.19 -3.68 -44.27
N ASN F 331 49.94 -4.13 -44.19
CA ASN F 331 49.57 -5.50 -43.79
C ASN F 331 50.19 -5.89 -42.45
N ARG F 332 50.15 -4.95 -41.50
CA ARG F 332 50.73 -5.20 -40.19
C ARG F 332 49.94 -6.23 -39.40
N TYR F 333 48.66 -6.44 -39.74
CA TYR F 333 47.83 -7.43 -39.06
C TYR F 333 46.87 -8.02 -40.07
N PRO F 334 47.28 -9.05 -40.81
CA PRO F 334 46.36 -9.70 -41.73
C PRO F 334 45.29 -10.47 -41.00
N LEU F 335 44.09 -10.49 -41.57
CA LEU F 335 42.96 -11.18 -40.94
C LEU F 335 43.01 -12.69 -41.17
N GLY F 336 43.66 -13.14 -42.24
CA GLY F 336 43.68 -14.55 -42.57
C GLY F 336 44.81 -15.32 -41.93
N TYR F 337 45.02 -15.11 -40.63
CA TYR F 337 46.09 -15.80 -39.93
C TYR F 337 45.74 -17.26 -39.65
N LYS F 338 44.47 -17.54 -39.35
CA LYS F 338 44.12 -18.86 -38.83
C LYS F 338 43.97 -19.90 -39.93
N HIS F 339 42.95 -19.74 -40.78
CA HIS F 339 42.63 -20.83 -41.71
C HIS F 339 42.34 -20.41 -43.14
N SER F 340 41.92 -19.19 -43.43
CA SER F 340 41.43 -18.88 -44.77
C SER F 340 41.61 -17.41 -45.07
N LYS F 341 41.58 -17.10 -46.37
CA LYS F 341 41.56 -15.71 -46.85
C LYS F 341 40.11 -15.25 -46.81
N LEU F 342 39.71 -14.72 -45.65
CA LEU F 342 38.32 -14.38 -45.41
C LEU F 342 37.87 -13.22 -46.30
N ALA F 343 38.64 -12.13 -46.31
CA ALA F 343 38.29 -10.99 -47.13
C ALA F 343 38.56 -11.30 -48.60
N SER F 344 37.82 -10.61 -49.47
CA SER F 344 38.04 -10.76 -50.90
C SER F 344 39.38 -10.17 -51.33
N ARG F 345 39.82 -9.11 -50.66
CA ARG F 345 41.08 -8.45 -50.99
C ARG F 345 41.62 -7.78 -49.74
N ASN F 346 42.91 -7.98 -49.47
CA ASN F 346 43.59 -7.34 -48.34
C ASN F 346 44.36 -6.13 -48.84
N ILE F 347 44.01 -4.96 -48.28
CA ILE F 347 44.46 -3.65 -48.76
C ILE F 347 45.42 -3.06 -47.74
N GLY F 348 46.51 -2.46 -48.23
CA GLY F 348 47.55 -1.95 -47.36
C GLY F 348 47.55 -0.45 -47.08
N ASN F 349 46.99 0.34 -47.98
CA ASN F 349 46.95 1.79 -47.85
C ASN F 349 45.50 2.27 -47.96
N LEU F 350 45.22 3.39 -47.30
CA LEU F 350 43.86 3.89 -47.18
C LEU F 350 43.26 4.31 -48.52
N ASN F 351 44.08 4.89 -49.41
CA ASN F 351 43.56 5.54 -50.61
C ASN F 351 42.89 4.53 -51.55
N GLU F 352 43.52 3.39 -51.79
CA GLU F 352 42.84 2.39 -52.61
C GLU F 352 41.76 1.63 -51.85
N LEU F 353 41.73 1.70 -50.51
CA LEU F 353 40.55 1.23 -49.80
C LEU F 353 39.33 2.10 -50.13
N VAL F 354 39.53 3.43 -50.14
CA VAL F 354 38.46 4.32 -50.60
C VAL F 354 38.15 4.08 -52.07
N GLY F 355 39.18 3.78 -52.86
CA GLY F 355 38.95 3.47 -54.26
C GLY F 355 38.13 2.20 -54.46
N ALA F 356 38.37 1.18 -53.64
CA ALA F 356 37.58 -0.04 -53.70
C ALA F 356 36.14 0.22 -53.25
N VAL F 357 35.97 1.10 -52.25
CA VAL F 357 34.63 1.49 -51.83
C VAL F 357 33.88 2.16 -52.99
N LEU F 358 34.56 3.08 -53.68
CA LEU F 358 33.95 3.75 -54.83
C LEU F 358 33.66 2.78 -55.96
N ASP F 359 34.56 1.84 -56.22
CA ASP F 359 34.38 0.89 -57.30
C ASP F 359 33.20 -0.05 -57.03
N TYR F 360 33.05 -0.51 -55.78
CA TYR F 360 31.93 -1.39 -55.49
C TYR F 360 30.61 -0.62 -55.39
N ILE F 361 30.65 0.64 -54.98
CA ILE F 361 29.41 1.41 -54.86
C ILE F 361 28.90 1.81 -56.23
N GLY F 362 29.72 2.51 -57.01
CA GLY F 362 29.27 2.98 -58.31
C GLY F 362 30.34 3.02 -59.39
N GLY F 363 31.52 2.49 -59.09
CA GLY F 363 32.60 2.54 -60.06
C GLY F 363 33.24 3.89 -60.24
N PHE F 364 32.98 4.84 -59.35
CA PHE F 364 33.53 6.17 -59.47
C PHE F 364 35.01 6.19 -59.05
N LYS F 365 35.66 7.31 -59.29
CA LYS F 365 37.04 7.51 -58.90
C LYS F 365 37.13 8.62 -57.86
N TRP F 366 38.32 8.75 -57.26
CA TRP F 366 38.53 9.72 -56.19
C TRP F 366 38.88 11.12 -56.68
N GLU F 367 39.05 11.29 -58.00
CA GLU F 367 39.37 12.61 -58.54
C GLU F 367 38.11 13.41 -58.88
N GLU F 368 37.22 12.84 -59.68
CA GLU F 368 36.01 13.55 -60.09
C GLU F 368 35.00 13.68 -58.95
N VAL F 369 35.15 12.88 -57.89
CA VAL F 369 34.18 12.89 -56.80
C VAL F 369 34.20 14.22 -56.04
N GLN F 370 35.34 14.92 -56.04
CA GLN F 370 35.44 16.20 -55.35
C GLN F 370 34.89 17.35 -56.18
N LYS F 371 34.52 17.11 -57.44
CA LYS F 371 33.91 18.16 -58.24
C LYS F 371 32.50 18.50 -57.76
N SER F 372 31.77 17.51 -57.27
CA SER F 372 30.39 17.72 -56.78
C SER F 372 30.45 18.18 -55.33
N LYS F 373 30.90 19.43 -55.16
CA LYS F 373 30.94 20.03 -53.82
C LYS F 373 29.54 20.22 -53.26
N ALA F 374 28.60 20.65 -54.11
CA ALA F 374 27.19 20.88 -53.75
C ALA F 374 27.02 21.84 -52.59
N MET G 1 51.99 25.53 -38.78
CA MET G 1 51.83 24.08 -38.84
C MET G 1 52.12 23.45 -37.49
N LEU G 2 51.76 22.17 -37.36
CA LEU G 2 51.99 21.44 -36.11
C LEU G 2 53.44 20.97 -36.05
N ILE G 3 54.02 21.05 -34.86
CA ILE G 3 55.40 20.64 -34.63
C ILE G 3 55.35 19.43 -33.70
N GLU G 4 55.49 18.23 -34.26
CA GLU G 4 55.36 17.01 -33.49
C GLU G 4 56.74 16.40 -33.26
N ILE G 5 57.14 16.34 -31.98
CA ILE G 5 58.47 15.89 -31.58
C ILE G 5 58.33 14.60 -30.79
N HIS G 6 58.99 13.55 -31.24
CA HIS G 6 59.02 12.27 -30.56
C HIS G 6 60.42 12.04 -30.02
N MET G 7 60.54 11.85 -28.72
CA MET G 7 61.84 11.69 -28.07
C MET G 7 61.89 10.37 -27.31
N ILE G 8 62.96 9.63 -27.49
CA ILE G 8 63.23 8.41 -26.74
C ILE G 8 64.33 8.75 -25.73
N GLN G 9 63.98 8.70 -24.44
CA GLN G 9 64.89 9.13 -23.40
C GLN G 9 64.95 8.11 -22.29
N ASN G 10 66.16 7.89 -21.76
CA ASN G 10 66.38 7.02 -20.61
C ASN G 10 66.24 7.86 -19.36
N HIS G 11 65.07 7.82 -18.74
CA HIS G 11 64.79 8.57 -17.52
C HIS G 11 64.71 7.59 -16.35
N SER G 12 65.51 7.82 -15.33
CA SER G 12 65.46 6.98 -14.14
C SER G 12 64.22 7.34 -13.33
N PRO G 13 63.37 6.39 -12.99
CA PRO G 13 62.10 6.69 -12.30
C PRO G 13 62.22 6.79 -10.79
N ALA G 14 63.42 6.89 -10.22
CA ALA G 14 63.55 7.01 -8.78
C ALA G 14 63.11 8.38 -8.28
N ASN G 15 63.40 9.43 -9.04
CA ASN G 15 63.10 10.79 -8.63
C ASN G 15 62.16 11.46 -9.63
N LEU G 16 61.09 10.78 -10.00
CA LEU G 16 60.20 11.19 -11.07
C LEU G 16 58.81 11.48 -10.50
N ASN G 17 57.83 11.60 -11.41
CA ASN G 17 56.46 11.93 -11.05
C ASN G 17 55.89 10.95 -10.02
N ARG G 18 55.20 11.51 -9.04
CA ARG G 18 54.53 10.73 -8.00
C ARG G 18 53.05 11.08 -7.99
N ASP G 19 52.25 10.18 -7.41
CA ASP G 19 50.85 10.44 -7.19
C ASP G 19 50.64 10.79 -5.71
N ASP G 20 49.38 10.92 -5.30
CA ASP G 20 49.10 11.28 -3.92
C ASP G 20 49.41 10.16 -2.93
N LEU G 21 49.64 8.93 -3.40
CA LEU G 21 50.04 7.84 -2.54
C LEU G 21 51.54 7.58 -2.60
N GLY G 22 52.30 8.43 -3.29
CA GLY G 22 53.73 8.27 -3.40
C GLY G 22 54.20 7.37 -4.52
N ALA G 23 53.29 6.68 -5.20
CA ALA G 23 53.67 5.78 -6.27
C ALA G 23 54.07 6.56 -7.51
N PRO G 24 55.00 6.04 -8.30
CA PRO G 24 55.21 6.58 -9.65
C PRO G 24 53.96 6.36 -10.48
N LYS G 25 53.68 7.31 -11.38
CA LYS G 25 52.47 7.23 -12.19
C LYS G 25 52.60 6.11 -13.21
N THR G 26 51.57 5.27 -13.30
CA THR G 26 51.54 4.15 -14.21
C THR G 26 50.24 4.17 -15.01
N CYS G 27 50.31 3.64 -16.23
CA CYS G 27 49.16 3.54 -17.10
C CYS G 27 49.14 2.17 -17.76
N TYR G 28 47.95 1.74 -18.16
CA TYR G 28 47.78 0.46 -18.83
C TYR G 28 47.77 0.69 -20.34
N PHE G 29 48.74 0.12 -21.03
CA PHE G 29 48.83 0.25 -22.48
C PHE G 29 49.07 -1.13 -23.08
N GLY G 30 48.23 -1.50 -24.05
CA GLY G 30 48.28 -2.84 -24.59
C GLY G 30 47.81 -3.90 -23.63
N GLY G 31 46.98 -3.53 -22.65
CA GLY G 31 46.53 -4.45 -21.64
C GLY G 31 47.55 -4.76 -20.56
N VAL G 32 48.68 -4.08 -20.55
CA VAL G 32 49.78 -4.41 -19.66
C VAL G 32 50.40 -3.11 -19.15
N LEU G 33 50.91 -3.16 -17.92
CA LEU G 33 51.29 -1.94 -17.20
C LEU G 33 52.58 -1.33 -17.71
N ARG G 34 52.59 0.00 -17.83
CA ARG G 34 53.75 0.78 -18.22
C ARG G 34 53.96 1.92 -17.22
N SER G 35 55.04 2.67 -17.40
CA SER G 35 55.38 3.80 -16.54
C SER G 35 55.01 5.11 -17.22
N ARG G 36 54.48 6.05 -16.44
CA ARG G 36 53.91 7.28 -16.97
C ARG G 36 54.45 8.49 -16.21
N ILE G 37 54.74 9.57 -16.95
CA ILE G 37 54.96 10.88 -16.37
C ILE G 37 53.93 11.84 -16.96
N SER G 38 53.36 12.69 -16.11
CA SER G 38 52.20 13.47 -16.50
C SER G 38 52.59 14.62 -17.43
N SER G 39 51.64 15.02 -18.29
CA SER G 39 51.88 16.06 -19.26
C SER G 39 52.13 17.42 -18.60
N GLN G 40 51.36 17.73 -17.56
CA GLN G 40 51.52 19.01 -16.88
C GLN G 40 52.85 19.10 -16.14
N CYS G 41 53.39 17.97 -15.70
CA CYS G 41 54.71 17.97 -15.08
C CYS G 41 55.80 18.33 -16.08
N ILE G 42 55.71 17.76 -17.30
CA ILE G 42 56.66 18.13 -18.35
C ILE G 42 56.49 19.59 -18.73
N LYS G 43 55.24 20.06 -18.80
CA LYS G 43 54.98 21.45 -19.16
C LYS G 43 55.58 22.42 -18.13
N ARG G 44 55.38 22.13 -16.84
CA ARG G 44 55.92 23.01 -15.81
C ARG G 44 57.43 22.91 -15.70
N SER G 45 57.99 21.71 -15.87
CA SER G 45 59.44 21.55 -15.80
C SER G 45 60.13 22.26 -16.96
N ILE G 46 59.52 22.23 -18.15
CA ILE G 46 60.01 23.04 -19.26
C ILE G 46 59.84 24.52 -18.93
N ARG G 47 58.71 24.88 -18.32
CA ARG G 47 58.40 26.28 -18.01
C ARG G 47 59.43 26.90 -17.07
N THR G 48 59.71 26.23 -15.96
CA THR G 48 60.63 26.76 -14.94
C THR G 48 62.07 26.31 -15.16
N SER G 49 62.44 26.03 -16.40
CA SER G 49 63.76 25.51 -16.70
C SER G 49 64.78 26.63 -16.80
N ASN G 50 66.03 26.26 -17.08
CA ASN G 50 67.09 27.25 -17.27
C ASN G 50 66.99 27.94 -18.63
N ASP G 51 66.63 27.19 -19.67
CA ASP G 51 66.52 27.77 -21.00
C ASP G 51 65.27 28.62 -21.16
N PHE G 52 64.22 28.35 -20.37
CA PHE G 52 63.00 29.14 -20.40
C PHE G 52 63.03 30.29 -19.39
N LYS G 53 64.22 30.70 -18.95
CA LYS G 53 64.32 31.78 -17.98
C LYS G 53 63.85 33.11 -18.55
N ALA G 54 64.20 33.39 -19.80
CA ALA G 54 63.79 34.64 -20.42
C ALA G 54 62.32 34.65 -20.82
N LEU G 55 61.75 33.49 -21.13
CA LEU G 55 60.40 33.42 -21.67
C LEU G 55 59.33 33.18 -20.62
N LEU G 56 59.70 33.12 -19.34
CA LEU G 56 58.72 32.98 -18.27
C LEU G 56 58.09 34.36 -18.01
N GLY G 57 57.08 34.68 -18.81
CA GLY G 57 56.44 35.98 -18.72
C GLY G 57 55.08 35.98 -18.06
N GLY G 58 54.55 34.80 -17.76
CA GLY G 58 53.23 34.65 -17.15
C GLY G 58 53.35 34.21 -15.71
N VAL G 59 52.45 34.70 -14.87
CA VAL G 59 52.40 34.35 -13.46
C VAL G 59 51.02 33.81 -13.14
N ARG G 60 50.97 32.59 -12.59
CA ARG G 60 49.72 31.95 -12.21
C ARG G 60 49.63 32.02 -10.69
N THR G 61 49.06 33.11 -10.20
CA THR G 61 49.03 33.41 -8.77
C THR G 61 47.59 33.47 -8.28
N ARG G 62 47.46 33.59 -6.97
CA ARG G 62 46.17 33.87 -6.34
C ARG G 62 46.20 35.13 -5.49
N ARG G 63 47.35 35.80 -5.38
CA ARG G 63 47.49 36.97 -4.53
C ARG G 63 47.98 38.14 -5.40
N LEU G 64 47.04 38.81 -6.06
CA LEU G 64 47.39 40.05 -6.75
C LEU G 64 47.59 41.19 -5.76
N ALA G 65 46.88 41.13 -4.62
CA ALA G 65 47.04 42.17 -3.61
C ALA G 65 48.46 42.20 -3.05
N ASP G 66 49.07 41.03 -2.85
CA ASP G 66 50.45 40.98 -2.42
C ASP G 66 51.38 41.59 -3.46
N LEU G 67 51.09 41.36 -4.74
CA LEU G 67 51.89 41.93 -5.82
C LEU G 67 51.64 43.42 -6.02
N ILE G 68 50.55 43.97 -5.47
CA ILE G 68 50.23 45.39 -5.68
C ILE G 68 51.27 46.28 -4.99
N GLN G 69 51.58 46.01 -3.73
CA GLN G 69 52.57 46.82 -3.02
C GLN G 69 53.97 46.23 -3.14
N GLN G 70 54.37 45.87 -4.35
CA GLN G 70 55.76 45.50 -4.64
C GLN G 70 56.46 46.52 -5.53
N GLU G 71 55.72 47.24 -6.36
CA GLU G 71 56.26 48.37 -7.10
C GLU G 71 55.51 49.66 -6.82
N ALA G 72 54.45 49.61 -6.01
CA ALA G 72 53.77 50.84 -5.61
C ALA G 72 54.66 51.68 -4.70
N GLY G 73 55.44 51.04 -3.85
CA GLY G 73 56.36 51.74 -2.96
C GLY G 73 55.77 52.15 -1.63
N GLU G 74 54.58 52.76 -1.65
CA GLU G 74 53.93 53.17 -0.43
C GLU G 74 53.34 51.96 0.30
N THR G 75 52.93 52.19 1.55
CA THR G 75 52.51 51.11 2.44
C THR G 75 51.01 50.87 2.43
N GLU G 76 50.21 51.92 2.58
CA GLU G 76 48.79 51.76 2.85
C GLU G 76 47.95 51.53 1.60
N CYS G 77 48.34 50.58 0.75
CA CYS G 77 47.45 50.06 -0.30
C CYS G 77 47.53 48.54 -0.27
N TRP G 78 46.80 47.92 0.64
CA TRP G 78 46.65 46.47 0.60
C TRP G 78 45.20 46.02 0.72
N LYS G 79 44.41 46.69 1.58
CA LYS G 79 43.01 46.30 1.78
C LYS G 79 42.08 46.92 0.76
N LYS G 80 42.39 48.13 0.30
CA LYS G 80 41.61 48.75 -0.76
C LYS G 80 41.72 47.95 -2.05
N ALA G 81 42.93 47.45 -2.34
CA ALA G 81 43.11 46.60 -3.52
C ALA G 81 42.33 45.30 -3.39
N GLN G 82 42.27 44.74 -2.18
CA GLN G 82 41.45 43.55 -1.94
C GLN G 82 39.98 43.84 -2.17
N GLU G 83 39.49 45.00 -1.72
CA GLU G 83 38.10 45.37 -1.95
C GLU G 83 37.81 45.57 -3.43
N ILE G 84 38.74 46.19 -4.16
CA ILE G 84 38.53 46.40 -5.59
C ILE G 84 38.54 45.08 -6.35
N LEU G 85 39.43 44.17 -5.97
CA LEU G 85 39.44 42.82 -6.58
C LEU G 85 38.17 42.05 -6.25
N ASN G 86 37.66 42.19 -5.02
CA ASN G 86 36.41 41.52 -4.67
C ASN G 86 35.23 42.11 -5.43
N LYS G 87 35.22 43.44 -5.61
CA LYS G 87 34.17 44.06 -6.42
C LYS G 87 34.29 43.67 -7.88
N CYS G 88 35.49 43.31 -8.34
CA CYS G 88 35.62 42.69 -9.65
C CYS G 88 34.89 41.35 -9.67
N GLY G 89 35.18 40.48 -8.70
CA GLY G 89 34.48 39.21 -8.63
C GLY G 89 35.31 38.03 -8.17
N PHE G 90 36.59 38.24 -7.91
CA PHE G 90 37.46 37.20 -7.36
C PHE G 90 37.40 37.28 -5.84
N LYS G 91 36.77 36.28 -5.23
CA LYS G 91 36.46 36.35 -3.81
C LYS G 91 37.72 36.12 -2.98
N ASN G 92 37.68 36.57 -1.73
CA ASN G 92 38.82 36.45 -0.82
C ASN G 92 38.43 35.63 0.39
N LYS G 93 39.11 34.51 0.59
CA LYS G 93 39.06 33.77 1.85
C LYS G 93 40.18 34.20 2.78
N ASP G 94 41.33 34.55 2.22
CA ASP G 94 42.52 34.94 2.95
C ASP G 94 43.28 35.93 2.09
N ASP G 95 44.59 36.06 2.34
CA ASP G 95 45.45 36.93 1.53
C ASP G 95 45.38 36.60 0.04
N ASN G 96 45.12 35.35 -0.30
CA ASN G 96 45.00 34.93 -1.69
C ASN G 96 43.56 34.98 -2.16
N THR G 97 43.37 35.27 -3.45
CA THR G 97 42.06 35.10 -4.06
C THR G 97 41.78 33.61 -4.26
N LYS G 98 40.51 33.27 -4.21
CA LYS G 98 40.06 31.89 -4.12
C LYS G 98 39.78 31.27 -5.49
N MET G 99 40.02 32.02 -6.56
CA MET G 99 40.16 31.49 -7.91
C MET G 99 41.58 31.76 -8.40
N LEU G 100 41.97 31.03 -9.45
CA LEU G 100 43.32 31.17 -9.99
C LEU G 100 43.36 32.28 -11.05
N VAL G 101 44.30 33.20 -10.91
CA VAL G 101 44.46 34.32 -11.82
C VAL G 101 45.80 34.17 -12.55
N PHE G 102 45.76 34.24 -13.87
CA PHE G 102 46.91 34.04 -14.74
C PHE G 102 47.06 35.30 -15.59
N MET G 103 48.07 36.12 -15.28
CA MET G 103 48.35 37.32 -16.06
C MET G 103 49.83 37.34 -16.42
N SER G 104 50.22 38.39 -17.13
CA SER G 104 51.63 38.62 -17.45
C SER G 104 52.26 39.52 -16.42
N LYS G 105 53.56 39.33 -16.19
CA LYS G 105 54.26 40.12 -15.18
C LYS G 105 54.70 41.48 -15.72
N ASP G 106 53.79 42.17 -16.40
CA ASP G 106 53.97 43.58 -16.77
C ASP G 106 52.72 44.41 -16.53
N LYS G 107 51.55 43.80 -16.33
CA LYS G 107 50.32 44.51 -16.04
C LYS G 107 50.04 44.60 -14.55
N ILE G 108 50.93 44.06 -13.71
CA ILE G 108 50.76 44.18 -12.27
C ILE G 108 50.99 45.63 -11.84
N LYS G 109 51.99 46.28 -12.44
CA LYS G 109 52.19 47.72 -12.20
C LYS G 109 51.03 48.55 -12.75
N ASP G 110 50.39 48.08 -13.82
CA ASP G 110 49.17 48.73 -14.30
C ASP G 110 48.07 48.65 -13.25
N LEU G 111 47.93 47.48 -12.61
CA LEU G 111 46.95 47.34 -11.53
C LEU G 111 47.31 48.21 -10.34
N ALA G 112 48.61 48.34 -10.04
CA ALA G 112 49.05 49.18 -8.93
C ALA G 112 48.73 50.65 -9.19
N ARG G 113 49.01 51.13 -10.40
CA ARG G 113 48.73 52.52 -10.74
C ARG G 113 47.23 52.78 -10.91
N ILE G 114 46.44 51.73 -11.20
CA ILE G 114 45.00 51.88 -11.12
C ILE G 114 44.54 52.01 -9.67
N VAL G 115 45.09 51.17 -8.78
CA VAL G 115 44.61 51.10 -7.40
C VAL G 115 44.99 52.36 -6.62
N LEU G 116 46.22 52.85 -6.81
CA LEU G 116 46.70 53.97 -6.00
C LEU G 116 45.96 55.27 -6.29
N ASP G 117 45.30 55.39 -7.44
CA ASP G 117 44.45 56.53 -7.69
C ASP G 117 43.22 56.48 -6.80
N ASN G 118 42.92 57.59 -6.12
CA ASN G 118 41.80 57.67 -5.20
C ASN G 118 40.83 58.77 -5.63
N SER G 119 40.64 58.91 -6.95
CA SER G 119 39.75 59.93 -7.50
C SER G 119 38.53 59.32 -8.19
N LEU G 120 38.24 58.04 -7.95
CA LEU G 120 37.15 57.38 -8.64
C LEU G 120 36.65 56.23 -7.76
N GLY G 121 35.40 55.83 -8.00
CA GLY G 121 34.71 54.90 -7.12
C GLY G 121 35.16 53.47 -7.29
N LEU G 122 34.63 52.60 -6.42
CA LEU G 122 35.03 51.20 -6.45
C LEU G 122 34.47 50.46 -7.66
N THR G 123 33.30 50.88 -8.15
CA THR G 123 32.67 50.18 -9.28
C THR G 123 33.49 50.32 -10.55
N GLU G 124 33.85 51.55 -10.92
CA GLU G 124 34.65 51.75 -12.13
C GLU G 124 36.08 51.27 -11.91
N ALA G 125 36.54 51.24 -10.66
CA ALA G 125 37.85 50.65 -10.38
C ALA G 125 37.84 49.15 -10.67
N ALA G 126 36.77 48.46 -10.28
CA ALA G 126 36.65 47.04 -10.59
C ALA G 126 36.48 46.83 -12.09
N GLN G 127 35.78 47.73 -12.76
CA GLN G 127 35.66 47.66 -14.22
C GLN G 127 37.03 47.81 -14.88
N GLN G 128 37.85 48.74 -14.38
CA GLN G 128 39.19 48.91 -14.91
C GLN G 128 40.09 47.72 -14.58
N VAL G 129 39.87 47.07 -13.44
CA VAL G 129 40.60 45.85 -13.13
C VAL G 129 40.24 44.74 -14.11
N ALA G 130 38.97 44.66 -14.49
CA ALA G 130 38.56 43.73 -15.55
C ALA G 130 39.18 44.11 -16.89
N ASN G 131 39.28 45.42 -17.17
CA ASN G 131 39.96 45.87 -18.37
C ASN G 131 41.44 45.48 -18.36
N VAL G 132 42.05 45.43 -17.17
CA VAL G 132 43.43 44.96 -17.07
C VAL G 132 43.50 43.45 -17.30
N ILE G 133 42.86 42.68 -16.42
CA ILE G 133 42.76 41.24 -16.64
C ILE G 133 41.49 40.89 -17.39
N ALA G 134 41.43 41.27 -18.67
CA ALA G 134 40.59 40.59 -19.64
C ALA G 134 41.27 40.41 -20.99
N GLN G 135 42.38 41.10 -21.25
CA GLN G 135 43.11 40.93 -22.50
C GLN G 135 44.61 40.89 -22.28
N ALA G 136 45.07 40.81 -21.03
CA ALA G 136 46.50 40.77 -20.74
C ALA G 136 47.08 39.41 -21.09
N THR G 137 47.21 39.12 -22.39
CA THR G 137 47.70 37.84 -22.87
C THR G 137 49.12 37.95 -23.41
N LEU G 138 49.83 39.04 -23.10
CA LEU G 138 51.15 39.28 -23.65
C LEU G 138 52.20 38.48 -22.88
N ALA G 139 52.15 37.17 -23.09
CA ALA G 139 53.12 36.25 -22.49
C ALA G 139 53.19 34.98 -23.34
N PRO G 140 54.40 34.54 -23.71
CA PRO G 140 54.52 33.25 -24.41
C PRO G 140 54.04 32.07 -23.59
N ASP G 141 54.17 32.13 -22.26
CA ASP G 141 53.63 31.09 -21.40
C ASP G 141 52.11 31.02 -21.50
N ILE G 142 51.46 32.19 -21.53
CA ILE G 142 50.02 32.26 -21.76
C ILE G 142 49.68 31.69 -23.13
N ALA G 143 50.47 32.06 -24.14
CA ALA G 143 50.20 31.60 -25.51
C ALA G 143 50.35 30.10 -25.65
N LEU G 144 51.26 29.50 -24.89
CA LEU G 144 51.50 28.07 -25.02
C LEU G 144 50.54 27.24 -24.17
N CYS G 145 50.51 27.51 -22.86
CA CYS G 145 49.76 26.66 -21.95
C CYS G 145 48.26 26.90 -22.02
N GLY G 146 47.82 28.12 -22.29
CA GLY G 146 46.41 28.43 -22.40
C GLY G 146 45.80 28.78 -21.05
N ARG G 147 44.62 29.42 -21.13
CA ARG G 147 43.95 29.98 -19.96
C ARG G 147 42.53 30.35 -20.34
N MET G 148 41.58 30.14 -19.42
CA MET G 148 40.34 30.90 -19.43
C MET G 148 40.12 31.48 -18.04
N LEU G 149 39.37 32.57 -17.98
CA LEU G 149 39.11 33.25 -16.72
C LEU G 149 37.63 33.62 -16.66
N GLU G 150 36.95 33.16 -15.62
CA GLU G 150 35.56 33.50 -15.38
C GLU G 150 35.36 33.68 -13.88
N PRO G 151 34.75 34.78 -13.45
CA PRO G 151 34.65 35.07 -12.02
C PRO G 151 33.36 34.60 -11.38
N ASN G 152 33.33 34.61 -10.05
CA ASN G 152 32.13 34.28 -9.31
C ASN G 152 31.07 35.36 -9.51
N ASP G 153 29.79 34.95 -9.41
CA ASP G 153 28.68 35.83 -9.67
C ASP G 153 27.69 35.92 -8.51
N LYS G 154 28.01 35.34 -7.35
CA LYS G 154 27.01 35.21 -6.29
C LYS G 154 26.77 36.53 -5.56
N ASP G 155 27.82 37.33 -5.33
CA ASP G 155 27.63 38.66 -4.75
C ASP G 155 28.56 39.68 -5.40
N LYS G 156 29.05 39.38 -6.59
CA LYS G 156 29.76 40.36 -7.40
C LYS G 156 28.80 41.47 -7.83
N ASP G 157 29.31 42.70 -7.90
CA ASP G 157 28.51 43.82 -8.38
C ASP G 157 28.12 43.55 -9.83
N LYS G 158 26.91 43.98 -10.20
CA LYS G 158 26.34 43.68 -11.50
C LYS G 158 26.73 44.70 -12.57
N LYS G 159 27.60 45.66 -12.24
CA LYS G 159 27.96 46.72 -13.16
C LYS G 159 29.31 46.48 -13.83
N VAL G 160 29.73 45.23 -14.03
CA VAL G 160 31.00 44.91 -14.66
C VAL G 160 30.74 44.07 -15.91
N LYS G 161 31.63 44.21 -16.89
CA LYS G 161 31.47 43.53 -18.18
C LYS G 161 32.85 43.03 -18.60
N TRP G 162 32.92 41.76 -18.96
CA TRP G 162 34.16 41.10 -19.35
C TRP G 162 34.20 40.82 -20.84
N SER G 163 35.41 40.89 -21.40
CA SER G 163 35.65 40.55 -22.80
C SER G 163 35.71 39.04 -22.96
N ASN G 164 36.21 38.60 -24.11
CA ASN G 164 36.38 37.16 -24.38
C ASN G 164 37.67 36.78 -23.65
N THR G 165 37.52 36.44 -22.37
CA THR G 165 38.66 36.09 -21.52
C THR G 165 38.92 34.59 -21.53
N THR G 166 39.33 34.10 -22.71
CA THR G 166 39.93 32.79 -22.80
C THR G 166 40.96 32.81 -23.93
N VAL G 167 42.09 32.16 -23.70
CA VAL G 167 43.10 31.96 -24.72
C VAL G 167 43.30 30.46 -24.91
N GLU G 168 43.24 30.02 -26.14
CA GLU G 168 43.27 28.60 -26.46
C GLU G 168 44.71 28.10 -26.42
N ALA G 169 44.89 26.91 -25.86
CA ALA G 169 46.23 26.37 -25.64
C ALA G 169 46.89 25.99 -26.97
N ALA G 170 48.22 26.13 -27.00
CA ALA G 170 49.01 25.78 -28.17
C ALA G 170 49.77 24.47 -27.99
N LEU G 171 49.69 23.85 -26.83
CA LEU G 171 50.56 22.73 -26.48
C LEU G 171 49.71 21.50 -26.17
N GLN G 172 50.03 20.40 -26.84
CA GLN G 172 49.42 19.10 -26.58
C GLN G 172 50.55 18.14 -26.21
N VAL G 173 50.81 18.01 -24.92
CA VAL G 173 51.80 17.05 -24.42
C VAL G 173 51.07 15.77 -24.07
N ALA G 174 51.58 14.65 -24.57
CA ALA G 174 51.04 13.35 -24.19
C ALA G 174 51.66 12.89 -22.88
N HIS G 175 50.89 12.09 -22.15
CA HIS G 175 51.44 11.40 -20.98
C HIS G 175 52.48 10.40 -21.47
N ALA G 176 53.74 10.70 -21.20
CA ALA G 176 54.84 9.88 -21.73
C ALA G 176 54.81 8.49 -21.12
N ILE G 177 55.02 7.48 -21.96
CA ILE G 177 54.85 6.09 -21.56
C ILE G 177 56.17 5.36 -21.71
N SER G 178 56.33 4.31 -20.89
CA SER G 178 57.50 3.45 -20.97
C SER G 178 57.22 2.33 -21.98
N THR G 179 58.13 2.16 -22.93
CA THR G 179 57.93 1.16 -23.98
C THR G 179 57.95 -0.25 -23.42
N HIS G 180 58.84 -0.52 -22.47
CA HIS G 180 59.06 -1.86 -21.96
C HIS G 180 58.14 -2.15 -20.78
N ILE G 181 58.34 -3.33 -20.19
CA ILE G 181 57.68 -3.66 -18.93
C ILE G 181 58.31 -2.85 -17.80
N ALA G 182 57.46 -2.20 -17.01
CA ALA G 182 57.95 -1.55 -15.81
C ALA G 182 58.49 -2.58 -14.83
N ARG G 183 59.71 -2.36 -14.36
CA ARG G 183 60.39 -3.38 -13.57
C ARG G 183 59.78 -3.49 -12.19
N PRO G 184 59.59 -4.71 -11.67
CA PRO G 184 59.08 -4.87 -10.32
C PRO G 184 60.11 -4.45 -9.28
N GLU G 185 59.60 -4.16 -8.09
CA GLU G 185 60.44 -3.79 -6.95
C GLU G 185 61.32 -4.96 -6.50
N ASP G 187 60.06 -7.54 -4.05
CA ASP G 187 59.58 -8.13 -2.80
C ASP G 187 60.68 -8.12 -1.75
N PHE G 189 59.09 -9.35 0.75
CA PHE G 189 58.31 -10.56 0.98
C PHE G 189 59.17 -11.81 0.86
N VAL G 190 60.35 -11.78 1.45
CA VAL G 190 61.27 -12.92 1.40
C VAL G 190 61.45 -13.49 2.80
N SER G 208 72.37 4.99 -10.52
CA SER G 208 73.13 3.87 -11.04
C SER G 208 72.69 2.56 -10.39
N MET G 209 71.74 2.64 -9.46
CA MET G 209 71.20 1.47 -8.80
C MET G 209 69.83 1.05 -9.30
N PHE G 210 69.07 1.98 -9.86
CA PHE G 210 67.78 1.67 -10.47
C PHE G 210 67.88 1.90 -11.97
N ALA G 211 67.18 1.06 -12.73
CA ALA G 211 67.37 1.00 -14.17
C ALA G 211 66.83 2.26 -14.86
N SER G 212 67.49 2.64 -15.95
CA SER G 212 67.06 3.77 -16.76
C SER G 212 65.96 3.30 -17.70
N ALA G 213 64.72 3.67 -17.39
CA ALA G 213 63.58 3.24 -18.19
C ALA G 213 63.57 3.95 -19.53
N CYS G 214 63.33 3.19 -20.59
CA CYS G 214 63.21 3.74 -21.93
C CYS G 214 61.85 4.40 -22.07
N PHE G 215 61.82 5.73 -22.05
CA PHE G 215 60.59 6.49 -22.10
C PHE G 215 60.35 7.05 -23.50
N TYR G 216 59.07 7.24 -23.83
CA TYR G 216 58.66 7.83 -25.09
C TYR G 216 57.72 8.99 -24.79
N LYS G 217 58.08 10.19 -25.22
CA LYS G 217 57.27 11.37 -24.99
C LYS G 217 56.86 12.01 -26.31
N TYR G 218 55.76 12.75 -26.26
CA TYR G 218 55.12 13.32 -27.44
C TYR G 218 54.73 14.77 -27.15
N PHE G 219 55.20 15.68 -27.99
CA PHE G 219 54.91 17.11 -27.87
C PHE G 219 54.42 17.64 -29.20
N SER G 220 53.37 18.46 -29.16
CA SER G 220 52.81 19.07 -30.35
C SER G 220 52.53 20.53 -30.09
N ILE G 221 52.99 21.40 -31.00
CA ILE G 221 52.82 22.85 -30.89
C ILE G 221 52.13 23.34 -32.16
N ASP G 222 51.04 24.08 -32.00
CA ASP G 222 50.32 24.66 -33.13
C ASP G 222 50.89 26.04 -33.40
N TRP G 223 51.57 26.20 -34.55
CA TRP G 223 52.29 27.43 -34.84
C TRP G 223 51.34 28.61 -35.05
N GLU G 224 50.34 28.43 -35.92
CA GLU G 224 49.45 29.53 -36.25
C GLU G 224 48.62 29.96 -35.05
N GLN G 225 48.16 29.00 -34.27
CA GLN G 225 47.35 29.31 -33.09
C GLN G 225 48.21 29.95 -32.00
N LEU G 226 49.48 29.54 -31.87
CA LEU G 226 50.36 30.16 -30.89
C LEU G 226 50.70 31.59 -31.26
N VAL G 227 51.02 31.86 -32.54
CA VAL G 227 51.30 33.22 -32.94
C VAL G 227 50.04 34.07 -32.93
N LYS G 228 48.86 33.46 -33.07
CA LYS G 228 47.62 34.19 -32.82
C LYS G 228 47.46 34.51 -31.35
N ASN G 229 47.91 33.62 -30.47
CA ASN G 229 47.81 33.83 -29.04
C ASN G 229 48.82 34.83 -28.49
N LEU G 230 49.81 35.25 -29.30
CA LEU G 230 50.80 36.25 -28.89
C LEU G 230 50.62 37.56 -29.65
N LYS G 231 49.43 37.82 -30.18
CA LYS G 231 49.11 39.03 -30.96
C LYS G 231 50.02 39.18 -32.17
N GLY G 232 50.31 38.07 -32.85
CA GLY G 232 50.92 38.12 -34.16
C GLY G 232 52.43 38.22 -34.21
N ASP G 233 53.13 38.10 -33.08
CA ASP G 233 54.59 38.16 -33.11
C ASP G 233 55.18 36.88 -33.67
N THR G 234 56.38 36.98 -34.22
CA THR G 234 57.04 35.86 -34.87
C THR G 234 58.36 35.48 -34.21
N ASN G 235 59.20 36.45 -33.88
CA ASN G 235 60.49 36.12 -33.26
C ASN G 235 60.31 35.63 -31.84
N LEU G 236 59.33 36.16 -31.11
CA LEU G 236 59.04 35.66 -29.76
C LEU G 236 58.56 34.22 -29.80
N ALA G 237 57.71 33.87 -30.77
CA ALA G 237 57.22 32.51 -30.88
C ALA G 237 58.32 31.56 -31.37
N ALA G 238 59.20 32.03 -32.24
CA ALA G 238 60.33 31.22 -32.68
C ALA G 238 61.28 30.94 -31.51
N HIS G 239 61.54 31.96 -30.68
CA HIS G 239 62.30 31.74 -29.47
C HIS G 239 61.60 30.77 -28.54
N THR G 240 60.26 30.84 -28.48
CA THR G 240 59.49 29.94 -27.65
C THR G 240 59.64 28.49 -28.10
N VAL G 241 59.53 28.22 -29.41
CA VAL G 241 59.61 26.84 -29.87
C VAL G 241 61.05 26.31 -29.77
N GLY G 242 62.04 27.14 -30.07
CA GLY G 242 63.43 26.70 -29.92
C GLY G 242 63.79 26.40 -28.48
N ALA G 243 63.42 27.31 -27.56
CA ALA G 243 63.66 27.08 -26.15
C ALA G 243 62.81 25.94 -25.63
N PHE G 244 61.66 25.68 -26.24
CA PHE G 244 60.85 24.53 -25.84
C PHE G 244 61.56 23.23 -26.15
N LEU G 245 62.12 23.12 -27.36
CA LEU G 245 62.86 21.89 -27.70
C LEU G 245 64.10 21.75 -26.83
N LEU G 246 64.84 22.85 -26.61
CA LEU G 246 66.05 22.78 -25.80
C LEU G 246 65.73 22.45 -24.34
N ALA G 247 64.63 22.99 -23.80
CA ALA G 247 64.28 22.73 -22.41
C ALA G 247 63.69 21.34 -22.24
N ALA G 248 62.96 20.84 -23.23
CA ALA G 248 62.46 19.47 -23.16
C ALA G 248 63.61 18.47 -23.23
N ALA G 249 64.61 18.74 -24.07
CA ALA G 249 65.71 17.79 -24.22
C ALA G 249 66.65 17.80 -23.02
N LYS G 250 66.83 18.94 -22.37
CA LYS G 250 67.89 19.10 -21.39
C LYS G 250 67.44 18.98 -19.94
N THR G 251 66.15 19.06 -19.66
CA THR G 251 65.66 19.11 -18.29
C THR G 251 64.89 17.83 -17.95
N ASN G 252 65.25 17.23 -16.83
CA ASN G 252 64.55 16.05 -16.35
C ASN G 252 63.19 16.44 -15.81
N PRO G 253 62.11 15.78 -16.22
CA PRO G 253 60.78 16.17 -15.73
C PRO G 253 60.58 15.78 -14.27
N SER G 254 60.71 16.77 -13.39
CA SER G 254 60.68 16.56 -11.94
C SER G 254 60.56 17.92 -11.28
N GLY G 255 60.75 17.95 -9.97
CA GLY G 255 60.87 19.20 -9.24
C GLY G 255 62.13 19.22 -8.40
N LYS G 256 62.90 20.31 -8.49
CA LYS G 256 64.11 20.44 -7.69
C LYS G 256 64.33 21.90 -7.27
N HIS G 263 73.59 15.01 -17.45
CA HIS G 263 72.93 15.63 -18.61
C HIS G 263 71.65 14.88 -18.96
N ASN G 264 71.74 13.54 -18.94
CA ASN G 264 70.64 12.63 -19.27
C ASN G 264 70.06 12.95 -20.65
N TYR G 265 70.94 12.97 -21.63
CA TYR G 265 70.60 13.39 -22.98
C TYR G 265 69.65 12.38 -23.65
N PRO G 266 68.77 12.84 -24.53
CA PRO G 266 67.83 11.91 -25.17
C PRO G 266 68.53 11.02 -26.18
N ASP G 267 68.18 9.73 -26.15
CA ASP G 267 68.79 8.76 -27.05
C ASP G 267 68.38 9.00 -28.50
N GLY G 268 67.17 9.46 -28.72
CA GLY G 268 66.71 9.74 -30.05
C GLY G 268 65.59 10.75 -30.11
N ILE G 269 65.73 11.77 -30.93
CA ILE G 269 64.70 12.79 -31.11
C ILE G 269 64.23 12.74 -32.55
N LEU G 270 62.95 12.44 -32.74
CA LEU G 270 62.30 12.51 -34.05
C LEU G 270 61.32 13.66 -34.00
N VAL G 271 61.61 14.71 -34.77
CA VAL G 271 60.77 15.90 -34.81
C VAL G 271 60.13 15.97 -36.19
N GLU G 272 58.81 15.87 -36.24
CA GLU G 272 58.07 15.76 -37.48
C GLU G 272 57.11 16.93 -37.64
N PHE G 273 57.04 17.47 -38.85
CA PHE G 273 56.14 18.57 -39.17
C PHE G 273 55.01 18.04 -40.05
N LYS G 274 53.78 18.27 -39.61
CA LYS G 274 52.61 17.97 -40.42
C LYS G 274 51.49 18.92 -40.01
N ASN G 275 50.33 18.77 -40.64
CA ASN G 275 49.16 19.56 -40.30
C ASN G 275 48.15 18.78 -39.48
N SER G 276 48.46 17.54 -39.10
CA SER G 276 47.57 16.69 -38.33
C SER G 276 48.39 15.96 -37.27
N PRO G 277 47.83 15.74 -36.08
CA PRO G 277 48.58 15.02 -35.03
C PRO G 277 48.52 13.52 -35.26
N ILE G 278 49.69 12.87 -35.16
CA ILE G 278 49.80 11.41 -35.19
C ILE G 278 50.62 11.00 -33.98
N SER G 279 50.13 10.03 -33.23
CA SER G 279 50.81 9.52 -32.05
C SER G 279 51.43 8.16 -32.37
N TYR G 280 52.74 8.02 -32.10
CA TYR G 280 53.45 6.77 -32.35
C TYR G 280 53.50 5.90 -31.11
N ALA G 281 52.55 6.04 -30.19
CA ALA G 281 52.54 5.22 -28.99
C ALA G 281 52.30 3.76 -29.32
N ASN G 282 51.47 3.48 -30.33
CA ASN G 282 51.12 2.11 -30.69
C ASN G 282 52.28 1.32 -31.30
N ALA G 283 53.44 1.96 -31.49
CA ALA G 283 54.66 1.22 -31.82
C ALA G 283 55.02 0.24 -30.72
N PHE G 284 54.67 0.55 -29.47
CA PHE G 284 54.99 -0.25 -28.31
C PHE G 284 53.73 -0.79 -27.67
N VAL G 285 52.79 -1.28 -28.49
CA VAL G 285 51.64 -2.01 -27.97
C VAL G 285 52.11 -3.30 -27.31
N ARG G 286 52.94 -4.07 -28.01
CA ARG G 286 53.57 -5.18 -27.32
C ARG G 286 54.88 -4.70 -26.68
N PRO G 287 55.11 -5.00 -25.40
CA PRO G 287 56.32 -4.51 -24.74
C PRO G 287 57.57 -5.14 -25.32
N VAL G 288 58.67 -4.39 -25.25
CA VAL G 288 59.97 -4.89 -25.70
C VAL G 288 60.57 -5.61 -24.50
N SER G 289 60.15 -6.86 -24.33
CA SER G 289 60.59 -7.67 -23.19
C SER G 289 61.96 -8.26 -23.52
N VAL G 290 63.00 -7.68 -22.94
CA VAL G 290 64.37 -8.05 -23.25
C VAL G 290 65.11 -8.30 -21.94
N VAL G 291 65.81 -9.44 -21.86
CA VAL G 291 66.54 -9.78 -20.65
C VAL G 291 67.74 -8.86 -20.47
N LYS G 292 68.45 -8.55 -21.55
CA LYS G 292 69.68 -7.78 -21.45
C LYS G 292 69.35 -6.30 -21.26
N GLU G 293 70.04 -5.67 -20.31
CA GLU G 293 69.78 -4.25 -20.03
C GLU G 293 70.22 -3.37 -21.18
N SER G 294 71.42 -3.62 -21.70
CA SER G 294 71.97 -2.78 -22.77
C SER G 294 71.35 -3.08 -24.13
N ASP G 295 70.57 -4.16 -24.25
CA ASP G 295 69.94 -4.54 -25.51
C ASP G 295 68.47 -4.14 -25.55
N LEU G 296 68.12 -2.99 -24.96
CA LEU G 296 66.73 -2.57 -24.84
C LEU G 296 66.40 -1.37 -25.73
N VAL G 297 67.20 -0.31 -25.64
CA VAL G 297 66.85 0.96 -26.25
C VAL G 297 67.02 0.92 -27.77
N GLU G 298 68.04 0.21 -28.27
CA GLU G 298 68.26 0.23 -29.72
C GLU G 298 67.19 -0.54 -30.47
N GLN G 299 66.65 -1.62 -29.90
CA GLN G 299 65.53 -2.24 -30.58
C GLN G 299 64.17 -1.72 -30.12
N SER G 300 64.11 -0.90 -29.07
CA SER G 300 62.96 -0.02 -28.93
C SER G 300 62.91 0.98 -30.08
N ILE G 301 64.06 1.52 -30.47
CA ILE G 301 64.17 2.36 -31.65
C ILE G 301 63.89 1.54 -32.92
N GLY G 302 64.27 0.26 -32.93
CA GLY G 302 63.88 -0.61 -34.03
C GLY G 302 62.38 -0.78 -34.18
N GLN G 303 61.68 -0.98 -33.06
CA GLN G 303 60.23 -1.07 -33.08
C GLN G 303 59.61 0.26 -33.53
N LEU G 304 60.17 1.37 -33.05
CA LEU G 304 59.69 2.69 -33.47
C LEU G 304 59.87 2.87 -34.98
N SER G 305 61.02 2.46 -35.51
CA SER G 305 61.28 2.58 -36.94
C SER G 305 60.34 1.69 -37.75
N ASN G 306 60.09 0.48 -37.28
CA ASN G 306 59.17 -0.44 -37.97
C ASN G 306 57.76 0.15 -38.04
N TYR G 307 57.27 0.66 -36.91
CA TYR G 307 55.91 1.19 -36.92
C TYR G 307 55.82 2.55 -37.61
N VAL G 308 56.87 3.37 -37.58
CA VAL G 308 56.84 4.59 -38.38
C VAL G 308 56.84 4.24 -39.86
N ASN G 309 57.57 3.19 -40.25
CA ASN G 309 57.55 2.73 -41.63
C ASN G 309 56.16 2.29 -42.06
N ASP G 310 55.49 1.46 -41.25
CA ASP G 310 54.18 0.99 -41.69
C ASP G 310 53.11 2.08 -41.60
N ILE G 311 53.22 3.01 -40.66
CA ILE G 311 52.27 4.12 -40.60
C ILE G 311 52.48 5.07 -41.78
N ARG G 312 53.73 5.32 -42.16
CA ARG G 312 54.02 6.11 -43.35
C ARG G 312 53.48 5.42 -44.60
N LEU G 313 53.64 4.09 -44.68
CA LEU G 313 53.20 3.35 -45.85
C LEU G 313 51.69 3.14 -45.89
N GLY G 314 51.00 3.32 -44.76
CA GLY G 314 49.57 3.18 -44.76
C GLY G 314 48.79 4.48 -44.64
N TYR G 315 49.47 5.60 -44.36
CA TYR G 315 48.70 6.80 -44.10
C TYR G 315 49.17 8.01 -44.86
N TYR G 316 50.49 8.18 -44.98
CA TYR G 316 51.10 9.36 -45.57
C TYR G 316 51.48 9.00 -46.99
N ASP G 317 50.57 9.29 -47.92
CA ASP G 317 50.80 9.07 -49.34
C ASP G 317 50.26 10.27 -50.09
N GLU G 318 51.15 11.04 -50.70
CA GLU G 318 50.87 12.25 -51.46
C GLU G 318 50.15 13.26 -50.54
N GLN G 319 49.33 14.14 -51.14
CA GLN G 319 48.57 15.17 -50.44
C GLN G 319 49.47 16.05 -49.59
N SER G 320 49.57 15.73 -48.30
CA SER G 320 50.44 16.46 -47.38
C SER G 320 51.59 15.56 -46.96
N PRO G 321 52.79 15.72 -47.51
CA PRO G 321 53.92 14.90 -47.08
C PRO G 321 54.42 15.33 -45.71
N VAL G 322 55.15 14.43 -45.07
CA VAL G 322 55.65 14.63 -43.72
C VAL G 322 57.18 14.54 -43.77
N ILE G 323 57.84 15.56 -43.21
CA ILE G 323 59.29 15.63 -43.16
C ILE G 323 59.73 15.62 -41.70
N GLY G 324 60.65 14.74 -41.37
CA GLY G 324 61.13 14.61 -40.00
C GLY G 324 62.64 14.49 -39.94
N PHE G 325 63.19 14.96 -38.82
CA PHE G 325 64.62 14.92 -38.56
C PHE G 325 64.91 13.96 -37.41
N TRP G 326 66.06 13.31 -37.48
CA TRP G 326 66.49 12.34 -36.49
C TRP G 326 67.77 12.83 -35.82
N PHE G 327 67.78 12.80 -34.48
CA PHE G 327 68.98 13.15 -33.73
C PHE G 327 69.28 12.03 -32.74
N SER G 328 70.56 11.76 -32.54
CA SER G 328 71.04 10.84 -31.53
C SER G 328 72.30 11.43 -30.92
N PRO G 329 72.68 11.02 -29.72
CA PRO G 329 73.99 11.43 -29.20
C PRO G 329 75.10 10.87 -30.07
N ASN G 330 75.75 11.77 -30.81
CA ASN G 330 76.71 11.54 -31.89
C ASN G 330 76.37 10.32 -32.75
N ASN G 331 75.09 10.22 -33.15
CA ASN G 331 74.59 9.21 -34.08
C ASN G 331 74.89 7.79 -33.59
N ARG G 332 74.52 7.52 -32.34
CA ARG G 332 74.90 6.23 -31.75
C ARG G 332 73.87 5.15 -32.07
N TYR G 333 72.59 5.40 -31.77
CA TYR G 333 71.53 4.50 -32.23
C TYR G 333 71.02 4.96 -33.58
N PRO G 334 71.21 4.19 -34.64
CA PRO G 334 70.77 4.62 -35.97
C PRO G 334 69.27 4.41 -36.15
N LEU G 335 68.78 4.76 -37.32
CA LEU G 335 67.37 4.65 -37.65
C LEU G 335 67.15 3.59 -38.72
N GLY G 336 65.97 2.99 -38.70
CA GLY G 336 65.61 1.97 -39.65
C GLY G 336 66.22 0.61 -39.32
N SER G 340 66.24 2.36 -43.51
CA SER G 340 66.02 3.09 -44.75
C SER G 340 65.75 4.56 -44.49
N LYS G 341 65.08 5.21 -45.44
CA LYS G 341 64.79 6.64 -45.35
C LYS G 341 63.41 6.83 -44.75
N LEU G 342 63.37 7.04 -43.43
CA LEU G 342 62.15 7.44 -42.75
C LEU G 342 62.29 8.79 -42.07
N ALA G 343 63.48 9.38 -42.08
CA ALA G 343 63.73 10.75 -41.63
C ALA G 343 64.36 11.52 -42.78
N SER G 344 64.75 12.77 -42.52
CA SER G 344 65.39 13.60 -43.53
C SER G 344 66.90 13.62 -43.40
N ARG G 345 67.42 13.87 -42.20
CA ARG G 345 68.85 13.95 -41.98
C ARG G 345 69.18 13.49 -40.57
N ASN G 346 70.43 13.11 -40.37
CA ASN G 346 70.92 12.65 -39.08
C ASN G 346 71.94 13.67 -38.55
N ILE G 347 71.65 14.22 -37.37
CA ILE G 347 72.51 15.22 -36.75
C ILE G 347 72.73 14.82 -35.29
N GLY G 348 73.98 14.87 -34.85
CA GLY G 348 74.32 14.44 -33.51
C GLY G 348 74.57 15.59 -32.54
N ASN G 349 73.74 16.62 -32.62
CA ASN G 349 73.95 17.82 -31.81
C ASN G 349 72.57 18.39 -31.48
N LEU G 350 72.52 19.17 -30.41
CA LEU G 350 71.28 19.77 -29.94
C LEU G 350 71.05 21.20 -30.47
N ASN G 351 72.08 22.05 -30.49
CA ASN G 351 71.87 23.37 -31.06
C ASN G 351 71.76 23.31 -32.57
N GLU G 352 72.42 22.34 -33.20
CA GLU G 352 72.14 22.04 -34.61
C GLU G 352 70.72 21.55 -34.79
N LEU G 353 70.17 20.82 -33.81
CA LEU G 353 68.78 20.41 -33.88
C LEU G 353 67.84 21.61 -33.80
N VAL G 354 68.16 22.59 -32.96
CA VAL G 354 67.35 23.82 -32.90
C VAL G 354 67.44 24.59 -34.22
N GLY G 355 68.65 24.72 -34.76
CA GLY G 355 68.81 25.36 -36.06
C GLY G 355 68.14 24.62 -37.19
N ALA G 356 67.99 23.31 -37.07
CA ALA G 356 67.34 22.50 -38.10
C ALA G 356 65.82 22.45 -37.96
N VAL G 357 65.28 22.64 -36.76
CA VAL G 357 63.82 22.76 -36.66
C VAL G 357 63.38 24.17 -37.04
N LEU G 358 64.18 25.18 -36.72
CA LEU G 358 63.72 26.55 -36.88
C LEU G 358 63.84 27.07 -38.32
N ASP G 359 64.51 26.34 -39.22
CA ASP G 359 64.65 26.84 -40.58
C ASP G 359 63.56 26.37 -41.53
N TYR G 360 62.77 25.35 -41.16
CA TYR G 360 61.66 24.94 -42.00
C TYR G 360 60.50 25.92 -41.91
N ILE G 361 60.36 26.63 -40.79
CA ILE G 361 59.44 27.76 -40.74
C ILE G 361 59.96 28.90 -41.61
N GLY G 362 61.27 28.93 -41.87
CA GLY G 362 61.87 29.79 -42.87
C GLY G 362 62.79 30.85 -42.31
N GLY G 363 64.09 30.57 -42.29
CA GLY G 363 65.04 31.48 -41.68
C GLY G 363 65.08 31.35 -40.17
N PHE G 364 65.09 32.49 -39.49
CA PHE G 364 65.20 32.60 -38.03
C PHE G 364 66.40 31.82 -37.48
N LYS G 365 67.58 32.31 -37.83
CA LYS G 365 68.79 31.81 -37.20
C LYS G 365 68.75 32.07 -35.70
N TRP G 366 69.19 31.10 -34.91
CA TRP G 366 68.93 31.11 -33.48
C TRP G 366 69.81 32.10 -32.71
N GLU G 367 70.90 32.60 -33.30
CA GLU G 367 71.80 33.48 -32.56
C GLU G 367 71.24 34.87 -32.34
N GLU G 368 70.11 35.22 -32.97
CA GLU G 368 69.47 36.50 -32.74
C GLU G 368 68.06 36.39 -32.18
N VAL G 369 67.49 35.18 -32.10
CA VAL G 369 66.12 35.02 -31.64
C VAL G 369 65.97 35.13 -30.13
N GLN G 370 67.08 35.12 -29.37
CA GLN G 370 66.98 35.20 -27.92
C GLN G 370 66.75 36.61 -27.42
N LYS G 371 66.76 37.62 -28.30
CA LYS G 371 66.51 39.00 -27.91
C LYS G 371 65.00 39.27 -27.85
N SER G 372 64.33 38.53 -26.97
CA SER G 372 62.89 38.66 -26.78
C SER G 372 62.57 38.19 -25.38
N LYS G 373 62.34 39.14 -24.48
CA LYS G 373 62.03 38.90 -23.06
C LYS G 373 63.09 38.03 -22.38
N MET H 1 -13.96 10.01 51.22
CA MET H 1 -13.43 8.75 50.68
C MET H 1 -14.49 8.13 49.79
N LEU H 2 -14.10 7.76 48.57
CA LEU H 2 -15.03 7.18 47.61
C LEU H 2 -14.22 6.44 46.53
N ILE H 3 -14.74 5.30 46.08
CA ILE H 3 -14.02 4.43 45.15
C ILE H 3 -14.64 4.61 43.77
N GLU H 4 -13.84 5.05 42.80
CA GLU H 4 -14.28 5.23 41.42
C GLU H 4 -13.51 4.27 40.52
N ILE H 5 -14.12 3.15 40.17
CA ILE H 5 -13.47 2.17 39.27
C ILE H 5 -13.83 2.58 37.85
N HIS H 6 -13.09 3.54 37.32
CA HIS H 6 -13.20 3.91 35.93
C HIS H 6 -12.52 2.83 35.09
N MET H 7 -13.29 2.15 34.26
CA MET H 7 -12.80 0.95 33.61
C MET H 7 -13.04 1.03 32.11
N ILE H 8 -12.01 0.71 31.34
CA ILE H 8 -12.13 0.52 29.91
C ILE H 8 -12.31 -0.97 29.66
N GLN H 9 -13.01 -1.31 28.58
CA GLN H 9 -13.26 -2.71 28.25
C GLN H 9 -13.57 -2.82 26.76
N ASN H 10 -12.59 -3.27 25.99
CA ASN H 10 -12.86 -3.58 24.60
C ASN H 10 -13.63 -4.90 24.51
N HIS H 11 -14.28 -5.10 23.36
CA HIS H 11 -15.10 -6.29 23.16
C HIS H 11 -14.93 -6.80 21.74
N SER H 12 -14.62 -8.08 21.60
CA SER H 12 -14.63 -8.73 20.31
C SER H 12 -16.08 -8.81 19.82
N PRO H 13 -16.29 -8.87 18.48
CA PRO H 13 -17.66 -8.74 17.93
C PRO H 13 -18.65 -9.76 18.46
N ALA H 14 -19.61 -9.28 19.24
CA ALA H 14 -20.66 -10.08 19.86
C ALA H 14 -21.70 -9.15 20.46
N ASN H 15 -22.95 -9.60 20.42
CA ASN H 15 -24.05 -8.85 20.99
C ASN H 15 -24.21 -9.30 22.45
N LEU H 16 -24.34 -8.34 23.35
CA LEU H 16 -24.43 -8.63 24.78
C LEU H 16 -25.75 -8.22 25.40
N ASN H 17 -26.23 -7.01 25.12
CA ASN H 17 -27.51 -6.53 25.61
C ASN H 17 -28.48 -6.42 24.46
N ARG H 18 -29.68 -6.98 24.62
CA ARG H 18 -30.65 -7.06 23.54
C ARG H 18 -31.95 -6.37 23.96
N ASP H 19 -32.50 -5.56 23.05
CA ASP H 19 -33.75 -4.86 23.26
C ASP H 19 -34.91 -5.77 22.85
N ASP H 20 -36.10 -5.19 22.64
CA ASP H 20 -37.27 -5.96 22.21
C ASP H 20 -36.99 -6.70 20.90
N LEU H 21 -36.43 -6.01 19.93
CA LEU H 21 -36.25 -6.54 18.59
C LEU H 21 -34.88 -7.17 18.39
N GLY H 22 -34.05 -7.22 19.43
CA GLY H 22 -32.80 -7.95 19.38
C GLY H 22 -31.56 -7.13 19.10
N ALA H 23 -31.68 -5.82 18.92
CA ALA H 23 -30.53 -4.99 18.63
C ALA H 23 -29.67 -4.80 19.88
N PRO H 24 -28.39 -4.49 19.70
CA PRO H 24 -27.62 -3.95 20.83
C PRO H 24 -28.21 -2.63 21.29
N LYS H 25 -28.25 -2.44 22.61
CA LYS H 25 -28.84 -1.22 23.14
C LYS H 25 -27.92 -0.04 22.92
N THR H 26 -28.52 1.15 22.85
CA THR H 26 -27.80 2.35 22.45
C THR H 26 -28.10 3.49 23.41
N CYS H 27 -27.16 4.44 23.48
CA CYS H 27 -27.32 5.66 24.26
C CYS H 27 -26.99 6.85 23.39
N TYR H 28 -27.28 8.03 23.93
CA TYR H 28 -27.01 9.29 23.24
C TYR H 28 -26.11 10.14 24.10
N PHE H 29 -24.94 10.48 23.57
CA PHE H 29 -23.99 11.31 24.29
C PHE H 29 -23.01 11.92 23.30
N GLY H 30 -22.68 13.20 23.52
CA GLY H 30 -21.75 13.88 22.65
C GLY H 30 -22.26 14.15 21.25
N GLY H 31 -23.58 14.19 21.08
CA GLY H 31 -24.14 14.40 19.76
C GLY H 31 -23.90 13.25 18.80
N VAL H 32 -23.93 12.02 19.30
CA VAL H 32 -23.74 10.84 18.44
C VAL H 32 -24.40 9.66 19.14
N LEU H 33 -24.70 8.62 18.37
CA LEU H 33 -25.30 7.40 18.89
C LEU H 33 -24.18 6.42 19.23
N ARG H 34 -24.11 6.00 20.49
CA ARG H 34 -23.09 5.08 20.95
C ARG H 34 -23.75 3.82 21.52
N SER H 35 -23.03 2.71 21.41
CA SER H 35 -23.53 1.44 21.90
C SER H 35 -23.60 1.45 23.42
N ARG H 36 -24.48 0.61 23.96
CA ARG H 36 -24.75 0.61 25.38
C ARG H 36 -25.13 -0.78 25.85
N ILE H 37 -24.63 -1.14 27.03
CA ILE H 37 -25.18 -2.23 27.80
C ILE H 37 -25.84 -1.62 29.04
N SER H 38 -26.94 -2.21 29.47
CA SER H 38 -27.68 -1.63 30.58
C SER H 38 -26.94 -1.90 31.89
N SER H 39 -27.06 -0.95 32.83
CA SER H 39 -26.41 -1.09 34.13
C SER H 39 -26.99 -2.24 34.92
N GLN H 40 -28.27 -2.53 34.74
CA GLN H 40 -28.89 -3.70 35.37
C GLN H 40 -28.25 -5.00 34.90
N CYS H 41 -27.94 -5.08 33.60
CA CYS H 41 -27.36 -6.30 33.05
C CYS H 41 -25.98 -6.59 33.63
N ILE H 42 -25.09 -5.59 33.62
CA ILE H 42 -23.76 -5.79 34.16
C ILE H 42 -23.80 -5.95 35.68
N LYS H 43 -24.76 -5.30 36.34
CA LYS H 43 -24.86 -5.42 37.80
C LYS H 43 -25.34 -6.81 38.19
N ARG H 44 -26.30 -7.38 37.44
CA ARG H 44 -26.69 -8.76 37.70
C ARG H 44 -25.57 -9.72 37.32
N SER H 45 -24.81 -9.41 36.26
CA SER H 45 -23.67 -10.24 35.89
C SER H 45 -22.60 -10.25 36.98
N ILE H 46 -22.49 -9.16 37.74
CA ILE H 46 -21.62 -9.15 38.90
C ILE H 46 -22.14 -10.10 39.97
N ARG H 47 -23.45 -10.29 40.03
CA ARG H 47 -24.07 -11.29 40.89
C ARG H 47 -24.24 -12.60 40.11
N THR H 48 -25.05 -13.51 40.64
CA THR H 48 -25.58 -14.69 39.96
C THR H 48 -24.48 -15.67 39.51
N SER H 49 -23.28 -15.56 40.05
CA SER H 49 -22.23 -16.52 39.73
C SER H 49 -21.24 -16.56 40.89
N ASN H 50 -20.65 -17.73 41.09
CA ASN H 50 -19.90 -18.02 42.31
C ASN H 50 -18.45 -17.52 42.29
N ASP H 51 -17.91 -17.16 41.12
CA ASP H 51 -16.53 -16.66 41.09
C ASP H 51 -16.41 -15.33 41.81
N PHE H 52 -17.38 -14.43 41.64
CA PHE H 52 -17.43 -13.22 42.45
C PHE H 52 -17.77 -13.55 43.90
N LYS H 53 -18.55 -14.61 44.12
CA LYS H 53 -18.93 -15.03 45.48
C LYS H 53 -17.81 -15.88 46.07
N ALA H 54 -16.68 -15.22 46.31
CA ALA H 54 -15.49 -15.87 46.85
C ALA H 54 -14.60 -14.84 47.53
N ASP H 141 -21.99 -11.86 48.71
CA ASP H 141 -21.71 -10.44 48.93
C ASP H 141 -23.01 -9.65 49.14
N ILE H 142 -23.94 -10.19 49.92
CA ILE H 142 -25.23 -9.53 50.03
C ILE H 142 -25.22 -8.49 51.15
N ALA H 143 -24.55 -7.39 50.88
CA ALA H 143 -24.75 -6.11 51.52
C ALA H 143 -24.53 -5.00 50.51
N LEU H 144 -24.27 -5.36 49.26
CA LEU H 144 -23.69 -4.53 48.22
C LEU H 144 -24.58 -4.44 46.99
N CYS H 145 -25.26 -5.52 46.64
CA CYS H 145 -26.40 -5.49 45.71
C CYS H 145 -27.53 -6.26 46.41
N GLY H 146 -28.36 -5.53 47.16
CA GLY H 146 -29.41 -6.15 47.94
C GLY H 146 -30.56 -6.69 47.12
N VAL H 167 -31.78 -0.88 54.17
CA VAL H 167 -30.51 -0.23 53.90
C VAL H 167 -30.26 -0.21 52.39
N GLU H 168 -31.13 -0.91 51.66
CA GLU H 168 -31.12 -0.99 50.19
C GLU H 168 -29.78 -1.60 49.76
N ALA H 169 -29.04 -0.99 48.83
CA ALA H 169 -27.83 -1.58 48.31
C ALA H 169 -26.73 -0.52 48.28
N ALA H 170 -25.53 -0.95 47.90
CA ALA H 170 -24.34 -0.10 47.89
C ALA H 170 -23.61 -0.26 46.56
N LEU H 171 -24.07 0.47 45.54
CA LEU H 171 -23.43 0.50 44.23
C LEU H 171 -24.01 1.62 43.38
N GLN H 172 -23.15 2.26 42.59
CA GLN H 172 -23.57 3.12 41.50
C GLN H 172 -22.86 2.60 40.25
N VAL H 173 -23.58 1.87 39.41
CA VAL H 173 -23.04 1.35 38.17
C VAL H 173 -23.68 2.12 37.02
N ALA H 174 -22.84 2.69 36.17
CA ALA H 174 -23.31 3.52 35.07
C ALA H 174 -23.54 2.67 33.81
N HIS H 175 -24.32 3.23 32.90
CA HIS H 175 -24.49 2.61 31.59
C HIS H 175 -23.19 2.65 30.82
N ALA H 176 -22.88 1.55 30.12
CA ALA H 176 -21.60 1.44 29.45
C ALA H 176 -21.55 2.34 28.23
N ILE H 177 -21.05 3.55 28.41
CA ILE H 177 -20.93 4.53 27.33
C ILE H 177 -19.75 4.13 26.46
N SER H 178 -20.01 3.94 25.16
CA SER H 178 -18.93 3.67 24.23
C SER H 178 -18.06 4.89 24.05
N THR H 179 -16.75 4.67 23.93
CA THR H 179 -15.83 5.76 23.64
C THR H 179 -15.91 6.23 22.19
N HIS H 180 -16.61 5.49 21.33
CA HIS H 180 -16.78 5.86 19.94
C HIS H 180 -18.23 5.76 19.53
N ILE H 181 -18.50 5.88 18.24
CA ILE H 181 -19.87 5.80 17.74
C ILE H 181 -20.31 4.34 17.71
N ALA H 182 -21.62 4.13 17.81
CA ALA H 182 -22.16 2.78 17.72
C ALA H 182 -22.01 2.24 16.31
N ARG H 183 -21.69 0.95 16.19
CA ARG H 183 -21.61 0.27 14.91
C ARG H 183 -22.39 -1.03 15.01
N PRO H 184 -23.72 -0.97 14.84
CA PRO H 184 -24.51 -2.21 14.82
C PRO H 184 -24.42 -2.88 13.46
N GLU H 185 -24.04 -4.16 13.46
CA GLU H 185 -24.03 -4.99 12.27
C GLU H 185 -25.20 -5.96 12.32
N ILE H 186 -25.40 -6.68 11.22
CA ILE H 186 -26.49 -7.64 11.09
C ILE H 186 -25.93 -8.97 10.61
N ASP H 187 -26.68 -10.04 10.86
CA ASP H 187 -26.28 -11.39 10.53
C ASP H 187 -27.34 -12.05 9.66
N TYR H 188 -27.03 -13.25 9.18
CA TYR H 188 -27.94 -14.01 8.33
C TYR H 188 -27.61 -15.48 8.48
N PHE H 189 -28.48 -16.23 9.17
CA PHE H 189 -28.25 -17.64 9.44
C PHE H 189 -29.26 -18.50 8.69
N VAL H 190 -28.81 -19.69 8.30
CA VAL H 190 -29.65 -20.67 7.62
C VAL H 190 -29.49 -22.00 8.35
N ALA H 191 -30.58 -22.52 8.89
CA ALA H 191 -30.56 -23.83 9.55
C ALA H 191 -30.85 -24.89 8.50
N ALA H 192 -29.90 -25.82 8.33
CA ALA H 192 -29.97 -26.77 7.23
C ALA H 192 -30.99 -27.85 7.50
N ASP H 193 -31.37 -28.55 6.43
CA ASP H 193 -32.38 -29.60 6.51
C ASP H 193 -31.81 -30.96 6.90
N ASP H 194 -30.61 -31.29 6.43
CA ASP H 194 -29.80 -32.46 6.80
C ASP H 194 -30.49 -33.80 6.51
N VAL H 195 -31.72 -33.77 5.98
CA VAL H 195 -32.40 -34.93 5.43
C VAL H 195 -32.74 -34.58 3.98
N PRO H 196 -32.37 -35.40 3.01
CA PRO H 196 -32.54 -34.99 1.61
C PRO H 196 -34.00 -34.96 1.17
N GLY H 197 -34.52 -33.74 0.96
CA GLY H 197 -35.85 -33.55 0.41
C GLY H 197 -35.79 -33.23 -1.07
N GLU H 198 -36.97 -32.85 -1.60
CA GLU H 198 -37.05 -32.46 -3.01
C GLU H 198 -36.35 -31.14 -3.27
N ASP H 199 -36.20 -30.29 -2.25
CA ASP H 199 -35.44 -29.05 -2.37
C ASP H 199 -34.47 -28.92 -1.21
N ALA H 200 -33.75 -27.81 -1.13
CA ALA H 200 -32.74 -27.60 -0.11
C ALA H 200 -33.11 -26.41 0.77
N GLY H 201 -32.55 -26.39 1.97
CA GLY H 201 -32.80 -25.31 2.91
C GLY H 201 -34.10 -25.50 3.67
N ALA H 202 -34.07 -25.36 4.99
CA ALA H 202 -35.26 -25.60 5.78
C ALA H 202 -35.51 -24.61 6.92
N GLY H 203 -34.50 -23.91 7.43
CA GLY H 203 -34.58 -23.32 8.74
C GLY H 203 -35.42 -22.05 8.81
N HIS H 204 -35.22 -21.33 9.92
CA HIS H 204 -35.94 -20.09 10.15
C HIS H 204 -35.49 -18.97 9.22
N ILE H 205 -34.27 -19.07 8.69
CA ILE H 205 -33.66 -18.12 7.75
C ILE H 205 -33.80 -16.70 8.27
N GLY H 206 -33.54 -16.52 9.55
CA GLY H 206 -33.72 -15.23 10.21
C GLY H 206 -32.51 -14.34 10.08
N GLU H 207 -32.48 -13.31 10.91
CA GLU H 207 -31.37 -12.36 10.95
C GLU H 207 -31.02 -12.06 12.39
N SER H 208 -29.74 -12.13 12.71
CA SER H 208 -29.22 -11.70 14.00
C SER H 208 -28.42 -10.42 13.82
N MET H 209 -27.94 -9.88 14.93
CA MET H 209 -27.30 -8.57 14.92
C MET H 209 -26.43 -8.38 16.15
N PHE H 210 -25.31 -7.69 15.95
CA PHE H 210 -24.22 -7.67 16.92
C PHE H 210 -23.47 -6.34 16.79
N ALA H 211 -22.60 -6.07 17.76
CA ALA H 211 -21.79 -4.86 17.75
C ALA H 211 -20.55 -5.07 18.58
N SER H 212 -19.42 -4.53 18.11
CA SER H 212 -18.16 -4.55 18.85
C SER H 212 -17.86 -3.12 19.31
N ALA H 213 -17.66 -2.96 20.61
CA ALA H 213 -17.48 -1.63 21.19
C ALA H 213 -16.47 -1.67 22.32
N CYS H 214 -15.89 -0.50 22.59
CA CYS H 214 -15.01 -0.31 23.75
C CYS H 214 -15.75 0.60 24.74
N PHE H 215 -15.95 0.10 25.95
CA PHE H 215 -16.88 0.69 26.88
C PHE H 215 -16.17 1.49 27.98
N TYR H 216 -17.00 2.14 28.80
CA TYR H 216 -16.53 2.82 30.00
C TYR H 216 -17.66 2.78 31.02
N LYS H 217 -17.29 2.77 32.30
CA LYS H 217 -18.24 2.77 33.39
C LYS H 217 -17.60 3.46 34.60
N TYR H 218 -18.40 3.67 35.64
CA TYR H 218 -17.95 4.38 36.83
C TYR H 218 -18.67 3.78 38.03
N PHE H 219 -17.92 3.57 39.12
CA PHE H 219 -18.45 2.95 40.32
C PHE H 219 -18.34 3.93 41.49
N SER H 220 -19.14 3.67 42.53
CA SER H 220 -19.17 4.55 43.70
C SER H 220 -19.44 3.74 44.95
N ILE H 221 -18.48 3.75 45.87
CA ILE H 221 -18.62 3.15 47.20
C ILE H 221 -18.09 4.18 48.21
N ASP H 222 -18.98 4.74 49.03
CA ASP H 222 -18.60 5.81 49.94
C ASP H 222 -18.00 5.25 51.21
N TRP H 223 -17.76 6.14 52.19
CA TRP H 223 -17.18 5.72 53.46
C TRP H 223 -18.20 4.97 54.31
N GLU H 224 -19.27 5.65 54.71
CA GLU H 224 -20.32 5.00 55.49
C GLU H 224 -21.14 4.04 54.64
N GLN H 225 -21.17 4.22 53.33
CA GLN H 225 -21.82 3.28 52.43
C GLN H 225 -21.10 1.94 52.37
N LEU H 226 -19.85 1.89 52.81
CA LEU H 226 -19.11 0.63 52.97
C LEU H 226 -18.95 0.20 54.42
N VAL H 227 -18.90 1.14 55.35
CA VAL H 227 -18.74 0.79 56.76
C VAL H 227 -20.05 0.32 57.36
N LYS H 228 -21.14 1.07 57.12
CA LYS H 228 -22.46 0.65 57.54
C LYS H 228 -22.97 -0.55 56.74
N ASN H 229 -22.35 -0.83 55.58
CA ASN H 229 -22.57 -2.12 54.92
C ASN H 229 -22.16 -3.26 55.84
N LEU H 230 -20.97 -3.18 56.43
CA LEU H 230 -20.58 -3.96 57.60
C LEU H 230 -20.60 -5.46 57.40
N LYS H 231 -21.79 -6.02 57.15
CA LYS H 231 -22.09 -7.44 57.19
C LYS H 231 -21.80 -7.96 58.59
N GLY H 232 -20.54 -8.29 58.88
CA GLY H 232 -20.21 -8.67 60.24
C GLY H 232 -18.89 -8.14 60.78
N ASP H 233 -18.07 -7.52 59.93
CA ASP H 233 -16.74 -7.06 60.33
C ASP H 233 -16.60 -5.57 60.01
N THR H 234 -15.50 -4.99 60.50
CA THR H 234 -15.08 -3.65 60.10
C THR H 234 -13.97 -3.67 59.06
N ASN H 235 -13.17 -4.73 59.01
CA ASN H 235 -12.25 -4.93 57.90
C ASN H 235 -12.93 -5.57 56.71
N LEU H 236 -14.19 -5.98 56.85
CA LEU H 236 -14.97 -6.39 55.69
C LEU H 236 -15.20 -5.23 54.73
N ALA H 237 -15.26 -4.00 55.28
CA ALA H 237 -15.35 -2.77 54.52
C ALA H 237 -14.08 -2.48 53.71
N ALA H 238 -13.04 -3.29 53.87
CA ALA H 238 -11.91 -3.31 52.96
C ALA H 238 -11.84 -4.60 52.16
N HIS H 239 -12.25 -5.73 52.75
CA HIS H 239 -12.16 -7.03 52.08
C HIS H 239 -13.08 -7.12 50.88
N THR H 240 -14.34 -6.70 51.05
CA THR H 240 -15.29 -6.77 49.93
C THR H 240 -14.90 -5.83 48.80
N VAL H 241 -14.43 -4.63 49.15
CA VAL H 241 -13.96 -3.68 48.15
C VAL H 241 -12.74 -4.25 47.42
N GLY H 242 -11.83 -4.87 48.17
CA GLY H 242 -10.65 -5.47 47.55
C GLY H 242 -10.99 -6.60 46.60
N ALA H 243 -12.03 -7.37 46.94
CA ALA H 243 -12.56 -8.32 45.98
C ALA H 243 -13.11 -7.59 44.75
N PHE H 244 -13.81 -6.48 44.97
CA PHE H 244 -14.54 -5.80 43.90
C PHE H 244 -13.60 -5.21 42.84
N LEU H 245 -12.47 -4.59 43.25
CA LEU H 245 -11.72 -3.79 42.27
C LEU H 245 -11.22 -4.58 41.06
N LEU H 246 -11.11 -5.90 41.20
CA LEU H 246 -10.81 -6.75 40.05
C LEU H 246 -11.91 -7.78 39.79
N ALA H 247 -12.88 -7.92 40.70
CA ALA H 247 -14.06 -8.73 40.40
C ALA H 247 -15.01 -8.03 39.44
N ALA H 248 -14.99 -6.70 39.40
CA ALA H 248 -15.72 -5.94 38.38
C ALA H 248 -15.17 -6.19 36.98
N ALA H 249 -13.92 -6.63 36.89
CA ALA H 249 -13.29 -7.02 35.64
C ALA H 249 -12.95 -8.50 35.65
N LYS H 250 -13.88 -9.35 36.12
CA LYS H 250 -13.64 -10.77 36.24
C LYS H 250 -14.39 -11.60 35.20
N THR H 251 -15.72 -11.44 35.08
CA THR H 251 -16.55 -12.20 34.10
C THR H 251 -17.46 -11.32 33.22
N ASN H 252 -17.21 -11.23 31.91
CA ASN H 252 -18.04 -10.42 31.03
C ASN H 252 -19.39 -11.03 31.22
N PRO H 253 -20.48 -10.21 31.14
CA PRO H 253 -21.85 -10.67 31.43
C PRO H 253 -22.27 -12.00 30.92
N SER H 254 -23.07 -11.97 29.91
CA SER H 254 -23.61 -13.18 29.40
C SER H 254 -24.05 -12.71 28.04
N GLY H 255 -25.04 -13.33 27.43
CA GLY H 255 -25.46 -12.96 26.10
C GLY H 255 -25.40 -14.18 25.19
N LYS H 256 -25.29 -13.90 23.90
CA LYS H 256 -25.24 -14.97 22.88
C LYS H 256 -23.84 -15.57 22.73
N GLN H 257 -23.26 -15.95 23.87
CA GLN H 257 -21.90 -16.46 23.92
C GLN H 257 -21.74 -17.83 23.29
N ASN H 258 -22.79 -18.66 23.28
CA ASN H 258 -22.71 -19.96 22.66
C ASN H 258 -22.60 -19.89 21.14
N SER H 259 -23.00 -18.77 20.53
CA SER H 259 -22.79 -18.53 19.11
C SER H 259 -21.88 -17.36 18.81
N PHE H 260 -21.71 -16.42 19.74
CA PHE H 260 -20.80 -15.28 19.61
C PHE H 260 -19.92 -15.29 20.86
N ALA H 261 -18.85 -16.08 20.82
CA ALA H 261 -18.01 -16.28 22.00
C ALA H 261 -17.11 -15.08 22.20
N ALA H 262 -17.37 -14.30 23.23
CA ALA H 262 -16.60 -13.10 23.51
C ALA H 262 -16.50 -12.92 25.02
N HIS H 263 -15.28 -13.09 25.54
CA HIS H 263 -14.95 -12.89 26.93
C HIS H 263 -13.60 -12.18 27.04
N ASN H 264 -13.45 -11.13 26.23
CA ASN H 264 -12.26 -10.30 26.21
C ASN H 264 -12.07 -9.59 27.54
N TYR H 265 -10.94 -9.86 28.20
CA TYR H 265 -10.65 -9.19 29.46
C TYR H 265 -10.32 -7.71 29.22
N PRO H 266 -10.60 -6.84 30.19
CA PRO H 266 -10.28 -5.42 30.02
C PRO H 266 -8.77 -5.15 29.96
N ASP H 267 -8.42 -3.99 29.42
CA ASP H 267 -7.03 -3.58 29.24
C ASP H 267 -6.58 -2.52 30.24
N GLY H 268 -7.28 -1.39 30.30
CA GLY H 268 -6.87 -0.31 31.18
C GLY H 268 -7.90 0.00 32.25
N ILE H 269 -7.48 -0.06 33.52
CA ILE H 269 -8.38 0.08 34.66
C ILE H 269 -7.89 1.23 35.54
N LEU H 270 -8.79 2.16 35.84
CA LEU H 270 -8.53 3.20 36.83
C LEU H 270 -9.22 2.85 38.13
N VAL H 271 -8.57 3.20 39.24
CA VAL H 271 -9.22 3.27 40.55
C VAL H 271 -8.80 4.58 41.18
N GLU H 272 -9.77 5.43 41.50
CA GLU H 272 -9.49 6.70 42.13
C GLU H 272 -10.06 6.70 43.55
N PHE H 273 -9.42 7.48 44.42
CA PHE H 273 -9.90 7.68 45.78
C PHE H 273 -10.42 9.10 45.99
N LYS H 274 -10.70 9.83 44.90
CA LYS H 274 -11.37 11.10 45.02
C LYS H 274 -12.79 10.89 45.54
N ASN H 275 -13.20 11.75 46.49
CA ASN H 275 -14.49 11.60 47.14
C ASN H 275 -15.62 12.34 46.42
N SER H 276 -15.30 13.29 45.55
CA SER H 276 -16.33 14.00 44.81
C SER H 276 -16.78 13.15 43.62
N PRO H 277 -18.05 12.75 43.57
CA PRO H 277 -18.47 11.80 42.52
C PRO H 277 -18.64 12.47 41.17
N ILE H 278 -17.67 12.26 40.27
CA ILE H 278 -17.72 12.80 38.92
C ILE H 278 -17.32 11.68 37.96
N SER H 279 -18.20 11.37 37.01
CA SER H 279 -17.85 10.46 35.94
C SER H 279 -16.98 11.18 34.93
N TYR H 280 -15.99 10.47 34.38
CA TYR H 280 -15.11 11.02 33.37
C TYR H 280 -15.67 10.85 31.96
N ALA H 281 -16.99 10.74 31.84
CA ALA H 281 -17.62 10.57 30.53
C ALA H 281 -17.42 11.78 29.63
N ASN H 282 -17.15 12.96 30.21
CA ASN H 282 -16.86 14.15 29.41
C ASN H 282 -15.55 14.04 28.63
N ALA H 283 -14.71 13.05 28.96
CA ALA H 283 -13.58 12.73 28.08
C ALA H 283 -14.07 12.25 26.73
N PHE H 284 -15.16 11.49 26.71
CA PHE H 284 -15.74 10.95 25.49
C PHE H 284 -16.86 11.82 24.93
N VAL H 285 -16.79 13.14 25.15
CA VAL H 285 -17.69 14.06 24.47
C VAL H 285 -17.50 13.95 22.97
N ARG H 286 -16.25 13.93 22.53
CA ARG H 286 -15.92 13.62 21.14
C ARG H 286 -15.67 12.12 21.04
N PRO H 287 -16.46 11.37 20.26
CA PRO H 287 -16.17 9.94 20.07
C PRO H 287 -14.79 9.72 19.46
N VAL H 288 -14.17 8.63 19.88
CA VAL H 288 -12.77 8.36 19.57
C VAL H 288 -12.65 7.92 18.12
N SER H 289 -11.87 8.66 17.34
CA SER H 289 -11.51 8.26 15.99
C SER H 289 -10.23 7.43 16.05
N VAL H 290 -9.86 6.84 14.92
CA VAL H 290 -8.71 5.93 14.86
C VAL H 290 -7.67 6.52 13.92
N VAL H 291 -6.45 6.66 14.41
CA VAL H 291 -5.28 7.03 13.60
C VAL H 291 -4.33 5.84 13.61
N LYS H 292 -3.67 5.61 12.47
CA LYS H 292 -3.01 4.33 12.18
C LYS H 292 -1.91 3.96 13.17
N GLU H 293 -1.26 4.93 13.80
CA GLU H 293 -0.11 4.61 14.63
C GLU H 293 -0.47 4.19 16.06
N SER H 294 -1.73 4.33 16.46
CA SER H 294 -2.16 3.98 17.81
C SER H 294 -3.39 3.07 17.74
N ASP H 295 -3.58 2.29 18.80
CA ASP H 295 -4.74 1.42 18.90
C ASP H 295 -5.98 2.23 19.24
N LEU H 296 -7.14 1.60 19.04
CA LEU H 296 -8.39 2.19 19.50
C LEU H 296 -8.42 2.28 21.02
N VAL H 297 -7.98 1.22 21.72
CA VAL H 297 -7.88 1.27 23.17
C VAL H 297 -6.81 2.24 23.60
N GLU H 298 -5.71 2.33 22.85
CA GLU H 298 -4.66 3.29 23.18
C GLU H 298 -5.12 4.72 22.94
N GLN H 299 -5.90 4.96 21.88
CA GLN H 299 -6.44 6.30 21.66
C GLN H 299 -7.45 6.67 22.74
N SER H 300 -8.29 5.72 23.14
CA SER H 300 -9.24 5.98 24.22
C SER H 300 -8.51 6.25 25.54
N ILE H 301 -7.42 5.54 25.79
CA ILE H 301 -6.68 5.76 27.02
C ILE H 301 -5.92 7.07 26.97
N GLY H 302 -5.52 7.52 25.76
CA GLY H 302 -4.95 8.84 25.63
C GLY H 302 -5.98 9.93 25.86
N GLN H 303 -7.21 9.71 25.41
CA GLN H 303 -8.29 10.66 25.70
C GLN H 303 -8.58 10.73 27.19
N LEU H 304 -8.60 9.58 27.86
CA LEU H 304 -8.79 9.55 29.31
C LEU H 304 -7.65 10.26 30.03
N SER H 305 -6.41 10.05 29.57
CA SER H 305 -5.26 10.75 30.13
C SER H 305 -5.34 12.25 29.91
N ASN H 306 -5.77 12.67 28.71
CA ASN H 306 -5.89 14.09 28.41
C ASN H 306 -6.96 14.76 29.26
N TYR H 307 -8.04 14.03 29.56
CA TYR H 307 -9.01 14.53 30.53
C TYR H 307 -8.45 14.55 31.95
N VAL H 308 -7.58 13.60 32.27
CA VAL H 308 -7.02 13.51 33.63
C VAL H 308 -6.14 14.72 33.93
N ASN H 309 -5.34 15.15 32.95
CA ASN H 309 -4.49 16.32 33.14
C ASN H 309 -5.30 17.60 33.35
N ASP H 310 -6.54 17.63 32.88
CA ASP H 310 -7.47 18.71 33.20
C ASP H 310 -8.09 18.48 34.58
N ILE H 311 -9.19 19.20 34.87
CA ILE H 311 -10.02 19.17 36.09
C ILE H 311 -9.24 19.33 37.41
N ARG H 312 -8.00 18.85 37.47
CA ARG H 312 -7.17 19.08 38.65
C ARG H 312 -6.80 20.55 38.80
N LEU H 313 -6.79 21.30 37.69
CA LEU H 313 -6.60 22.74 37.78
C LEU H 313 -7.82 23.44 38.38
N GLY H 314 -8.99 22.81 38.32
CA GLY H 314 -10.21 23.42 38.81
C GLY H 314 -11.36 23.24 37.83
N VAL H 322 -6.06 14.34 45.65
CA VAL H 322 -5.96 12.89 45.76
C VAL H 322 -4.87 12.37 44.83
N ILE H 323 -4.97 11.09 44.47
CA ILE H 323 -3.96 10.44 43.65
C ILE H 323 -4.58 9.84 42.39
N GLY H 324 -3.76 9.19 41.58
CA GLY H 324 -4.25 8.31 40.55
C GLY H 324 -3.70 6.91 40.72
N PHE H 325 -4.53 5.97 41.15
CA PHE H 325 -4.12 4.58 41.28
C PHE H 325 -4.45 3.89 39.96
N TRP H 326 -3.42 3.52 39.21
CA TRP H 326 -3.56 3.13 37.82
C TRP H 326 -3.18 1.67 37.64
N PHE H 327 -3.89 0.97 36.76
CA PHE H 327 -3.65 -0.44 36.49
C PHE H 327 -3.30 -0.53 35.01
N SER H 328 -2.10 -1.02 34.71
CA SER H 328 -1.79 -1.48 33.36
C SER H 328 -1.02 -2.79 33.46
N PRO H 329 -1.55 -3.87 32.89
CA PRO H 329 -0.88 -5.18 32.98
C PRO H 329 0.43 -5.16 32.20
N ASN H 330 1.55 -5.34 32.93
CA ASN H 330 2.90 -5.19 32.38
C ASN H 330 3.09 -3.83 31.72
N ASN H 331 2.45 -2.81 32.31
CA ASN H 331 2.47 -1.38 31.98
C ASN H 331 2.63 -1.07 30.49
N ARG H 332 1.86 -1.76 29.65
CA ARG H 332 1.89 -1.50 28.22
C ARG H 332 1.20 -0.19 27.87
N TYR H 333 0.35 0.31 28.74
CA TYR H 333 -0.43 1.53 28.51
C TYR H 333 -0.10 2.54 29.58
N PRO H 334 0.73 3.55 29.29
CA PRO H 334 1.03 4.58 30.29
C PRO H 334 0.06 5.76 30.20
N LEU H 335 -0.31 6.26 31.38
CA LEU H 335 -1.23 7.40 31.47
C LEU H 335 -0.45 8.69 31.24
N GLY H 336 -0.13 8.93 29.97
CA GLY H 336 0.66 10.08 29.60
C GLY H 336 2.09 9.71 29.23
N TYR H 337 2.54 10.18 28.07
CA TYR H 337 3.88 9.88 27.57
C TYR H 337 4.89 10.92 28.06
N LYS H 338 4.89 11.19 29.36
CA LYS H 338 5.83 12.10 30.01
C LYS H 338 6.36 11.45 31.28
N HIS H 339 7.53 11.94 31.72
CA HIS H 339 8.01 11.58 33.05
C HIS H 339 7.12 12.14 34.14
N SER H 340 6.47 13.29 33.89
CA SER H 340 5.44 13.82 34.78
C SER H 340 4.16 13.01 34.55
N LYS H 341 4.13 11.84 35.16
CA LYS H 341 3.02 10.91 34.97
C LYS H 341 1.74 11.47 35.59
N LEU H 342 0.64 11.33 34.87
CA LEU H 342 -0.64 11.88 35.31
C LEU H 342 -1.33 11.00 36.35
N ALA H 343 -0.77 9.85 36.67
CA ALA H 343 -1.24 9.03 37.78
C ALA H 343 -0.19 8.81 38.86
N SER H 344 1.10 8.81 38.48
CA SER H 344 2.26 8.59 39.35
C SER H 344 2.30 7.20 39.98
N ARG H 345 1.37 6.32 39.61
CA ARG H 345 1.32 4.94 40.11
C ARG H 345 1.18 3.96 38.94
N ASN H 346 2.05 4.11 37.94
CA ASN H 346 1.99 3.28 36.75
C ASN H 346 2.47 1.86 37.03
N ILE H 347 1.71 1.12 37.82
CA ILE H 347 2.02 -0.26 38.18
C ILE H 347 0.76 -1.13 38.10
N GLY H 348 0.86 -2.38 38.54
CA GLY H 348 -0.33 -3.19 38.71
C GLY H 348 -0.14 -4.65 38.37
N ASN H 349 -0.51 -5.53 39.29
CA ASN H 349 -0.40 -6.97 39.06
C ASN H 349 -1.39 -7.68 39.97
N LEU H 350 -2.55 -8.05 39.44
CA LEU H 350 -3.57 -8.85 40.12
C LEU H 350 -3.96 -8.30 41.50
N ASN H 351 -3.59 -9.02 42.55
CA ASN H 351 -3.98 -8.68 43.91
C ASN H 351 -3.00 -7.75 44.61
N GLU H 352 -1.92 -7.34 43.94
CA GLU H 352 -1.08 -6.27 44.48
C GLU H 352 -1.90 -5.00 44.64
N LEU H 353 -2.67 -4.65 43.62
CA LEU H 353 -3.58 -3.51 43.71
C LEU H 353 -4.67 -3.74 44.76
N VAL H 354 -5.12 -4.99 44.89
CA VAL H 354 -6.13 -5.32 45.90
C VAL H 354 -5.60 -5.04 47.30
N GLY H 355 -4.41 -5.54 47.61
CA GLY H 355 -3.80 -5.28 48.90
C GLY H 355 -3.42 -3.83 49.11
N ALA H 356 -3.07 -3.13 48.04
CA ALA H 356 -2.74 -1.71 48.17
C ALA H 356 -3.98 -0.88 48.47
N VAL H 357 -5.12 -1.23 47.88
CA VAL H 357 -6.37 -0.60 48.29
C VAL H 357 -6.74 -1.05 49.71
N LEU H 358 -6.41 -2.29 50.07
CA LEU H 358 -6.71 -2.80 51.40
C LEU H 358 -6.02 -2.00 52.49
N ASP H 359 -4.74 -1.69 52.31
CA ASP H 359 -4.06 -0.86 53.29
C ASP H 359 -4.13 0.62 52.98
N TYR H 360 -4.74 1.01 51.84
CA TYR H 360 -5.17 2.40 51.67
C TYR H 360 -6.40 2.69 52.50
N ILE H 361 -7.34 1.74 52.56
CA ILE H 361 -8.54 1.91 53.37
C ILE H 361 -8.28 1.53 54.82
N GLY H 362 -7.88 0.29 55.04
CA GLY H 362 -7.60 -0.20 56.38
C GLY H 362 -8.17 -1.58 56.63
N PRO I 4 -23.93 37.08 52.17
CA PRO I 4 -24.41 37.75 50.95
C PRO I 4 -24.63 36.86 49.70
N PRO I 5 -23.79 35.82 49.41
CA PRO I 5 -24.16 34.93 48.31
C PRO I 5 -25.40 34.12 48.61
N ASN I 6 -26.50 34.42 47.94
CA ASN I 6 -27.79 33.85 48.25
C ASN I 6 -28.18 32.67 47.36
N THR I 7 -27.30 32.26 46.45
CA THR I 7 -27.67 31.27 45.44
C THR I 7 -26.48 30.40 45.07
N LEU I 8 -26.67 29.08 45.07
CA LEU I 8 -25.72 28.17 44.45
C LEU I 8 -26.33 27.59 43.17
N PHE I 9 -25.53 27.54 42.12
CA PHE I 9 -25.95 27.08 40.81
C PHE I 9 -25.55 25.62 40.67
N LEU I 10 -26.51 24.72 40.93
CA LEU I 10 -26.28 23.30 40.77
C LEU I 10 -26.03 22.97 39.30
N ARG I 11 -25.04 22.11 39.06
CA ARG I 11 -24.65 21.72 37.71
C ARG I 11 -24.99 20.25 37.51
N LEU I 12 -26.05 20.01 36.74
CA LEU I 12 -26.52 18.65 36.45
C LEU I 12 -26.12 18.31 35.02
N GLU I 13 -25.20 17.36 34.87
CA GLU I 13 -24.71 16.97 33.56
C GLU I 13 -24.17 15.55 33.63
N GLY I 14 -24.61 14.70 32.71
CA GLY I 14 -24.09 13.35 32.62
C GLY I 14 -24.52 12.72 31.32
N ALA I 15 -24.07 11.49 31.11
CA ALA I 15 -24.50 10.73 29.93
C ALA I 15 -25.99 10.46 29.97
N LEU I 16 -26.52 10.12 31.14
CA LEU I 16 -27.94 9.89 31.32
C LEU I 16 -28.38 10.56 32.61
N GLN I 17 -29.66 10.91 32.67
CA GLN I 17 -30.29 11.53 33.83
C GLN I 17 -31.79 11.44 33.65
N SER I 18 -32.51 11.48 34.77
CA SER I 18 -33.97 11.48 34.71
C SER I 18 -34.54 11.96 36.03
N TRP I 19 -35.41 12.96 35.96
CA TRP I 19 -36.23 13.38 37.08
C TRP I 19 -37.67 13.05 36.72
N GLY I 20 -38.32 12.22 37.53
CA GLY I 20 -39.55 11.58 37.10
C GLY I 20 -40.71 12.54 37.01
N SER I 21 -41.63 12.24 36.09
CA SER I 21 -42.86 12.99 35.94
C SER I 21 -43.95 12.32 36.79
N ASN I 22 -45.17 12.85 36.74
CA ASN I 22 -46.25 12.27 37.50
C ASN I 22 -46.89 11.06 36.84
N GLU I 23 -46.79 10.94 35.51
CA GLU I 23 -47.49 9.87 34.79
C GLU I 23 -46.61 8.61 34.77
N ALA I 24 -46.41 8.07 35.97
CA ALA I 24 -45.73 6.78 36.14
C ALA I 24 -46.24 6.13 37.43
N LYS I 25 -47.22 5.25 37.30
CA LYS I 25 -47.53 4.25 38.33
C LYS I 25 -47.26 2.83 37.87
N PHE I 26 -47.53 2.54 36.60
CA PHE I 26 -47.33 1.21 36.06
C PHE I 26 -45.96 1.13 35.39
N ALA I 27 -45.73 0.07 34.60
CA ALA I 27 -44.40 -0.27 34.10
C ALA I 27 -43.82 0.76 33.14
N LEU I 28 -44.63 1.69 32.63
CA LEU I 28 -44.12 2.82 31.85
C LEU I 28 -43.72 3.91 32.83
N ARG I 29 -42.42 4.01 33.11
CA ARG I 29 -41.89 5.00 34.04
C ARG I 29 -41.27 6.14 33.24
N ARG I 30 -41.75 7.36 33.48
CA ARG I 30 -41.43 8.50 32.64
C ARG I 30 -40.75 9.60 33.43
N THR I 31 -40.27 10.62 32.69
CA THR I 31 -39.55 11.76 33.26
C THR I 31 -40.17 13.05 32.72
N ALA I 32 -39.58 14.18 33.14
CA ALA I 32 -40.02 15.50 32.72
C ALA I 32 -38.82 16.26 32.16
N ASP I 33 -39.12 17.26 31.34
CA ASP I 33 -38.08 18.05 30.68
C ASP I 33 -37.63 19.23 31.54
N ALA I 34 -37.34 18.94 32.81
CA ALA I 34 -36.84 19.87 33.82
C ALA I 34 -36.49 19.07 35.06
N PRO I 35 -35.42 19.42 35.78
CA PRO I 35 -35.20 18.82 37.09
C PRO I 35 -36.25 19.30 38.06
N THR I 36 -37.07 18.38 38.55
CA THR I 36 -38.16 18.71 39.44
C THR I 36 -37.62 19.23 40.77
N LYS I 37 -38.52 19.81 41.57
CA LYS I 37 -38.13 20.29 42.89
C LYS I 37 -37.65 19.13 43.75
N SER I 38 -38.44 18.05 43.83
CA SER I 38 -37.96 16.83 44.46
C SER I 38 -37.25 15.93 43.46
N GLY I 39 -36.37 16.53 42.68
CA GLY I 39 -35.42 15.82 41.84
C GLY I 39 -34.06 16.44 42.03
N VAL I 40 -34.07 17.62 42.66
CA VAL I 40 -32.86 18.21 43.18
C VAL I 40 -32.85 18.21 44.70
N LEU I 41 -34.01 18.16 45.36
CA LEU I 41 -34.02 18.04 46.81
C LEU I 41 -33.61 16.65 47.27
N GLY I 42 -33.86 15.63 46.45
CA GLY I 42 -33.32 14.31 46.75
C GLY I 42 -31.81 14.28 46.68
N LEU I 43 -31.24 14.94 45.66
CA LEU I 43 -29.80 15.15 45.60
C LEU I 43 -29.32 15.91 46.82
N LEU I 44 -30.11 16.87 47.28
CA LEU I 44 -29.73 17.69 48.43
C LEU I 44 -29.66 16.84 49.69
N CYS I 45 -30.70 16.04 49.91
CA CYS I 45 -30.79 15.16 51.06
C CYS I 45 -29.72 14.08 51.04
N ALA I 46 -29.39 13.54 49.87
CA ALA I 46 -28.26 12.63 49.76
C ALA I 46 -26.95 13.34 50.06
N ALA I 47 -26.81 14.59 49.61
CA ALA I 47 -25.59 15.36 49.85
C ALA I 47 -25.39 15.66 51.32
N MET I 48 -26.47 15.75 52.10
CA MET I 48 -26.30 15.86 53.55
C MET I 48 -25.98 14.52 54.21
N GLY I 49 -26.17 13.41 53.48
CA GLY I 49 -25.90 12.10 54.04
C GLY I 49 -27.04 11.44 54.78
N ILE I 50 -28.28 11.90 54.63
CA ILE I 50 -29.42 11.29 55.30
C ILE I 50 -30.43 10.92 54.21
N GLY I 51 -31.52 10.28 54.61
CA GLY I 51 -32.55 9.89 53.68
C GLY I 51 -33.73 9.30 54.44
N ARG I 52 -34.50 8.47 53.73
CA ARG I 52 -35.62 7.69 54.28
C ARG I 52 -36.67 8.66 54.81
N ALA I 53 -37.03 8.62 56.09
CA ALA I 53 -38.10 9.44 56.64
C ALA I 53 -37.58 10.68 57.35
N GLU I 54 -36.26 10.88 57.41
CA GLU I 54 -35.69 12.05 58.08
C GLU I 54 -35.87 13.32 57.24
N ALA I 55 -35.92 13.18 55.91
CA ALA I 55 -36.05 14.34 55.04
C ALA I 55 -37.42 15.00 55.14
N ALA I 56 -38.45 14.26 55.56
CA ALA I 56 -39.79 14.80 55.61
C ALA I 56 -39.91 15.93 56.64
N ASP I 57 -39.22 15.80 57.76
CA ASP I 57 -39.24 16.82 58.81
C ASP I 57 -37.95 17.64 58.78
N SER I 58 -38.10 18.96 58.85
CA SER I 58 -37.00 19.92 58.99
C SER I 58 -35.99 19.89 57.84
N TRP I 59 -36.33 19.22 56.73
CA TRP I 59 -35.43 19.24 55.59
C TRP I 59 -36.13 19.62 54.29
N LEU I 60 -37.35 19.12 54.07
CA LEU I 60 -38.20 19.62 53.00
C LEU I 60 -38.92 20.92 53.39
N PRO I 61 -39.55 21.04 54.57
CA PRO I 61 -40.10 22.35 54.95
C PRO I 61 -39.05 23.38 55.32
N LYS I 62 -37.79 22.98 55.48
CA LYS I 62 -36.74 23.93 55.79
C LYS I 62 -36.40 24.80 54.59
N LEU I 63 -36.85 24.40 53.39
CA LEU I 63 -36.61 25.17 52.17
C LEU I 63 -37.86 25.25 51.30
N ALA I 64 -38.97 24.66 51.75
CA ALA I 64 -40.22 24.71 50.99
C ALA I 64 -40.80 26.12 50.87
N ASN I 65 -40.29 27.07 51.66
CA ASN I 65 -40.69 28.47 51.57
C ASN I 65 -39.79 29.27 50.65
N LEU I 66 -38.98 28.62 49.82
CA LEU I 66 -37.89 29.25 49.09
C LEU I 66 -38.09 29.00 47.60
N ARG I 67 -38.14 30.08 46.82
CA ARG I 67 -38.38 30.00 45.39
C ARG I 67 -37.09 29.64 44.65
N MET I 68 -37.25 29.17 43.41
CA MET I 68 -36.09 28.73 42.63
C MET I 68 -36.33 28.80 41.13
N GLY I 69 -35.28 28.60 40.35
CA GLY I 69 -35.38 28.65 38.90
C GLY I 69 -34.34 27.77 38.27
N VAL I 70 -34.68 27.24 37.09
CA VAL I 70 -33.83 26.28 36.39
C VAL I 70 -33.59 26.79 34.97
N ARG I 71 -32.47 26.33 34.39
CA ARG I 71 -32.02 26.78 33.09
C ARG I 71 -31.58 25.58 32.25
N ILE I 72 -31.92 25.63 30.96
CA ILE I 72 -31.57 24.55 30.03
C ILE I 72 -30.36 24.97 29.21
N ASP I 73 -29.19 24.38 29.50
CA ASP I 73 -28.03 24.63 28.64
C ASP I 73 -28.18 23.95 27.29
N ARG I 74 -28.62 22.69 27.27
CA ARG I 74 -28.94 22.02 26.02
C ARG I 74 -30.09 21.06 26.31
N PRO I 75 -31.11 21.02 25.47
CA PRO I 75 -32.23 20.10 25.71
C PRO I 75 -31.88 18.71 25.23
N GLY I 76 -31.65 17.80 26.18
CA GLY I 76 -31.35 16.44 25.84
C GLY I 76 -32.57 15.71 25.30
N ILE I 77 -32.32 14.68 24.50
CA ILE I 77 -33.43 13.97 23.88
C ILE I 77 -33.86 12.85 24.83
N ARG I 78 -35.10 12.41 24.65
CA ARG I 78 -35.68 11.39 25.51
C ARG I 78 -35.36 10.02 24.96
N TRP I 79 -34.75 9.18 25.80
CA TRP I 79 -34.36 7.84 25.41
C TRP I 79 -35.10 6.82 26.27
N TRP I 80 -35.44 5.69 25.66
CA TRP I 80 -36.15 4.61 26.33
C TRP I 80 -35.28 3.37 26.36
N ASP I 81 -35.13 2.79 27.55
CA ASP I 81 -34.31 1.60 27.75
C ASP I 81 -35.20 0.42 28.07
N PHE I 82 -34.93 -0.71 27.42
CA PHE I 82 -35.62 -1.94 27.74
C PHE I 82 -35.16 -2.46 29.09
N HIS I 83 -36.10 -2.88 29.94
CA HIS I 83 -35.79 -3.34 31.29
C HIS I 83 -36.71 -4.50 31.63
N THR I 84 -36.12 -5.67 31.88
CA THR I 84 -36.85 -6.91 32.13
C THR I 84 -36.56 -7.40 33.53
N VAL I 85 -37.45 -7.12 34.47
CA VAL I 85 -37.32 -7.62 35.84
C VAL I 85 -37.62 -9.11 35.85
N GLY I 86 -36.74 -9.89 36.47
CA GLY I 86 -36.89 -11.34 36.46
C GLY I 86 -37.86 -11.90 37.46
N ALA I 87 -38.44 -11.07 38.33
CA ALA I 87 -39.35 -11.47 39.40
C ALA I 87 -38.76 -12.56 40.29
N GLY I 88 -39.17 -13.80 40.07
CA GLY I 88 -38.65 -14.92 40.84
C GLY I 88 -37.56 -15.67 40.10
N GLN I 89 -36.70 -14.93 39.40
CA GLN I 89 -35.61 -15.50 38.63
C GLN I 89 -34.44 -14.54 38.64
N ARG I 90 -33.23 -15.09 38.70
CA ARG I 90 -32.03 -14.26 38.71
C ARG I 90 -31.46 -14.13 37.31
N THR I 120 -40.92 -15.97 43.09
CA THR I 120 -41.96 -16.71 42.37
C THR I 120 -41.33 -17.55 41.26
N ARG I 121 -42.15 -17.95 40.29
CA ARG I 121 -41.68 -18.76 39.18
C ARG I 121 -40.97 -17.88 38.15
N ALA I 122 -40.56 -18.47 37.03
CA ALA I 122 -39.75 -17.81 36.02
C ALA I 122 -40.53 -16.83 35.15
N GLU I 123 -41.72 -16.40 35.56
CA GLU I 123 -42.45 -15.36 34.86
C GLU I 123 -41.67 -14.05 34.91
N THR I 124 -41.18 -13.61 33.76
CA THR I 124 -40.33 -12.42 33.69
C THR I 124 -41.21 -11.18 33.62
N LEU I 125 -41.09 -10.30 34.61
CA LEU I 125 -41.83 -9.05 34.61
C LEU I 125 -41.21 -8.07 33.61
N LEU I 126 -42.03 -7.15 33.11
CA LEU I 126 -41.61 -6.30 32.01
C LEU I 126 -41.77 -4.83 32.39
N SER I 127 -40.96 -3.98 31.77
CA SER I 127 -41.00 -2.55 32.04
C SER I 127 -40.28 -1.80 30.92
N ARG I 128 -40.41 -0.47 30.97
CA ARG I 128 -39.72 0.44 30.05
C ARG I 128 -39.48 1.76 30.78
N ARG I 129 -38.24 2.25 30.72
CA ARG I 129 -37.85 3.45 31.46
C ARG I 129 -37.48 4.58 30.50
N GLU I 130 -37.74 5.81 30.92
CA GLU I 130 -37.46 7.00 30.13
C GLU I 130 -36.18 7.66 30.64
N TYR I 131 -35.26 7.96 29.73
CA TYR I 131 -33.97 8.55 30.08
C TYR I 131 -33.73 9.81 29.26
N LEU I 132 -33.34 10.88 29.96
CA LEU I 132 -32.94 12.13 29.32
C LEU I 132 -31.44 12.08 29.07
N ALA I 133 -31.04 12.12 27.80
CA ALA I 133 -29.66 11.85 27.41
C ALA I 133 -28.96 13.13 26.96
N ASP I 134 -27.78 13.38 27.53
CA ASP I 134 -26.90 14.49 27.14
C ASP I 134 -27.58 15.84 27.32
N ALA I 135 -28.11 16.08 28.52
CA ALA I 135 -28.75 17.34 28.88
C ALA I 135 -28.02 17.95 30.06
N SER I 136 -27.66 19.23 29.93
CA SER I 136 -27.07 19.98 31.04
C SER I 136 -28.09 20.98 31.58
N PHE I 137 -28.01 21.21 32.88
CA PHE I 137 -28.98 22.02 33.60
C PHE I 137 -28.26 22.99 34.53
N LEU I 138 -29.02 23.94 35.06
CA LEU I 138 -28.50 24.86 36.08
C LEU I 138 -29.67 25.31 36.93
N VAL I 139 -29.70 24.83 38.18
CA VAL I 139 -30.76 25.16 39.11
C VAL I 139 -30.31 26.31 39.99
N ALA I 140 -31.26 27.16 40.37
CA ALA I 140 -31.01 28.24 41.31
C ALA I 140 -31.66 27.91 42.65
N LEU I 141 -31.19 28.59 43.70
CA LEU I 141 -31.69 28.35 45.05
C LEU I 141 -31.47 29.63 45.83
N GLN I 142 -32.50 30.47 45.91
CA GLN I 142 -32.32 31.87 46.27
C GLN I 142 -33.11 32.26 47.52
N GLY I 143 -32.59 33.27 48.23
CA GLY I 143 -33.33 33.90 49.31
C GLY I 143 -32.51 34.31 50.52
N GLU I 144 -31.43 33.58 50.84
CA GLU I 144 -30.67 33.85 52.05
C GLU I 144 -29.33 33.17 51.94
N PRO I 145 -28.28 33.70 52.59
CA PRO I 145 -26.95 33.08 52.49
C PRO I 145 -26.54 32.12 53.60
N GLU I 146 -27.30 31.97 54.69
CA GLU I 146 -26.89 30.99 55.70
C GLU I 146 -27.12 29.56 55.22
N LEU I 147 -28.30 29.28 54.65
CA LEU I 147 -28.56 27.94 54.13
C LEU I 147 -27.72 27.66 52.89
N VAL I 148 -27.47 28.67 52.06
CA VAL I 148 -26.59 28.50 50.91
C VAL I 148 -25.15 28.30 51.37
N ALA I 149 -24.77 28.94 52.49
CA ALA I 149 -23.42 28.73 53.03
C ALA I 149 -23.25 27.32 53.60
N LYS I 150 -24.29 26.81 54.27
CA LYS I 150 -24.29 25.42 54.70
C LYS I 150 -24.26 24.49 53.48
N LEU I 151 -24.95 24.89 52.41
CA LEU I 151 -25.10 24.05 51.22
C LEU I 151 -23.86 24.05 50.34
N SER I 152 -23.06 25.12 50.39
CA SER I 152 -21.86 25.17 49.56
C SER I 152 -20.85 24.11 49.97
N ALA I 153 -20.73 23.86 51.27
CA ALA I 153 -19.95 22.72 51.76
C ALA I 153 -20.84 21.49 51.94
N ALA I 154 -21.61 21.19 50.90
CA ALA I 154 -22.40 19.96 50.85
C ALA I 154 -22.34 19.24 49.51
N LEU I 155 -21.86 19.88 48.45
CA LEU I 155 -21.92 19.29 47.12
C LEU I 155 -20.68 18.47 46.80
N ALA I 156 -19.50 18.94 47.23
CA ALA I 156 -18.25 18.28 46.87
C ALA I 156 -17.84 17.23 47.91
N LYS I 157 -17.63 17.66 49.15
CA LYS I 157 -17.11 16.73 50.15
C LYS I 157 -18.17 15.82 50.77
N PRO I 158 -19.31 16.31 51.28
CA PRO I 158 -20.29 15.38 51.87
C PRO I 158 -21.12 14.69 50.79
N VAL I 159 -21.20 13.36 50.89
CA VAL I 159 -21.91 12.54 49.91
C VAL I 159 -22.69 11.44 50.61
N TRP I 160 -23.69 10.93 49.89
CA TRP I 160 -24.23 9.59 50.09
C TRP I 160 -24.42 8.93 48.73
N ALA I 161 -23.36 8.98 47.91
CA ALA I 161 -23.35 8.52 46.52
C ALA I 161 -24.40 9.26 45.69
N ILE I 162 -24.16 10.56 45.55
CA ILE I 162 -25.08 11.42 44.79
C ILE I 162 -25.01 11.08 43.31
N TYR I 163 -26.15 11.15 42.65
CA TYR I 163 -26.24 10.92 41.20
C TYR I 163 -27.19 11.99 40.65
N LEU I 164 -27.67 11.77 39.41
CA LEU I 164 -28.45 12.76 38.70
C LEU I 164 -29.95 12.59 38.87
N GLY I 165 -30.40 12.11 40.03
CA GLY I 165 -31.80 11.83 40.27
C GLY I 165 -32.21 10.41 39.97
N ARG I 166 -31.48 9.72 39.10
CA ARG I 166 -31.60 8.28 38.89
C ARG I 166 -30.38 7.61 39.50
N LYS I 167 -30.60 6.46 40.15
CA LYS I 167 -29.52 5.78 40.86
C LYS I 167 -28.41 5.32 39.93
N SER I 168 -28.74 4.95 38.69
CA SER I 168 -27.76 4.49 37.72
C SER I 168 -27.44 5.55 36.67
N CYS I 169 -27.37 6.82 37.07
CA CYS I 169 -27.09 7.92 36.15
C CYS I 169 -26.05 8.85 36.77
N PRO I 170 -24.80 8.78 36.32
CA PRO I 170 -23.72 9.48 37.02
C PRO I 170 -23.61 10.93 36.59
N PRO I 171 -23.29 11.83 37.52
CA PRO I 171 -23.00 13.23 37.15
C PRO I 171 -21.61 13.35 36.57
N SER I 172 -21.53 13.74 35.29
CA SER I 172 -20.27 13.79 34.58
C SER I 172 -19.48 15.06 34.83
N ARG I 173 -20.07 16.07 35.44
CA ARG I 173 -19.41 17.34 35.71
C ARG I 173 -19.34 17.57 37.22
N PRO I 174 -18.31 18.28 37.71
CA PRO I 174 -18.32 18.72 39.11
C PRO I 174 -19.55 19.54 39.46
N VAL I 175 -20.40 18.97 40.32
CA VAL I 175 -21.65 19.61 40.69
C VAL I 175 -21.41 20.90 41.46
N CYS I 176 -20.26 21.02 42.15
CA CYS I 176 -19.92 22.20 42.94
C CYS I 176 -19.37 23.35 42.10
N GLU I 177 -19.57 23.31 40.79
CA GLU I 177 -19.14 24.38 39.90
C GLU I 177 -20.03 25.61 40.06
N HIS I 178 -19.72 26.67 39.30
CA HIS I 178 -20.47 27.93 39.29
C HIS I 178 -20.61 28.52 40.69
N PRO I 179 -19.55 29.17 41.20
CA PRO I 179 -19.53 29.53 42.62
C PRO I 179 -20.60 30.54 42.96
N PRO I 180 -21.01 30.62 44.22
CA PRO I 180 -22.14 31.48 44.60
C PRO I 180 -21.79 32.96 44.54
N GLY I 181 -22.84 33.77 44.64
CA GLY I 181 -22.70 35.21 44.65
C GLY I 181 -24.05 35.87 44.86
N PHE I 182 -24.01 37.20 45.00
CA PHE I 182 -25.23 37.99 45.18
C PHE I 182 -25.71 38.39 43.80
N TYR I 183 -26.93 37.96 43.46
CA TYR I 183 -27.66 38.49 42.31
C TYR I 183 -29.13 38.49 42.70
N ASN I 184 -29.71 39.69 42.84
CA ASN I 184 -30.93 39.87 43.62
C ASN I 184 -32.14 39.23 42.96
N THR I 185 -32.25 39.32 41.63
CA THR I 185 -33.40 38.78 40.94
C THR I 185 -33.13 37.38 40.42
N LEU I 186 -34.23 36.65 40.14
CA LEU I 186 -34.12 35.29 39.63
C LEU I 186 -33.42 35.26 38.28
N GLU I 187 -33.80 36.18 37.38
CA GLU I 187 -33.19 36.22 36.06
C GLU I 187 -31.73 36.65 36.12
N GLU I 188 -31.39 37.58 37.02
CA GLU I 188 -30.00 38.01 37.14
C GLU I 188 -29.10 36.88 37.63
N ALA I 189 -29.57 36.11 38.61
CA ALA I 189 -28.79 34.96 39.08
C ALA I 189 -28.72 33.88 38.01
N LEU I 190 -29.83 33.60 37.33
CA LEU I 190 -29.87 32.54 36.33
C LEU I 190 -29.14 32.91 35.04
N SER I 191 -28.89 34.19 34.79
CA SER I 191 -28.19 34.62 33.59
C SER I 191 -26.80 35.17 33.86
N ALA I 192 -26.40 35.31 35.12
CA ALA I 192 -25.10 35.86 35.47
C ALA I 192 -24.07 34.77 35.76
N VAL I 193 -24.13 33.67 35.04
CA VAL I 193 -23.21 32.55 35.19
C VAL I 193 -22.68 32.19 33.82
N PRO I 194 -21.36 32.00 33.64
CA PRO I 194 -20.82 31.69 32.32
C PRO I 194 -21.32 30.35 31.80
N LEU I 195 -21.48 30.28 30.48
CA LEU I 195 -22.00 29.11 29.79
C LEU I 195 -20.87 28.38 29.08
N GLN I 196 -20.77 27.08 29.30
CA GLN I 196 -19.63 26.31 28.84
C GLN I 196 -19.76 25.95 27.35
N LYS I 197 -18.70 25.33 26.83
CA LYS I 197 -18.67 24.82 25.47
C LYS I 197 -17.65 23.69 25.42
N ARG I 198 -18.07 22.56 24.84
CA ARG I 198 -17.26 21.34 24.90
C ARG I 198 -16.16 21.35 23.83
N TRP I 199 -16.53 21.37 22.56
CA TRP I 199 -15.56 21.60 21.50
C TRP I 199 -15.82 22.94 20.84
N HIS I 200 -14.87 23.35 19.99
CA HIS I 200 -14.90 24.68 19.41
C HIS I 200 -16.05 24.84 18.41
N ASN I 201 -16.18 23.89 17.49
CA ASN I 201 -17.21 23.97 16.45
C ASN I 201 -18.45 23.18 16.88
N GLU I 202 -19.12 23.72 17.89
CA GLU I 202 -20.28 23.08 18.48
C GLU I 202 -21.50 23.98 18.39
N PRO I 203 -22.65 23.44 18.01
CA PRO I 203 -23.88 24.26 17.99
C PRO I 203 -24.31 24.61 19.40
N LEU I 204 -24.82 25.83 19.57
CA LEU I 204 -25.14 26.35 20.89
C LEU I 204 -26.57 26.87 20.85
N PRO I 205 -27.40 26.52 21.85
CA PRO I 205 -28.78 27.04 21.88
C PRO I 205 -28.84 28.53 22.18
N GLN I 206 -29.30 29.31 21.19
CA GLN I 206 -29.33 30.76 21.35
C GLN I 206 -30.44 31.21 22.28
N ILE I 207 -31.47 30.39 22.50
CA ILE I 207 -32.50 30.66 23.49
C ILE I 207 -32.37 29.61 24.59
N LEU I 208 -32.22 30.08 25.82
CA LEU I 208 -32.14 29.19 26.97
C LEU I 208 -33.46 29.24 27.72
N PRO I 209 -34.28 28.18 27.67
CA PRO I 209 -35.54 28.19 28.40
C PRO I 209 -35.30 28.26 29.91
N CYS I 210 -36.17 29.00 30.59
CA CYS I 210 -36.09 29.16 32.04
C CYS I 210 -37.37 28.67 32.67
N VAL I 211 -37.23 27.81 33.68
CA VAL I 211 -38.36 27.32 34.46
C VAL I 211 -38.28 28.00 35.81
N MET I 212 -39.30 28.80 36.14
CA MET I 212 -39.31 29.56 37.37
C MET I 212 -40.57 29.27 38.16
N ASP I 213 -40.48 29.42 39.47
CA ASP I 213 -41.64 29.26 40.34
C ASP I 213 -42.53 30.50 40.29
N TRP I 214 -43.54 30.50 41.14
CA TRP I 214 -44.51 31.59 41.20
C TRP I 214 -44.12 32.56 42.31
N ILE I 215 -44.06 33.84 41.97
CA ILE I 215 -43.73 34.90 42.91
C ILE I 215 -45.02 35.62 43.27
N PRO I 216 -45.47 35.56 44.52
CA PRO I 216 -46.66 36.33 44.91
C PRO I 216 -46.32 37.78 45.18
N GLY I 217 -46.34 38.61 44.13
CA GLY I 217 -45.96 40.00 44.26
C GLY I 217 -46.83 40.76 45.24
N TYR I 218 -48.13 40.46 45.26
CA TYR I 218 -49.02 40.98 46.28
C TYR I 218 -49.93 39.86 46.75
N ASP I 219 -50.48 40.00 47.95
CA ASP I 219 -51.38 39.00 48.49
C ASP I 219 -52.68 39.00 47.70
N GLY I 220 -53.12 37.81 47.30
CA GLY I 220 -54.29 37.68 46.45
C GLY I 220 -54.01 37.64 44.98
N GLU I 221 -52.73 37.58 44.57
CA GLU I 221 -52.39 37.50 43.17
C GLU I 221 -52.83 36.15 42.60
N HIS I 222 -53.43 36.20 41.41
CA HIS I 222 -53.83 34.99 40.70
C HIS I 222 -52.84 34.70 39.59
N ALA I 223 -52.59 33.42 39.34
CA ALA I 223 -51.56 33.00 38.41
C ALA I 223 -51.93 33.39 36.98
N PRO I 224 -50.95 33.72 36.15
CA PRO I 224 -51.23 34.02 34.73
C PRO I 224 -51.72 32.78 34.01
N ASP I 225 -52.48 33.01 32.95
CA ASP I 225 -53.11 31.91 32.21
C ASP I 225 -52.17 31.31 31.17
N ASP I 226 -50.94 31.02 31.59
CA ASP I 226 -50.04 30.17 30.84
C ASP I 226 -49.18 29.29 31.75
N ALA I 227 -49.39 29.34 33.06
CA ALA I 227 -48.53 28.66 34.02
C ALA I 227 -49.07 27.26 34.26
N GLU I 228 -48.39 26.26 33.73
CA GLU I 228 -48.80 24.89 33.93
C GLU I 228 -48.46 24.42 35.34
N ILE I 229 -49.24 23.46 35.83
CA ILE I 229 -49.05 22.92 37.17
C ILE I 229 -48.11 21.74 37.10
N HIS I 230 -47.07 21.76 37.92
CA HIS I 230 -46.20 20.61 38.13
C HIS I 230 -46.38 20.11 39.56
N TYR I 231 -46.35 18.79 39.73
CA TYR I 231 -46.72 18.15 40.99
C TYR I 231 -45.51 17.77 41.81
N ASP I 232 -44.45 18.58 41.76
CA ASP I 232 -43.19 18.28 42.44
C ASP I 232 -43.10 19.14 43.70
N LEU I 233 -43.72 18.64 44.76
CA LEU I 233 -43.64 19.25 46.08
C LEU I 233 -43.97 18.21 47.14
N PRO I 234 -42.97 17.55 47.72
CA PRO I 234 -43.26 16.53 48.73
C PRO I 234 -43.54 17.14 50.09
N VAL I 235 -44.52 16.57 50.79
CA VAL I 235 -44.75 16.87 52.19
C VAL I 235 -44.30 15.74 53.11
N SER I 236 -44.23 14.52 52.60
CA SER I 236 -43.54 13.39 53.22
C SER I 236 -42.58 12.81 52.22
N PHE I 237 -41.84 11.78 52.61
CA PHE I 237 -40.97 11.27 51.57
C PHE I 237 -41.23 9.81 51.25
N GLN I 238 -41.28 8.95 52.25
CA GLN I 238 -41.49 7.51 52.09
C GLN I 238 -42.69 7.04 52.90
N PRO I 239 -43.76 6.54 52.24
CA PRO I 239 -44.00 6.50 50.79
C PRO I 239 -44.35 7.89 50.25
N PRO I 240 -44.12 8.15 48.96
CA PRO I 240 -44.28 9.52 48.44
C PRO I 240 -45.69 10.06 48.46
N ARG I 241 -45.91 11.09 49.28
CA ARG I 241 -47.07 11.95 49.18
C ARG I 241 -46.64 13.34 48.69
N HIS I 242 -47.50 13.96 47.90
CA HIS I 242 -47.05 15.09 47.10
C HIS I 242 -48.05 16.24 47.19
N LEU I 243 -47.55 17.42 46.87
CA LEU I 243 -48.34 18.64 46.68
C LEU I 243 -48.01 19.17 45.30
N PRO I 244 -48.93 19.95 44.70
CA PRO I 244 -48.64 20.56 43.40
C PRO I 244 -48.03 21.96 43.57
N ARG I 245 -47.54 22.49 42.45
CA ARG I 245 -46.93 23.81 42.43
C ARG I 245 -47.16 24.45 41.07
N PHE I 246 -47.02 25.77 41.03
CA PHE I 246 -47.18 26.54 39.81
C PHE I 246 -45.81 26.82 39.20
N VAL I 247 -45.72 26.64 37.89
CA VAL I 247 -44.46 26.83 37.16
C VAL I 247 -44.71 27.83 36.04
N ILE I 248 -43.87 28.87 35.99
CA ILE I 248 -43.98 29.91 34.98
C ILE I 248 -42.84 29.75 33.98
N ARG I 249 -43.18 29.66 32.70
CA ARG I 249 -42.17 29.65 31.66
C ARG I 249 -41.46 31.00 31.61
N ARG I 250 -40.18 30.97 31.24
CA ARG I 250 -39.44 32.21 31.01
C ARG I 250 -38.35 31.93 29.99
N GLU I 251 -37.82 33.00 29.41
CA GLU I 251 -36.92 32.92 28.28
C GLU I 251 -35.62 33.65 28.58
N LEU I 252 -34.56 33.26 27.86
CA LEU I 252 -33.26 33.90 28.00
C LEU I 252 -32.49 33.70 26.70
N VAL I 253 -32.22 34.79 26.00
CA VAL I 253 -31.35 34.78 24.84
C VAL I 253 -29.93 35.07 25.35
N VAL I 254 -28.93 34.54 24.65
CA VAL I 254 -27.55 34.77 25.06
C VAL I 254 -27.12 36.18 24.67
N GLY I 255 -26.13 36.70 25.39
CA GLY I 255 -25.53 37.97 25.03
C GLY I 255 -25.71 39.11 26.02
N GLU I 256 -26.92 39.29 26.55
CA GLU I 256 -27.15 40.43 27.42
C GLU I 256 -26.58 40.21 28.82
N ASP I 257 -26.70 39.00 29.37
CA ASP I 257 -26.16 38.73 30.68
C ASP I 257 -25.36 37.43 30.70
N VAL I 258 -25.77 36.46 29.88
CA VAL I 258 -25.09 35.18 29.79
C VAL I 258 -24.22 35.19 28.54
N GLN I 259 -23.14 34.42 28.57
CA GLN I 259 -22.16 34.43 27.49
C GLN I 259 -21.39 33.12 27.52
N VAL I 260 -20.71 32.84 26.40
CA VAL I 260 -19.90 31.63 26.32
C VAL I 260 -18.68 31.76 27.22
N SER I 261 -18.11 30.61 27.58
CA SER I 261 -16.95 30.55 28.45
C SER I 261 -15.73 30.07 27.67
N ARG I 262 -14.57 30.21 28.30
CA ARG I 262 -13.34 29.66 27.73
C ARG I 262 -13.41 28.15 27.74
N GLU I 263 -12.99 27.53 26.63
CA GLU I 263 -13.08 26.10 26.45
C GLU I 263 -11.75 25.41 26.76
N THR I 264 -10.69 25.73 26.01
CA THR I 264 -9.37 25.12 26.11
C THR I 264 -9.43 23.59 26.19
N GLY I 265 -8.52 22.99 26.94
CA GLY I 265 -8.57 21.58 27.28
C GLY I 265 -8.68 20.64 26.11
N THR I 266 -7.62 20.53 25.30
CA THR I 266 -7.67 19.81 24.04
C THR I 266 -8.05 18.34 24.21
N SER I 267 -9.18 17.96 23.60
CA SER I 267 -9.68 16.59 23.63
C SER I 267 -9.13 15.76 22.48
N VAL I 268 -7.94 16.11 21.98
CA VAL I 268 -7.29 15.42 20.88
C VAL I 268 -5.91 15.00 21.37
N TRP I 269 -5.66 13.69 21.41
CA TRP I 269 -4.41 13.21 21.99
C TRP I 269 -3.27 13.23 20.98
N ARG I 270 -3.34 12.35 19.94
CA ARG I 270 -2.36 12.22 18.86
C ARG I 270 -0.92 12.26 19.36
N PRO I 271 -0.40 11.11 19.92
CA PRO I 271 0.83 11.08 20.74
C PRO I 271 1.97 11.99 20.33
N LYS I 272 2.47 12.76 21.29
CA LYS I 272 3.39 13.84 21.01
C LYS I 272 4.77 13.32 20.64
N GLY I 273 5.46 14.10 19.81
CA GLY I 273 6.84 13.84 19.47
C GLY I 273 7.43 15.03 18.73
N THR I 274 8.58 15.50 19.19
CA THR I 274 9.25 16.62 18.53
C THR I 274 10.00 16.11 17.30
N ARG I 275 10.53 17.06 16.53
CA ARG I 275 11.28 16.74 15.31
C ARG I 275 12.03 17.99 14.85
N ALA I 276 13.04 17.76 14.01
CA ALA I 276 13.70 18.78 13.20
C ALA I 276 14.33 19.88 14.07
N ASP I 277 15.33 19.47 14.85
CA ASP I 277 16.14 20.41 15.63
C ASP I 277 17.59 20.30 15.16
N TYR I 278 18.02 21.26 14.35
CA TYR I 278 19.44 21.34 13.99
C TYR I 278 20.28 21.77 15.18
N ASN I 279 19.97 22.95 15.75
CA ASN I 279 20.70 23.48 16.89
C ASN I 279 19.89 24.61 17.49
N ASN I 280 19.62 24.53 18.80
CA ASN I 280 19.21 25.74 19.51
C ASN I 280 20.44 26.35 20.20
N SER I 281 20.98 25.66 21.19
CA SER I 281 22.33 25.89 21.66
C SER I 281 23.03 24.61 22.09
N GLU I 282 22.34 23.46 22.06
CA GLU I 282 22.80 22.27 22.76
C GLU I 282 22.90 21.07 21.83
N TYR I 283 23.24 21.30 20.56
CA TYR I 283 23.59 20.23 19.64
C TYR I 283 25.03 20.35 19.18
N LYS I 284 25.49 21.60 18.95
CA LYS I 284 26.91 21.88 18.73
C LYS I 284 27.78 21.28 19.82
N LYS I 285 27.44 21.56 21.07
CA LYS I 285 28.23 21.11 22.21
C LYS I 285 28.04 19.63 22.53
N VAL I 286 26.90 19.05 22.18
CA VAL I 286 26.63 17.65 22.53
C VAL I 286 27.06 16.68 21.44
N ARG I 287 27.34 17.15 20.22
CA ARG I 287 27.85 16.25 19.20
C ARG I 287 29.28 15.80 19.53
N ALA I 288 30.10 16.69 20.10
CA ALA I 288 31.51 16.40 20.31
C ALA I 288 31.76 15.38 21.41
N GLU I 289 30.82 15.25 22.35
CA GLU I 289 31.02 14.40 23.52
C GLU I 289 31.22 12.94 23.13
N ARG I 290 30.37 12.44 22.23
CA ARG I 290 30.55 11.08 21.73
C ARG I 290 31.50 11.01 20.54
N LEU I 291 31.77 12.13 19.88
CA LEU I 291 32.84 12.16 18.88
C LEU I 291 34.17 11.76 19.49
N VAL I 292 34.55 12.40 20.60
CA VAL I 292 35.86 12.08 21.19
C VAL I 292 35.74 11.16 22.40
N MET I 293 34.52 10.82 22.84
CA MET I 293 34.35 9.71 23.77
C MET I 293 34.78 8.39 23.11
N ASP I 294 34.43 8.22 21.84
CA ASP I 294 34.86 7.08 21.04
C ASP I 294 36.14 7.33 20.24
N HIS I 295 36.88 8.39 20.59
CA HIS I 295 38.21 8.70 20.04
C HIS I 295 38.15 8.99 18.54
N ALA I 296 37.27 9.91 18.16
CA ALA I 296 37.19 10.48 16.80
C ALA I 296 36.97 9.41 15.74
N ALA I 297 36.35 8.29 16.12
CA ALA I 297 36.29 7.12 15.27
C ALA I 297 34.84 6.70 15.06
N CYS I 298 34.65 5.76 14.13
CA CYS I 298 33.34 5.18 13.87
C CYS I 298 33.04 4.15 14.96
N MET I 299 31.97 3.38 14.79
CA MET I 299 31.75 2.31 15.75
C MET I 299 31.54 0.96 15.10
N VAL I 300 30.79 0.89 14.00
CA VAL I 300 30.58 -0.39 13.33
C VAL I 300 31.73 -0.75 12.42
N CYS I 301 32.21 0.21 11.62
CA CYS I 301 33.18 -0.02 10.55
C CYS I 301 34.38 0.91 10.73
N LYS I 302 34.95 0.86 11.94
CA LYS I 302 35.78 1.87 12.59
C LYS I 302 36.67 2.65 11.64
N ALA I 303 36.55 3.98 11.70
CA ALA I 303 37.14 4.92 10.76
C ALA I 303 36.91 6.32 11.31
N PRO I 304 37.65 7.32 10.82
CA PRO I 304 37.43 8.70 11.28
C PRO I 304 35.98 9.15 11.12
N ALA I 305 35.43 9.70 12.20
CA ALA I 305 34.00 9.99 12.30
C ALA I 305 33.70 11.44 11.96
N THR I 306 32.48 11.66 11.48
CA THR I 306 32.02 13.00 11.13
C THR I 306 30.84 13.44 11.99
N THR I 307 29.76 12.67 12.03
CA THR I 307 28.50 13.11 12.59
C THR I 307 28.03 12.17 13.70
N VAL I 308 26.81 12.41 14.19
CA VAL I 308 26.22 11.70 15.30
C VAL I 308 24.81 11.26 14.90
N GLN I 309 24.50 9.99 15.15
CA GLN I 309 23.14 9.48 14.96
C GLN I 309 22.43 9.34 16.30
N HIS I 310 21.10 9.24 16.22
CA HIS I 310 20.24 9.29 17.39
C HIS I 310 19.49 7.96 17.49
N VAL I 311 19.54 7.36 18.68
CA VAL I 311 18.86 6.11 18.99
C VAL I 311 17.86 6.40 20.11
N ASN I 312 16.81 5.57 20.18
CA ASN I 312 15.78 5.63 21.22
C ASN I 312 15.07 6.99 21.14
N TYR I 313 14.25 7.13 20.10
CA TYR I 313 13.51 8.35 19.87
C TYR I 313 12.34 8.50 20.84
N ARG I 314 12.62 8.43 22.14
CA ARG I 314 11.65 8.85 23.15
C ARG I 314 11.38 10.33 23.02
N ARG I 315 12.43 11.11 22.80
CA ARG I 315 12.34 12.52 22.43
C ARG I 315 13.36 12.74 21.31
N ALA I 316 12.94 13.44 20.24
CA ALA I 316 13.83 13.67 19.12
C ALA I 316 15.04 14.52 19.50
N GLY I 317 14.89 15.36 20.52
CA GLY I 317 16.02 16.01 21.13
C GLY I 317 16.10 17.51 21.02
N GLY I 318 15.71 18.19 22.10
CA GLY I 318 16.13 19.56 22.33
C GLY I 318 17.15 19.52 23.45
N LYS I 319 16.89 18.66 24.43
CA LYS I 319 17.83 18.33 25.49
C LYS I 319 18.09 16.83 25.42
N GLU I 320 19.34 16.47 25.13
CA GLU I 320 19.71 15.08 24.90
C GLU I 320 20.75 14.64 25.92
N ILE I 321 20.50 13.50 26.56
CA ILE I 321 21.44 12.90 27.51
C ILE I 321 22.54 12.19 26.74
N PRO I 322 23.78 12.11 27.26
CA PRO I 322 24.89 11.65 26.42
C PRO I 322 25.07 10.14 26.36
N GLU I 323 24.06 9.37 26.76
CA GLU I 323 24.14 7.92 26.68
C GLU I 323 23.16 7.33 25.67
N ASP I 324 22.61 8.16 24.78
CA ASP I 324 21.70 7.68 23.74
C ASP I 324 22.18 7.94 22.34
N LEU I 325 23.02 8.95 22.12
CA LEU I 325 23.49 9.28 20.78
C LEU I 325 24.51 8.24 20.31
N ARG I 326 24.95 8.38 19.07
CA ARG I 326 25.86 7.41 18.48
C ARG I 326 26.71 8.13 17.44
N ALA I 327 27.92 8.53 17.83
CA ALA I 327 28.83 9.18 16.90
C ALA I 327 29.32 8.17 15.89
N LEU I 328 29.12 8.46 14.61
CA LEU I 328 29.21 7.40 13.62
C LEU I 328 29.50 8.05 12.27
N CYS I 329 30.24 7.33 11.42
CA CYS I 329 30.82 7.91 10.22
C CYS I 329 29.75 8.19 9.17
N ARG I 330 30.17 8.74 8.04
CA ARG I 330 29.24 9.23 7.03
C ARG I 330 28.51 8.10 6.32
N LEU I 331 29.24 7.08 5.85
CA LEU I 331 28.65 6.06 5.01
C LEU I 331 27.66 5.18 5.77
N CYS I 332 28.03 4.75 6.97
CA CYS I 332 27.12 3.91 7.72
C CYS I 332 25.98 4.71 8.37
N ALA I 333 26.15 6.02 8.57
CA ALA I 333 24.99 6.82 8.97
C ALA I 333 24.04 7.01 7.80
N ASP I 334 24.59 7.07 6.58
CA ASP I 334 23.76 7.05 5.38
C ASP I 334 23.01 5.73 5.28
N ALA I 335 23.65 4.62 5.65
CA ALA I 335 22.95 3.33 5.70
C ALA I 335 21.92 3.27 6.82
N CYS I 336 22.18 3.96 7.93
CA CYS I 336 21.16 4.09 8.96
C CYS I 336 19.94 4.84 8.43
N THR I 337 20.17 5.89 7.64
CA THR I 337 19.07 6.61 7.02
C THR I 337 18.41 5.78 5.91
N MET I 338 19.18 4.92 5.23
CA MET I 338 18.63 3.89 4.35
C MET I 338 17.52 3.14 5.07
N LEU I 339 17.91 2.47 6.15
CA LEU I 339 17.01 1.55 6.85
C LEU I 339 15.86 2.28 7.54
N GLU I 340 16.10 3.49 8.05
CA GLU I 340 15.05 4.21 8.75
C GLU I 340 14.02 4.78 7.79
N TYR I 341 14.48 5.40 6.69
CA TYR I 341 13.54 6.06 5.78
C TYR I 341 12.69 5.04 5.03
N GLY I 342 13.29 3.93 4.62
CA GLY I 342 12.49 2.80 4.18
C GLY I 342 11.76 2.17 5.34
N SER I 343 10.68 1.44 5.02
CA SER I 343 9.79 0.80 5.99
C SER I 343 9.24 1.82 6.98
N GLY I 344 8.94 1.36 8.20
CA GLY I 344 8.27 2.23 9.16
C GLY I 344 9.20 3.32 9.69
N MET I 345 8.62 4.49 9.96
CA MET I 345 9.40 5.59 10.52
C MET I 345 9.44 5.50 12.04
N THR I 346 8.26 5.37 12.66
CA THR I 346 8.06 4.99 14.07
C THR I 346 8.90 5.78 15.08
N THR I 347 9.05 5.22 16.28
CA THR I 347 9.92 5.78 17.30
C THR I 347 11.05 4.84 17.72
N ASN I 348 10.97 3.55 17.38
CA ASN I 348 12.08 2.66 17.60
C ASN I 348 13.17 2.93 16.57
N ARG I 349 14.42 2.84 17.01
CA ARG I 349 15.56 3.21 16.18
C ARG I 349 16.45 1.98 15.94
N ILE I 350 17.62 2.22 15.36
CA ILE I 350 18.42 1.14 14.82
C ILE I 350 19.29 0.50 15.89
N ASP I 351 20.05 1.32 16.63
CA ASP I 351 20.98 0.89 17.67
C ASP I 351 22.01 -0.09 17.12
N PRO I 352 23.00 0.37 16.35
CA PRO I 352 23.98 -0.57 15.78
C PRO I 352 24.93 -1.16 16.81
N CYS I 353 24.39 -1.76 17.87
CA CYS I 353 25.17 -2.42 18.90
C CYS I 353 24.81 -3.90 19.04
N ASP I 354 23.52 -4.21 19.16
CA ASP I 354 23.10 -5.60 19.18
C ASP I 354 23.12 -6.15 17.76
N PRO I 355 23.82 -7.25 17.50
CA PRO I 355 24.09 -7.67 16.11
C PRO I 355 22.93 -8.45 15.49
N ILE I 356 21.81 -7.75 15.26
CA ILE I 356 20.74 -8.29 14.45
C ILE I 356 20.49 -7.37 13.25
N TRP I 357 20.80 -6.09 13.41
CA TRP I 357 20.75 -5.12 12.31
C TRP I 357 22.17 -4.83 11.80
N ARG I 358 22.80 -5.87 11.28
CA ARG I 358 24.18 -5.83 10.83
C ARG I 358 24.33 -6.09 9.34
N GLU I 359 23.76 -7.20 8.84
CA GLU I 359 23.90 -7.57 7.44
C GLU I 359 23.27 -6.51 6.54
N ARG I 360 22.10 -6.01 6.92
CA ARG I 360 21.44 -4.98 6.13
C ARG I 360 22.26 -3.70 6.08
N ILE I 361 22.85 -3.30 7.21
CA ILE I 361 23.67 -2.09 7.25
C ILE I 361 24.87 -2.22 6.32
N LEU I 362 25.55 -3.37 6.37
CA LEU I 362 26.73 -3.58 5.54
C LEU I 362 26.37 -3.65 4.05
N ALA I 363 25.24 -4.30 3.74
CA ALA I 363 24.80 -4.37 2.34
C ALA I 363 24.42 -2.98 1.81
N LYS I 364 23.71 -2.19 2.62
CA LYS I 364 23.37 -0.83 2.19
C LYS I 364 24.61 0.02 2.03
N ARG I 365 25.61 -0.16 2.91
CA ARG I 365 26.89 0.53 2.74
C ARG I 365 27.59 0.09 1.46
N LYS I 366 27.48 -1.19 1.11
CA LYS I 366 28.09 -1.67 -0.13
C LYS I 366 27.46 -1.02 -1.36
N GLU I 367 26.13 -0.92 -1.39
CA GLU I 367 25.50 -0.23 -2.51
C GLU I 367 25.69 1.28 -2.43
N ILE I 368 25.94 1.83 -1.24
CA ILE I 368 26.34 3.23 -1.13
C ILE I 368 27.69 3.45 -1.80
N VAL I 369 28.64 2.56 -1.52
CA VAL I 369 29.97 2.65 -2.12
C VAL I 369 29.87 2.46 -3.63
N GLU I 370 29.01 1.53 -4.07
CA GLU I 370 28.93 1.24 -5.49
C GLU I 370 28.17 2.29 -6.30
N PHE I 371 27.18 2.96 -5.70
CA PHE I 371 26.22 3.73 -6.49
C PHE I 371 26.08 5.20 -6.09
N ARG I 372 26.90 5.70 -5.16
CA ARG I 372 26.79 7.09 -4.77
C ARG I 372 27.33 8.00 -5.86
N SER I 373 26.55 9.02 -6.20
CA SER I 373 26.98 10.07 -7.13
C SER I 373 27.21 11.33 -6.30
N ARG I 374 28.48 11.63 -6.04
CA ARG I 374 28.82 12.82 -5.25
C ARG I 374 28.50 14.10 -6.00
N GLY I 375 28.68 14.11 -7.32
CA GLY I 375 28.34 15.29 -8.10
C GLY I 375 26.85 15.56 -8.19
N GLN I 376 26.02 14.56 -7.92
CA GLN I 376 24.58 14.74 -7.83
C GLN I 376 24.11 14.96 -6.40
N ARG I 377 25.00 15.48 -5.54
CA ARG I 377 24.75 15.87 -4.15
C ARG I 377 24.54 14.65 -3.25
N PHE I 378 25.02 14.74 -2.01
CA PHE I 378 24.75 13.76 -0.95
C PHE I 378 25.34 12.40 -1.27
N MET K 1 62.21 -12.93 15.69
CA MET K 1 60.85 -13.33 15.36
C MET K 1 60.22 -12.38 14.36
N ILE K 2 60.49 -12.59 13.07
CA ILE K 2 59.95 -11.77 12.01
C ILE K 2 58.61 -12.33 11.58
N TYR K 3 57.60 -11.47 11.52
CA TYR K 3 56.27 -11.84 11.05
C TYR K 3 55.91 -10.99 9.83
N LEU K 4 56.83 -10.91 8.87
CA LEU K 4 56.63 -10.10 7.68
C LEU K 4 55.42 -10.61 6.90
N SER K 5 54.61 -9.67 6.41
CA SER K 5 53.36 -10.00 5.75
C SER K 5 53.01 -8.86 4.80
N ARG K 6 51.76 -8.84 4.32
CA ARG K 6 51.33 -7.81 3.39
C ARG K 6 49.84 -7.54 3.57
N LEU K 7 49.45 -6.29 3.33
CA LEU K 7 48.06 -5.84 3.37
C LEU K 7 47.83 -5.01 2.11
N LEU K 8 47.32 -5.62 1.06
CA LEU K 8 47.12 -4.95 -0.22
C LEU K 8 45.76 -4.27 -0.21
N ILE K 9 45.75 -2.94 -0.20
CA ILE K 9 44.51 -2.20 0.00
C ILE K 9 43.90 -1.80 -1.34
N ASP K 10 42.61 -1.49 -1.31
CA ASP K 10 41.83 -1.23 -2.53
C ASP K 10 41.81 0.27 -2.79
N THR K 11 42.79 0.73 -3.57
CA THR K 11 42.71 2.05 -4.17
C THR K 11 41.61 2.02 -5.22
N GLY K 12 40.94 3.17 -5.42
CA GLY K 12 39.72 3.19 -6.19
C GLY K 12 39.95 3.25 -7.69
N GLY K 13 39.50 4.31 -8.32
CA GLY K 13 39.45 4.36 -9.77
C GLY K 13 38.26 5.18 -10.21
N ASN K 14 37.52 5.67 -9.22
CA ASN K 14 36.43 6.61 -9.44
C ASN K 14 36.37 7.56 -8.25
N PRO K 15 36.80 8.82 -8.40
CA PRO K 15 36.69 9.77 -7.29
C PRO K 15 35.31 10.43 -7.26
N ASP K 16 34.29 9.62 -7.50
CA ASP K 16 32.88 9.97 -7.38
C ASP K 16 32.17 9.05 -6.41
N ARG K 17 32.46 7.76 -6.46
CA ARG K 17 32.07 6.84 -5.42
C ARG K 17 32.90 7.10 -4.17
N PRO K 18 32.37 6.80 -2.98
CA PRO K 18 33.19 6.91 -1.77
C PRO K 18 34.31 5.89 -1.78
N ARG K 19 35.51 6.34 -1.44
CA ARG K 19 36.71 5.49 -1.44
C ARG K 19 37.25 5.41 -0.02
N PRO K 20 36.99 4.31 0.70
CA PRO K 20 37.38 4.28 2.12
C PRO K 20 38.87 4.14 2.36
N GLY K 21 39.56 3.27 1.62
CA GLY K 21 40.99 3.07 1.86
C GLY K 21 41.82 4.28 1.47
N ARG K 22 41.45 4.95 0.36
CA ARG K 22 42.16 6.14 -0.07
C ARG K 22 42.04 7.26 0.96
N LYS K 23 40.85 7.47 1.50
CA LYS K 23 40.67 8.45 2.57
C LYS K 23 41.39 8.03 3.85
N TRP K 24 41.41 6.73 4.13
CA TRP K 24 42.05 6.23 5.35
C TRP K 24 43.56 6.41 5.31
N LEU K 25 44.17 6.33 4.12
CA LEU K 25 45.62 6.47 4.03
C LEU K 25 46.11 7.90 4.20
N ASP K 26 45.22 8.89 4.22
CA ASP K 26 45.63 10.29 4.28
C ASP K 26 45.89 10.79 5.69
N ASN K 27 45.71 9.96 6.70
CA ASN K 27 45.85 10.38 8.10
C ASN K 27 46.61 9.29 8.84
N ILE K 28 47.86 9.57 9.23
CA ILE K 28 48.70 8.53 9.81
C ILE K 28 48.31 8.18 11.24
N TYR K 29 47.63 9.08 11.95
CA TYR K 29 47.10 8.73 13.26
C TYR K 29 46.06 7.62 13.13
N ASN K 30 45.14 7.76 12.18
CA ASN K 30 44.16 6.72 11.95
C ASN K 30 44.76 5.51 11.25
N VAL K 31 45.85 5.69 10.50
CA VAL K 31 46.56 4.54 9.94
C VAL K 31 47.16 3.69 11.05
N HIS K 32 47.80 4.33 12.02
CA HIS K 32 48.31 3.64 13.20
C HIS K 32 47.17 3.00 13.99
N ARG K 33 46.04 3.72 14.10
CA ARG K 33 44.89 3.20 14.82
C ARG K 33 44.35 1.93 14.16
N ARG K 34 44.20 1.96 12.83
CA ARG K 34 43.74 0.81 12.06
C ARG K 34 44.69 -0.36 12.20
N LEU K 35 46.00 -0.12 12.11
CA LEU K 35 46.94 -1.20 12.24
C LEU K 35 47.04 -1.70 13.69
N SER K 36 46.61 -0.91 14.66
CA SER K 36 46.78 -1.29 16.06
C SER K 36 45.54 -1.92 16.70
N MET K 37 44.34 -1.76 16.15
CA MET K 37 43.28 -2.55 16.77
C MET K 37 43.23 -3.98 16.23
N ALA K 38 44.11 -4.33 15.29
CA ALA K 38 44.33 -5.71 14.94
C ALA K 38 45.04 -6.42 16.11
N PHE K 39 45.01 -7.75 16.07
CA PHE K 39 45.33 -8.65 17.18
C PHE K 39 44.84 -8.10 18.52
N PRO K 40 43.52 -7.88 18.68
CA PRO K 40 43.01 -7.02 19.76
C PRO K 40 43.25 -7.53 21.16
N SER K 41 42.74 -8.73 21.47
CA SER K 41 42.81 -9.32 22.80
C SER K 41 42.20 -10.71 22.73
N GLY K 42 42.34 -11.45 23.83
CA GLY K 42 41.57 -12.65 24.05
C GLY K 42 40.69 -12.46 25.26
N LEU K 43 40.72 -11.23 25.80
CA LEU K 43 39.99 -10.89 27.01
C LEU K 43 38.48 -10.94 26.78
N ARG K 44 38.00 -10.28 25.72
CA ARG K 44 36.60 -10.31 25.34
C ARG K 44 36.37 -10.94 23.97
N ARG K 45 37.35 -11.72 23.50
CA ARG K 45 37.23 -12.41 22.22
C ARG K 45 36.09 -13.42 22.24
N GLU K 46 35.91 -14.12 23.37
CA GLU K 46 34.85 -15.11 23.47
C GLU K 46 33.47 -14.50 23.59
N GLN K 47 33.36 -13.18 23.77
CA GLN K 47 32.06 -12.55 23.91
C GLN K 47 31.38 -12.35 22.55
N ASP K 48 32.01 -11.58 21.66
CA ASP K 48 31.37 -11.21 20.40
C ASP K 48 32.33 -11.38 19.23
N PRO K 49 31.86 -11.96 18.12
CA PRO K 49 32.68 -12.04 16.89
C PRO K 49 32.37 -10.96 15.85
N HIS K 50 31.55 -9.97 16.16
CA HIS K 50 30.96 -9.10 15.15
C HIS K 50 31.50 -7.67 15.15
N PHE K 51 32.41 -7.32 16.08
CA PHE K 51 33.03 -6.00 16.15
C PHE K 51 31.98 -4.90 16.32
N LEU K 52 30.95 -5.18 17.11
CA LEU K 52 29.89 -4.22 17.41
C LEU K 52 29.91 -3.96 18.92
N LYS K 53 30.74 -3.01 19.33
CA LYS K 53 30.90 -2.69 20.74
C LYS K 53 31.40 -1.27 20.86
N PRO K 54 31.16 -0.59 21.99
CA PRO K 54 31.75 0.74 22.19
C PRO K 54 33.27 0.63 22.31
N PHE K 55 33.96 1.44 21.52
CA PHE K 55 35.42 1.35 21.45
C PHE K 55 36.06 1.94 22.70
N SER K 56 37.11 1.26 23.17
CA SER K 56 38.00 1.76 24.21
C SER K 56 39.38 1.16 23.98
N PRO K 57 40.43 1.98 23.84
CA PRO K 57 41.77 1.43 23.52
C PRO K 57 42.40 0.66 24.66
N ASN K 58 41.85 0.70 25.87
CA ASN K 58 42.44 0.02 27.01
C ASN K 58 42.35 -1.49 26.88
N ASP K 59 41.26 -2.00 26.29
CA ASP K 59 41.11 -3.44 26.14
C ASP K 59 42.11 -4.04 25.16
N PHE K 60 42.64 -3.23 24.25
CA PHE K 60 43.58 -3.70 23.24
C PHE K 60 44.97 -3.81 23.84
N GLN K 61 45.72 -4.82 23.39
CA GLN K 61 47.03 -5.09 23.96
C GLN K 61 48.03 -4.01 23.54
N LYS K 62 48.74 -3.46 24.52
CA LYS K 62 49.63 -2.32 24.29
C LYS K 62 51.06 -2.77 23.98
N THR K 63 51.19 -3.67 23.01
CA THR K 63 52.50 -4.08 22.54
C THR K 63 52.93 -3.19 21.38
N PRO K 64 54.03 -2.46 21.49
CA PRO K 64 54.52 -1.66 20.35
C PRO K 64 54.89 -2.56 19.18
N PHE K 65 54.65 -2.05 17.97
CA PHE K 65 54.84 -2.82 16.76
C PHE K 65 55.12 -1.85 15.61
N LEU K 66 55.16 -2.36 14.39
CA LEU K 66 55.69 -1.58 13.27
C LEU K 66 54.88 -1.87 12.00
N PHE K 67 54.95 -0.92 11.07
CA PHE K 67 54.43 -1.12 9.72
C PHE K 67 55.15 -0.14 8.80
N ARG K 68 54.85 -0.23 7.50
CA ARG K 68 55.31 0.75 6.52
C ARG K 68 54.46 0.66 5.27
N VAL K 69 54.01 1.81 4.79
CA VAL K 69 53.20 1.89 3.58
C VAL K 69 54.11 2.26 2.41
N ASP K 70 54.05 1.46 1.35
CA ASP K 70 54.89 1.65 0.18
C ASP K 70 54.06 1.37 -1.06
N ASN K 71 54.69 1.43 -2.23
CA ASN K 71 54.05 1.13 -3.50
C ASN K 71 54.95 0.23 -4.33
N ASN K 72 54.36 -0.68 -5.09
CA ASN K 72 55.11 -1.63 -5.90
C ASN K 72 54.27 -2.12 -7.07
N ILE K 73 54.95 -2.75 -8.03
CA ILE K 73 54.34 -3.43 -9.15
C ILE K 73 54.73 -4.90 -9.07
N ASP K 74 53.73 -5.79 -9.07
CA ASP K 74 54.06 -7.21 -8.96
C ASP K 74 54.53 -7.76 -10.30
N GLY K 75 53.62 -7.90 -11.26
CA GLY K 75 54.03 -8.03 -12.64
C GLY K 75 53.26 -7.14 -13.59
N ASN K 76 51.99 -6.87 -13.25
CA ASN K 76 51.10 -6.17 -14.15
C ASN K 76 50.13 -5.23 -13.46
N ASP K 77 50.21 -5.06 -12.14
CA ASP K 77 49.18 -4.31 -11.42
C ASP K 77 49.84 -3.47 -10.34
N LYS K 78 49.67 -2.16 -10.44
CA LYS K 78 50.04 -1.27 -9.35
C LYS K 78 49.14 -1.53 -8.16
N ARG K 79 49.76 -1.69 -6.98
CA ARG K 79 49.00 -1.86 -5.75
C ARG K 79 49.89 -1.44 -4.60
N ALA K 80 49.41 -0.52 -3.78
CA ALA K 80 50.19 -0.05 -2.64
C ALA K 80 50.34 -1.15 -1.61
N ILE K 81 51.57 -1.32 -1.12
CA ILE K 81 51.91 -2.40 -0.22
C ILE K 81 52.10 -1.84 1.18
N ILE K 82 51.56 -2.55 2.16
CA ILE K 82 51.82 -2.30 3.57
C ILE K 82 52.52 -3.54 4.12
N ILE K 83 53.72 -3.35 4.66
CA ILE K 83 54.53 -4.44 5.20
C ILE K 83 54.53 -4.29 6.71
N VAL K 84 54.07 -5.33 7.42
CA VAL K 84 54.03 -5.31 8.88
C VAL K 84 54.73 -6.55 9.41
N GLN K 85 55.19 -6.45 10.66
CA GLN K 85 55.73 -7.57 11.40
C GLN K 85 55.67 -7.21 12.88
N SER K 86 55.43 -8.23 13.71
CA SER K 86 55.22 -8.00 15.13
C SER K 86 55.54 -9.28 15.89
N VAL K 87 55.67 -9.13 17.21
CA VAL K 87 55.98 -10.27 18.07
C VAL K 87 54.76 -11.13 18.37
N LEU K 88 53.56 -10.66 18.07
CA LEU K 88 52.35 -11.44 18.28
C LEU K 88 51.82 -11.98 16.97
N GLU K 89 51.04 -13.05 17.05
CA GLU K 89 50.58 -13.75 15.86
C GLU K 89 49.56 -12.90 15.09
N PRO K 90 49.50 -13.06 13.77
CA PRO K 90 48.54 -12.27 12.98
C PRO K 90 47.13 -12.83 13.08
N ASP K 91 46.16 -11.96 13.33
CA ASP K 91 44.76 -12.36 13.42
C ASP K 91 43.86 -11.32 12.74
N TRP K 92 44.18 -10.92 11.51
CA TRP K 92 43.32 -10.00 10.78
C TRP K 92 42.09 -10.69 10.21
N ASP K 93 41.23 -11.16 11.10
CA ASP K 93 39.88 -11.57 10.76
C ASP K 93 38.83 -10.74 11.48
N TYR K 94 39.25 -9.71 12.22
CA TYR K 94 38.37 -8.95 13.09
C TYR K 94 38.56 -7.45 12.84
N CYS K 95 39.77 -7.07 12.45
CA CYS K 95 40.04 -5.67 12.14
C CYS K 95 39.35 -5.24 10.85
N PHE K 96 39.15 -6.18 9.92
CA PHE K 96 38.54 -5.88 8.62
C PHE K 96 37.26 -6.69 8.40
N GLN K 97 36.64 -7.17 9.48
CA GLN K 97 35.51 -8.09 9.36
C GLN K 97 34.22 -7.39 8.97
N ASN K 98 34.14 -6.06 9.09
CA ASN K 98 33.01 -5.30 8.58
C ASN K 98 33.47 -4.13 7.72
N ALA K 99 34.75 -4.05 7.41
CA ALA K 99 35.35 -3.04 6.55
C ALA K 99 36.11 -3.71 5.43
N LEU K 100 35.45 -4.67 4.77
CA LEU K 100 36.06 -5.41 3.67
C LEU K 100 36.37 -4.53 2.46
N ASP K 101 35.75 -3.35 2.37
CA ASP K 101 36.06 -2.41 1.32
C ASP K 101 37.46 -1.82 1.46
N PHE K 102 38.03 -1.86 2.67
CA PHE K 102 39.39 -1.39 2.88
C PHE K 102 40.42 -2.29 2.19
N LEU K 103 40.08 -3.53 1.92
CA LEU K 103 41.01 -4.53 1.44
C LEU K 103 40.77 -4.80 -0.04
N ALA K 104 41.79 -5.34 -0.72
CA ALA K 104 41.69 -5.72 -2.12
C ALA K 104 41.81 -7.22 -2.32
N ALA K 105 42.80 -7.83 -1.68
CA ALA K 105 42.98 -9.28 -1.63
C ALA K 105 43.18 -9.68 -0.17
N PRO K 106 42.76 -10.88 0.22
CA PRO K 106 42.90 -11.31 1.62
C PRO K 106 44.36 -11.36 2.04
N PRO K 107 44.67 -10.95 3.26
CA PRO K 107 46.08 -10.82 3.66
C PRO K 107 46.73 -12.18 3.92
N GLU K 108 48.04 -12.20 3.74
CA GLU K 108 48.83 -13.43 3.83
C GLU K 108 49.90 -13.27 4.89
N THR K 109 50.10 -14.32 5.68
CA THR K 109 51.09 -14.34 6.75
C THR K 109 52.28 -15.19 6.32
N LYS K 110 53.48 -14.63 6.44
CA LYS K 110 54.70 -15.36 6.14
C LYS K 110 55.50 -15.60 7.41
N GLU K 111 56.43 -16.55 7.30
CA GLU K 111 57.40 -16.85 8.35
C GLU K 111 58.79 -16.60 7.79
N TYR K 112 59.60 -15.84 8.53
CA TYR K 112 60.95 -15.52 8.11
C TYR K 112 61.82 -15.34 9.34
N ASN K 113 63.09 -15.73 9.23
CA ASN K 113 64.08 -15.56 10.28
C ASN K 113 65.40 -15.17 9.63
N PRO K 114 66.12 -14.21 10.19
CA PRO K 114 67.27 -13.64 9.50
C PRO K 114 68.58 -14.36 9.79
N GLU K 115 69.49 -14.26 8.83
CA GLU K 115 70.86 -14.75 8.97
C GLU K 115 71.71 -14.04 7.93
N PHE K 116 72.68 -13.25 8.39
CA PHE K 116 73.56 -12.50 7.50
C PHE K 116 75.03 -12.58 7.86
N LYS K 117 75.37 -12.96 9.09
CA LYS K 117 76.73 -13.06 9.62
C LYS K 117 77.54 -11.78 9.41
N ALA K 118 78.16 -11.56 8.25
CA ALA K 118 78.99 -10.39 8.01
C ALA K 118 79.32 -10.29 6.53
N GLY K 119 79.22 -9.08 5.99
CA GLY K 119 79.74 -8.78 4.67
C GLY K 119 79.12 -9.49 3.48
N GLN K 120 77.80 -9.53 3.40
CA GLN K 120 77.13 -9.98 2.19
C GLN K 120 76.52 -8.80 1.46
N LEU K 121 75.86 -9.09 0.34
CA LEU K 121 75.30 -8.09 -0.56
C LEU K 121 73.83 -8.39 -0.83
N LEU K 122 73.07 -8.64 0.23
CA LEU K 122 71.67 -9.05 0.10
C LEU K 122 70.77 -8.28 1.07
N ARG K 123 70.92 -6.96 1.12
CA ARG K 123 70.10 -6.17 2.02
C ARG K 123 69.12 -5.30 1.25
N PHE K 124 68.40 -4.44 1.98
CA PHE K 124 67.12 -3.89 1.54
C PHE K 124 67.00 -2.44 2.00
N ARG K 125 65.77 -1.90 1.90
CA ARG K 125 65.51 -0.47 2.05
C ARG K 125 65.46 -0.09 3.53
N LEU K 126 65.01 1.15 3.80
CA LEU K 126 64.90 1.67 5.15
C LEU K 126 64.01 2.91 5.12
N ARG K 127 63.33 3.16 6.24
CA ARG K 127 62.55 4.38 6.46
C ARG K 127 62.92 4.97 7.82
N VAL K 128 63.00 6.29 7.89
CA VAL K 128 63.47 6.99 9.09
C VAL K 128 62.94 8.41 9.07
N ASN K 129 62.95 9.06 10.23
CA ASN K 129 62.70 10.49 10.34
C ASN K 129 64.01 11.25 10.23
N ALA K 130 63.94 12.43 9.62
CA ALA K 130 65.07 13.35 9.62
C ALA K 130 64.93 14.36 10.75
N SER K 131 64.81 13.83 11.97
CA SER K 131 64.50 14.62 13.15
C SER K 131 65.76 14.81 13.99
N VAL K 132 66.06 16.07 14.32
CA VAL K 132 67.17 16.41 15.20
C VAL K 132 66.69 17.45 16.20
N ARG K 133 67.19 17.38 17.42
CA ARG K 133 66.96 18.45 18.38
C ARG K 133 67.80 19.67 18.00
N ARG K 134 67.19 20.84 18.06
CA ARG K 134 67.77 22.04 17.47
C ARG K 134 68.94 22.55 18.30
N HIS K 135 70.05 22.86 17.62
CA HIS K 135 71.17 23.54 18.27
C HIS K 135 70.77 24.94 18.72
N ILE K 136 70.04 25.67 17.88
CA ILE K 136 69.73 27.07 18.14
C ILE K 136 68.24 27.33 18.02
N PRO K 137 67.41 26.88 18.97
CA PRO K 137 65.98 27.22 18.92
C PRO K 137 65.77 28.69 19.28
N GLU K 138 65.94 29.57 18.29
CA GLU K 138 66.19 30.98 18.56
C GLU K 138 64.96 31.73 19.05
N MET K 139 64.75 31.64 20.37
CA MET K 139 64.06 32.67 21.17
C MET K 139 62.65 32.99 20.68
N VAL K 140 61.99 32.00 20.05
CA VAL K 140 60.59 32.07 19.64
C VAL K 140 60.25 33.32 18.85
N GLN K 141 60.51 33.29 17.54
CA GLN K 141 60.19 34.44 16.68
C GLN K 141 58.68 34.59 16.59
N GLN K 142 58.16 35.68 17.14
CA GLN K 142 56.72 35.94 17.18
C GLN K 142 56.32 36.81 15.99
N ASP K 143 55.07 37.26 15.99
CA ASP K 143 54.49 37.98 14.87
C ASP K 143 53.97 39.35 15.31
N GLY K 144 53.44 40.08 14.34
CA GLY K 144 52.91 41.41 14.55
C GLY K 144 53.75 42.46 13.85
N GLN K 145 55.07 42.34 13.98
CA GLN K 145 56.03 43.15 13.22
C GLN K 145 57.21 42.30 12.77
N THR K 146 57.02 40.99 12.68
CA THR K 146 58.08 40.01 12.38
C THR K 146 59.26 40.15 13.34
N ILE K 147 58.98 39.91 14.62
CA ILE K 147 59.95 40.13 15.68
C ILE K 147 60.22 38.87 16.49
N GLU K 148 61.07 38.99 17.51
CA GLU K 148 61.47 37.87 18.36
C GLU K 148 61.23 38.25 19.81
N THR K 149 60.47 37.40 20.53
CA THR K 149 60.09 37.68 21.90
C THR K 149 60.54 36.62 22.90
N GLY K 150 60.31 35.35 22.60
CA GLY K 150 60.41 34.30 23.59
C GLY K 150 61.83 33.99 24.03
N LYS K 151 61.95 33.00 24.93
CA LYS K 151 63.24 32.64 25.50
C LYS K 151 63.89 31.45 24.79
N ILE K 152 63.25 30.28 24.88
CA ILE K 152 63.83 29.03 24.39
C ILE K 152 62.75 27.95 24.34
N LEU K 153 62.93 26.95 23.46
CA LEU K 153 62.09 25.76 23.47
C LEU K 153 62.81 24.67 22.70
N HIS K 154 63.22 23.60 23.39
CA HIS K 154 63.90 22.47 22.76
C HIS K 154 62.89 21.71 21.92
N LYS K 155 62.97 21.86 20.60
CA LYS K 155 62.03 21.26 19.67
C LYS K 155 62.75 20.32 18.72
N ARG K 156 62.03 19.27 18.30
CA ARG K 156 62.56 18.28 17.36
C ARG K 156 62.25 18.72 15.93
N VAL K 157 62.90 19.83 15.53
CA VAL K 157 62.68 20.43 14.22
C VAL K 157 63.32 19.58 13.14
N SER K 158 63.01 19.88 11.88
CA SER K 158 63.57 19.12 10.76
C SER K 158 65.06 19.39 10.65
N LEU K 159 65.76 18.44 10.03
CA LEU K 159 67.22 18.48 9.94
C LEU K 159 67.63 19.52 8.91
N THR K 160 68.28 20.60 9.37
CA THR K 160 68.78 21.64 8.49
C THR K 160 70.15 21.22 7.99
N TRP K 161 70.18 20.63 6.80
CA TRP K 161 71.44 20.20 6.21
C TRP K 161 72.14 21.40 5.57
N ASP K 162 73.18 21.13 4.78
CA ASP K 162 74.01 22.19 4.23
C ASP K 162 73.28 22.90 3.08
N ALA K 163 73.96 23.88 2.49
CA ALA K 163 73.40 24.66 1.39
C ALA K 163 74.18 24.53 0.09
N SER K 164 75.33 23.85 0.10
CA SER K 164 76.16 23.70 -1.08
C SER K 164 76.16 22.27 -1.62
N SER K 165 75.26 21.42 -1.14
CA SER K 165 75.19 20.04 -1.59
C SER K 165 73.74 19.61 -1.66
N THR K 166 73.54 18.37 -2.10
CA THR K 166 72.28 17.68 -2.23
C THR K 166 72.25 16.55 -1.19
N PRO K 167 71.07 16.07 -0.78
CA PRO K 167 71.05 15.16 0.36
C PRO K 167 71.35 13.69 0.06
N ASP K 168 71.60 13.32 -1.21
CA ASP K 168 72.07 11.97 -1.52
C ASP K 168 73.56 11.77 -1.24
N GLN K 169 74.28 12.83 -0.87
CA GLN K 169 75.59 12.69 -0.25
C GLN K 169 75.69 13.46 1.06
N ALA K 170 74.58 14.00 1.56
CA ALA K 170 74.54 14.62 2.88
C ALA K 170 73.84 13.72 3.90
N LEU K 171 72.59 13.33 3.62
CA LEU K 171 71.96 12.32 4.45
C LEU K 171 72.65 10.98 4.32
N ALA K 172 73.26 10.72 3.16
CA ALA K 172 74.06 9.50 2.99
C ALA K 172 75.23 9.49 3.96
N ASP K 173 75.91 10.63 4.09
CA ASP K 173 76.97 10.76 5.11
C ASP K 173 76.37 10.57 6.49
N TRP K 174 75.16 11.10 6.70
CA TRP K 174 74.52 11.02 8.02
C TRP K 174 74.29 9.58 8.45
N LEU K 175 73.64 8.76 7.60
CA LEU K 175 73.42 7.40 8.08
C LEU K 175 74.66 6.53 7.91
N ALA K 176 75.60 6.89 7.04
CA ALA K 176 76.86 6.17 6.98
C ALA K 176 77.65 6.34 8.29
N ALA K 177 77.63 7.54 8.86
CA ALA K 177 78.23 7.74 10.17
C ALA K 177 77.40 7.12 11.28
N LYS K 178 76.07 7.07 11.11
CA LYS K 178 75.22 6.46 12.12
C LYS K 178 75.33 4.95 12.16
N SER K 179 75.69 4.33 11.03
CA SER K 179 75.68 2.87 10.92
C SER K 179 76.61 2.12 11.87
N PRO K 180 77.86 2.53 12.13
CA PRO K 180 78.69 1.74 13.06
C PRO K 180 78.16 1.68 14.48
N LYS K 181 77.30 2.61 14.90
CA LYS K 181 76.64 2.47 16.19
C LYS K 181 75.69 1.28 16.17
N LEU K 182 74.83 1.20 15.15
CA LEU K 182 73.78 0.20 15.13
C LEU K 182 74.28 -1.14 14.60
N GLY K 183 75.54 -1.24 14.20
CA GLY K 183 76.13 -2.51 13.86
C GLY K 183 76.01 -2.90 12.40
N PHE K 184 76.16 -1.94 11.50
CA PHE K 184 76.18 -2.19 10.07
C PHE K 184 76.96 -1.06 9.40
N THR K 185 76.93 -1.03 8.07
CA THR K 185 77.65 -0.02 7.32
C THR K 185 76.96 0.20 5.99
N LEU K 186 77.31 1.29 5.32
CA LEU K 186 76.78 1.62 4.01
C LEU K 186 77.92 1.82 3.03
N GLN K 187 77.93 1.04 1.94
CA GLN K 187 78.86 1.29 0.86
C GLN K 187 78.23 2.08 -0.28
N ARG K 188 76.91 2.15 -0.34
CA ARG K 188 76.20 2.96 -1.31
C ARG K 188 74.83 3.31 -0.75
N CYS K 189 74.38 4.52 -1.02
CA CYS K 189 73.07 4.96 -0.52
C CYS K 189 72.55 6.06 -1.44
N GLU K 190 71.37 5.85 -2.01
CA GLU K 190 70.69 6.85 -2.82
C GLU K 190 69.24 6.95 -2.35
N LEU K 191 68.81 8.16 -2.03
CA LEU K 191 67.47 8.35 -1.51
C LEU K 191 66.43 8.23 -2.63
N LEU K 192 65.24 7.79 -2.25
CA LEU K 192 64.12 7.61 -3.18
C LEU K 192 62.99 8.60 -2.94
N GLN K 193 62.64 8.82 -1.69
CA GLN K 193 61.54 9.71 -1.34
C GLN K 193 61.94 10.54 -0.13
N LEU K 194 61.50 11.80 -0.13
CA LEU K 194 61.67 12.67 1.01
C LEU K 194 60.53 13.67 1.03
N GLY K 195 60.25 14.20 2.20
CA GLY K 195 59.19 15.17 2.36
C GLY K 195 58.59 15.09 3.74
N TRP K 196 57.39 15.66 3.86
CA TRP K 196 56.67 15.75 5.11
C TRP K 196 55.51 14.77 5.13
N VAL K 197 55.09 14.41 6.34
CA VAL K 197 53.93 13.55 6.56
C VAL K 197 53.09 14.17 7.68
N TYR K 198 51.78 14.13 7.52
CA TYR K 198 50.87 14.91 8.36
C TYR K 198 49.86 14.00 9.02
N GLY K 199 49.26 14.51 10.08
CA GLY K 199 48.23 13.77 10.79
C GLY K 199 47.42 14.68 11.68
N SER K 200 46.57 14.06 12.49
CA SER K 200 45.72 14.80 13.41
C SER K 200 45.36 13.90 14.58
N LYS K 201 45.58 14.39 15.79
CA LYS K 201 45.29 13.63 17.00
C LYS K 201 44.32 14.43 17.87
N PRO K 202 43.26 13.81 18.38
CA PRO K 202 42.30 14.55 19.21
C PRO K 202 42.67 14.56 20.68
N GLU K 203 42.42 15.70 21.32
CA GLU K 203 42.70 15.87 22.74
C GLU K 203 41.39 15.98 23.50
N PRO K 204 41.02 14.99 24.31
CA PRO K 204 39.93 15.22 25.28
C PRO K 204 40.35 16.23 26.33
N LYS K 205 39.44 17.17 26.63
CA LYS K 205 39.66 18.18 27.67
C LYS K 205 38.58 18.10 28.74
N ASN K 206 38.43 19.18 29.52
CA ASN K 206 37.36 19.33 30.49
C ASN K 206 37.29 20.79 30.90
N VAL K 207 36.17 21.46 30.63
CA VAL K 207 35.91 22.82 31.08
C VAL K 207 34.61 22.91 31.87
N LYS K 208 33.53 22.38 31.32
CA LYS K 208 32.22 22.47 31.96
C LYS K 208 32.11 21.44 33.08
N VAL K 209 31.09 21.62 33.92
CA VAL K 209 30.85 20.76 35.06
C VAL K 209 29.40 20.28 35.03
N LYS K 210 29.13 19.22 35.79
CA LYS K 210 27.80 18.67 35.93
C LYS K 210 27.31 18.86 37.35
N GLU K 211 26.02 19.15 37.50
CA GLU K 211 25.45 19.56 38.77
C GLU K 211 25.25 18.41 39.76
N GLN K 212 25.24 17.15 39.31
CA GLN K 212 25.05 16.03 40.22
C GLN K 212 26.25 15.10 40.31
N GLY K 213 27.28 15.30 39.50
CA GLY K 213 28.50 14.52 39.57
C GLY K 213 29.72 15.39 39.27
N GLN K 214 30.75 14.73 38.74
CA GLN K 214 31.96 15.43 38.34
C GLN K 214 31.73 15.97 36.92
N GLY K 215 32.72 16.67 36.38
CA GLY K 215 32.53 17.38 35.13
C GLY K 215 32.49 16.52 33.88
N TYR K 216 31.42 15.75 33.69
CA TYR K 216 31.29 14.98 32.45
C TYR K 216 31.16 15.89 31.25
N TRP K 217 30.43 17.00 31.39
CA TRP K 217 30.26 17.93 30.28
C TRP K 217 31.58 18.58 29.90
N ARG K 218 31.95 18.45 28.64
CA ARG K 218 33.27 18.82 28.16
C ARG K 218 33.26 18.90 26.63
N GLU K 219 34.32 19.47 26.07
CA GLU K 219 34.37 19.83 24.65
C GLU K 219 35.48 19.05 23.95
N HIS K 220 35.63 19.32 22.65
CA HIS K 220 36.58 18.62 21.80
C HIS K 220 37.73 19.55 21.42
N LYS K 221 38.83 18.93 20.97
CA LYS K 221 39.96 19.67 20.45
C LYS K 221 40.80 18.74 19.56
N TYR K 222 41.38 19.32 18.52
CA TYR K 222 42.27 18.61 17.61
C TYR K 222 43.63 19.30 17.60
N ASN K 223 44.67 18.52 17.31
CA ASN K 223 46.01 19.07 17.18
C ASN K 223 46.73 18.39 16.03
N PRO K 224 47.57 19.11 15.30
CA PRO K 224 48.32 18.49 14.20
C PRO K 224 49.72 18.04 14.64
N LEU K 225 50.24 17.05 13.92
CA LEU K 225 51.60 16.58 14.11
C LEU K 225 52.24 16.33 12.75
N ARG K 226 53.50 16.74 12.62
CA ARG K 226 54.23 16.68 11.35
C ARG K 226 55.54 15.94 11.59
N PHE K 227 56.02 15.26 10.55
CA PHE K 227 57.31 14.58 10.59
C PHE K 227 57.98 14.68 9.22
N ARG K 228 59.31 14.59 9.22
CA ARG K 228 60.11 14.66 8.01
C ARG K 228 60.50 13.25 7.59
N ALA K 229 60.25 12.91 6.32
CA ALA K 229 60.35 11.53 5.85
C ALA K 229 61.64 11.29 5.07
N ALA K 230 62.06 10.02 5.07
CA ALA K 230 63.22 9.59 4.29
C ALA K 230 63.09 8.10 4.01
N LEU K 231 62.82 7.75 2.75
CA LEU K 231 62.76 6.36 2.31
C LEU K 231 63.94 6.12 1.38
N LEU K 232 64.79 5.16 1.74
CA LEU K 232 66.04 4.95 1.01
C LEU K 232 66.52 3.53 1.23
N GLU K 233 67.48 3.12 0.39
CA GLU K 233 67.99 1.76 0.39
C GLU K 233 69.50 1.72 0.53
N GLY K 234 70.10 0.54 0.34
CA GLY K 234 71.54 0.41 0.40
C GLY K 234 72.02 -1.04 0.41
N VAL K 235 73.20 -1.27 -0.14
CA VAL K 235 73.84 -2.58 -0.09
C VAL K 235 74.78 -2.58 1.10
N LEU K 236 74.40 -3.30 2.15
CA LEU K 236 75.01 -3.11 3.47
C LEU K 236 75.67 -4.40 3.96
N GLU K 237 76.61 -4.21 4.88
CA GLU K 237 77.42 -5.30 5.42
C GLU K 237 77.34 -5.22 6.94
N VAL K 238 76.59 -6.15 7.54
CA VAL K 238 76.33 -6.13 8.98
C VAL K 238 77.63 -6.45 9.72
N ASP K 239 77.91 -5.68 10.78
CA ASP K 239 79.14 -5.87 11.54
C ASP K 239 79.13 -7.18 12.31
N ASP K 240 78.03 -7.48 13.01
CA ASP K 240 77.93 -8.69 13.81
C ASP K 240 76.50 -9.20 13.83
N PRO K 241 76.29 -10.52 13.76
CA PRO K 241 74.95 -11.06 13.89
C PRO K 241 74.55 -11.31 15.34
N LYS K 242 74.85 -10.36 16.22
CA LYS K 242 74.48 -10.49 17.63
C LYS K 242 73.89 -9.22 18.24
N LEU K 243 74.12 -8.04 17.66
CA LEU K 243 73.50 -6.81 18.12
C LEU K 243 72.64 -6.16 17.05
N PHE K 244 72.82 -6.52 15.77
CA PHE K 244 71.98 -5.98 14.72
C PHE K 244 70.56 -6.51 14.78
N LEU K 245 70.34 -7.63 15.47
CA LEU K 245 68.98 -8.16 15.63
C LEU K 245 68.13 -7.26 16.52
N LYS K 246 68.75 -6.58 17.50
CA LYS K 246 68.02 -5.57 18.27
C LYS K 246 67.61 -4.41 17.38
N THR K 247 68.46 -4.03 16.44
CA THR K 247 68.12 -2.99 15.49
C THR K 247 67.04 -3.45 14.51
N LEU K 248 67.02 -4.75 14.21
CA LEU K 248 65.96 -5.36 13.42
C LEU K 248 64.70 -5.61 14.24
N SER K 249 64.74 -5.36 15.55
CA SER K 249 63.57 -5.45 16.39
C SER K 249 63.07 -4.10 16.87
N SER K 250 63.79 -3.02 16.59
CA SER K 250 63.36 -1.69 17.01
C SER K 250 63.33 -0.73 15.82
N GLY K 251 64.25 -0.90 14.88
CA GLY K 251 64.30 -0.07 13.70
C GLY K 251 65.23 1.12 13.85
N ILE K 252 65.82 1.52 12.73
CA ILE K 252 66.63 2.75 12.71
C ILE K 252 65.67 3.93 12.78
N GLY K 253 65.78 4.71 13.83
CA GLY K 253 64.73 5.63 14.22
C GLY K 253 63.57 4.89 14.86
N LYS K 254 62.80 5.62 15.66
CA LYS K 254 61.71 4.98 16.40
C LYS K 254 60.43 5.79 16.29
N ALA K 255 60.06 6.18 15.06
CA ALA K 255 58.71 6.66 14.84
C ALA K 255 57.70 5.55 15.12
N LYS K 256 57.97 4.35 14.59
CA LYS K 256 57.22 3.12 14.87
C LYS K 256 55.73 3.25 14.61
N SER K 257 55.04 3.97 15.50
CA SER K 257 53.61 4.19 15.35
C SER K 257 53.30 5.00 14.10
N PHE K 258 54.16 5.96 13.75
CA PHE K 258 53.90 6.89 12.66
C PHE K 258 54.69 6.54 11.40
N GLY K 259 54.81 5.26 11.10
CA GLY K 259 55.34 4.80 9.83
C GLY K 259 56.81 4.45 9.69
N PHE K 260 57.70 5.37 10.10
CA PHE K 260 59.12 5.19 9.88
C PHE K 260 59.65 4.14 10.84
N GLY K 261 60.10 3.01 10.30
CA GLY K 261 60.50 1.89 11.14
C GLY K 261 61.81 1.23 10.75
N LEU K 262 61.75 -0.08 10.54
CA LEU K 262 62.93 -0.91 10.38
C LEU K 262 63.23 -1.15 8.90
N LEU K 263 64.35 -1.81 8.65
CA LEU K 263 64.86 -1.99 7.29
C LEU K 263 64.04 -3.02 6.53
N SER K 264 63.44 -2.60 5.41
CA SER K 264 62.73 -3.55 4.54
C SER K 264 62.66 -3.04 3.11
MG MG N . -54.84 9.45 51.26
MG MG O . 30.44 3.40 10.28
#